data_6HJP
#
_entry.id   6HJP
#
_cell.length_a   1.0
_cell.length_b   1.0
_cell.length_c   1.0
_cell.angle_alpha   90.00
_cell.angle_beta   90.00
_cell.angle_gamma   90.00
#
_symmetry.space_group_name_H-M   'P 1'
#
loop_
_entity.id
_entity.type
_entity.pdbx_description
1 polymer Hemagglutinin
2 polymer Hemagglutinin
3 polymer 'Heavy chain of FISW84 Fab Fragment'
4 polymer 'Light chain of FISW84 Fab Fragment'
5 branched 2-acetamido-2-deoxy-beta-D-glucopyranose-(1-4)-2-acetamido-2-deoxy-beta-D-glucopyranose
6 branched beta-D-mannopyranose-(1-4)-2-acetamido-2-deoxy-beta-D-glucopyranose-(1-4)-[alpha-L-fucopyranose-(1-6)]2-acetamido-2-deoxy-beta-D-glucopyranose
7 branched alpha-D-mannopyranose-(1-3)-[alpha-D-mannopyranose-(1-6)]beta-D-mannopyranose-(1-4)-2-acetamido-2-deoxy-beta-D-glucopyranose-(1-4)-2-acetamido-2-deoxy-beta-D-glucopyranose
8 branched beta-D-mannopyranose-(1-4)-2-acetamido-2-deoxy-beta-D-glucopyranose-(1-4)-2-acetamido-2-deoxy-beta-D-glucopyranose
9 non-polymer 'UNKNOWN BRANCHED FRAGMENT OF PHOSPHOLIPID'
#
loop_
_entity_poly.entity_id
_entity_poly.type
_entity_poly.pdbx_seq_one_letter_code
_entity_poly.pdbx_strand_id
1 'polypeptide(L)'
;DTICVGYHANNSTDTVDTVLEKNVTVTHSVNLLEDSHNGKLCSLNGIAPLQLGKCNVAGWLLGNPECDLLLTANSWSYII
ETSNSENGTCYPGEFIDYEELREQLSSVSSFEKFEIFPKASSWPNHETTKGVTAACSYSGASSFYRNLLWITKKGTSYPK
LSKSYTNNKGKEVLVLWGVHHPPSVSEQQSLYQNADAYVSVGSSKYNRRFAPEIAARPKVRGQAGRMNYYWTLLDQGDTI
TFEATGNLIAPWYAFALNKGSDSGIITSDAPVHNCDTRCQTPHGALNSSLPFQNVHPITIGECPKYVKSTKLRMATGLRN
VPSI
;
A,C,E
2 'polypeptide(L)'
;GLFGAIAGFIEGGWTGMIDGWYGYHHQNEQGSGYAADQKSTQNAIDGITSKVNSVIEKMNTQFTAVGKEFNNLERRIENL
NKKVDDGFLDVWTYNAELLVLLENERTLDFHDSNVRNLYEKVKSQLRNNAKEIGNGCFEFYHKCDDECMESVKNGTYDYP
KYSEESKLNREEID
;
B,D,F
3 'polypeptide(L)'
;EVQLLESGGGLVQPGGSLRLSCAASGFTFSSYGMAWVRQAPGKGLEWVSFISATGLSTYFADSVKGRFTISRDTTKNTLY
LQMNSLRADDTAVYFCARMRRTMIAFGGNDFWGQGTLVTVSSASTKGPSVFPLAPSGTAALGCLVKDYFPEPVTVSWNSG
ALTSGVHTFPAVLQSSGLYSLSSVVTVPSSSLGTQTYICNVNHKPSNTKVDKRVEP
;
G,I,K
4 'polypeptide(L)'
;EVVMTQSPATLSVSPGEGATLSCRASQSVNTNVAWYQQKPGQAPRLLIYGASTRATGIPARFSGSGSGTEFTLTISTLQS
EDFAVYYCQQYSNWPPITFGQGTRLEIKRTVAAPSVFIFPPSDEQLKSGTASVVCLLNNFYPREAKVQWKVDNALQSGNS
QESVTEQDSKDSTYSLSSTLTLSKADYEKHKVYACEVTHQGLSSPVTKSFNRGE
;
H,J,L
#
# COMPACT_ATOMS: atom_id res chain seq x y z
N ASP A 1 -1.95 -27.02 -24.10
CA ASP A 1 -3.08 -26.72 -23.15
C ASP A 1 -2.59 -25.79 -22.04
N THR A 2 -3.39 -24.77 -21.76
CA THR A 2 -2.94 -23.62 -20.99
C THR A 2 -3.94 -23.32 -19.86
N ILE A 3 -3.46 -22.59 -18.86
CA ILE A 3 -4.32 -21.73 -18.03
C ILE A 3 -3.80 -20.30 -18.17
N CYS A 4 -4.70 -19.38 -18.43
CA CYS A 4 -4.39 -17.97 -18.27
C CYS A 4 -5.18 -17.44 -17.07
N VAL A 5 -4.67 -16.35 -16.48
CA VAL A 5 -5.29 -15.72 -15.33
C VAL A 5 -5.60 -14.26 -15.68
N GLY A 6 -6.84 -13.86 -15.40
CA GLY A 6 -7.28 -12.53 -15.77
C GLY A 6 -8.36 -12.02 -14.84
N TYR A 7 -9.07 -11.00 -15.30
CA TYR A 7 -10.04 -10.32 -14.46
C TYR A 7 -11.20 -9.81 -15.32
N HIS A 8 -12.25 -9.41 -14.63
CA HIS A 8 -13.54 -9.07 -15.21
C HIS A 8 -13.45 -7.73 -15.97
N ALA A 9 -14.29 -7.60 -16.99
CA ALA A 9 -14.45 -6.34 -17.71
C ALA A 9 -15.93 -6.17 -18.04
N ASN A 10 -16.31 -4.96 -18.45
CA ASN A 10 -17.72 -4.66 -18.66
C ASN A 10 -17.92 -3.60 -19.74
N ASN A 11 -19.11 -3.00 -19.72
CA ASN A 11 -19.47 -1.96 -20.66
C ASN A 11 -20.05 -0.76 -19.91
N SER A 12 -19.72 -0.66 -18.62
CA SER A 12 -20.19 0.42 -17.76
C SER A 12 -19.45 1.71 -18.12
N THR A 13 -20.04 2.85 -17.82
CA THR A 13 -19.42 4.12 -18.21
C THR A 13 -19.32 5.09 -17.04
N ASP A 14 -19.59 4.64 -15.82
CA ASP A 14 -19.58 5.53 -14.66
C ASP A 14 -18.15 5.74 -14.16
N THR A 15 -17.87 7.00 -13.85
CA THR A 15 -16.51 7.45 -13.56
C THR A 15 -16.40 7.79 -12.07
N VAL A 16 -15.17 7.69 -11.57
CA VAL A 16 -14.85 7.92 -10.17
C VAL A 16 -13.59 8.78 -10.13
N ASP A 17 -13.62 9.81 -9.29
CA ASP A 17 -12.44 10.63 -9.04
C ASP A 17 -11.54 9.95 -8.01
N THR A 18 -10.24 10.18 -8.14
CA THR A 18 -9.26 9.63 -7.23
C THR A 18 -8.17 10.69 -7.04
N VAL A 19 -7.15 10.38 -6.26
CA VAL A 19 -6.14 11.39 -5.98
C VAL A 19 -5.20 11.55 -7.18
N LEU A 20 -4.67 10.45 -7.70
CA LEU A 20 -3.62 10.54 -8.70
C LEU A 20 -4.21 10.70 -10.11
N GLU A 21 -5.53 10.68 -10.25
CA GLU A 21 -6.15 10.59 -11.58
C GLU A 21 -7.58 11.13 -11.47
N LYS A 22 -8.12 11.60 -12.58
CA LYS A 22 -9.48 12.09 -12.63
C LYS A 22 -10.25 11.30 -13.69
N ASN A 23 -11.56 11.17 -13.50
CA ASN A 23 -12.45 10.44 -14.43
C ASN A 23 -11.93 9.02 -14.71
N VAL A 24 -11.93 8.16 -13.71
CA VAL A 24 -11.55 6.76 -13.89
C VAL A 24 -12.83 5.96 -14.16
N THR A 25 -12.82 5.14 -15.20
CA THR A 25 -14.00 4.36 -15.51
C THR A 25 -13.98 3.06 -14.70
N VAL A 26 -14.97 2.89 -13.84
CA VAL A 26 -14.99 1.75 -12.95
C VAL A 26 -16.09 0.78 -13.39
N THR A 27 -16.04 -0.45 -12.92
CA THR A 27 -17.02 -1.44 -13.37
C THR A 27 -18.31 -1.33 -12.55
N HIS A 28 -18.17 -1.33 -11.23
CA HIS A 28 -19.31 -1.18 -10.33
C HIS A 28 -19.04 -0.03 -9.37
N SER A 29 -20.09 0.69 -9.01
CA SER A 29 -19.96 1.79 -8.07
C SER A 29 -21.27 1.95 -7.29
N VAL A 30 -21.29 2.93 -6.39
CA VAL A 30 -22.45 3.20 -5.56
C VAL A 30 -22.49 4.71 -5.26
N ASN A 31 -23.68 5.27 -5.32
CA ASN A 31 -23.87 6.68 -5.06
C ASN A 31 -24.05 6.90 -3.56
N LEU A 32 -23.62 8.07 -3.08
CA LEU A 32 -23.75 8.39 -1.67
C LEU A 32 -24.26 9.83 -1.49
N LEU A 33 -25.13 10.30 -2.37
CA LEU A 33 -25.50 11.71 -2.36
C LEU A 33 -26.88 11.84 -2.99
N GLU A 34 -27.84 12.36 -2.23
CA GLU A 34 -29.23 12.43 -2.64
C GLU A 34 -29.51 13.80 -3.28
N ASP A 35 -30.27 13.79 -4.38
CA ASP A 35 -30.58 15.03 -5.08
C ASP A 35 -32.09 15.22 -5.26
N SER A 36 -32.83 14.13 -5.41
CA SER A 36 -34.22 14.22 -5.81
C SER A 36 -35.12 14.52 -4.61
N HIS A 37 -36.19 15.24 -4.87
CA HIS A 37 -37.21 15.56 -3.90
C HIS A 37 -38.51 15.82 -4.66
N ASN A 38 -39.63 15.53 -4.03
CA ASN A 38 -40.89 15.97 -4.60
C ASN A 38 -41.07 17.47 -4.33
N GLY A 39 -42.15 18.03 -4.86
CA GLY A 39 -42.42 19.44 -4.67
C GLY A 39 -43.50 19.65 -3.62
N LYS A 40 -43.74 18.64 -2.80
CA LYS A 40 -44.90 18.63 -1.93
C LYS A 40 -44.47 18.91 -0.48
N LEU A 41 -45.45 19.04 0.41
CA LEU A 41 -45.20 19.19 1.82
C LEU A 41 -46.10 18.21 2.58
N CYS A 42 -45.56 17.02 2.84
CA CYS A 42 -46.36 15.98 3.46
C CYS A 42 -46.33 16.12 4.98
N SER A 43 -46.86 15.10 5.66
CA SER A 43 -47.08 15.16 7.10
C SER A 43 -46.06 14.27 7.81
N LEU A 44 -45.47 14.78 8.90
CA LEU A 44 -44.55 14.00 9.70
C LEU A 44 -45.30 12.96 10.51
N ASN A 45 -45.09 11.69 10.15
CA ASN A 45 -45.56 10.51 10.91
C ASN A 45 -47.09 10.52 11.05
N GLY A 46 -47.79 11.00 10.04
CA GLY A 46 -49.24 10.94 10.01
C GLY A 46 -49.93 12.03 10.82
N ILE A 47 -49.30 13.19 10.98
CA ILE A 47 -49.95 14.34 11.60
C ILE A 47 -49.70 15.55 10.71
N ALA A 48 -50.79 16.17 10.26
CA ALA A 48 -50.75 17.24 9.26
C ALA A 48 -50.02 18.47 9.81
N PRO A 49 -49.37 19.23 8.93
CA PRO A 49 -48.79 20.51 9.37
C PRO A 49 -49.89 21.57 9.51
N LEU A 50 -49.46 22.78 9.88
CA LEU A 50 -50.38 23.88 10.09
C LEU A 50 -49.91 25.03 9.21
N GLN A 51 -50.70 25.34 8.18
CA GLN A 51 -50.33 26.36 7.22
C GLN A 51 -51.00 27.68 7.61
N LEU A 52 -50.17 28.67 7.90
CA LEU A 52 -50.71 29.97 8.31
C LEU A 52 -51.31 30.73 7.12
N GLY A 53 -50.89 30.40 5.91
CA GLY A 53 -51.37 31.07 4.71
C GLY A 53 -50.83 32.49 4.63
N LYS A 54 -51.73 33.47 4.63
CA LYS A 54 -51.36 34.87 4.53
C LYS A 54 -51.20 35.50 5.93
N CYS A 55 -51.12 34.68 6.97
CA CYS A 55 -51.11 35.18 8.33
C CYS A 55 -49.75 34.96 8.97
N ASN A 56 -49.44 35.82 9.93
CA ASN A 56 -48.22 35.77 10.67
C ASN A 56 -48.47 35.04 12.00
N VAL A 57 -47.40 34.73 12.73
CA VAL A 57 -47.55 34.05 14.01
C VAL A 57 -48.18 35.01 15.03
N ALA A 58 -47.80 36.28 14.95
CA ALA A 58 -48.38 37.32 15.80
C ALA A 58 -49.88 37.46 15.49
N GLY A 59 -50.21 37.50 14.20
CA GLY A 59 -51.60 37.59 13.77
C GLY A 59 -52.41 36.36 14.16
N TRP A 60 -51.76 35.22 14.26
CA TRP A 60 -52.47 34.02 14.63
C TRP A 60 -52.73 33.99 16.14
N LEU A 61 -51.76 34.37 16.95
CA LEU A 61 -51.99 34.29 18.39
C LEU A 61 -52.88 35.42 18.88
N LEU A 62 -52.74 36.61 18.33
CA LEU A 62 -53.60 37.72 18.77
C LEU A 62 -55.02 37.56 18.23
N GLY A 63 -55.18 36.93 17.07
CA GLY A 63 -56.49 36.81 16.47
C GLY A 63 -56.79 38.00 15.59
N ASN A 64 -55.89 38.26 14.65
CA ASN A 64 -56.08 39.23 13.60
C ASN A 64 -57.31 38.79 12.79
N PRO A 65 -58.33 39.66 12.66
CA PRO A 65 -59.62 39.21 12.15
C PRO A 65 -59.64 38.70 10.70
N GLU A 66 -58.62 39.02 9.92
CA GLU A 66 -58.53 38.45 8.59
C GLU A 66 -57.91 37.04 8.64
N CYS A 67 -57.39 36.64 9.78
CA CYS A 67 -56.93 35.27 9.99
C CYS A 67 -58.04 34.46 10.67
N ASP A 68 -59.22 34.52 10.10
CA ASP A 68 -60.39 33.95 10.75
C ASP A 68 -60.53 32.46 10.41
N LEU A 69 -59.85 32.02 9.36
CA LEU A 69 -59.99 30.65 8.84
C LEU A 69 -59.37 29.66 9.85
N LEU A 70 -58.19 29.99 10.35
CA LEU A 70 -57.42 29.06 11.18
C LEU A 70 -57.69 29.33 12.67
N LEU A 71 -58.97 29.35 13.00
CA LEU A 71 -59.39 29.68 14.36
C LEU A 71 -59.63 28.42 15.19
N THR A 72 -59.82 27.28 14.52
CA THR A 72 -60.18 26.04 15.22
C THR A 72 -59.00 25.06 15.26
N ALA A 73 -57.85 25.47 14.74
CA ALA A 73 -56.67 24.61 14.69
C ALA A 73 -56.06 24.47 16.08
N ASN A 74 -55.64 23.27 16.43
CA ASN A 74 -55.06 23.06 17.76
C ASN A 74 -53.94 22.02 17.76
N SER A 75 -53.57 21.46 16.60
CA SER A 75 -52.53 20.43 16.59
C SER A 75 -51.78 20.47 15.27
N TRP A 76 -50.49 20.16 15.31
CA TRP A 76 -49.67 20.20 14.11
C TRP A 76 -48.42 19.35 14.31
N SER A 77 -47.58 19.37 13.28
CA SER A 77 -46.23 18.82 13.30
C SER A 77 -45.18 19.93 13.13
N TYR A 78 -45.49 20.89 12.28
CA TYR A 78 -44.65 22.05 12.04
C TYR A 78 -45.52 23.14 11.42
N ILE A 79 -45.05 24.37 11.50
CA ILE A 79 -45.81 25.53 11.10
C ILE A 79 -45.22 26.06 9.79
N ILE A 80 -46.09 26.36 8.83
CA ILE A 80 -45.65 26.85 7.52
C ILE A 80 -46.07 28.31 7.38
N GLU A 81 -45.08 29.17 7.19
CA GLU A 81 -45.35 30.52 6.69
C GLU A 81 -45.05 30.57 5.19
N THR A 82 -45.56 31.60 4.54
CA THR A 82 -45.31 31.80 3.12
C THR A 82 -44.57 33.13 2.94
N SER A 83 -44.44 33.54 1.69
CA SER A 83 -43.88 34.84 1.35
C SER A 83 -44.97 35.93 1.30
N ASN A 84 -46.22 35.56 1.58
CA ASN A 84 -47.32 36.52 1.59
C ASN A 84 -47.97 36.61 2.97
N SER A 85 -47.25 36.17 4.02
CA SER A 85 -47.75 36.22 5.38
C SER A 85 -47.46 37.62 5.94
N GLU A 86 -48.44 38.50 5.86
CA GLU A 86 -48.22 39.91 6.27
C GLU A 86 -49.20 40.36 7.35
N ASN A 87 -50.34 39.68 7.46
CA ASN A 87 -51.37 40.05 8.41
C ASN A 87 -50.95 39.69 9.83
N GLY A 88 -50.20 40.59 10.45
CA GLY A 88 -49.68 40.35 11.81
C GLY A 88 -50.37 41.20 12.87
N THR A 89 -49.98 42.46 12.97
CA THR A 89 -50.54 43.36 13.96
C THR A 89 -51.27 44.48 13.24
N CYS A 90 -52.59 44.51 13.36
CA CYS A 90 -53.38 45.48 12.63
C CYS A 90 -53.23 46.88 13.26
N TYR A 91 -53.42 46.99 14.57
CA TYR A 91 -53.12 48.25 15.21
C TYR A 91 -51.60 48.36 15.40
N PRO A 92 -50.99 49.49 15.05
CA PRO A 92 -49.53 49.54 15.01
C PRO A 92 -48.90 49.55 16.40
N GLY A 93 -47.68 49.02 16.50
CA GLY A 93 -46.98 48.96 17.77
C GLY A 93 -45.79 48.03 17.74
N GLU A 94 -45.56 47.31 18.85
CA GLU A 94 -44.38 46.51 18.97
C GLU A 94 -44.66 45.32 19.89
N PHE A 95 -44.65 44.13 19.30
CA PHE A 95 -44.75 42.89 20.06
C PHE A 95 -43.40 42.69 20.75
N ILE A 96 -43.39 42.71 22.07
CA ILE A 96 -42.14 42.66 22.81
C ILE A 96 -41.75 41.19 23.05
N ASP A 97 -40.47 40.88 22.78
CA ASP A 97 -39.92 39.52 22.85
C ASP A 97 -40.66 38.58 21.92
N TYR A 98 -40.74 38.95 20.65
CA TYR A 98 -41.44 38.15 19.67
C TYR A 98 -40.62 36.92 19.28
N GLU A 99 -39.29 37.06 19.28
CA GLU A 99 -38.42 35.98 18.83
C GLU A 99 -38.31 34.88 19.91
N GLU A 100 -38.27 35.28 21.17
CA GLU A 100 -38.25 34.32 22.26
C GLU A 100 -39.56 33.51 22.28
N LEU A 101 -40.66 34.16 21.90
CA LEU A 101 -41.94 33.47 21.82
C LEU A 101 -41.93 32.49 20.64
N ARG A 102 -41.29 32.87 19.53
CA ARG A 102 -41.15 31.94 18.42
C ARG A 102 -40.22 30.76 18.77
N GLU A 103 -39.30 30.94 19.72
CA GLU A 103 -38.43 29.84 20.11
C GLU A 103 -39.11 28.92 21.13
N GLN A 104 -39.91 29.50 22.03
CA GLN A 104 -40.72 28.70 22.94
C GLN A 104 -41.75 27.89 22.14
N LEU A 105 -42.23 28.46 21.04
CA LEU A 105 -43.33 27.87 20.28
C LEU A 105 -42.84 26.65 19.48
N SER A 106 -41.52 26.49 19.31
CA SER A 106 -40.98 25.37 18.52
C SER A 106 -40.75 24.12 19.37
N SER A 107 -41.44 24.01 20.50
CA SER A 107 -41.31 22.82 21.33
C SER A 107 -42.69 22.35 21.82
N VAL A 108 -43.74 22.89 21.21
CA VAL A 108 -45.10 22.61 21.62
C VAL A 108 -45.82 21.94 20.45
N SER A 109 -46.37 20.77 20.70
CA SER A 109 -47.05 20.03 19.63
C SER A 109 -48.49 20.55 19.48
N SER A 110 -49.23 20.61 20.58
CA SER A 110 -50.64 20.94 20.51
C SER A 110 -51.04 21.80 21.72
N PHE A 111 -52.12 22.54 21.58
CA PHE A 111 -52.63 23.30 22.72
C PHE A 111 -54.15 23.12 22.84
N GLU A 112 -54.70 23.79 23.83
CA GLU A 112 -56.15 23.87 24.04
C GLU A 112 -56.50 25.33 24.34
N LYS A 113 -57.31 25.92 23.48
CA LYS A 113 -57.67 27.32 23.66
C LYS A 113 -58.91 27.40 24.55
N PHE A 114 -58.82 28.20 25.61
CA PHE A 114 -59.96 28.40 26.48
C PHE A 114 -60.08 29.88 26.82
N GLU A 115 -61.03 30.18 27.68
CA GLU A 115 -61.43 31.55 27.95
C GLU A 115 -61.17 31.86 29.43
N ILE A 116 -60.24 32.77 29.69
CA ILE A 116 -59.93 33.12 31.08
C ILE A 116 -61.04 34.01 31.65
N PHE A 117 -61.19 35.20 31.07
CA PHE A 117 -62.14 36.16 31.58
C PHE A 117 -63.26 36.34 30.56
N PRO A 118 -64.46 35.79 30.83
CA PRO A 118 -65.55 35.94 29.86
C PRO A 118 -66.02 37.40 29.76
N LYS A 119 -66.44 37.80 28.57
CA LYS A 119 -66.75 39.20 28.30
C LYS A 119 -68.04 39.63 29.03
N ALA A 120 -68.92 38.67 29.30
CA ALA A 120 -70.23 38.99 29.87
C ALA A 120 -70.14 39.33 31.37
N SER A 121 -69.35 38.57 32.13
CA SER A 121 -69.48 38.60 33.60
C SER A 121 -68.27 39.27 34.26
N SER A 122 -67.08 39.17 33.67
CA SER A 122 -65.84 39.52 34.39
C SER A 122 -65.63 41.04 34.49
N TRP A 123 -66.34 41.83 33.68
CA TRP A 123 -66.13 43.27 33.68
C TRP A 123 -67.48 43.99 33.85
N PRO A 124 -67.98 44.04 35.09
CA PRO A 124 -69.32 44.59 35.30
C PRO A 124 -69.39 46.12 35.41
N ASN A 125 -68.28 46.78 35.72
CA ASN A 125 -68.29 48.21 35.95
C ASN A 125 -67.94 48.99 34.70
N HIS A 126 -67.07 48.44 33.85
CA HIS A 126 -66.52 49.17 32.72
C HIS A 126 -67.37 48.92 31.48
N GLU A 127 -66.86 49.37 30.33
CA GLU A 127 -67.56 49.21 29.06
C GLU A 127 -66.80 48.22 28.19
N THR A 128 -67.42 47.08 27.90
CA THR A 128 -66.76 46.02 27.15
C THR A 128 -66.75 46.33 25.66
N THR A 129 -67.90 46.73 25.13
CA THR A 129 -68.00 47.09 23.72
C THR A 129 -67.49 48.52 23.51
N LYS A 130 -67.67 49.03 22.29
CA LYS A 130 -67.19 50.35 21.83
C LYS A 130 -65.67 50.43 21.93
N GLY A 131 -65.00 49.30 21.79
CA GLY A 131 -63.54 49.25 21.83
C GLY A 131 -62.97 48.86 20.48
N VAL A 132 -63.38 49.58 19.46
CA VAL A 132 -63.22 49.15 18.09
C VAL A 132 -62.57 50.27 17.27
N THR A 133 -61.59 49.92 16.43
CA THR A 133 -60.94 50.92 15.58
C THR A 133 -61.05 50.52 14.12
N ALA A 134 -60.69 51.48 13.26
CA ALA A 134 -60.78 51.33 11.81
C ALA A 134 -59.47 50.81 11.21
N ALA A 135 -58.41 50.72 12.02
CA ALA A 135 -57.14 50.15 11.54
C ALA A 135 -57.21 48.61 11.53
N CYS A 136 -58.21 48.04 12.19
CA CYS A 136 -58.45 46.61 12.14
C CYS A 136 -59.86 46.42 11.57
N SER A 137 -59.93 46.50 10.24
CA SER A 137 -61.20 46.59 9.53
C SER A 137 -61.53 45.24 8.91
N TYR A 138 -62.72 44.73 9.19
CA TYR A 138 -63.12 43.43 8.69
C TYR A 138 -64.44 43.55 7.93
N SER A 139 -64.40 43.12 6.67
CA SER A 139 -65.57 43.08 5.75
C SER A 139 -66.19 44.47 5.60
N GLY A 140 -65.36 45.49 5.44
CA GLY A 140 -65.83 46.87 5.24
C GLY A 140 -66.01 47.61 6.56
N ALA A 141 -66.51 46.93 7.59
CA ALA A 141 -66.79 47.55 8.88
C ALA A 141 -65.48 47.68 9.69
N SER A 142 -65.62 48.03 10.97
CA SER A 142 -64.48 48.10 11.88
C SER A 142 -64.58 46.97 12.91
N SER A 143 -63.44 46.43 13.30
CA SER A 143 -63.40 45.33 14.26
C SER A 143 -62.14 45.43 15.11
N PHE A 144 -61.81 44.36 15.81
CA PHE A 144 -60.67 44.30 16.71
C PHE A 144 -60.27 42.82 16.85
N TYR A 145 -59.19 42.57 17.60
CA TYR A 145 -58.66 41.22 17.79
C TYR A 145 -59.69 40.29 18.43
N ARG A 146 -59.50 38.99 18.21
CA ARG A 146 -60.46 38.00 18.66
C ARG A 146 -60.01 37.34 19.96
N ASN A 147 -58.85 37.71 20.48
CA ASN A 147 -58.37 37.13 21.72
C ASN A 147 -58.17 38.19 22.82
N LEU A 148 -58.14 39.46 22.44
CA LEU A 148 -57.96 40.52 23.42
C LEU A 148 -59.27 41.30 23.57
N LEU A 149 -59.24 42.30 24.45
CA LEU A 149 -60.45 43.05 24.75
C LEU A 149 -60.05 44.46 25.20
N TRP A 150 -60.32 45.43 24.35
CA TRP A 150 -60.24 46.83 24.71
C TRP A 150 -61.26 47.10 25.83
N ILE A 151 -60.90 48.00 26.74
CA ILE A 151 -61.80 48.34 27.84
C ILE A 151 -61.92 49.86 27.92
N THR A 152 -63.15 50.35 27.89
CA THR A 152 -63.43 51.76 28.11
C THR A 152 -64.44 51.89 29.25
N LYS A 153 -65.00 53.08 29.41
CA LYS A 153 -65.69 53.47 30.63
C LYS A 153 -67.20 53.41 30.44
N LYS A 154 -67.90 53.11 31.52
CA LYS A 154 -69.36 53.06 31.50
C LYS A 154 -69.92 54.30 32.22
N GLY A 155 -70.03 55.38 31.47
CA GLY A 155 -70.67 56.61 31.95
C GLY A 155 -69.70 57.58 32.61
N THR A 156 -68.55 57.80 31.96
CA THR A 156 -67.53 58.81 32.34
C THR A 156 -67.00 58.57 33.76
N SER A 157 -66.96 57.31 34.17
CA SER A 157 -66.46 56.93 35.49
C SER A 157 -65.63 55.66 35.34
N TYR A 158 -64.35 55.76 35.67
CA TYR A 158 -63.42 54.66 35.52
C TYR A 158 -62.89 54.25 36.89
N PRO A 159 -63.55 53.29 37.53
CA PRO A 159 -63.06 52.82 38.81
C PRO A 159 -61.79 51.98 38.63
N LYS A 160 -61.03 51.86 39.69
CA LYS A 160 -59.81 51.07 39.69
C LYS A 160 -60.18 49.58 39.64
N LEU A 161 -59.50 48.83 38.77
CA LEU A 161 -59.83 47.42 38.61
C LEU A 161 -58.68 46.53 39.06
N SER A 162 -59.05 45.38 39.60
CA SER A 162 -58.12 44.33 39.94
C SER A 162 -58.81 42.99 39.76
N LYS A 163 -58.21 42.11 38.97
CA LYS A 163 -58.79 40.81 38.70
C LYS A 163 -57.67 39.76 38.70
N SER A 164 -57.95 38.60 39.28
CA SER A 164 -56.94 37.57 39.41
C SER A 164 -57.35 36.31 38.64
N TYR A 165 -56.48 35.31 38.67
CA TYR A 165 -56.74 34.01 38.06
C TYR A 165 -55.74 32.99 38.61
N THR A 166 -56.22 31.78 38.90
CA THR A 166 -55.36 30.65 39.20
C THR A 166 -55.57 29.60 38.11
N ASN A 167 -54.56 28.77 37.86
CA ASN A 167 -54.77 27.68 36.93
C ASN A 167 -54.89 26.35 37.69
N ASN A 168 -55.46 25.37 37.00
CA ASN A 168 -55.62 24.04 37.56
C ASN A 168 -55.49 22.99 36.44
N LYS A 169 -55.08 23.41 35.26
CA LYS A 169 -55.03 22.54 34.08
C LYS A 169 -53.87 21.53 34.17
N GLY A 170 -52.92 21.77 35.07
CA GLY A 170 -51.73 20.90 35.16
C GLY A 170 -50.70 21.17 34.06
N LYS A 171 -51.01 22.08 33.14
CA LYS A 171 -50.10 22.44 32.06
C LYS A 171 -49.78 23.93 32.17
N GLU A 172 -48.77 24.37 31.43
CA GLU A 172 -48.42 25.78 31.45
C GLU A 172 -49.42 26.56 30.58
N VAL A 173 -49.75 27.76 31.03
CA VAL A 173 -50.74 28.59 30.35
C VAL A 173 -50.01 29.82 29.80
N LEU A 174 -50.32 30.17 28.56
CA LEU A 174 -49.63 31.24 27.83
C LEU A 174 -50.59 32.43 27.71
N VAL A 175 -50.32 33.48 28.49
CA VAL A 175 -51.24 34.60 28.63
C VAL A 175 -50.68 35.80 27.88
N LEU A 176 -51.53 36.46 27.09
CA LEU A 176 -51.14 37.67 26.35
C LEU A 176 -51.96 38.86 26.85
N TRP A 177 -51.37 40.04 26.79
CA TRP A 177 -52.13 41.26 27.01
C TRP A 177 -51.47 42.41 26.25
N GLY A 178 -52.01 43.60 26.44
CA GLY A 178 -51.49 44.77 25.76
C GLY A 178 -51.66 46.03 26.58
N VAL A 179 -50.89 47.05 26.22
CA VAL A 179 -50.97 48.36 26.85
C VAL A 179 -51.04 49.41 25.75
N HIS A 180 -52.13 50.16 25.75
CA HIS A 180 -52.36 51.23 24.77
C HIS A 180 -51.76 52.51 25.32
N HIS A 181 -51.25 53.37 24.44
CA HIS A 181 -51.02 54.75 24.86
C HIS A 181 -51.29 55.75 23.74
N PRO A 182 -52.21 56.69 23.99
CA PRO A 182 -52.66 57.59 22.96
C PRO A 182 -51.62 58.68 22.65
N PRO A 183 -51.77 59.43 21.56
CA PRO A 183 -50.74 60.41 21.27
C PRO A 183 -50.94 61.78 21.92
N SER A 184 -52.16 62.10 22.36
CA SER A 184 -52.48 63.43 22.85
C SER A 184 -53.16 63.33 24.22
N VAL A 185 -52.93 64.33 25.05
CA VAL A 185 -53.41 64.36 26.43
C VAL A 185 -54.94 64.45 26.45
N SER A 186 -55.51 65.13 25.47
CA SER A 186 -56.96 65.19 25.31
C SER A 186 -57.53 63.80 25.01
N GLU A 187 -56.79 63.00 24.26
CA GLU A 187 -57.23 61.64 23.92
C GLU A 187 -57.19 60.75 25.16
N GLN A 188 -56.15 60.92 25.97
CA GLN A 188 -56.01 60.21 27.25
C GLN A 188 -57.17 60.59 28.19
N GLN A 189 -57.52 61.87 28.21
CA GLN A 189 -58.61 62.36 29.04
C GLN A 189 -59.95 61.81 28.53
N SER A 190 -60.10 61.73 27.21
CA SER A 190 -61.36 61.33 26.60
C SER A 190 -61.60 59.82 26.79
N LEU A 191 -60.55 59.03 26.68
CA LEU A 191 -60.73 57.59 26.70
C LEU A 191 -60.79 57.03 28.12
N TYR A 192 -60.17 57.70 29.10
CA TYR A 192 -60.02 57.04 30.41
C TYR A 192 -60.25 57.95 31.62
N GLN A 193 -60.58 59.22 31.43
CA GLN A 193 -60.92 60.19 32.50
C GLN A 193 -59.78 60.47 33.49
N ASN A 194 -58.60 59.89 33.30
CA ASN A 194 -57.57 60.00 34.31
C ASN A 194 -56.25 60.31 33.62
N ALA A 195 -55.74 61.52 33.86
CA ALA A 195 -54.52 62.01 33.22
C ALA A 195 -53.29 61.21 33.70
N ASP A 196 -53.38 60.69 34.91
CA ASP A 196 -52.40 59.75 35.40
C ASP A 196 -52.97 58.33 35.28
N ALA A 197 -52.10 57.38 34.97
CA ALA A 197 -52.51 55.99 34.78
C ALA A 197 -51.30 55.07 34.97
N TYR A 198 -51.61 53.79 35.18
CA TYR A 198 -50.64 52.72 35.25
C TYR A 198 -51.39 51.40 35.14
N VAL A 199 -50.70 50.37 34.67
CA VAL A 199 -51.18 49.01 34.88
C VAL A 199 -50.08 48.26 35.63
N SER A 200 -50.42 47.11 36.19
CA SER A 200 -49.47 46.34 36.97
C SER A 200 -49.86 44.87 36.91
N VAL A 201 -48.87 44.04 36.62
CA VAL A 201 -49.08 42.62 36.48
C VAL A 201 -48.17 41.91 37.49
N GLY A 202 -48.75 40.99 38.25
CA GLY A 202 -48.00 40.25 39.26
C GLY A 202 -48.27 38.76 39.21
N SER A 203 -47.23 37.99 39.49
CA SER A 203 -47.32 36.56 39.71
C SER A 203 -46.20 36.18 40.69
N SER A 204 -45.82 34.90 40.73
CA SER A 204 -44.73 34.47 41.61
C SER A 204 -43.37 34.90 41.05
N LYS A 205 -43.20 34.86 39.74
CA LYS A 205 -41.88 35.09 39.15
C LYS A 205 -41.93 36.21 38.10
N TYR A 206 -43.10 36.82 37.90
CA TYR A 206 -43.22 37.94 37.00
C TYR A 206 -43.82 39.12 37.75
N ASN A 207 -43.23 40.29 37.55
CA ASN A 207 -43.67 41.47 38.27
C ASN A 207 -43.28 42.70 37.43
N ARG A 208 -44.26 43.44 36.92
CA ARG A 208 -43.92 44.69 36.27
C ARG A 208 -45.06 45.70 36.41
N ARG A 209 -44.68 46.96 36.60
CA ARG A 209 -45.58 48.09 36.55
C ARG A 209 -45.32 48.86 35.25
N PHE A 210 -46.39 49.17 34.53
CA PHE A 210 -46.29 49.94 33.29
C PHE A 210 -46.96 51.29 33.48
N ALA A 211 -46.36 52.31 32.86
CA ALA A 211 -46.95 53.62 32.75
C ALA A 211 -47.12 53.97 31.26
N PRO A 212 -48.23 54.63 30.91
CA PRO A 212 -48.37 55.11 29.54
C PRO A 212 -47.45 56.31 29.29
N GLU A 213 -47.22 56.59 28.02
CA GLU A 213 -46.51 57.77 27.64
C GLU A 213 -47.28 58.46 26.51
N ILE A 214 -47.37 59.79 26.58
CA ILE A 214 -48.11 60.56 25.61
C ILE A 214 -47.11 61.45 24.87
N ALA A 215 -47.03 61.27 23.56
CA ALA A 215 -46.11 62.03 22.72
C ALA A 215 -46.67 62.09 21.29
N ALA A 216 -46.11 63.00 20.49
CA ALA A 216 -46.50 63.13 19.09
C ALA A 216 -45.54 62.30 18.23
N ARG A 217 -46.10 61.66 17.21
CA ARG A 217 -45.36 60.74 16.36
C ARG A 217 -46.15 60.55 15.05
N PRO A 218 -45.45 60.23 13.97
CA PRO A 218 -46.11 60.15 12.66
C PRO A 218 -47.12 58.99 12.55
N LYS A 219 -48.07 59.15 11.63
CA LYS A 219 -49.16 58.19 11.49
C LYS A 219 -48.68 56.93 10.77
N VAL A 220 -49.19 55.80 11.23
CA VAL A 220 -49.06 54.52 10.53
C VAL A 220 -50.44 53.87 10.52
N ARG A 221 -50.90 53.49 9.33
CA ARG A 221 -52.24 52.93 9.08
C ARG A 221 -53.33 53.88 9.58
N GLY A 222 -53.07 55.17 9.44
CA GLY A 222 -54.00 56.23 9.85
C GLY A 222 -54.21 56.30 11.35
N GLN A 223 -53.22 55.87 12.13
CA GLN A 223 -53.29 55.97 13.59
C GLN A 223 -52.00 56.61 14.11
N ALA A 224 -52.15 57.45 15.12
CA ALA A 224 -51.00 58.13 15.72
C ALA A 224 -50.67 57.54 17.11
N GLY A 225 -51.57 56.75 17.67
CA GLY A 225 -51.28 56.05 18.91
C GLY A 225 -50.42 54.82 18.67
N ARG A 226 -50.02 54.17 19.76
CA ARG A 226 -49.30 52.93 19.69
C ARG A 226 -49.83 51.97 20.76
N MET A 227 -49.44 50.71 20.62
CA MET A 227 -49.88 49.69 21.53
C MET A 227 -48.75 48.67 21.67
N ASN A 228 -48.52 48.22 22.90
CA ASN A 228 -47.49 47.25 23.16
C ASN A 228 -48.11 45.93 23.61
N TYR A 229 -47.47 44.83 23.24
CA TYR A 229 -48.02 43.51 23.48
C TYR A 229 -47.06 42.69 24.34
N TYR A 230 -47.62 41.89 25.24
CA TYR A 230 -46.79 41.15 26.18
C TYR A 230 -47.37 39.74 26.38
N TRP A 231 -46.51 38.85 26.86
CA TRP A 231 -46.88 37.46 27.05
C TRP A 231 -46.10 36.86 28.23
N THR A 232 -46.69 35.86 28.86
CA THR A 232 -46.11 35.22 30.03
C THR A 232 -46.58 33.76 30.11
N LEU A 233 -45.66 32.86 30.41
CA LEU A 233 -46.00 31.47 30.73
C LEU A 233 -46.23 31.35 32.24
N LEU A 234 -47.45 30.98 32.62
CA LEU A 234 -47.73 30.57 34.00
C LEU A 234 -47.18 29.16 34.23
N ASP A 235 -47.20 28.74 35.49
CA ASP A 235 -46.97 27.34 35.82
C ASP A 235 -48.28 26.74 36.31
N GLN A 236 -48.27 25.43 36.54
CA GLN A 236 -49.38 24.81 37.24
C GLN A 236 -49.37 25.28 38.70
N GLY A 237 -50.55 25.44 39.27
CA GLY A 237 -50.65 26.02 40.59
C GLY A 237 -50.78 27.53 40.53
N ASP A 238 -49.65 28.22 40.43
CA ASP A 238 -49.45 29.66 40.64
C ASP A 238 -50.48 30.53 39.91
N THR A 239 -50.78 31.67 40.53
CA THR A 239 -51.83 32.58 40.11
C THR A 239 -51.24 33.72 39.28
N ILE A 240 -52.08 34.69 38.93
CA ILE A 240 -51.66 35.92 38.27
C ILE A 240 -52.72 37.00 38.59
N THR A 241 -52.28 38.23 38.76
CA THR A 241 -53.18 39.32 39.10
C THR A 241 -52.90 40.52 38.20
N PHE A 242 -53.93 40.98 37.52
CA PHE A 242 -53.93 42.25 36.79
C PHE A 242 -54.53 43.32 37.68
N GLU A 243 -53.96 44.52 37.62
CA GLU A 243 -54.44 45.62 38.43
C GLU A 243 -54.17 46.91 37.65
N ALA A 244 -55.22 47.62 37.29
CA ALA A 244 -55.06 48.72 36.34
C ALA A 244 -55.97 49.89 36.68
N THR A 245 -55.50 51.08 36.29
CA THR A 245 -56.25 52.31 36.46
C THR A 245 -56.35 53.10 35.15
N GLY A 246 -55.65 52.70 34.08
CA GLY A 246 -55.93 53.47 32.85
C GLY A 246 -55.81 52.83 31.47
N ASN A 247 -55.20 51.68 31.23
CA ASN A 247 -54.92 51.38 29.82
C ASN A 247 -54.98 49.91 29.46
N LEU A 248 -55.67 49.08 30.22
CA LEU A 248 -55.48 47.65 30.10
C LEU A 248 -56.18 47.11 28.86
N ILE A 249 -55.46 46.29 28.10
CA ILE A 249 -56.03 45.48 27.05
C ILE A 249 -56.09 44.06 27.59
N ALA A 250 -57.22 43.71 28.18
CA ALA A 250 -57.29 42.50 28.99
C ALA A 250 -57.30 41.26 28.09
N PRO A 251 -56.74 40.15 28.59
CA PRO A 251 -56.85 38.91 27.85
C PRO A 251 -58.30 38.39 27.87
N TRP A 252 -58.67 37.70 26.81
CA TRP A 252 -60.02 37.17 26.67
C TRP A 252 -60.00 35.69 26.28
N TYR A 253 -58.93 35.24 25.62
CA TYR A 253 -58.68 33.80 25.50
C TYR A 253 -57.22 33.54 25.84
N ALA A 254 -56.92 32.32 26.25
CA ALA A 254 -55.54 31.88 26.44
C ALA A 254 -55.40 30.41 26.03
N PHE A 255 -54.21 29.89 26.24
CA PHE A 255 -53.79 28.65 25.65
C PHE A 255 -53.15 27.76 26.70
N ALA A 256 -53.50 26.47 26.68
CA ALA A 256 -52.85 25.48 27.54
C ALA A 256 -51.99 24.57 26.68
N LEU A 257 -50.71 24.46 27.03
CA LEU A 257 -49.71 23.92 26.11
C LEU A 257 -49.33 22.49 26.49
N ASN A 258 -49.15 21.67 25.46
CA ASN A 258 -48.63 20.32 25.60
C ASN A 258 -47.11 20.34 25.33
N LYS A 259 -46.52 19.16 25.18
CA LYS A 259 -45.11 19.05 24.84
C LYS A 259 -44.93 18.14 23.62
N GLY A 260 -43.68 17.77 23.35
CA GLY A 260 -43.32 17.00 22.17
C GLY A 260 -42.47 17.84 21.23
N SER A 261 -41.16 17.63 21.31
CA SER A 261 -40.18 18.58 20.81
C SER A 261 -40.01 18.47 19.30
N ASP A 262 -38.99 19.21 18.82
CA ASP A 262 -38.48 19.14 17.45
C ASP A 262 -39.55 19.54 16.43
N SER A 263 -39.96 20.79 16.52
CA SER A 263 -40.81 21.41 15.51
C SER A 263 -40.14 22.71 15.07
N GLY A 264 -40.85 23.55 14.33
CA GLY A 264 -40.28 24.82 13.95
C GLY A 264 -41.17 25.56 12.98
N ILE A 265 -40.58 26.56 12.33
CA ILE A 265 -41.26 27.38 11.35
C ILE A 265 -40.55 27.22 10.02
N ILE A 266 -41.31 27.12 8.94
CA ILE A 266 -40.78 27.03 7.60
C ILE A 266 -41.40 28.14 6.75
N THR A 267 -40.56 28.84 6.02
CA THR A 267 -41.04 29.76 4.99
C THR A 267 -40.85 29.07 3.64
N SER A 268 -41.93 28.64 3.02
CA SER A 268 -41.87 27.99 1.73
C SER A 268 -43.17 28.24 0.97
N ASP A 269 -43.14 27.99 -0.33
CA ASP A 269 -44.30 28.20 -1.19
C ASP A 269 -44.71 26.91 -1.91
N ALA A 270 -44.26 25.77 -1.39
CA ALA A 270 -44.69 24.49 -1.94
C ALA A 270 -46.13 24.21 -1.52
N PRO A 271 -46.90 23.51 -2.36
CA PRO A 271 -48.24 23.14 -1.95
C PRO A 271 -48.23 22.02 -0.90
N VAL A 272 -49.38 21.80 -0.28
CA VAL A 272 -49.51 20.80 0.76
C VAL A 272 -50.31 19.62 0.22
N HIS A 273 -49.74 18.43 0.33
CA HIS A 273 -50.44 17.20 0.04
C HIS A 273 -50.42 16.31 1.27
N ASN A 274 -50.83 15.06 1.13
CA ASN A 274 -51.06 14.23 2.30
C ASN A 274 -50.41 12.86 2.16
N CYS A 275 -49.16 12.81 1.72
CA CYS A 275 -48.38 11.58 1.86
C CYS A 275 -47.78 11.55 3.27
N ASP A 276 -46.83 10.66 3.51
CA ASP A 276 -46.28 10.50 4.84
C ASP A 276 -44.78 10.23 4.74
N THR A 277 -43.98 11.13 5.31
CA THR A 277 -42.53 11.01 5.19
C THR A 277 -41.87 11.05 6.56
N ARG A 278 -40.54 11.01 6.54
CA ARG A 278 -39.74 11.05 7.75
C ARG A 278 -38.72 12.19 7.68
N CYS A 279 -38.74 12.96 6.59
CA CYS A 279 -37.82 14.07 6.41
C CYS A 279 -38.51 15.14 5.58
N GLN A 280 -38.31 16.40 5.93
CA GLN A 280 -38.99 17.47 5.25
C GLN A 280 -38.09 18.70 5.15
N THR A 281 -38.01 19.26 3.95
CA THR A 281 -37.27 20.48 3.68
C THR A 281 -38.25 21.50 3.09
N PRO A 282 -37.89 22.79 3.04
CA PRO A 282 -38.77 23.75 2.38
C PRO A 282 -38.87 23.60 0.85
N HIS A 283 -38.05 22.77 0.24
CA HIS A 283 -38.18 22.49 -1.19
C HIS A 283 -39.00 21.21 -1.43
N GLY A 284 -39.26 20.44 -0.39
CA GLY A 284 -39.99 19.20 -0.57
C GLY A 284 -39.45 18.13 0.36
N ALA A 285 -39.99 16.92 0.21
CA ALA A 285 -39.66 15.83 1.11
C ALA A 285 -38.58 14.94 0.48
N LEU A 286 -38.06 14.02 1.29
CA LEU A 286 -37.00 13.11 0.84
C LEU A 286 -37.25 11.69 1.33
N ASN A 287 -37.03 10.72 0.44
CA ASN A 287 -37.20 9.32 0.78
C ASN A 287 -35.95 8.55 0.36
N SER A 288 -34.92 8.61 1.19
CA SER A 288 -33.65 7.94 0.90
C SER A 288 -32.97 7.47 2.19
N SER A 289 -31.91 6.69 2.03
CA SER A 289 -31.17 6.15 3.16
C SER A 289 -29.67 6.41 2.99
N LEU A 290 -29.30 7.23 2.01
CA LEU A 290 -27.90 7.57 1.78
C LEU A 290 -27.43 8.50 2.90
N PRO A 291 -26.14 8.48 3.22
CA PRO A 291 -25.66 9.30 4.34
C PRO A 291 -25.58 10.80 4.07
N PHE A 292 -25.44 11.22 2.81
CA PHE A 292 -25.32 12.64 2.55
C PHE A 292 -26.52 13.14 1.76
N GLN A 293 -26.57 14.45 1.56
CA GLN A 293 -27.78 15.12 1.13
C GLN A 293 -27.36 16.48 0.54
N ASN A 294 -28.16 17.00 -0.37
CA ASN A 294 -27.71 18.11 -1.18
C ASN A 294 -28.81 19.16 -1.40
N VAL A 295 -30.00 18.94 -0.87
CA VAL A 295 -31.16 19.72 -1.25
C VAL A 295 -31.16 21.07 -0.52
N HIS A 296 -31.27 21.03 0.80
CA HIS A 296 -31.46 22.25 1.57
C HIS A 296 -30.92 22.00 2.98
N PRO A 297 -30.41 23.03 3.65
CA PRO A 297 -29.85 22.81 4.99
C PRO A 297 -30.83 22.90 6.16
N ILE A 298 -32.10 23.21 5.91
CA ILE A 298 -33.08 23.36 6.98
C ILE A 298 -34.01 22.16 6.92
N THR A 299 -33.85 21.24 7.86
CA THR A 299 -34.57 19.97 7.80
C THR A 299 -35.44 19.79 9.04
N ILE A 300 -36.52 19.03 8.87
CA ILE A 300 -37.37 18.61 9.97
C ILE A 300 -37.55 17.09 9.87
N GLY A 301 -37.29 16.41 10.98
CA GLY A 301 -37.44 14.97 11.10
C GLY A 301 -36.11 14.30 11.40
N GLU A 302 -35.81 13.26 10.63
CA GLU A 302 -34.53 12.57 10.70
C GLU A 302 -33.98 12.45 9.28
N CYS A 303 -32.98 13.27 8.99
CA CYS A 303 -32.57 13.50 7.62
C CYS A 303 -31.08 13.24 7.45
N PRO A 304 -30.63 12.89 6.24
CA PRO A 304 -29.21 12.80 5.97
C PRO A 304 -28.52 14.18 6.04
N LYS A 305 -27.21 14.15 6.19
CA LYS A 305 -26.45 15.34 6.51
C LYS A 305 -26.22 16.19 5.25
N TYR A 306 -26.41 17.50 5.38
CA TYR A 306 -26.26 18.42 4.26
C TYR A 306 -24.79 18.73 4.03
N VAL A 307 -24.35 18.62 2.78
CA VAL A 307 -23.00 19.00 2.38
C VAL A 307 -23.10 19.92 1.16
N LYS A 308 -21.97 20.46 0.76
CA LYS A 308 -21.94 21.50 -0.27
C LYS A 308 -21.19 20.99 -1.51
N SER A 309 -21.46 19.75 -1.87
CA SER A 309 -20.76 19.11 -2.98
C SER A 309 -21.76 18.69 -4.07
N THR A 310 -21.26 18.11 -5.15
CA THR A 310 -22.12 17.78 -6.29
C THR A 310 -22.03 16.31 -6.68
N LYS A 311 -20.98 15.60 -6.25
CA LYS A 311 -20.77 14.23 -6.69
C LYS A 311 -19.94 13.48 -5.65
N LEU A 312 -20.50 12.39 -5.14
CA LEU A 312 -19.79 11.53 -4.19
C LEU A 312 -19.96 10.08 -4.60
N ARG A 313 -19.65 9.78 -5.86
CA ARG A 313 -19.66 8.42 -6.34
C ARG A 313 -18.47 7.67 -5.71
N MET A 314 -18.69 6.43 -5.30
CA MET A 314 -17.64 5.67 -4.64
C MET A 314 -17.49 4.31 -5.31
N ALA A 315 -16.25 3.95 -5.61
CA ALA A 315 -15.94 2.79 -6.44
C ALA A 315 -15.96 1.51 -5.61
N THR A 316 -16.71 0.52 -6.10
CA THR A 316 -16.63 -0.84 -5.57
C THR A 316 -16.44 -1.79 -6.75
N GLY A 317 -15.22 -1.89 -7.25
CA GLY A 317 -14.98 -2.68 -8.45
C GLY A 317 -13.66 -2.30 -9.09
N LEU A 318 -13.44 -2.85 -10.27
CA LEU A 318 -12.14 -2.80 -10.93
C LEU A 318 -12.10 -1.63 -11.93
N ARG A 319 -10.90 -1.32 -12.40
CA ARG A 319 -10.76 -0.43 -13.54
C ARG A 319 -11.31 -1.14 -14.79
N ASN A 320 -12.22 -0.46 -15.48
CA ASN A 320 -12.83 -1.02 -16.64
C ASN A 320 -11.84 -0.89 -17.81
N VAL A 321 -11.01 -1.91 -17.99
CA VAL A 321 -10.06 -1.89 -19.07
C VAL A 321 -10.52 -2.87 -20.16
N PRO A 322 -11.09 -2.35 -21.25
CA PRO A 322 -11.54 -3.24 -22.31
C PRO A 322 -10.35 -3.74 -23.14
N SER A 323 -10.54 -4.87 -23.80
CA SER A 323 -9.46 -5.49 -24.54
C SER A 323 -9.41 -4.96 -25.97
N ILE A 324 -8.21 -5.03 -26.56
CA ILE A 324 -7.99 -4.57 -27.92
C ILE A 324 -7.46 -5.75 -28.75
N GLY B 1 0.51 1.39 -3.12
CA GLY B 1 0.95 1.70 -4.50
C GLY B 1 0.39 0.71 -5.48
N LEU B 2 0.81 0.84 -6.73
CA LEU B 2 0.30 0.01 -7.81
C LEU B 2 1.05 -1.33 -7.79
N PHE B 3 0.32 -2.43 -7.72
CA PHE B 3 0.94 -3.75 -7.57
C PHE B 3 1.38 -4.34 -8.90
N GLY B 4 0.95 -3.77 -10.02
CA GLY B 4 1.55 -4.07 -11.31
C GLY B 4 0.76 -5.03 -12.18
N ALA B 5 -0.40 -5.51 -11.74
CA ALA B 5 -1.14 -6.53 -12.51
C ALA B 5 -2.17 -5.88 -13.46
N ILE B 6 -3.14 -5.16 -12.90
CA ILE B 6 -4.22 -4.59 -13.71
C ILE B 6 -3.64 -3.46 -14.58
N ALA B 7 -3.82 -3.62 -15.89
CA ALA B 7 -3.20 -2.79 -16.94
C ALA B 7 -1.68 -2.74 -16.77
N GLY B 8 -1.11 -3.83 -16.28
CA GLY B 8 0.33 -3.93 -16.05
C GLY B 8 0.92 -5.03 -16.90
N PHE B 9 1.42 -6.09 -16.25
CA PHE B 9 1.93 -7.19 -17.05
C PHE B 9 0.78 -8.02 -17.63
N ILE B 10 -0.38 -7.97 -17.01
CA ILE B 10 -1.58 -8.51 -17.65
C ILE B 10 -2.26 -7.36 -18.41
N GLU B 11 -2.68 -7.65 -19.63
CA GLU B 11 -3.38 -6.69 -20.50
C GLU B 11 -4.83 -6.53 -20.01
N GLY B 12 -5.69 -5.97 -20.87
CA GLY B 12 -7.09 -5.65 -20.54
C GLY B 12 -7.92 -6.85 -20.11
N GLY B 13 -9.12 -6.55 -19.60
CA GLY B 13 -9.98 -7.55 -18.98
C GLY B 13 -10.70 -8.42 -20.00
N TRP B 14 -11.52 -9.31 -19.46
CA TRP B 14 -12.28 -10.27 -20.23
C TRP B 14 -13.77 -9.92 -20.16
N THR B 15 -14.34 -9.62 -21.31
CA THR B 15 -15.77 -9.31 -21.36
C THR B 15 -16.58 -10.60 -21.22
N GLY B 16 -16.05 -11.69 -21.76
CA GLY B 16 -16.75 -12.98 -21.84
C GLY B 16 -16.93 -13.66 -20.49
N MET B 17 -16.23 -13.21 -19.46
CA MET B 17 -16.36 -13.77 -18.14
C MET B 17 -17.43 -12.98 -17.37
N ILE B 18 -18.35 -13.68 -16.71
CA ILE B 18 -19.57 -13.04 -16.21
C ILE B 18 -19.69 -13.19 -14.69
N ASP B 19 -19.54 -14.40 -14.18
CA ASP B 19 -20.04 -14.72 -12.85
C ASP B 19 -19.01 -14.41 -11.76
N GLY B 20 -18.04 -13.53 -12.00
CA GLY B 20 -17.10 -13.22 -10.93
C GLY B 20 -16.20 -12.04 -11.25
N TRP B 21 -15.15 -11.88 -10.46
CA TRP B 21 -14.17 -10.83 -10.69
C TRP B 21 -12.82 -11.39 -11.12
N TYR B 22 -12.46 -12.57 -10.64
CA TYR B 22 -11.16 -13.16 -10.93
C TYR B 22 -11.38 -14.60 -11.39
N GLY B 23 -10.76 -14.96 -12.50
CA GLY B 23 -11.03 -16.27 -13.05
C GLY B 23 -9.92 -16.77 -13.96
N TYR B 24 -10.21 -17.88 -14.62
CA TYR B 24 -9.23 -18.60 -15.41
C TYR B 24 -9.72 -18.72 -16.86
N HIS B 25 -8.83 -19.19 -17.72
CA HIS B 25 -9.19 -19.43 -19.11
C HIS B 25 -8.32 -20.60 -19.61
N HIS B 26 -8.96 -21.74 -19.84
CA HIS B 26 -8.21 -22.98 -20.08
C HIS B 26 -8.55 -23.53 -21.46
N GLN B 27 -7.57 -24.23 -22.05
CA GLN B 27 -7.73 -24.81 -23.38
C GLN B 27 -7.22 -26.26 -23.41
N ASN B 28 -7.82 -27.15 -22.64
CA ASN B 28 -7.42 -28.56 -22.74
C ASN B 28 -7.97 -29.20 -24.02
N GLU B 29 -7.84 -30.52 -24.08
CA GLU B 29 -8.10 -31.35 -25.25
C GLU B 29 -9.52 -31.18 -25.81
N GLN B 30 -10.49 -30.75 -25.00
CA GLN B 30 -11.87 -30.76 -25.51
C GLN B 30 -12.64 -29.45 -25.24
N GLY B 31 -11.99 -28.34 -24.92
CA GLY B 31 -12.78 -27.10 -24.75
C GLY B 31 -11.95 -25.84 -24.57
N SER B 32 -12.66 -24.72 -24.56
CA SER B 32 -12.15 -23.44 -24.09
C SER B 32 -12.72 -23.17 -22.69
N GLY B 33 -12.47 -21.97 -22.16
CA GLY B 33 -12.56 -21.79 -20.70
C GLY B 33 -13.58 -20.78 -20.20
N TYR B 34 -13.05 -19.74 -19.54
CA TYR B 34 -13.80 -18.72 -18.78
C TYR B 34 -14.61 -19.37 -17.65
N ALA B 35 -13.88 -19.82 -16.64
CA ALA B 35 -14.48 -20.19 -15.36
C ALA B 35 -13.94 -19.24 -14.28
N ALA B 36 -14.81 -18.82 -13.37
CA ALA B 36 -14.45 -17.89 -12.31
C ALA B 36 -13.81 -18.63 -11.12
N ASP B 37 -13.22 -17.85 -10.21
CA ASP B 37 -12.59 -18.38 -9.03
C ASP B 37 -13.38 -17.92 -7.81
N GLN B 38 -14.30 -18.78 -7.37
CA GLN B 38 -15.33 -18.39 -6.41
C GLN B 38 -14.75 -18.23 -4.99
N LYS B 39 -13.52 -18.64 -4.75
CA LYS B 39 -12.96 -18.54 -3.41
C LYS B 39 -12.53 -17.10 -3.13
N SER B 40 -11.73 -16.53 -4.03
CA SER B 40 -11.10 -15.23 -3.78
C SER B 40 -12.10 -14.09 -3.96
N THR B 41 -12.98 -14.23 -4.95
CA THR B 41 -13.97 -13.19 -5.23
C THR B 41 -14.95 -13.05 -4.06
N GLN B 42 -15.19 -14.12 -3.31
CA GLN B 42 -16.07 -14.02 -2.17
C GLN B 42 -15.42 -13.19 -1.05
N ASN B 43 -14.11 -13.36 -0.88
CA ASN B 43 -13.38 -12.56 0.11
C ASN B 43 -13.38 -11.08 -0.30
N ALA B 44 -13.27 -10.82 -1.60
CA ALA B 44 -13.32 -9.45 -2.09
C ALA B 44 -14.71 -8.83 -1.84
N ILE B 45 -15.76 -9.59 -2.08
CA ILE B 45 -17.12 -9.11 -1.87
C ILE B 45 -17.36 -8.82 -0.38
N ASP B 46 -16.85 -9.69 0.50
CA ASP B 46 -17.01 -9.51 1.94
C ASP B 46 -16.30 -8.24 2.40
N GLY B 47 -15.06 -8.04 1.93
CA GLY B 47 -14.27 -6.86 2.31
C GLY B 47 -14.93 -5.57 1.87
N ILE B 48 -15.39 -5.53 0.63
CA ILE B 48 -15.98 -4.31 0.08
C ILE B 48 -17.32 -4.01 0.76
N THR B 49 -18.11 -5.04 1.03
CA THR B 49 -19.39 -4.87 1.69
C THR B 49 -19.20 -4.29 3.09
N SER B 50 -18.24 -4.83 3.85
CA SER B 50 -17.95 -4.33 5.19
C SER B 50 -17.44 -2.89 5.12
N LYS B 51 -16.68 -2.55 4.09
CA LYS B 51 -16.13 -1.21 3.93
C LYS B 51 -17.25 -0.18 3.72
N VAL B 52 -18.18 -0.49 2.84
CA VAL B 52 -19.26 0.44 2.52
C VAL B 52 -20.18 0.60 3.72
N ASN B 53 -20.47 -0.49 4.43
CA ASN B 53 -21.34 -0.42 5.60
C ASN B 53 -20.68 0.37 6.73
N SER B 54 -19.36 0.25 6.86
CA SER B 54 -18.63 1.02 7.87
C SER B 54 -18.70 2.53 7.56
N VAL B 55 -18.49 2.89 6.30
CA VAL B 55 -18.52 4.29 5.89
C VAL B 55 -19.93 4.87 6.07
N ILE B 56 -20.97 4.07 5.84
CA ILE B 56 -22.35 4.51 6.09
C ILE B 56 -22.56 4.71 7.59
N GLU B 57 -22.15 3.76 8.42
CA GLU B 57 -22.55 3.82 9.83
C GLU B 57 -21.66 4.77 10.66
N LYS B 58 -20.60 5.33 10.08
CA LYS B 58 -19.87 6.36 10.83
C LYS B 58 -20.57 7.71 10.78
N MET B 59 -21.41 7.94 9.77
CA MET B 59 -22.07 9.23 9.61
C MET B 59 -23.44 9.20 10.29
N ASN B 60 -23.58 10.01 11.32
CA ASN B 60 -24.84 10.12 12.05
C ASN B 60 -25.82 10.97 11.25
N THR B 61 -27.09 10.63 11.37
CA THR B 61 -28.15 11.44 10.79
C THR B 61 -28.31 12.72 11.62
N GLN B 62 -28.84 13.75 11.00
CA GLN B 62 -29.12 14.98 11.74
C GLN B 62 -30.62 15.06 12.03
N PHE B 63 -30.93 15.70 13.15
CA PHE B 63 -32.31 15.96 13.53
C PHE B 63 -32.71 17.37 13.08
N THR B 64 -33.76 17.90 13.67
CA THR B 64 -34.37 19.14 13.18
C THR B 64 -33.44 20.32 13.40
N ALA B 65 -33.24 21.10 12.34
CA ALA B 65 -32.41 22.29 12.38
C ALA B 65 -33.16 23.42 11.64
N VAL B 66 -33.73 24.32 12.43
CA VAL B 66 -34.57 25.39 11.91
C VAL B 66 -33.87 26.71 12.21
N GLY B 67 -33.96 27.65 11.27
CA GLY B 67 -33.37 28.97 11.43
C GLY B 67 -33.98 29.77 12.57
N LYS B 68 -33.25 30.78 13.03
CA LYS B 68 -33.70 31.61 14.14
C LYS B 68 -33.96 33.03 13.65
N GLU B 69 -34.45 33.87 14.54
CA GLU B 69 -34.84 35.22 14.19
C GLU B 69 -34.21 36.22 15.16
N PHE B 70 -33.86 37.38 14.65
CA PHE B 70 -33.23 38.42 15.46
C PHE B 70 -33.74 39.78 15.00
N ASN B 71 -33.85 40.72 15.93
CA ASN B 71 -34.23 42.09 15.58
C ASN B 71 -32.97 42.89 15.21
N ASN B 72 -33.11 44.20 15.11
CA ASN B 72 -32.07 45.05 14.55
C ASN B 72 -31.02 45.47 15.59
N LEU B 73 -31.18 45.06 16.85
CA LEU B 73 -30.20 45.37 17.88
C LEU B 73 -29.48 44.10 18.36
N GLU B 74 -29.62 43.02 17.61
CA GLU B 74 -28.94 41.77 17.94
C GLU B 74 -28.17 41.29 16.71
N ARG B 75 -27.50 42.23 16.05
CA ARG B 75 -26.73 41.92 14.86
C ARG B 75 -25.52 41.04 15.21
N ARG B 76 -25.00 41.27 16.41
CA ARG B 76 -23.76 40.66 16.86
C ARG B 76 -23.95 39.15 17.04
N ILE B 77 -25.01 38.79 17.72
CA ILE B 77 -25.37 37.39 17.94
C ILE B 77 -25.74 36.72 16.61
N GLU B 78 -26.37 37.47 15.71
CA GLU B 78 -26.80 36.93 14.43
C GLU B 78 -25.58 36.55 13.57
N ASN B 79 -24.56 37.41 13.57
CA ASN B 79 -23.32 37.11 12.87
C ASN B 79 -22.62 35.91 13.50
N LEU B 80 -22.70 35.78 14.84
CA LEU B 80 -22.10 34.62 15.51
C LEU B 80 -22.79 33.33 15.08
N ASN B 81 -24.12 33.37 14.96
CA ASN B 81 -24.90 32.21 14.57
C ASN B 81 -24.53 31.77 13.15
N LYS B 82 -24.44 32.74 12.24
CA LYS B 82 -24.10 32.47 10.85
C LYS B 82 -22.69 31.88 10.77
N LYS B 83 -21.78 32.37 11.59
CA LYS B 83 -20.41 31.87 11.62
C LYS B 83 -20.38 30.41 12.05
N VAL B 84 -21.17 30.04 13.04
CA VAL B 84 -21.20 28.66 13.55
C VAL B 84 -21.73 27.73 12.46
N ASP B 85 -22.80 28.11 11.78
CA ASP B 85 -23.40 27.25 10.76
C ASP B 85 -22.46 27.05 9.58
N ASP B 86 -21.82 28.13 9.13
CA ASP B 86 -20.94 28.02 7.97
C ASP B 86 -19.67 27.23 8.31
N GLY B 87 -19.17 27.37 9.53
CA GLY B 87 -17.99 26.63 9.97
C GLY B 87 -18.24 25.14 9.97
N PHE B 88 -19.35 24.72 10.58
CA PHE B 88 -19.63 23.28 10.64
C PHE B 88 -19.92 22.70 9.25
N LEU B 89 -20.54 23.48 8.38
CA LEU B 89 -20.83 23.02 7.03
C LEU B 89 -19.52 22.80 6.26
N ASP B 90 -18.56 23.71 6.41
CA ASP B 90 -17.28 23.58 5.72
C ASP B 90 -16.51 22.35 6.22
N VAL B 91 -16.55 22.11 7.52
CA VAL B 91 -15.86 20.96 8.11
C VAL B 91 -16.45 19.66 7.56
N TRP B 92 -17.77 19.55 7.52
CA TRP B 92 -18.36 18.29 7.08
C TRP B 92 -18.17 18.07 5.57
N THR B 93 -18.22 19.11 4.77
CA THR B 93 -18.03 18.90 3.33
C THR B 93 -16.58 18.51 3.03
N TYR B 94 -15.64 19.05 3.79
CA TYR B 94 -14.24 18.67 3.67
C TYR B 94 -14.06 17.19 4.01
N ASN B 95 -14.64 16.75 5.13
CA ASN B 95 -14.47 15.38 5.58
C ASN B 95 -15.04 14.39 4.56
N ALA B 96 -16.22 14.72 4.00
CA ALA B 96 -16.89 13.83 3.04
C ALA B 96 -16.03 13.65 1.78
N GLU B 97 -15.60 14.75 1.19
CA GLU B 97 -14.87 14.68 -0.08
C GLU B 97 -13.52 13.97 0.11
N LEU B 98 -12.84 14.27 1.21
CA LEU B 98 -11.50 13.73 1.46
C LEU B 98 -11.60 12.22 1.73
N LEU B 99 -12.65 11.79 2.42
CA LEU B 99 -12.85 10.37 2.75
C LEU B 99 -13.06 9.57 1.46
N VAL B 100 -13.87 10.09 0.55
CA VAL B 100 -14.14 9.38 -0.71
C VAL B 100 -12.87 9.32 -1.56
N LEU B 101 -12.11 10.41 -1.64
CA LEU B 101 -10.89 10.44 -2.47
C LEU B 101 -9.85 9.45 -1.95
N LEU B 102 -9.71 9.26 -0.65
CA LEU B 102 -8.68 8.33 -0.21
C LEU B 102 -9.17 6.88 -0.33
N GLU B 103 -10.45 6.67 -0.09
CA GLU B 103 -11.04 5.34 -0.13
C GLU B 103 -10.96 4.76 -1.55
N ASN B 104 -10.98 5.60 -2.57
CA ASN B 104 -10.94 5.10 -3.94
C ASN B 104 -9.57 4.50 -4.30
N GLU B 105 -8.46 5.13 -3.90
CA GLU B 105 -7.17 4.50 -4.17
C GLU B 105 -7.02 3.22 -3.35
N ARG B 106 -7.56 3.21 -2.14
CA ARG B 106 -7.49 2.04 -1.31
C ARG B 106 -8.18 0.85 -2.01
N THR B 107 -9.37 1.07 -2.55
CA THR B 107 -10.11 -0.06 -3.15
C THR B 107 -9.50 -0.51 -4.48
N LEU B 108 -8.98 0.41 -5.28
CA LEU B 108 -8.37 -0.01 -6.54
C LEU B 108 -7.08 -0.80 -6.30
N ASP B 109 -6.29 -0.40 -5.32
CA ASP B 109 -5.08 -1.16 -4.99
C ASP B 109 -5.45 -2.51 -4.37
N PHE B 110 -6.58 -2.59 -3.69
CA PHE B 110 -7.05 -3.84 -3.14
C PHE B 110 -7.33 -4.86 -4.24
N HIS B 111 -8.01 -4.43 -5.30
CA HIS B 111 -8.28 -5.33 -6.43
C HIS B 111 -6.97 -5.75 -7.12
N ASP B 112 -6.05 -4.80 -7.26
CA ASP B 112 -4.78 -5.08 -7.92
C ASP B 112 -3.97 -6.13 -7.15
N SER B 113 -3.98 -6.02 -5.82
CA SER B 113 -3.30 -6.97 -4.96
C SER B 113 -3.92 -8.37 -5.09
N ASN B 114 -5.25 -8.43 -5.21
CA ASN B 114 -5.92 -9.72 -5.33
C ASN B 114 -5.51 -10.43 -6.63
N VAL B 115 -5.40 -9.69 -7.72
CA VAL B 115 -5.02 -10.30 -8.99
C VAL B 115 -3.58 -10.80 -8.92
N ARG B 116 -2.70 -10.03 -8.31
CA ARG B 116 -1.29 -10.44 -8.22
C ARG B 116 -1.14 -11.71 -7.36
N ASN B 117 -1.86 -11.78 -6.25
CA ASN B 117 -1.76 -12.95 -5.39
C ASN B 117 -2.34 -14.20 -6.07
N LEU B 118 -3.42 -14.01 -6.83
CA LEU B 118 -4.04 -15.13 -7.54
C LEU B 118 -3.10 -15.64 -8.65
N TYR B 119 -2.25 -14.78 -9.18
CA TYR B 119 -1.27 -15.23 -10.15
C TYR B 119 -0.12 -15.98 -9.45
N GLU B 120 0.36 -15.46 -8.33
CA GLU B 120 1.50 -16.04 -7.63
C GLU B 120 1.17 -17.44 -7.09
N LYS B 121 -0.09 -17.67 -6.72
CA LYS B 121 -0.50 -18.97 -6.19
C LYS B 121 -0.37 -20.04 -7.28
N VAL B 122 -0.89 -19.74 -8.46
CA VAL B 122 -0.87 -20.67 -9.58
C VAL B 122 0.57 -20.92 -10.02
N LYS B 123 1.41 -19.90 -10.01
CA LYS B 123 2.81 -20.09 -10.34
C LYS B 123 3.49 -21.00 -9.30
N SER B 124 3.15 -20.82 -8.03
CA SER B 124 3.85 -21.54 -6.96
C SER B 124 3.46 -23.02 -6.94
N GLN B 125 2.27 -23.37 -7.40
CA GLN B 125 1.90 -24.80 -7.38
C GLN B 125 2.12 -25.48 -8.73
N LEU B 126 2.84 -24.80 -9.63
CA LEU B 126 3.31 -25.33 -10.92
C LEU B 126 4.78 -24.92 -11.05
N ARG B 127 5.64 -25.47 -10.21
CA ARG B 127 7.03 -25.00 -10.03
C ARG B 127 7.87 -25.28 -11.28
N ASN B 128 7.88 -26.53 -11.76
CA ASN B 128 8.75 -26.93 -12.87
C ASN B 128 7.97 -27.13 -14.17
N ASN B 129 6.85 -27.83 -14.13
CA ASN B 129 6.10 -28.21 -15.35
C ASN B 129 5.10 -27.13 -15.79
N ALA B 130 5.56 -25.96 -16.24
CA ALA B 130 4.60 -24.94 -16.69
C ALA B 130 5.10 -24.20 -17.95
N LYS B 131 6.29 -23.58 -17.84
CA LYS B 131 6.84 -22.69 -18.88
C LYS B 131 5.86 -21.57 -19.19
N GLU B 132 5.84 -20.60 -18.28
CA GLU B 132 5.07 -19.37 -18.45
C GLU B 132 5.57 -18.60 -19.68
N ILE B 133 4.62 -18.00 -20.41
CA ILE B 133 4.88 -17.52 -21.77
C ILE B 133 4.59 -16.03 -21.91
N GLY B 134 3.85 -15.43 -20.98
CA GLY B 134 3.57 -14.00 -21.09
C GLY B 134 2.12 -13.70 -20.74
N ASN B 135 1.93 -12.47 -20.27
CA ASN B 135 0.68 -11.88 -19.71
C ASN B 135 -0.15 -12.89 -18.91
N GLY B 136 0.51 -13.65 -18.05
CA GLY B 136 -0.15 -14.58 -17.15
C GLY B 136 -0.77 -15.76 -17.87
N CYS B 137 0.04 -16.56 -18.53
CA CYS B 137 -0.40 -17.81 -19.12
C CYS B 137 0.67 -18.86 -18.87
N PHE B 138 0.27 -20.13 -18.84
CA PHE B 138 1.18 -21.20 -18.57
C PHE B 138 0.98 -22.25 -19.66
N GLU B 139 1.82 -23.26 -19.71
CA GLU B 139 1.67 -24.10 -20.82
C GLU B 139 2.02 -25.57 -20.58
N PHE B 140 2.00 -26.16 -19.39
CA PHE B 140 1.84 -27.60 -19.22
C PHE B 140 2.70 -28.50 -20.13
N TYR B 141 3.95 -28.80 -19.80
CA TYR B 141 4.67 -29.72 -20.61
C TYR B 141 3.94 -31.06 -20.64
N HIS B 142 3.40 -31.47 -19.54
CA HIS B 142 2.69 -32.69 -19.64
C HIS B 142 1.32 -32.47 -20.28
N LYS B 143 0.49 -33.50 -20.27
CA LYS B 143 -0.84 -33.41 -20.85
C LYS B 143 -1.87 -33.29 -19.73
N CYS B 144 -2.84 -32.40 -19.92
CA CYS B 144 -3.84 -32.10 -18.91
C CYS B 144 -5.24 -32.27 -19.49
N ASP B 145 -6.16 -32.70 -18.65
CA ASP B 145 -7.58 -32.78 -18.97
C ASP B 145 -8.35 -31.96 -17.93
N ASP B 146 -9.66 -32.13 -17.90
CA ASP B 146 -10.55 -31.34 -17.05
C ASP B 146 -10.24 -31.57 -15.56
N GLU B 147 -9.84 -32.79 -15.21
CA GLU B 147 -9.61 -33.12 -13.81
C GLU B 147 -8.38 -32.38 -13.26
N CYS B 148 -7.29 -32.36 -14.02
CA CYS B 148 -6.14 -31.57 -13.58
C CYS B 148 -6.42 -30.06 -13.69
N MET B 149 -7.40 -29.65 -14.49
CA MET B 149 -7.79 -28.24 -14.52
C MET B 149 -8.42 -27.86 -13.17
N GLU B 150 -9.38 -28.67 -12.71
CA GLU B 150 -10.03 -28.42 -11.43
C GLU B 150 -9.01 -28.60 -10.30
N SER B 151 -8.06 -29.51 -10.51
CA SER B 151 -6.99 -29.77 -9.55
C SER B 151 -6.13 -28.51 -9.36
N VAL B 152 -5.89 -27.78 -10.44
CA VAL B 152 -5.20 -26.51 -10.35
C VAL B 152 -6.11 -25.48 -9.66
N LYS B 153 -7.36 -25.40 -10.09
CA LYS B 153 -8.30 -24.40 -9.57
C LYS B 153 -8.45 -24.48 -8.04
N ASN B 154 -8.77 -25.65 -7.50
CA ASN B 154 -9.01 -25.80 -6.06
C ASN B 154 -7.76 -25.48 -5.24
N GLY B 155 -6.60 -25.93 -5.70
CA GLY B 155 -5.34 -25.67 -5.02
C GLY B 155 -4.74 -26.98 -4.56
N THR B 156 -5.12 -28.04 -5.25
CA THR B 156 -4.66 -29.39 -4.95
C THR B 156 -4.10 -30.00 -6.23
N TYR B 157 -2.83 -29.79 -6.50
CA TYR B 157 -2.28 -30.11 -7.82
C TYR B 157 -1.55 -31.46 -7.86
N ASP B 158 -0.96 -31.87 -6.73
CA ASP B 158 -0.13 -33.09 -6.55
C ASP B 158 0.88 -33.30 -7.70
N TYR B 159 1.73 -32.30 -7.85
CA TYR B 159 2.90 -32.23 -8.74
C TYR B 159 3.70 -33.54 -8.92
N PRO B 160 4.02 -34.31 -7.86
CA PRO B 160 4.80 -35.53 -8.09
C PRO B 160 4.09 -36.64 -8.89
N LYS B 161 2.82 -36.45 -9.20
CA LYS B 161 2.16 -37.39 -10.11
C LYS B 161 2.71 -37.22 -11.53
N TYR B 162 3.08 -36.00 -11.90
CA TYR B 162 3.42 -35.72 -13.30
C TYR B 162 4.91 -35.43 -13.49
N SER B 163 5.67 -35.34 -12.39
CA SER B 163 6.97 -34.67 -12.35
C SER B 163 8.00 -35.33 -13.28
N GLU B 164 7.87 -36.62 -13.49
CA GLU B 164 8.81 -37.33 -14.33
C GLU B 164 8.48 -37.09 -15.81
N GLU B 165 7.20 -37.13 -16.14
CA GLU B 165 6.77 -37.23 -17.52
C GLU B 165 7.02 -35.91 -18.25
N SER B 166 6.62 -34.83 -17.59
CA SER B 166 6.96 -33.46 -17.96
C SER B 166 8.46 -33.33 -18.26
N LYS B 167 9.28 -33.90 -17.38
CA LYS B 167 10.74 -33.78 -17.46
C LYS B 167 11.19 -34.28 -18.83
N LEU B 168 10.63 -35.41 -19.26
CA LEU B 168 10.94 -36.02 -20.56
C LEU B 168 10.68 -34.99 -21.67
N ASN B 169 9.48 -34.42 -21.68
CA ASN B 169 9.10 -33.48 -22.73
C ASN B 169 9.96 -32.22 -22.67
N ARG B 170 10.37 -31.82 -21.47
CA ARG B 170 11.20 -30.64 -21.34
C ARG B 170 12.55 -30.89 -22.02
N GLU B 171 13.09 -32.09 -21.80
CA GLU B 171 14.37 -32.44 -22.40
C GLU B 171 14.21 -32.69 -23.90
N GLU B 172 12.97 -32.86 -24.36
CA GLU B 172 12.75 -32.95 -25.79
C GLU B 172 12.89 -31.57 -26.44
N ILE B 173 12.45 -30.54 -25.74
CA ILE B 173 12.42 -29.21 -26.36
C ILE B 173 13.80 -28.55 -26.24
N ASP B 174 14.47 -28.79 -25.11
CA ASP B 174 15.84 -28.35 -24.93
C ASP B 174 16.74 -29.19 -25.85
N ASP C 1 28.34 -6.92 -21.46
CA ASP C 1 27.47 -5.71 -21.67
C ASP C 1 26.18 -5.88 -20.86
N THR C 2 25.81 -4.80 -20.17
CA THR C 2 24.82 -4.86 -19.11
C THR C 2 23.74 -3.79 -19.31
N ILE C 3 22.59 -3.98 -18.68
CA ILE C 3 21.71 -2.88 -18.26
C ILE C 3 21.56 -2.99 -16.75
N CYS C 4 21.75 -1.87 -16.06
CA CYS C 4 21.33 -1.76 -14.69
C CYS C 4 20.14 -0.80 -14.61
N VAL C 5 19.33 -0.95 -13.56
CA VAL C 5 18.14 -0.14 -13.35
C VAL C 5 18.28 0.56 -12.00
N GLY C 6 18.06 1.87 -11.99
CA GLY C 6 18.23 2.66 -10.80
C GLY C 6 17.34 3.89 -10.79
N TYR C 7 17.68 4.83 -9.92
CA TYR C 7 16.84 5.99 -9.70
C TYR C 7 17.71 7.21 -9.37
N HIS C 8 17.06 8.37 -9.41
CA HIS C 8 17.70 9.67 -9.33
C HIS C 8 18.20 9.93 -7.90
N ALA C 9 19.26 10.72 -7.81
CA ALA C 9 19.78 11.20 -6.53
C ALA C 9 20.21 12.65 -6.70
N ASN C 10 20.46 13.34 -5.59
CA ASN C 10 20.74 14.76 -5.66
C ASN C 10 21.63 15.21 -4.50
N ASN C 11 21.63 16.51 -4.25
CA ASN C 11 22.41 17.10 -3.19
C ASN C 11 21.53 18.04 -2.36
N SER C 12 20.21 17.82 -2.42
CA SER C 12 19.23 18.61 -1.69
C SER C 12 19.31 18.24 -0.20
N THR C 13 18.87 19.15 0.66
CA THR C 13 18.98 18.90 2.10
C THR C 13 17.65 19.13 2.82
N ASP C 14 16.56 19.31 2.09
CA ASP C 14 15.28 19.62 2.72
C ASP C 14 14.61 18.32 3.21
N THR C 15 14.07 18.42 4.41
CA THR C 15 13.58 17.26 5.15
C THR C 15 12.05 17.32 5.23
N VAL C 16 11.46 16.14 5.37
CA VAL C 16 10.02 15.96 5.40
C VAL C 16 9.70 15.00 6.54
N ASP C 17 8.72 15.36 7.35
CA ASP C 17 8.22 14.47 8.40
C ASP C 17 7.25 13.45 7.81
N THR C 18 7.21 12.28 8.41
CA THR C 18 6.31 11.22 7.97
C THR C 18 5.84 10.48 9.23
N VAL C 19 5.02 9.45 9.09
CA VAL C 19 4.48 8.78 10.25
C VAL C 19 5.54 7.87 10.88
N LEU C 20 6.19 7.04 10.08
CA LEU C 20 7.06 6.01 10.65
C LEU C 20 8.47 6.55 10.91
N GLU C 21 8.74 7.80 10.55
CA GLU C 21 10.10 8.32 10.55
C GLU C 21 10.06 9.84 10.65
N LYS C 22 11.11 10.44 11.17
CA LYS C 22 11.21 11.89 11.26
C LYS C 22 12.46 12.34 10.49
N ASN C 23 12.43 13.58 9.99
CA ASN C 23 13.54 14.18 9.23
C ASN C 23 14.01 13.27 8.10
N VAL C 24 13.17 13.08 7.09
CA VAL C 24 13.54 12.31 5.91
C VAL C 24 14.06 13.28 4.86
N THR C 25 15.22 13.00 4.28
CA THR C 25 15.77 13.89 3.28
C THR C 25 15.18 13.54 1.91
N VAL C 26 14.48 14.49 1.32
CA VAL C 26 13.78 14.21 0.07
C VAL C 26 14.50 14.98 -1.06
N THR C 27 14.23 14.60 -2.30
CA THR C 27 14.93 15.24 -3.41
C THR C 27 14.24 16.53 -3.82
N HIS C 28 12.93 16.46 -4.04
CA HIS C 28 12.14 17.64 -4.37
C HIS C 28 10.98 17.76 -3.38
N SER C 29 10.59 18.98 -3.06
CA SER C 29 9.48 19.21 -2.16
C SER C 29 8.81 20.54 -2.50
N VAL C 30 7.76 20.88 -1.76
CA VAL C 30 7.02 22.11 -1.97
C VAL C 30 6.47 22.58 -0.62
N ASN C 31 6.55 23.89 -0.40
CA ASN C 31 6.08 24.47 0.84
C ASN C 31 4.58 24.78 0.71
N LEU C 32 3.87 24.72 1.83
CA LEU C 32 2.44 25.00 1.85
C LEU C 32 2.08 25.89 3.02
N LEU C 33 2.95 26.82 3.41
CA LEU C 33 2.73 27.59 4.63
C LEU C 33 3.46 28.92 4.50
N GLU C 34 2.70 30.00 4.59
CA GLU C 34 3.25 31.34 4.36
C GLU C 34 3.67 31.97 5.69
N ASP C 35 4.82 32.64 5.69
CA ASP C 35 5.33 33.27 6.90
C ASP C 35 5.61 34.77 6.71
N SER C 36 6.01 35.15 5.51
CA SER C 36 6.53 36.50 5.28
C SER C 36 5.38 37.48 5.11
N HIS C 37 5.63 38.71 5.54
CA HIS C 37 4.71 39.82 5.39
C HIS C 37 5.54 41.11 5.43
N ASN C 38 5.07 42.13 4.73
CA ASN C 38 5.68 43.43 4.91
C ASN C 38 5.18 44.05 6.22
N GLY C 39 5.71 45.21 6.57
CA GLY C 39 5.31 45.88 7.78
C GLY C 39 4.35 47.01 7.51
N LYS C 40 3.73 47.00 6.32
CA LYS C 40 2.99 48.14 5.84
C LYS C 40 1.49 47.88 5.95
N LEU C 41 0.69 48.89 5.64
CA LEU C 41 -0.75 48.76 5.57
C LEU C 41 -1.24 49.37 4.26
N CYS C 42 -1.35 48.54 3.25
CA CYS C 42 -1.70 49.04 1.93
C CYS C 42 -3.22 49.12 1.77
N SER C 43 -3.67 49.36 0.55
CA SER C 43 -5.07 49.65 0.27
C SER C 43 -5.72 48.46 -0.44
N LEU C 44 -6.92 48.09 0.00
CA LEU C 44 -7.67 47.01 -0.63
C LEU C 44 -8.21 47.48 -1.97
N ASN C 45 -7.67 46.90 -3.04
CA ASN C 45 -8.16 47.05 -4.42
C ASN C 45 -8.16 48.52 -4.86
N GLY C 46 -7.18 49.28 -4.40
CA GLY C 46 -7.00 50.66 -4.85
C GLY C 46 -7.93 51.66 -4.15
N ILE C 47 -8.33 51.39 -2.91
CA ILE C 47 -9.08 52.36 -2.13
C ILE C 47 -8.42 52.44 -0.75
N ALA C 48 -7.99 53.64 -0.38
CA ALA C 48 -7.19 53.86 0.83
C ALA C 48 -8.00 53.52 2.09
N PRO C 49 -7.33 53.08 3.16
CA PRO C 49 -8.03 52.92 4.43
C PRO C 49 -8.25 54.26 5.12
N LEU C 50 -8.85 54.22 6.29
CA LEU C 50 -9.16 55.42 7.04
C LEU C 50 -8.53 55.26 8.43
N GLN C 51 -7.50 56.06 8.69
CA GLN C 51 -6.76 55.95 9.94
C GLN C 51 -7.31 56.98 10.93
N LEU C 52 -7.83 56.49 12.04
CA LEU C 52 -8.40 57.38 13.05
C LEU C 52 -7.31 58.11 13.82
N GLY C 53 -6.10 57.56 13.85
CA GLY C 53 -4.99 58.16 14.59
C GLY C 53 -5.21 58.05 16.09
N LYS C 54 -5.29 59.19 16.77
CA LYS C 54 -5.47 59.22 18.21
C LYS C 54 -6.95 59.32 18.58
N CYS C 55 -7.84 59.05 17.63
CA CYS C 55 -9.26 59.23 17.86
C CYS C 55 -9.99 57.90 17.89
N ASN C 56 -11.10 57.90 18.60
CA ASN C 56 -11.93 56.74 18.74
C ASN C 56 -13.09 56.83 17.74
N VAL C 57 -13.86 55.76 17.60
CA VAL C 57 -14.99 55.77 16.67
C VAL C 57 -16.08 56.69 17.22
N ALA C 58 -16.26 56.67 18.55
CA ALA C 58 -17.21 57.57 19.21
C ALA C 58 -16.79 59.03 18.99
N GLY C 59 -15.50 59.30 19.18
CA GLY C 59 -14.96 60.63 18.96
C GLY C 59 -15.06 61.08 17.52
N TRP C 60 -15.03 60.13 16.60
CA TRP C 60 -15.13 60.50 15.20
C TRP C 60 -16.57 60.81 14.83
N LEU C 61 -17.53 60.02 15.29
CA LEU C 61 -18.89 60.28 14.88
C LEU C 61 -19.49 61.48 15.61
N LEU C 62 -19.16 61.66 16.88
CA LEU C 62 -19.69 62.80 17.60
C LEU C 62 -19.00 64.10 17.18
N GLY C 63 -17.75 64.02 16.76
CA GLY C 63 -17.01 65.23 16.40
C GLY C 63 -16.31 65.81 17.61
N ASN C 64 -15.53 64.97 18.28
CA ASN C 64 -14.64 65.38 19.33
C ASN C 64 -13.65 66.41 18.75
N PRO C 65 -13.57 67.63 19.32
CA PRO C 65 -12.87 68.71 18.64
C PRO C 65 -11.36 68.52 18.42
N GLU C 66 -10.75 67.60 19.15
CA GLU C 66 -9.35 67.28 18.88
C GLU C 66 -9.23 66.30 17.70
N CYS C 67 -10.33 65.73 17.26
CA CYS C 67 -10.36 64.91 16.05
C CYS C 67 -10.78 65.77 14.86
N ASP C 68 -10.13 66.91 14.70
CA ASP C 68 -10.55 67.89 13.73
C ASP C 68 -9.95 67.59 12.35
N LEU C 69 -8.90 66.77 12.32
CA LEU C 69 -8.16 66.49 11.08
C LEU C 69 -9.03 65.66 10.13
N LEU C 70 -9.69 64.64 10.66
CA LEU C 70 -10.43 63.68 9.83
C LEU C 70 -11.91 64.08 9.73
N LEU C 71 -12.11 65.32 9.34
CA LEU C 71 -13.46 65.88 9.28
C LEU C 71 -14.04 65.80 7.87
N THR C 72 -13.18 65.62 6.86
CA THR C 72 -13.62 65.65 5.46
C THR C 72 -13.60 64.25 4.85
N ALA C 73 -13.28 63.23 5.65
CA ALA C 73 -13.19 61.86 5.16
C ALA C 73 -14.60 61.30 4.93
N ASN C 74 -14.77 60.57 3.85
CA ASN C 74 -16.10 60.01 3.57
C ASN C 74 -16.03 58.64 2.88
N SER C 75 -14.84 58.08 2.67
CA SER C 75 -14.75 56.79 1.98
C SER C 75 -13.52 56.03 2.47
N TRP C 76 -13.64 54.71 2.52
CA TRP C 76 -12.55 53.88 3.01
C TRP C 76 -12.72 52.45 2.50
N SER C 77 -11.79 51.60 2.95
CA SER C 77 -11.85 50.15 2.79
C SER C 77 -11.97 49.46 4.14
N TYR C 78 -11.27 49.99 5.14
CA TYR C 78 -11.31 49.49 6.50
C TYR C 78 -10.81 50.62 7.41
N ILE C 79 -11.14 50.51 8.69
CA ILE C 79 -10.86 51.56 9.65
C ILE C 79 -9.71 51.09 10.56
N ILE C 80 -8.74 51.96 10.79
CA ILE C 80 -7.59 51.62 11.61
C ILE C 80 -7.66 52.43 12.91
N GLU C 81 -7.70 51.72 14.03
CA GLU C 81 -7.42 52.33 15.32
C GLU C 81 -5.98 51.99 15.73
N THR C 82 -5.48 52.74 16.69
CA THR C 82 -4.14 52.50 17.22
C THR C 82 -4.26 52.16 18.70
N SER C 83 -3.10 52.10 19.36
CA SER C 83 -3.05 51.91 20.80
C SER C 83 -3.08 53.25 21.53
N ASN C 84 -3.18 54.35 20.80
CA ASN C 84 -3.24 55.68 21.42
C ASN C 84 -4.55 56.39 21.06
N SER C 85 -5.56 55.63 20.65
CA SER C 85 -6.87 56.19 20.30
C SER C 85 -7.68 56.32 21.60
N GLU C 86 -7.65 57.51 22.18
CA GLU C 86 -8.31 57.71 23.48
C GLU C 86 -9.35 58.84 23.44
N ASN C 87 -9.24 59.73 22.46
CA ASN C 87 -10.14 60.88 22.37
C ASN C 87 -11.51 60.43 21.87
N GLY C 88 -12.35 59.99 22.81
CA GLY C 88 -13.68 59.50 22.47
C GLY C 88 -14.80 60.45 22.88
N THR C 89 -15.14 60.43 24.15
CA THR C 89 -16.22 61.27 24.67
C THR C 89 -15.62 62.25 25.66
N CYS C 90 -15.63 63.54 25.31
CA CYS C 90 -15.00 64.53 26.15
C CYS C 90 -15.87 64.80 27.39
N TYR C 91 -17.15 65.08 27.20
CA TYR C 91 -18.02 65.18 28.36
C TYR C 91 -18.37 63.75 28.83
N PRO C 92 -18.28 63.48 30.13
CA PRO C 92 -18.38 62.09 30.57
C PRO C 92 -19.81 61.54 30.49
N GLY C 93 -19.94 60.24 30.30
CA GLY C 93 -21.24 59.62 30.20
C GLY C 93 -21.17 58.21 29.65
N GLU C 94 -22.16 57.84 28.83
CA GLU C 94 -22.26 56.47 28.36
C GLU C 94 -22.92 56.44 26.98
N PHE C 95 -22.14 56.08 25.98
CA PHE C 95 -22.67 55.85 24.64
C PHE C 95 -23.44 54.53 24.69
N ILE C 96 -24.74 54.60 24.46
CA ILE C 96 -25.59 53.41 24.61
C ILE C 96 -25.61 52.63 23.29
N ASP C 97 -25.41 51.32 23.39
CA ASP C 97 -25.30 50.39 22.24
C ASP C 97 -24.16 50.81 21.33
N TYR C 98 -22.98 50.92 21.90
CA TYR C 98 -21.81 51.32 21.14
C TYR C 98 -21.30 50.16 20.28
N GLU C 99 -21.45 48.94 20.77
CA GLU C 99 -20.91 47.78 20.06
C GLU C 99 -21.79 47.41 18.86
N GLU C 100 -23.11 47.54 19.00
CA GLU C 100 -24.02 47.31 17.89
C GLU C 100 -23.77 48.33 16.77
N LEU C 101 -23.40 49.54 17.15
CA LEU C 101 -23.08 50.59 16.18
C LEU C 101 -21.76 50.23 15.48
N ARG C 102 -20.81 49.68 16.21
CA ARG C 102 -19.57 49.23 15.58
C ARG C 102 -19.80 48.01 14.66
N GLU C 103 -20.85 47.24 14.90
CA GLU C 103 -21.12 46.11 14.01
C GLU C 103 -21.92 46.55 12.78
N GLN C 104 -22.82 47.52 12.93
CA GLN C 104 -23.50 48.11 11.79
C GLN C 104 -22.48 48.83 10.90
N LEU C 105 -21.45 49.40 11.51
CA LEU C 105 -20.49 50.24 10.81
C LEU C 105 -19.55 49.40 9.93
N SER C 106 -19.49 48.09 10.17
CA SER C 106 -18.57 47.22 9.42
C SER C 106 -19.22 46.68 8.14
N SER C 107 -20.24 47.36 7.63
CA SER C 107 -20.87 46.94 6.38
C SER C 107 -21.14 48.14 5.48
N VAL C 108 -20.54 49.28 5.81
CA VAL C 108 -20.76 50.52 5.11
C VAL C 108 -19.43 50.96 4.50
N SER C 109 -19.42 51.17 3.20
CA SER C 109 -18.19 51.57 2.51
C SER C 109 -17.98 53.08 2.65
N SER C 110 -19.01 53.85 2.30
CA SER C 110 -18.86 55.30 2.23
C SER C 110 -20.16 55.98 2.71
N PHE C 111 -20.04 57.22 3.15
CA PHE C 111 -21.23 57.98 3.52
C PHE C 111 -21.17 59.38 2.91
N GLU C 112 -22.21 60.15 3.21
CA GLU C 112 -22.29 61.55 2.84
C GLU C 112 -22.80 62.32 4.07
N LYS C 113 -21.98 63.24 4.58
CA LYS C 113 -22.35 63.99 5.77
C LYS C 113 -23.12 65.24 5.34
N PHE C 114 -24.31 65.42 5.92
CA PHE C 114 -25.08 66.60 5.64
C PHE C 114 -25.66 67.15 6.94
N GLU C 115 -26.46 68.19 6.80
CA GLU C 115 -26.92 68.97 7.94
C GLU C 115 -28.44 68.88 8.02
N ILE C 116 -28.95 68.26 9.09
CA ILE C 116 -30.40 68.12 9.24
C ILE C 116 -30.99 69.47 9.67
N PHE C 117 -30.62 69.91 10.86
CA PHE C 117 -31.19 71.12 11.41
C PHE C 117 -30.11 72.20 11.48
N PRO C 118 -30.16 73.21 10.59
CA PRO C 118 -29.14 74.25 10.62
C PRO C 118 -29.24 75.11 11.89
N LYS C 119 -28.09 75.57 12.38
CA LYS C 119 -28.05 76.25 13.66
C LYS C 119 -28.70 77.64 13.57
N ALA C 120 -28.73 78.22 12.38
CA ALA C 120 -29.21 79.59 12.22
C ALA C 120 -30.75 79.67 12.29
N SER C 121 -31.45 78.75 11.63
CA SER C 121 -32.87 78.93 11.36
C SER C 121 -33.76 77.99 12.19
N SER C 122 -33.28 76.81 12.54
CA SER C 122 -34.15 75.75 13.06
C SER C 122 -34.53 75.98 14.53
N TRP C 123 -33.81 76.84 15.24
CA TRP C 123 -34.05 77.05 16.66
C TRP C 123 -34.23 78.55 16.94
N PRO C 124 -35.39 79.10 16.62
CA PRO C 124 -35.58 80.55 16.73
C PRO C 124 -35.92 81.06 18.13
N ASN C 125 -36.44 80.19 19.00
CA ASN C 125 -36.92 80.63 20.31
C ASN C 125 -35.85 80.45 21.38
N HIS C 126 -35.01 79.42 21.25
CA HIS C 126 -34.08 79.05 22.30
C HIS C 126 -32.73 79.74 22.08
N GLU C 127 -31.72 79.34 22.84
CA GLU C 127 -30.39 79.91 22.73
C GLU C 127 -29.45 78.85 22.17
N THR C 128 -28.91 79.12 21.00
CA THR C 128 -28.06 78.15 20.31
C THR C 128 -26.65 78.16 20.88
N THR C 129 -26.09 79.35 21.06
CA THR C 129 -24.76 79.48 21.63
C THR C 129 -24.84 79.40 23.16
N LYS C 130 -23.71 79.65 23.82
CA LYS C 130 -23.53 79.55 25.28
C LYS C 130 -23.79 78.11 25.76
N GLY C 131 -23.53 77.14 24.89
CA GLY C 131 -23.69 75.74 25.22
C GLY C 131 -22.35 75.02 25.27
N VAL C 132 -21.43 75.57 26.04
CA VAL C 132 -20.04 75.22 25.93
C VAL C 132 -19.48 74.89 27.32
N THR C 133 -18.70 73.82 27.41
CA THR C 133 -18.09 73.44 28.69
C THR C 133 -16.58 73.37 28.56
N ALA C 134 -15.93 73.25 29.71
CA ALA C 134 -14.48 73.23 29.84
C ALA C 134 -13.93 71.80 29.80
N ALA C 135 -14.80 70.80 29.86
CA ALA C 135 -14.36 69.40 29.75
C ALA C 135 -14.08 69.03 28.29
N CYS C 136 -14.54 69.86 27.35
CA CYS C 136 -14.22 69.69 25.95
C CYS C 136 -13.50 70.95 25.50
N SER C 137 -12.21 70.98 25.79
CA SER C 137 -11.40 72.19 25.67
C SER C 137 -10.53 72.10 24.43
N TYR C 138 -10.61 73.10 23.57
CA TYR C 138 -9.86 73.10 22.32
C TYR C 138 -9.00 74.36 22.22
N SER C 139 -7.70 74.15 22.07
CA SER C 139 -6.68 75.21 21.89
C SER C 139 -6.72 76.21 23.06
N GLY C 140 -6.80 75.69 24.28
CA GLY C 140 -6.80 76.52 25.48
C GLY C 140 -8.19 76.96 25.89
N ALA C 141 -9.04 77.29 24.92
CA ALA C 141 -10.39 77.79 25.19
C ALA C 141 -11.33 76.62 25.52
N SER C 142 -12.63 76.90 25.57
CA SER C 142 -13.65 75.87 25.78
C SER C 142 -14.45 75.69 24.48
N SER C 143 -14.86 74.46 24.20
CA SER C 143 -15.61 74.16 23.00
C SER C 143 -16.58 73.01 23.28
N PHE C 144 -17.12 72.42 22.21
CA PHE C 144 -18.10 71.35 22.29
C PHE C 144 -18.04 70.56 20.98
N TYR C 145 -18.83 69.49 20.89
CA TYR C 145 -18.84 68.60 19.73
C TYR C 145 -19.22 69.36 18.45
N ARG C 146 -18.79 68.80 17.32
CA ARG C 146 -18.98 69.46 16.04
C ARG C 146 -20.19 68.90 15.29
N ASN C 147 -20.87 67.91 15.85
CA ASN C 147 -22.04 67.35 15.20
C ASN C 147 -23.30 67.51 16.06
N LEU C 148 -23.16 67.83 17.33
CA LEU C 148 -24.31 67.99 18.19
C LEU C 148 -24.47 69.47 18.54
N LEU C 149 -25.49 69.77 19.33
CA LEU C 149 -25.80 71.15 19.67
C LEU C 149 -26.52 71.19 21.02
N TRP C 150 -25.82 71.68 22.02
CA TRP C 150 -26.42 72.02 23.30
C TRP C 150 -27.46 73.12 23.07
N ILE C 151 -28.55 73.08 23.84
CA ILE C 151 -29.60 74.09 23.72
C ILE C 151 -29.92 74.63 25.10
N THR C 152 -29.86 75.94 25.23
CA THR C 152 -30.28 76.62 26.45
C THR C 152 -31.32 77.68 26.09
N LYS C 153 -31.63 78.55 27.03
CA LYS C 153 -32.83 79.38 26.98
C LYS C 153 -32.49 80.81 26.55
N LYS C 154 -33.43 81.44 25.87
CA LYS C 154 -33.26 82.82 25.44
C LYS C 154 -34.12 83.74 26.32
N GLY C 155 -33.56 84.13 27.46
CA GLY C 155 -34.18 85.11 28.35
C GLY C 155 -35.08 84.48 29.41
N THR C 156 -34.59 83.40 30.04
CA THR C 156 -35.23 82.73 31.20
C THR C 156 -36.64 82.22 30.85
N SER C 157 -36.83 81.84 29.60
CA SER C 157 -38.11 81.32 29.12
C SER C 157 -37.81 80.15 28.18
N TYR C 158 -38.29 78.97 28.56
CA TYR C 158 -38.04 77.75 27.79
C TYR C 158 -39.38 77.20 27.30
N PRO C 159 -39.77 77.59 26.09
CA PRO C 159 -41.01 77.05 25.53
C PRO C 159 -40.80 75.58 25.13
N LYS C 160 -41.90 74.86 25.01
CA LYS C 160 -41.88 73.48 24.60
C LYS C 160 -41.54 73.41 23.10
N LEU C 161 -40.62 72.51 22.75
CA LEU C 161 -40.20 72.42 21.35
C LEU C 161 -40.60 71.07 20.73
N SER C 162 -40.90 71.14 19.45
CA SER C 162 -41.15 69.95 18.65
C SER C 162 -40.68 70.23 17.22
N LYS C 163 -39.82 69.37 16.70
CA LYS C 163 -39.28 69.55 15.37
C LYS C 163 -39.21 68.18 14.68
N SER C 164 -39.55 68.15 13.40
CA SER C 164 -39.60 66.89 12.68
C SER C 164 -38.60 66.90 11.53
N TYR C 165 -38.54 65.77 10.81
CA TYR C 165 -37.70 65.63 9.62
C TYR C 165 -38.16 64.41 8.83
N THR C 166 -38.19 64.54 7.50
CA THR C 166 -38.38 63.40 6.61
C THR C 166 -37.12 63.26 5.78
N ASN C 167 -36.83 62.05 5.31
CA ASN C 167 -35.71 61.91 4.39
C ASN C 167 -36.21 61.67 2.97
N ASN C 168 -35.33 61.90 2.02
CA ASN C 168 -35.63 61.71 0.61
C ASN C 168 -34.38 61.24 -0.14
N LYS C 169 -33.32 60.90 0.59
CA LYS C 169 -32.02 60.55 0.01
C LYS C 169 -32.05 59.16 -0.64
N GLY C 170 -33.06 58.36 -0.34
CA GLY C 170 -33.12 56.99 -0.85
C GLY C 170 -32.19 56.03 -0.11
N LYS C 171 -31.42 56.54 0.84
CA LYS C 171 -30.49 55.72 1.62
C LYS C 171 -30.88 55.84 3.10
N GLU C 172 -30.33 54.97 3.92
CA GLU C 172 -30.62 55.04 5.36
C GLU C 172 -29.80 56.18 5.97
N VAL C 173 -30.42 56.86 6.93
CA VAL C 173 -29.80 58.00 7.58
C VAL C 173 -29.53 57.63 9.04
N LEU C 174 -28.34 57.97 9.52
CA LEU C 174 -27.87 57.58 10.87
C LEU C 174 -27.87 58.82 11.74
N VAL C 175 -28.82 58.91 12.66
CA VAL C 175 -29.07 60.12 13.44
C VAL C 175 -28.58 59.88 14.87
N LEU C 176 -27.84 60.85 15.41
CA LEU C 176 -27.36 60.78 16.80
C LEU C 176 -27.97 61.93 17.60
N TRP C 177 -28.17 61.70 18.89
CA TRP C 177 -28.51 62.78 19.79
C TRP C 177 -28.04 62.43 21.20
N GLY C 178 -28.37 63.30 22.16
CA GLY C 178 -27.94 63.10 23.53
C GLY C 178 -28.94 63.66 24.51
N VAL C 179 -28.84 63.19 25.75
CA VAL C 179 -29.67 63.67 26.84
C VAL C 179 -28.76 63.99 28.03
N HIS C 180 -28.78 65.25 28.44
CA HIS C 180 -27.98 65.71 29.56
C HIS C 180 -28.79 65.53 30.85
N HIS C 181 -28.12 65.25 31.95
CA HIS C 181 -28.79 65.44 33.24
C HIS C 181 -27.83 65.93 34.32
N PRO C 182 -28.14 67.07 34.91
CA PRO C 182 -27.23 67.73 35.84
C PRO C 182 -27.22 67.01 37.20
N PRO C 183 -26.26 67.33 38.07
CA PRO C 183 -26.23 66.61 39.34
C PRO C 183 -27.09 67.23 40.45
N SER C 184 -27.45 68.49 40.34
CA SER C 184 -28.14 69.20 41.42
C SER C 184 -29.40 69.88 40.88
N VAL C 185 -30.41 69.99 41.73
CA VAL C 185 -31.71 70.51 41.37
C VAL C 185 -31.61 72.00 41.03
N SER C 186 -30.70 72.70 41.71
CA SER C 186 -30.42 74.10 41.41
C SER C 186 -29.83 74.24 39.99
N GLU C 187 -29.03 73.27 39.58
CA GLU C 187 -28.43 73.30 38.25
C GLU C 187 -29.49 73.06 37.18
N GLN C 188 -30.42 72.15 37.47
CA GLN C 188 -31.56 71.87 36.60
C GLN C 188 -32.44 73.12 36.46
N GLN C 189 -32.64 73.83 37.58
CA GLN C 189 -33.43 75.05 37.59
C GLN C 189 -32.71 76.16 36.80
N SER C 190 -31.39 76.21 36.93
CA SER C 190 -30.61 77.28 36.32
C SER C 190 -30.53 77.09 34.80
N LEU C 191 -30.39 75.86 34.36
CA LEU C 191 -30.14 75.62 32.95
C LEU C 191 -31.44 75.59 32.15
N TYR C 192 -32.57 75.22 32.75
CA TYR C 192 -33.75 74.95 31.93
C TYR C 192 -35.08 75.48 32.49
N GLN C 193 -35.07 76.15 33.65
CA GLN C 193 -36.26 76.80 34.27
C GLN C 193 -37.38 75.83 34.64
N ASN C 194 -37.21 74.53 34.47
CA ASN C 194 -38.31 73.61 34.64
C ASN C 194 -37.81 72.40 35.43
N ALA C 195 -38.29 72.28 36.67
CA ALA C 195 -37.87 71.21 37.58
C ALA C 195 -38.32 69.84 37.06
N ASP C 196 -39.42 69.82 36.31
CA ASP C 196 -39.84 68.63 35.60
C ASP C 196 -39.42 68.78 34.13
N ALA C 197 -39.04 67.66 33.52
CA ALA C 197 -38.58 67.65 32.15
C ALA C 197 -38.73 66.25 31.56
N TYR C 198 -38.69 66.19 30.24
CA TYR C 198 -38.68 64.96 29.47
C TYR C 198 -38.27 65.30 28.03
N VAL C 199 -37.70 64.33 27.34
CA VAL C 199 -37.64 64.41 25.89
C VAL C 199 -38.34 63.18 25.33
N SER C 200 -38.66 63.21 24.06
CA SER C 200 -39.40 62.11 23.45
C SER C 200 -39.05 62.07 21.96
N VAL C 201 -38.72 60.87 21.49
CA VAL C 201 -38.32 60.65 20.12
C VAL C 201 -39.28 59.63 19.51
N GLY C 202 -39.81 59.96 18.33
CA GLY C 202 -40.76 59.08 17.66
C GLY C 202 -40.43 58.92 16.19
N SER C 203 -40.67 57.71 15.69
CA SER C 203 -40.65 57.40 14.26
C SER C 203 -41.65 56.26 14.02
N SER C 204 -41.52 55.54 12.91
CA SER C 204 -42.40 54.41 12.65
C SER C 204 -42.05 53.21 13.53
N LYS C 205 -40.78 52.98 13.76
CA LYS C 205 -40.37 51.76 14.45
C LYS C 205 -39.53 52.07 15.70
N TYR C 206 -39.31 53.35 15.99
CA TYR C 206 -38.60 53.74 17.19
C TYR C 206 -39.48 54.68 18.00
N ASN C 207 -39.55 54.45 19.30
CA ASN C 207 -40.40 55.23 20.16
C ASN C 207 -39.84 55.17 21.58
N ARG C 208 -39.36 56.29 22.11
CA ARG C 208 -38.96 56.29 23.52
C ARG C 208 -39.16 57.68 24.13
N ARG C 209 -39.60 57.68 25.38
CA ARG C 209 -39.64 58.87 26.22
C ARG C 209 -38.54 58.77 27.27
N PHE C 210 -37.77 59.84 27.41
CA PHE C 210 -36.69 59.91 28.39
C PHE C 210 -37.03 60.95 29.45
N ALA C 211 -36.66 60.63 30.69
CA ALA C 211 -36.71 61.57 31.79
C ALA C 211 -35.31 61.77 32.35
N PRO C 212 -34.96 63.00 32.74
CA PRO C 212 -33.70 63.20 33.41
C PRO C 212 -33.73 62.66 34.84
N GLU C 213 -32.56 62.46 35.40
CA GLU C 213 -32.44 62.09 36.79
C GLU C 213 -31.37 62.98 37.44
N ILE C 214 -31.67 63.44 38.65
CA ILE C 214 -30.77 64.33 39.37
C ILE C 214 -30.30 63.59 40.62
N ALA C 215 -28.98 63.40 40.72
CA ALA C 215 -28.38 62.70 41.84
C ALA C 215 -26.94 63.18 42.02
N ALA C 216 -26.35 62.87 43.17
CA ALA C 216 -24.97 63.22 43.46
C ALA C 216 -24.07 62.03 43.11
N ARG C 217 -22.91 62.33 42.54
CA ARG C 217 -21.99 61.33 42.02
C ARG C 217 -20.61 61.98 41.88
N PRO C 218 -19.54 61.17 41.96
CA PRO C 218 -18.19 61.72 41.96
C PRO C 218 -17.79 62.36 40.62
N LYS C 219 -16.82 63.27 40.68
CA LYS C 219 -16.42 64.03 39.51
C LYS C 219 -15.56 63.18 38.58
N VAL C 220 -15.75 63.37 37.28
CA VAL C 220 -14.86 62.85 36.25
C VAL C 220 -14.62 63.99 35.26
N ARG C 221 -13.34 64.27 35.02
CA ARG C 221 -12.87 65.38 34.16
C ARG C 221 -13.42 66.71 34.66
N GLY C 222 -13.54 66.84 35.99
CA GLY C 222 -14.03 68.04 36.66
C GLY C 222 -15.49 68.32 36.38
N GLN C 223 -16.28 67.29 36.11
CA GLN C 223 -17.72 67.45 35.90
C GLN C 223 -18.45 66.42 36.75
N ALA C 224 -19.57 66.84 37.33
CA ALA C 224 -20.40 65.97 38.17
C ALA C 224 -21.68 65.54 37.43
N GLY C 225 -22.01 66.20 36.33
CA GLY C 225 -23.15 65.79 35.51
C GLY C 225 -22.79 64.60 34.63
N ARG C 226 -23.78 64.09 33.93
CA ARG C 226 -23.56 63.03 32.96
C ARG C 226 -24.40 63.32 31.71
N MET C 227 -24.09 62.59 30.66
CA MET C 227 -24.77 62.76 29.40
C MET C 227 -24.85 61.40 28.72
N ASN C 228 -26.00 61.11 28.12
CA ASN C 228 -26.19 59.85 27.43
C ASN C 228 -26.35 60.09 25.94
N TYR C 229 -25.86 59.15 25.14
CA TYR C 229 -25.82 59.31 23.70
C TYR C 229 -26.61 58.20 23.02
N TYR C 230 -27.32 58.54 21.94
CA TYR C 230 -28.20 57.60 21.29
C TYR C 230 -28.10 57.76 19.77
N TRP C 231 -28.50 56.71 19.07
CA TRP C 231 -28.42 56.67 17.62
C TRP C 231 -29.54 55.81 17.05
N THR C 232 -29.94 56.12 15.82
CA THR C 232 -31.03 55.43 15.15
C THR C 232 -30.83 55.48 13.63
N LEU C 233 -31.04 54.34 12.97
CA LEU C 233 -31.10 54.29 11.52
C LEU C 233 -32.53 54.55 11.05
N LEU C 234 -32.73 55.63 10.30
CA LEU C 234 -33.98 55.83 9.58
C LEU C 234 -34.03 54.93 8.35
N ASP C 235 -35.20 54.89 7.70
CA ASP C 235 -35.30 54.29 6.39
C ASP C 235 -35.57 55.39 5.38
N GLN C 236 -35.57 55.02 4.10
CA GLN C 236 -36.05 55.94 3.08
C GLN C 236 -37.56 56.12 3.26
N GLY C 237 -38.04 57.32 2.98
CA GLY C 237 -39.42 57.65 3.26
C GLY C 237 -39.60 58.20 4.65
N ASP C 238 -39.72 57.30 5.64
CA ASP C 238 -40.19 57.52 7.00
C ASP C 238 -39.53 58.73 7.69
N THR C 239 -40.30 59.36 8.57
CA THR C 239 -39.94 60.61 9.21
C THR C 239 -39.37 60.34 10.61
N ILE C 240 -39.11 61.40 11.37
CA ILE C 240 -38.71 61.32 12.76
C ILE C 240 -39.11 62.65 13.43
N THR C 241 -39.52 62.58 14.69
CA THR C 241 -39.95 63.77 15.40
C THR C 241 -39.30 63.79 16.79
N PHE C 242 -38.60 64.89 17.07
CA PHE C 242 -38.11 65.20 18.40
C PHE C 242 -39.10 66.14 19.09
N GLU C 243 -39.29 65.92 20.38
CA GLU C 243 -40.23 66.74 21.14
C GLU C 243 -39.72 66.80 22.57
N ALA C 244 -39.38 68.00 23.03
CA ALA C 244 -38.65 68.11 24.29
C ALA C 244 -39.09 69.33 25.09
N THR C 245 -38.95 69.20 26.41
CA THR C 245 -39.25 70.28 27.33
C THR C 245 -38.09 70.53 28.30
N GLY C 246 -37.04 69.70 28.31
CA GLY C 246 -35.94 70.14 29.20
C GLY C 246 -34.49 69.77 28.89
N ASN C 247 -34.11 68.85 28.00
CA ASN C 247 -32.70 68.45 28.07
C ASN C 247 -32.10 68.06 26.72
N LEU C 248 -32.65 68.53 25.62
CA LEU C 248 -32.30 67.93 24.34
C LEU C 248 -30.93 68.40 23.87
N ILE C 249 -30.11 67.44 23.45
CA ILE C 249 -28.89 67.71 22.72
C ILE C 249 -29.18 67.39 21.26
N ALA C 250 -29.59 68.40 20.51
CA ALA C 250 -30.17 68.16 19.20
C ALA C 250 -29.08 67.77 18.19
N PRO C 251 -29.44 66.95 17.20
CA PRO C 251 -28.49 66.67 16.14
C PRO C 251 -28.29 67.91 15.26
N TRP C 252 -27.09 68.03 14.71
CA TRP C 252 -26.74 69.16 13.86
C TRP C 252 -26.11 68.70 12.54
N TYR C 253 -25.49 67.53 12.52
CA TYR C 253 -25.16 66.87 11.27
C TYR C 253 -25.58 65.41 11.35
N ALA C 254 -25.80 64.80 10.20
CA ALA C 254 -26.05 63.37 10.12
C ALA C 254 -25.41 62.80 8.86
N PHE C 255 -25.65 61.52 8.65
CA PHE C 255 -24.89 60.73 7.70
C PHE C 255 -25.85 59.92 6.82
N ALA C 256 -25.58 59.88 5.52
CA ALA C 256 -26.31 59.02 4.61
C ALA C 256 -25.39 57.90 4.14
N LEU C 257 -25.84 56.65 4.31
CA LEU C 257 -24.94 55.50 4.25
C LEU C 257 -25.11 54.75 2.93
N ASN C 258 -23.98 54.30 2.40
CA ASN C 258 -23.94 53.42 1.24
C ASN C 258 -23.82 51.97 1.72
N LYS C 259 -23.53 51.07 0.79
CA LYS C 259 -23.31 49.67 1.14
C LYS C 259 -21.98 49.18 0.56
N GLY C 260 -21.78 47.86 0.59
CA GLY C 260 -20.51 47.25 0.20
C GLY C 260 -19.82 46.63 1.38
N SER C 261 -19.99 45.32 1.52
CA SER C 261 -19.76 44.62 2.78
C SER C 261 -18.28 44.35 3.01
N ASP C 262 -18.01 43.58 4.07
CA ASP C 262 -16.72 43.00 4.41
C ASP C 262 -15.68 44.09 4.69
N SER C 263 -15.94 44.85 5.74
CA SER C 263 -14.97 45.79 6.28
C SER C 263 -14.82 45.50 7.78
N GLY C 264 -14.16 46.38 8.51
CA GLY C 264 -14.06 46.19 9.94
C GLY C 264 -13.15 47.20 10.58
N ILE C 265 -12.74 46.90 11.80
CA ILE C 265 -11.85 47.74 12.57
C ILE C 265 -10.59 46.94 12.88
N ILE C 266 -9.44 47.60 12.78
CA ILE C 266 -8.16 47.00 13.09
C ILE C 266 -7.46 47.88 14.12
N THR C 267 -6.94 47.24 15.16
CA THR C 267 -6.03 47.90 16.08
C THR C 267 -4.60 47.46 15.74
N SER C 268 -3.83 48.36 15.15
CA SER C 268 -2.45 48.06 14.80
C SER C 268 -1.63 49.34 14.84
N ASP C 269 -0.32 49.18 14.85
CA ASP C 269 0.60 50.31 14.90
C ASP C 269 1.56 50.31 13.71
N ALA C 270 1.21 49.58 12.65
CA ALA C 270 2.01 49.60 11.44
C ALA C 270 1.77 50.93 10.69
N PRO C 271 2.79 51.43 9.99
CA PRO C 271 2.58 52.63 9.19
C PRO C 271 1.73 52.34 7.94
N VAL C 272 1.27 53.41 7.30
CA VAL C 272 0.43 53.30 6.13
C VAL C 272 1.24 53.71 4.91
N HIS C 273 1.26 52.83 3.92
CA HIS C 273 1.84 53.13 2.62
C HIS C 273 0.77 52.92 1.55
N ASN C 274 1.17 52.95 0.29
CA ASN C 274 0.17 52.99 -0.77
C ASN C 274 0.48 51.97 -1.88
N CYS C 275 0.80 50.74 -1.50
CA CYS C 275 0.80 49.65 -2.47
C CYS C 275 -0.64 49.12 -2.60
N ASP C 276 -0.82 47.97 -3.23
CA ASP C 276 -2.15 47.48 -3.49
C ASP C 276 -2.15 45.95 -3.31
N THR C 277 -2.93 45.46 -2.36
CA THR C 277 -2.94 44.03 -2.05
C THR C 277 -4.35 43.47 -2.10
N ARG C 278 -4.45 42.19 -1.78
CA ARG C 278 -5.71 41.49 -1.75
C ARG C 278 -5.94 40.83 -0.38
N CYS C 279 -5.00 41.02 0.55
CA CYS C 279 -5.10 40.44 1.88
C CYS C 279 -4.39 41.37 2.85
N GLN C 280 -4.97 41.55 4.03
CA GLN C 280 -4.41 42.48 4.99
C GLN C 280 -4.61 41.96 6.41
N THR C 281 -3.54 41.99 7.18
CA THR C 281 -3.55 41.61 8.59
C THR C 281 -3.05 42.81 9.40
N PRO C 282 -3.25 42.82 10.72
CA PRO C 282 -2.67 43.92 11.52
C PRO C 282 -1.15 43.90 11.64
N HIS C 283 -0.48 42.84 11.19
CA HIS C 283 0.98 42.84 11.16
C HIS C 283 1.50 43.24 9.78
N GLY C 284 0.65 43.33 8.78
CA GLY C 284 1.09 43.66 7.45
C GLY C 284 0.32 42.88 6.40
N ALA C 285 0.71 43.05 5.16
CA ALA C 285 -0.01 42.47 4.04
C ALA C 285 0.65 41.16 3.61
N LEU C 286 -0.03 40.43 2.72
CA LEU C 286 0.45 39.13 2.25
C LEU C 286 0.23 38.99 0.74
N ASN C 287 1.25 38.47 0.05
CA ASN C 287 1.17 38.25 -1.38
C ASN C 287 1.60 36.82 -1.68
N SER C 288 0.67 35.89 -1.50
CA SER C 288 0.94 34.46 -1.74
C SER C 288 -0.31 33.74 -2.24
N SER C 289 -0.12 32.49 -2.67
CA SER C 289 -1.22 31.68 -3.19
C SER C 289 -1.22 30.31 -2.49
N LEU C 290 -0.44 30.14 -1.45
CA LEU C 290 -0.41 28.89 -0.71
C LEU C 290 -1.71 28.76 0.09
N PRO C 291 -2.14 27.52 0.37
CA PRO C 291 -3.42 27.36 1.05
C PRO C 291 -3.41 27.69 2.55
N PHE C 292 -2.27 27.62 3.21
CA PHE C 292 -2.26 27.89 4.63
C PHE C 292 -1.45 29.14 4.93
N GLN C 293 -1.47 29.55 6.19
CA GLN C 293 -1.06 30.89 6.58
C GLN C 293 -0.73 30.84 8.08
N ASN C 294 0.14 31.72 8.54
CA ASN C 294 0.71 31.57 9.86
C ASN C 294 0.85 32.91 10.58
N VAL C 295 0.49 34.01 9.95
CA VAL C 295 0.84 35.32 10.46
C VAL C 295 -0.10 35.73 11.59
N HIS C 296 -1.38 35.89 11.28
CA HIS C 296 -2.33 36.45 12.23
C HIS C 296 -3.72 35.93 11.87
N PRO C 297 -4.60 35.75 12.86
CA PRO C 297 -5.93 35.22 12.55
C PRO C 297 -7.01 36.24 12.15
N ILE C 298 -6.70 37.53 12.15
CA ILE C 298 -7.67 38.56 11.82
C ILE C 298 -7.32 39.12 10.44
N THR C 299 -8.10 38.74 9.44
CA THR C 299 -7.76 39.06 8.07
C THR C 299 -8.86 39.90 7.42
N ILE C 300 -8.47 40.71 6.45
CA ILE C 300 -9.39 41.46 5.61
C ILE C 300 -9.03 41.20 4.15
N GLY C 301 -10.03 40.80 3.38
CA GLY C 301 -9.88 40.54 1.95
C GLY C 301 -10.19 39.10 1.61
N GLU C 302 -9.29 38.47 0.86
CA GLU C 302 -9.37 37.05 0.55
C GLU C 302 -8.00 36.43 0.85
N CYS C 303 -7.95 35.69 1.95
CA CYS C 303 -6.68 35.30 2.52
C CYS C 303 -6.62 33.79 2.72
N PRO C 304 -5.41 33.22 2.74
CA PRO C 304 -5.27 31.81 3.09
C PRO C 304 -5.64 31.55 4.56
N LYS C 305 -5.91 30.29 4.87
CA LYS C 305 -6.49 29.92 6.14
C LYS C 305 -5.42 29.88 7.23
N TYR C 306 -5.75 30.44 8.39
CA TYR C 306 -4.82 30.51 9.51
C TYR C 306 -4.79 29.17 10.24
N VAL C 307 -3.59 28.67 10.50
CA VAL C 307 -3.39 27.47 11.30
C VAL C 307 -2.34 27.77 12.37
N LYS C 308 -2.13 26.81 13.26
CA LYS C 308 -1.30 27.05 14.45
C LYS C 308 -0.08 26.13 14.40
N SER C 309 0.52 26.01 13.22
CA SER C 309 1.64 25.11 13.01
C SER C 309 2.87 25.90 12.56
N THR C 310 4.00 25.21 12.35
CA THR C 310 5.25 25.89 12.02
C THR C 310 5.87 25.36 10.73
N LYS C 311 5.47 24.18 10.26
CA LYS C 311 6.11 23.58 9.11
C LYS C 311 5.14 22.62 8.43
N LEU C 312 4.87 22.87 7.16
CA LEU C 312 4.02 21.99 6.35
C LEU C 312 4.68 21.71 5.00
N ARG C 313 5.93 21.29 5.05
CA ARG C 313 6.64 20.87 3.85
C ARG C 313 6.02 19.56 3.35
N MET C 314 5.85 19.43 2.04
CA MET C 314 5.23 18.24 1.48
C MET C 314 6.11 17.68 0.36
N ALA C 315 6.34 16.37 0.42
CA ALA C 315 7.33 15.73 -0.43
C ALA C 315 6.72 15.41 -1.81
N THR C 316 7.44 15.83 -2.85
CA THR C 316 7.15 15.39 -4.21
C THR C 316 8.44 14.88 -4.84
N GLY C 317 8.83 13.66 -4.51
CA GLY C 317 10.12 13.16 -4.95
C GLY C 317 10.56 11.96 -4.14
N LEU C 318 11.80 11.55 -4.37
CA LEU C 318 12.31 10.29 -3.84
C LEU C 318 13.08 10.54 -2.54
N ARG C 319 13.37 9.46 -1.83
CA ARG C 319 14.34 9.52 -0.74
C ARG C 319 15.73 9.80 -1.32
N ASN C 320 16.38 10.82 -0.79
CA ASN C 320 17.68 11.19 -1.27
C ASN C 320 18.70 10.24 -0.66
N VAL C 321 18.97 9.15 -1.36
CA VAL C 321 19.95 8.18 -0.88
C VAL C 321 21.22 8.31 -1.73
N PRO C 322 22.26 8.95 -1.19
CA PRO C 322 23.49 9.08 -1.95
C PRO C 322 24.26 7.76 -1.95
N SER C 323 25.12 7.59 -2.95
CA SER C 323 25.84 6.34 -3.10
C SER C 323 27.16 6.38 -2.31
N ILE C 324 27.64 5.19 -1.94
CA ILE C 324 28.87 5.05 -1.20
C ILE C 324 29.84 4.17 -2.01
N GLY D 1 2.75 -0.29 2.09
CA GLY D 1 4.00 -0.70 2.75
C GLY D 1 5.19 -0.47 1.85
N LEU D 2 6.35 -0.90 2.33
CA LEU D 2 7.60 -0.69 1.60
C LEU D 2 7.73 -1.78 0.54
N PHE D 3 7.91 -1.39 -0.71
CA PHE D 3 7.93 -2.36 -1.81
C PHE D 3 9.30 -3.02 -2.00
N GLY D 4 10.34 -2.48 -1.37
CA GLY D 4 11.59 -3.21 -1.24
C GLY D 4 12.69 -2.76 -2.20
N ALA D 5 12.45 -1.76 -3.05
CA ALA D 5 13.44 -1.37 -4.07
C ALA D 5 14.36 -0.24 -3.56
N ILE D 6 13.78 0.92 -3.25
CA ILE D 6 14.58 2.07 -2.85
C ILE D 6 15.19 1.80 -1.47
N ALA D 7 16.53 1.87 -1.42
CA ALA D 7 17.35 1.47 -0.27
C ALA D 7 17.04 0.03 0.16
N GLY D 8 16.68 -0.80 -0.81
CA GLY D 8 16.34 -2.20 -0.55
C GLY D 8 17.29 -3.12 -1.27
N PHE D 9 16.80 -3.86 -2.25
CA PHE D 9 17.72 -4.71 -3.02
C PHE D 9 18.54 -3.87 -4.00
N ILE D 10 18.03 -2.71 -4.38
CA ILE D 10 18.86 -1.75 -5.09
C ILE D 10 19.47 -0.81 -4.05
N GLU D 11 20.77 -0.54 -4.22
CA GLU D 11 21.52 0.36 -3.34
C GLU D 11 21.15 1.83 -3.66
N GLY D 12 21.98 2.77 -3.21
CA GLY D 12 21.73 4.22 -3.35
C GLY D 12 21.58 4.69 -4.79
N GLY D 13 21.15 5.95 -4.93
CA GLY D 13 20.80 6.52 -6.22
C GLY D 13 22.01 6.91 -7.04
N TRP D 14 21.71 7.48 -8.21
CA TRP D 14 22.71 7.89 -9.17
C TRP D 14 22.72 9.42 -9.26
N THR D 15 23.85 10.01 -8.92
CA THR D 15 23.98 11.45 -9.00
C THR D 15 24.14 11.88 -10.46
N GLY D 16 24.81 11.03 -11.25
CA GLY D 16 25.16 11.34 -12.64
C GLY D 16 23.97 11.38 -13.59
N MET D 17 22.83 10.87 -13.16
CA MET D 17 21.63 10.90 -13.97
C MET D 17 20.85 12.17 -13.66
N ILE D 18 20.41 12.89 -14.70
CA ILE D 18 19.93 14.26 -14.53
C ILE D 18 18.47 14.41 -14.98
N ASP D 19 18.16 13.95 -16.18
CA ASP D 19 16.96 14.39 -16.86
C ASP D 19 15.73 13.53 -16.50
N GLY D 20 15.72 12.86 -15.36
CA GLY D 20 14.54 12.08 -15.02
C GLY D 20 14.57 11.54 -13.60
N TRP D 21 13.66 10.62 -13.31
CA TRP D 21 13.61 9.97 -12.00
C TRP D 21 14.01 8.50 -12.09
N TYR D 22 13.71 7.84 -13.21
CA TYR D 22 13.96 6.41 -13.35
C TYR D 22 14.66 6.19 -14.68
N GLY D 23 15.76 5.44 -14.65
CA GLY D 23 16.56 5.30 -15.85
C GLY D 23 17.42 4.06 -15.85
N TYR D 24 18.29 4.00 -16.84
CA TYR D 24 19.09 2.82 -17.11
C TYR D 24 20.58 3.19 -17.09
N HIS D 25 21.42 2.17 -17.13
CA HIS D 25 22.85 2.37 -17.20
C HIS D 25 23.46 1.20 -17.96
N HIS D 26 23.93 1.47 -19.18
CA HIS D 26 24.31 0.40 -20.09
C HIS D 26 25.79 0.49 -20.46
N GLN D 27 26.40 -0.66 -20.73
CA GLN D 27 27.82 -0.72 -21.07
C GLN D 27 28.05 -1.63 -22.29
N ASN D 28 27.49 -1.28 -23.44
CA ASN D 28 27.78 -2.07 -24.64
C ASN D 28 29.21 -1.78 -25.16
N GLU D 29 29.48 -2.27 -26.36
CA GLU D 29 30.79 -2.32 -26.99
C GLU D 29 31.45 -0.93 -27.10
N GLN D 30 30.67 0.15 -27.12
CA GLN D 30 31.30 1.45 -27.40
C GLN D 30 30.89 2.57 -26.43
N GLY D 31 30.33 2.28 -25.26
CA GLY D 31 30.04 3.39 -24.34
C GLY D 31 29.56 2.97 -22.96
N SER D 32 29.42 3.97 -22.10
CA SER D 32 28.70 3.86 -20.84
C SER D 32 27.33 4.54 -21.00
N GLY D 33 26.58 4.67 -19.91
CA GLY D 33 25.13 4.87 -20.03
C GLY D 33 24.57 6.16 -19.45
N TYR D 34 23.71 5.98 -18.45
CA TYR D 34 22.86 7.01 -17.84
C TYR D 34 21.93 7.65 -18.88
N ALA D 35 20.95 6.88 -19.30
CA ALA D 35 19.80 7.40 -20.05
C ALA D 35 18.53 7.20 -19.21
N ALA D 36 17.64 8.20 -19.23
CA ALA D 36 16.41 8.16 -18.45
C ALA D 36 15.32 7.38 -19.19
N ASP D 37 14.25 7.07 -18.47
CA ASP D 37 13.11 6.38 -19.01
C ASP D 37 11.92 7.32 -19.04
N GLN D 38 11.72 7.98 -20.17
CA GLN D 38 10.80 9.12 -20.26
C GLN D 38 9.34 8.68 -20.22
N LYS D 39 9.05 7.38 -20.32
CA LYS D 39 7.66 6.95 -20.33
C LYS D 39 7.10 6.95 -18.90
N SER D 40 7.80 6.30 -17.99
CA SER D 40 7.29 6.08 -16.64
C SER D 40 7.36 7.36 -15.79
N THR D 41 8.44 8.12 -15.97
CA THR D 41 8.64 9.34 -15.21
C THR D 41 7.56 10.39 -15.56
N GLN D 42 7.03 10.34 -16.77
CA GLN D 42 5.97 11.26 -17.14
C GLN D 42 4.68 10.92 -16.39
N ASN D 43 4.41 9.63 -16.23
CA ASN D 43 3.25 9.20 -15.46
C ASN D 43 3.39 9.59 -13.98
N ALA D 44 4.62 9.51 -13.47
CA ALA D 44 4.87 9.93 -12.09
C ALA D 44 4.65 11.44 -11.93
N ILE D 45 5.11 12.22 -12.90
CA ILE D 45 4.96 13.67 -12.84
C ILE D 45 3.47 14.04 -12.92
N ASP D 46 2.72 13.35 -13.77
CA ASP D 46 1.28 13.62 -13.91
C ASP D 46 0.54 13.31 -12.60
N GLY D 47 0.84 12.17 -11.99
CA GLY D 47 0.20 11.77 -10.74
C GLY D 47 0.49 12.75 -9.61
N ILE D 48 1.74 13.14 -9.46
CA ILE D 48 2.13 14.02 -8.36
C ILE D 48 1.55 15.43 -8.58
N THR D 49 1.53 15.90 -9.82
CA THR D 49 0.97 17.21 -10.12
C THR D 49 -0.53 17.25 -9.79
N SER D 50 -1.26 16.21 -10.19
CA SER D 50 -2.68 16.13 -9.89
C SER D 50 -2.92 16.05 -8.38
N LYS D 51 -2.03 15.37 -7.65
CA LYS D 51 -2.16 15.21 -6.20
C LYS D 51 -2.01 16.57 -5.50
N VAL D 52 -1.01 17.34 -5.89
CA VAL D 52 -0.75 18.62 -5.23
C VAL D 52 -1.88 19.61 -5.56
N ASN D 53 -2.35 19.60 -6.80
CA ASN D 53 -3.42 20.51 -7.18
C ASN D 53 -4.73 20.15 -6.47
N SER D 54 -4.97 18.86 -6.25
CA SER D 54 -6.16 18.42 -5.52
C SER D 54 -6.11 18.90 -4.06
N VAL D 55 -4.95 18.75 -3.43
CA VAL D 55 -4.77 19.16 -2.03
C VAL D 55 -4.92 20.68 -1.91
N ILE D 56 -4.46 21.43 -2.90
CA ILE D 56 -4.64 22.89 -2.90
C ILE D 56 -6.13 23.22 -3.04
N GLU D 57 -6.82 22.60 -3.98
CA GLU D 57 -8.18 23.06 -4.31
C GLU D 57 -9.23 22.50 -3.32
N LYS D 58 -8.87 21.62 -2.41
CA LYS D 58 -9.84 21.25 -1.37
C LYS D 58 -9.95 22.32 -0.27
N MET D 59 -8.93 23.12 -0.10
CA MET D 59 -8.92 24.11 0.97
C MET D 59 -9.44 25.45 0.45
N ASN D 60 -10.58 25.86 0.98
CA ASN D 60 -11.20 27.12 0.60
C ASN D 60 -10.47 28.28 1.29
N THR D 61 -10.41 29.40 0.61
CA THR D 61 -9.88 30.62 1.20
C THR D 61 -10.89 31.17 2.19
N GLN D 62 -10.41 31.95 3.15
CA GLN D 62 -11.30 32.59 4.09
C GLN D 62 -11.47 34.07 3.71
N PHE D 63 -12.64 34.60 4.01
CA PHE D 63 -12.94 36.01 3.81
C PHE D 63 -12.69 36.76 5.11
N THR D 64 -13.25 37.96 5.23
CA THR D 64 -12.92 38.87 6.32
C THR D 64 -13.42 38.32 7.66
N ALA D 65 -12.53 38.30 8.64
CA ALA D 65 -12.84 37.86 9.98
C ALA D 65 -12.25 38.86 10.98
N VAL D 66 -13.11 39.69 11.54
CA VAL D 66 -12.71 40.77 12.41
C VAL D 66 -13.29 40.50 13.79
N GLY D 67 -12.52 40.80 14.83
CA GLY D 67 -12.95 40.62 16.21
C GLY D 67 -14.14 41.48 16.57
N LYS D 68 -14.83 41.10 17.65
CA LYS D 68 -16.01 41.81 18.09
C LYS D 68 -15.76 42.43 19.46
N GLU D 69 -16.72 43.19 19.96
CA GLU D 69 -16.57 43.94 21.19
C GLU D 69 -17.75 43.66 22.11
N PHE D 70 -17.47 43.63 23.42
CA PHE D 70 -18.50 43.36 24.40
C PHE D 70 -18.23 44.21 25.64
N ASN D 71 -19.29 44.62 26.32
CA ASN D 71 -19.16 45.35 27.58
C ASN D 71 -19.03 44.37 28.74
N ASN D 72 -19.15 44.87 29.96
CA ASN D 72 -18.84 44.08 31.14
C ASN D 72 -20.04 43.25 31.62
N LEU D 73 -21.18 43.34 30.96
CA LEU D 73 -22.34 42.53 31.33
C LEU D 73 -22.66 41.51 30.24
N GLU D 74 -21.73 41.30 29.31
CA GLU D 74 -21.91 40.32 28.26
C GLU D 74 -20.71 39.37 28.25
N ARG D 75 -20.27 38.97 29.43
CA ARG D 75 -19.12 38.10 29.58
C ARG D 75 -19.44 36.71 29.01
N ARG D 76 -20.69 36.32 29.14
CA ARG D 76 -21.16 34.98 28.83
C ARG D 76 -21.07 34.74 27.32
N ILE D 77 -21.57 35.69 26.55
CA ILE D 77 -21.52 35.64 25.09
C ILE D 77 -20.07 35.75 24.62
N GLU D 78 -19.25 36.52 25.32
CA GLU D 78 -17.86 36.73 24.93
C GLU D 78 -17.07 35.41 25.08
N ASN D 79 -17.30 34.69 26.16
CA ASN D 79 -16.69 33.38 26.34
C ASN D 79 -17.18 32.40 25.27
N LEU D 80 -18.44 32.49 24.88
CA LEU D 80 -18.98 31.61 23.83
C LEU D 80 -18.26 31.90 22.49
N ASN D 81 -18.04 33.17 22.20
CA ASN D 81 -17.38 33.58 20.96
C ASN D 81 -15.94 33.03 20.92
N LYS D 82 -15.23 33.18 22.03
CA LYS D 82 -13.86 32.72 22.13
C LYS D 82 -13.80 31.19 21.96
N LYS D 83 -14.79 30.50 22.53
CA LYS D 83 -14.86 29.05 22.42
C LYS D 83 -15.04 28.62 20.96
N VAL D 84 -15.88 29.33 20.21
CA VAL D 84 -16.13 28.99 18.81
C VAL D 84 -14.85 29.17 17.99
N ASP D 85 -14.16 30.29 18.19
CA ASP D 85 -12.95 30.57 17.40
C ASP D 85 -11.85 29.55 17.70
N ASP D 86 -11.64 29.22 18.97
CA ASP D 86 -10.58 28.30 19.33
C ASP D 86 -10.89 26.88 18.86
N GLY D 87 -12.16 26.49 18.91
CA GLY D 87 -12.58 25.17 18.43
C GLY D 87 -12.31 24.98 16.95
N PHE D 88 -12.72 25.95 16.14
CA PHE D 88 -12.52 25.83 14.70
C PHE D 88 -11.04 25.86 14.34
N LEU D 89 -10.26 26.65 15.07
CA LEU D 89 -8.82 26.73 14.80
C LEU D 89 -8.16 25.39 15.10
N ASP D 90 -8.55 24.74 16.19
CA ASP D 90 -7.97 23.44 16.55
C ASP D 90 -8.33 22.37 15.50
N VAL D 91 -9.56 22.41 15.01
CA VAL D 91 -10.01 21.44 14.01
C VAL D 91 -9.20 21.61 12.73
N TRP D 92 -9.01 22.84 12.27
CA TRP D 92 -8.30 23.03 11.00
C TRP D 92 -6.81 22.71 11.13
N THR D 93 -6.19 23.02 12.25
CA THR D 93 -4.76 22.73 12.38
C THR D 93 -4.54 21.21 12.45
N TYR D 94 -5.47 20.50 13.08
CA TYR D 94 -5.42 19.04 13.13
C TYR D 94 -5.52 18.47 11.71
N ASN D 95 -6.49 18.94 10.93
CA ASN D 95 -6.72 18.42 9.59
C ASN D 95 -5.50 18.64 8.69
N ALA D 96 -4.89 19.82 8.79
CA ALA D 96 -3.74 20.17 7.95
C ALA D 96 -2.55 19.25 8.26
N GLU D 97 -2.20 19.12 9.53
CA GLU D 97 -1.00 18.34 9.88
C GLU D 97 -1.22 16.86 9.55
N LEU D 98 -2.41 16.34 9.81
CA LEU D 98 -2.68 14.92 9.61
C LEU D 98 -2.68 14.59 8.11
N LEU D 99 -3.20 15.51 7.29
CA LEU D 99 -3.26 15.31 5.83
C LEU D 99 -1.84 15.23 5.26
N VAL D 100 -0.95 16.11 5.71
CA VAL D 100 0.42 16.12 5.20
C VAL D 100 1.15 14.83 5.64
N LEU D 101 0.98 14.42 6.90
CA LEU D 101 1.67 13.23 7.41
C LEU D 101 1.23 11.96 6.67
N LEU D 102 -0.04 11.84 6.28
CA LEU D 102 -0.41 10.62 5.59
C LEU D 102 0.00 10.65 4.12
N GLU D 103 -0.08 11.84 3.52
CA GLU D 103 0.24 12.02 2.12
C GLU D 103 1.72 11.72 1.86
N ASN D 104 2.59 11.93 2.84
CA ASN D 104 4.01 11.68 2.63
C ASN D 104 4.34 10.19 2.51
N GLU D 105 3.73 9.33 3.33
CA GLU D 105 3.98 7.89 3.13
C GLU D 105 3.39 7.43 1.81
N ARG D 106 2.24 7.99 1.43
CA ARG D 106 1.63 7.63 0.19
C ARG D 106 2.56 7.93 -0.99
N THR D 107 3.17 9.11 -1.02
CA THR D 107 4.01 9.47 -2.16
C THR D 107 5.35 8.68 -2.16
N LEU D 108 5.93 8.41 -1.01
CA LEU D 108 7.18 7.66 -0.99
C LEU D 108 6.96 6.21 -1.45
N ASP D 109 5.85 5.61 -1.03
CA ASP D 109 5.54 4.26 -1.49
C ASP D 109 5.20 4.25 -2.97
N PHE D 110 4.65 5.35 -3.48
CA PHE D 110 4.36 5.45 -4.90
C PHE D 110 5.64 5.39 -5.73
N HIS D 111 6.67 6.12 -5.32
CA HIS D 111 7.95 6.06 -6.03
C HIS D 111 8.58 4.66 -5.93
N ASP D 112 8.46 4.04 -4.76
CA ASP D 112 9.04 2.73 -4.55
C ASP D 112 8.38 1.69 -5.47
N SER D 113 7.07 1.79 -5.61
CA SER D 113 6.31 0.91 -6.51
C SER D 113 6.75 1.10 -7.96
N ASN D 114 7.00 2.34 -8.36
CA ASN D 114 7.39 2.61 -9.73
C ASN D 114 8.74 1.96 -10.05
N VAL D 115 9.68 2.01 -9.11
CA VAL D 115 10.99 1.43 -9.35
C VAL D 115 10.86 -0.09 -9.45
N ARG D 116 10.05 -0.70 -8.59
CA ARG D 116 9.91 -2.16 -8.62
C ARG D 116 9.26 -2.61 -9.93
N ASN D 117 8.26 -1.90 -10.41
CA ASN D 117 7.59 -2.29 -11.64
C ASN D 117 8.53 -2.12 -12.84
N LEU D 118 9.34 -1.07 -12.82
CA LEU D 118 10.29 -0.82 -13.91
C LEU D 118 11.37 -1.91 -13.93
N TYR D 119 11.66 -2.51 -12.78
CA TYR D 119 12.59 -3.62 -12.77
C TYR D 119 11.94 -4.90 -13.30
N GLU D 120 10.69 -5.16 -12.88
CA GLU D 120 10.00 -6.39 -13.25
C GLU D 120 9.75 -6.45 -14.77
N LYS D 121 9.53 -5.29 -15.40
CA LYS D 121 9.27 -5.26 -16.83
C LYS D 121 10.52 -5.72 -17.61
N VAL D 122 11.66 -5.18 -17.24
CA VAL D 122 12.92 -5.52 -17.90
C VAL D 122 13.26 -6.99 -17.67
N LYS D 123 12.99 -7.50 -16.47
CA LYS D 123 13.22 -8.92 -16.20
C LYS D 123 12.29 -9.77 -17.09
N SER D 124 11.04 -9.34 -17.24
CA SER D 124 10.05 -10.17 -17.93
C SER D 124 10.32 -10.22 -19.45
N GLN D 125 10.94 -9.20 -20.01
CA GLN D 125 11.18 -9.25 -21.46
C GLN D 125 12.62 -9.70 -21.78
N LEU D 126 13.31 -10.25 -20.78
CA LEU D 126 14.61 -10.90 -20.92
C LEU D 126 14.55 -12.20 -20.11
N ARG D 127 13.73 -13.15 -20.55
CA ARG D 127 13.34 -14.34 -19.77
C ARG D 127 14.54 -15.28 -19.57
N ASN D 128 15.22 -15.65 -20.66
CA ASN D 128 16.29 -16.66 -20.58
C ASN D 128 17.68 -16.02 -20.74
N ASN D 129 17.87 -15.15 -21.71
CA ASN D 129 19.19 -14.59 -22.05
C ASN D 129 19.53 -13.34 -21.22
N ALA D 130 19.73 -13.47 -19.90
CA ALA D 130 20.11 -12.28 -19.12
C ALA D 130 21.15 -12.61 -18.04
N LYS D 131 20.84 -13.56 -17.16
CA LYS D 131 21.66 -13.90 -15.98
C LYS D 131 21.86 -12.65 -15.11
N GLU D 132 20.81 -12.31 -14.37
CA GLU D 132 20.84 -11.23 -13.39
C GLU D 132 21.86 -11.54 -12.30
N ILE D 133 22.56 -10.50 -11.86
CA ILE D 133 23.80 -10.68 -11.07
C ILE D 133 23.71 -9.97 -9.71
N GLY D 134 22.77 -9.06 -9.52
CA GLY D 134 22.66 -8.37 -8.24
C GLY D 134 22.40 -6.90 -8.42
N ASN D 135 21.74 -6.34 -7.40
CA ASN D 135 21.22 -4.95 -7.28
C ASN D 135 20.69 -4.39 -8.61
N GLY D 136 19.92 -5.22 -9.32
CA GLY D 136 19.25 -4.81 -10.53
C GLY D 136 20.22 -4.58 -11.68
N CYS D 137 20.93 -5.61 -12.09
CA CYS D 137 21.76 -5.58 -13.28
C CYS D 137 21.59 -6.89 -14.03
N PHE D 138 21.80 -6.86 -15.34
CA PHE D 138 21.64 -8.03 -16.16
C PHE D 138 22.90 -8.19 -16.99
N GLU D 139 23.04 -9.29 -17.71
CA GLU D 139 24.28 -9.42 -18.34
C GLU D 139 24.26 -10.17 -19.67
N PHE D 140 23.19 -10.26 -20.45
CA PHE D 140 23.29 -10.51 -21.90
C PHE D 140 24.25 -11.62 -22.34
N TYR D 141 23.85 -12.89 -22.36
CA TYR D 141 24.74 -13.87 -22.88
C TYR D 141 25.07 -13.57 -24.32
N HIS D 142 24.10 -13.11 -25.07
CA HIS D 142 24.47 -12.79 -26.39
C HIS D 142 25.20 -11.44 -26.43
N LYS D 143 25.44 -10.94 -27.63
CA LYS D 143 26.11 -9.66 -27.79
C LYS D 143 25.10 -8.58 -28.18
N CYS D 144 25.23 -7.41 -27.56
CA CYS D 144 24.28 -6.32 -27.73
C CYS D 144 25.03 -5.06 -28.17
N ASP D 145 24.35 -4.26 -28.98
CA ASP D 145 24.82 -2.95 -29.38
C ASP D 145 23.73 -1.93 -29.01
N ASP D 146 23.86 -0.72 -29.53
CA ASP D 146 22.97 0.40 -29.18
C ASP D 146 21.53 0.10 -29.60
N GLU D 147 21.34 -0.61 -30.71
CA GLU D 147 20.00 -0.86 -31.22
C GLU D 147 19.22 -1.80 -30.30
N CYS D 148 19.85 -2.88 -29.84
CA CYS D 148 19.19 -3.74 -28.87
C CYS D 148 19.06 -3.05 -27.50
N MET D 149 19.88 -2.03 -27.23
CA MET D 149 19.70 -1.25 -25.99
C MET D 149 18.38 -0.48 -26.06
N GLU D 150 18.15 0.23 -27.16
CA GLU D 150 16.92 0.98 -27.36
C GLU D 150 15.74 0.00 -27.45
N SER D 151 16.01 -1.18 -28.02
CA SER D 151 15.00 -2.24 -28.16
C SER D 151 14.53 -2.70 -26.77
N VAL D 152 15.45 -2.77 -25.81
CA VAL D 152 15.07 -3.06 -24.43
C VAL D 152 14.31 -1.87 -23.85
N LYS D 153 14.84 -0.67 -24.03
CA LYS D 153 14.25 0.54 -23.43
C LYS D 153 12.78 0.73 -23.84
N ASN D 154 12.47 0.72 -25.14
CA ASN D 154 11.10 0.98 -25.61
C ASN D 154 10.13 -0.10 -25.12
N GLY D 155 10.55 -1.35 -25.16
CA GLY D 155 9.72 -2.45 -24.70
C GLY D 155 9.43 -3.38 -25.85
N THR D 156 10.33 -3.35 -26.83
CA THR D 156 10.21 -4.16 -28.03
C THR D 156 11.52 -4.92 -28.22
N TYR D 157 11.62 -6.10 -27.61
CA TYR D 157 12.93 -6.77 -27.53
C TYR D 157 13.12 -7.86 -28.59
N ASP D 158 12.02 -8.49 -29.04
CA ASP D 158 11.97 -9.62 -29.99
C ASP D 158 13.03 -10.70 -29.70
N TYR D 159 12.93 -11.23 -28.49
CA TYR D 159 13.68 -12.38 -27.94
C TYR D 159 14.01 -13.52 -28.93
N PRO D 160 13.05 -14.00 -29.76
CA PRO D 160 13.42 -15.10 -30.66
C PRO D 160 14.45 -14.77 -31.75
N LYS D 161 14.85 -13.52 -31.87
CA LYS D 161 15.96 -13.19 -32.75
C LYS D 161 17.28 -13.73 -32.18
N TYR D 162 17.41 -13.76 -30.86
CA TYR D 162 18.69 -14.07 -30.24
C TYR D 162 18.68 -15.42 -29.52
N SER D 163 17.53 -16.07 -29.44
CA SER D 163 17.25 -17.13 -28.46
C SER D 163 18.17 -18.34 -28.63
N GLU D 164 18.62 -18.59 -29.85
CA GLU D 164 19.47 -19.74 -30.11
C GLU D 164 20.91 -19.41 -29.69
N GLU D 165 21.36 -18.21 -30.01
CA GLU D 165 22.78 -17.89 -29.97
C GLU D 165 23.23 -17.79 -28.52
N SER D 166 22.45 -17.07 -27.72
CA SER D 166 22.55 -17.02 -26.27
C SER D 166 22.67 -18.43 -25.68
N LYS D 167 21.84 -19.34 -26.17
CA LYS D 167 21.76 -20.70 -25.66
C LYS D 167 23.14 -21.35 -25.73
N LEU D 168 23.81 -21.15 -26.88
CA LEU D 168 25.14 -21.67 -27.12
C LEU D 168 26.09 -21.19 -26.02
N ASN D 169 26.13 -19.88 -25.79
CA ASN D 169 27.03 -19.28 -24.81
C ASN D 169 26.68 -19.76 -23.40
N ARG D 170 25.40 -19.97 -23.14
CA ARG D 170 24.99 -20.43 -21.83
C ARG D 170 25.57 -21.83 -21.58
N GLU D 171 25.51 -22.67 -22.59
CA GLU D 171 26.04 -24.02 -22.46
C GLU D 171 27.56 -24.00 -22.47
N GLU D 172 28.15 -22.89 -22.87
CA GLU D 172 29.60 -22.76 -22.75
C GLU D 172 29.99 -22.54 -21.28
N ILE D 173 29.17 -21.78 -20.56
CA ILE D 173 29.57 -21.41 -19.20
C ILE D 173 29.19 -22.54 -18.23
N ASP D 174 28.07 -23.19 -18.48
CA ASP D 174 27.70 -24.37 -17.74
C ASP D 174 28.64 -25.52 -18.11
N ASP E 1 19.47 -30.11 5.22
CA ASP E 1 19.54 -28.96 6.17
C ASP E 1 18.91 -27.73 5.52
N THR E 2 18.09 -27.04 6.30
CA THR E 2 17.15 -26.05 5.77
C THR E 2 17.27 -24.73 6.53
N ILE E 3 16.79 -23.65 5.91
CA ILE E 3 16.28 -22.49 6.64
C ILE E 3 14.83 -22.31 6.21
N CYS E 4 13.95 -22.13 7.19
CA CYS E 4 12.62 -21.63 6.92
C CYS E 4 12.51 -20.21 7.49
N VAL E 5 11.58 -19.44 6.93
CA VAL E 5 11.34 -18.07 7.33
C VAL E 5 9.88 -17.94 7.78
N GLY E 6 9.69 -17.36 8.96
CA GLY E 6 8.36 -17.25 9.53
C GLY E 6 8.23 -16.05 10.44
N TYR E 7 7.19 -16.07 11.26
CA TYR E 7 6.86 -14.92 12.09
C TYR E 7 6.24 -15.39 13.41
N HIS E 8 6.15 -14.45 14.33
CA HIS E 8 5.79 -14.68 15.71
C HIS E 8 4.29 -15.03 15.83
N ALA E 9 3.97 -15.82 16.84
CA ALA E 9 2.58 -16.12 17.19
C ALA E 9 2.47 -16.13 18.72
N ASN E 10 1.24 -16.12 19.21
CA ASN E 10 1.04 -15.99 20.66
C ASN E 10 -0.26 -16.67 21.10
N ASN E 11 -0.72 -16.28 22.29
CA ASN E 11 -1.94 -16.81 22.86
C ASN E 11 -2.82 -15.66 23.34
N SER E 12 -2.59 -14.48 22.79
CA SER E 12 -3.36 -13.28 23.14
C SER E 12 -4.76 -13.39 22.53
N THR E 13 -5.72 -12.67 23.11
CA THR E 13 -7.10 -12.79 22.63
C THR E 13 -7.72 -11.42 22.35
N ASP E 14 -6.93 -10.35 22.37
CA ASP E 14 -7.48 -9.01 22.18
C ASP E 14 -7.67 -8.72 20.69
N THR E 15 -8.83 -8.11 20.40
CA THR E 15 -9.30 -7.93 19.05
C THR E 15 -9.24 -6.46 18.67
N VAL E 16 -9.12 -6.21 17.37
CA VAL E 16 -8.99 -4.89 16.80
C VAL E 16 -9.92 -4.81 15.59
N ASP E 17 -10.68 -3.73 15.51
CA ASP E 17 -11.51 -3.45 14.34
C ASP E 17 -10.66 -2.83 13.23
N THR E 18 -11.05 -3.11 12.00
CA THR E 18 -10.36 -2.57 10.84
C THR E 18 -11.42 -2.27 9.78
N VAL E 19 -11.03 -1.79 8.61
CA VAL E 19 -12.02 -1.41 7.61
C VAL E 19 -12.58 -2.65 6.92
N LEU E 20 -11.72 -3.54 6.46
CA LEU E 20 -12.18 -4.64 5.63
C LEU E 20 -12.66 -5.83 6.47
N GLU E 21 -12.55 -5.75 7.79
CA GLU E 21 -12.76 -6.91 8.65
C GLU E 21 -13.11 -6.43 10.05
N LYS E 22 -13.81 -7.25 10.81
CA LYS E 22 -14.16 -6.93 12.19
C LYS E 22 -13.62 -8.03 13.09
N ASN E 23 -13.32 -7.66 14.34
CA ASN E 23 -12.78 -8.59 15.36
C ASN E 23 -11.56 -9.36 14.84
N VAL E 24 -10.46 -8.65 14.62
CA VAL E 24 -9.21 -9.29 14.21
C VAL E 24 -8.39 -9.55 15.48
N THR E 25 -7.88 -10.76 15.63
CA THR E 25 -7.12 -11.08 16.81
C THR E 25 -5.65 -10.68 16.58
N VAL E 26 -5.16 -9.76 17.39
CA VAL E 26 -3.82 -9.23 17.18
C VAL E 26 -2.92 -9.75 18.30
N THR E 27 -1.61 -9.66 18.12
CA THR E 27 -0.69 -10.20 19.12
C THR E 27 -0.44 -9.18 20.22
N HIS E 28 -0.10 -7.95 19.85
CA HIS E 28 0.11 -6.89 20.81
C HIS E 28 -0.77 -5.69 20.41
N SER E 29 -1.25 -4.96 21.41
CA SER E 29 -2.07 -3.78 21.15
C SER E 29 -1.89 -2.78 22.29
N VAL E 30 -2.58 -1.65 22.19
CA VAL E 30 -2.50 -0.60 23.19
C VAL E 30 -3.86 0.12 23.23
N ASN E 31 -4.31 0.42 24.44
CA ASN E 31 -5.56 1.10 24.64
C ASN E 31 -5.35 2.61 24.54
N LEU E 32 -6.38 3.32 24.08
CA LEU E 32 -6.30 4.77 23.96
C LEU E 32 -7.58 5.43 24.48
N LEU E 33 -8.18 4.87 25.52
CA LEU E 33 -9.50 5.35 25.95
C LEU E 33 -9.66 5.03 27.43
N GLU E 34 -9.85 6.06 28.24
CA GLU E 34 -9.92 5.92 29.69
C GLU E 34 -11.36 5.75 30.16
N ASP E 35 -11.58 4.83 31.09
CA ASP E 35 -12.93 4.58 31.60
C ASP E 35 -13.02 4.72 33.12
N SER E 36 -11.94 4.40 33.82
CA SER E 36 -12.00 4.27 35.27
C SER E 36 -11.89 5.64 35.93
N HIS E 37 -12.55 5.78 37.07
CA HIS E 37 -12.50 6.97 37.90
C HIS E 37 -12.83 6.54 39.33
N ASN E 38 -12.27 7.23 40.30
CA ASN E 38 -12.72 7.03 41.66
C ASN E 38 -14.07 7.75 41.86
N GLY E 39 -14.65 7.58 43.03
CA GLY E 39 -15.92 8.21 43.32
C GLY E 39 -15.74 9.44 44.19
N LYS E 40 -14.53 9.98 44.24
CA LYS E 40 -14.18 10.99 45.21
C LYS E 40 -14.09 12.36 44.52
N LEU E 41 -13.88 13.40 45.32
CA LEU E 41 -13.66 14.74 44.82
C LEU E 41 -12.43 15.31 45.51
N CYS E 42 -11.28 15.14 44.89
CA CYS E 42 -10.04 15.55 45.51
C CYS E 42 -9.75 17.03 45.20
N SER E 43 -8.55 17.48 45.56
CA SER E 43 -8.19 18.88 45.49
C SER E 43 -7.24 19.14 44.33
N LEU E 44 -7.49 20.20 43.58
CA LEU E 44 -6.62 20.58 42.47
C LEU E 44 -5.32 21.18 43.02
N ASN E 45 -4.23 20.44 42.82
CA ASN E 45 -2.85 20.90 43.09
C ASN E 45 -2.67 21.31 44.57
N GLY E 46 -3.34 20.59 45.46
CA GLY E 46 -3.16 20.80 46.89
C GLY E 46 -3.91 21.99 47.45
N ILE E 47 -5.05 22.36 46.85
CA ILE E 47 -5.92 23.39 47.43
C ILE E 47 -7.34 22.84 47.41
N ALA E 48 -7.95 22.78 48.59
CA ALA E 48 -9.25 22.13 48.79
C ALA E 48 -10.35 22.87 48.01
N PRO E 49 -11.38 22.16 47.58
CA PRO E 49 -12.54 22.83 46.99
C PRO E 49 -13.42 23.45 48.07
N LEU E 50 -14.50 24.07 47.65
CA LEU E 50 -15.43 24.74 48.56
C LEU E 50 -16.81 24.15 48.32
N GLN E 51 -17.30 23.41 49.31
CA GLN E 51 -18.57 22.73 49.16
C GLN E 51 -19.67 23.58 49.80
N LEU E 52 -20.63 24.00 48.99
CA LEU E 52 -21.71 24.85 49.48
C LEU E 52 -22.70 24.03 50.32
N GLY E 53 -22.75 22.73 50.13
CA GLY E 53 -23.68 21.86 50.85
C GLY E 53 -25.10 22.11 50.40
N LYS E 54 -25.95 22.54 51.34
CA LYS E 54 -27.37 22.77 51.04
C LYS E 54 -27.61 24.24 50.66
N CYS E 55 -26.55 24.97 50.35
CA CYS E 55 -26.66 26.41 50.10
C CYS E 55 -26.39 26.72 48.63
N ASN E 56 -26.99 27.82 48.19
CA ASN E 56 -26.86 28.30 46.85
C ASN E 56 -25.77 29.39 46.81
N VAL E 57 -25.38 29.81 45.62
CA VAL E 57 -24.37 30.85 45.49
C VAL E 57 -24.95 32.18 45.96
N ALA E 58 -26.22 32.42 45.65
CA ALA E 58 -26.93 33.61 46.11
C ALA E 58 -27.02 33.61 47.64
N GLY E 59 -27.36 32.46 48.22
CA GLY E 59 -27.43 32.31 49.66
C GLY E 59 -26.08 32.46 50.33
N TRP E 60 -25.02 32.12 49.62
CA TRP E 60 -23.71 32.26 50.20
C TRP E 60 -23.24 33.71 50.18
N LEU E 61 -23.48 34.43 49.08
CA LEU E 61 -22.99 35.80 49.03
C LEU E 61 -23.85 36.73 49.87
N LEU E 62 -25.16 36.53 49.89
CA LEU E 62 -26.02 37.40 50.69
C LEU E 62 -25.88 37.09 52.17
N GLY E 63 -25.57 35.84 52.53
CA GLY E 63 -25.50 35.46 53.92
C GLY E 63 -26.85 35.01 54.44
N ASN E 64 -27.44 34.05 53.73
CA ASN E 64 -28.63 33.37 54.17
C ASN E 64 -28.31 32.69 55.50
N PRO E 65 -29.09 32.98 56.57
CA PRO E 65 -28.68 32.58 57.92
C PRO E 65 -28.57 31.08 58.18
N GLU E 66 -29.19 30.26 57.35
CA GLU E 66 -29.01 28.83 57.48
C GLU E 66 -27.71 28.37 56.81
N CYS E 67 -27.07 29.25 56.05
CA CYS E 67 -25.73 28.98 55.50
C CYS E 67 -24.68 29.59 56.42
N ASP E 68 -24.77 29.27 57.70
CA ASP E 68 -23.94 29.90 58.69
C ASP E 68 -22.60 29.18 58.84
N LEU E 69 -22.53 27.95 58.36
CA LEU E 69 -21.34 27.11 58.52
C LEU E 69 -20.18 27.66 57.68
N LEU E 70 -20.46 28.04 56.44
CA LEU E 70 -19.42 28.42 55.49
C LEU E 70 -19.24 29.95 55.48
N LEU E 71 -19.06 30.48 56.68
CA LEU E 71 -18.97 31.94 56.85
C LEU E 71 -17.50 32.39 56.88
N THR E 72 -16.57 31.48 57.13
CA THR E 72 -15.17 31.85 57.30
C THR E 72 -14.33 31.39 56.10
N ALA E 73 -14.98 30.84 55.09
CA ALA E 73 -14.28 30.34 53.90
C ALA E 73 -13.81 31.52 53.03
N ASN E 74 -12.61 31.43 52.50
CA ASN E 74 -12.11 32.53 51.67
C ASN E 74 -11.22 32.04 50.53
N SER E 75 -11.04 30.75 50.36
CA SER E 75 -10.15 30.27 49.30
C SER E 75 -10.62 28.89 48.82
N TRP E 76 -10.43 28.62 47.53
CA TRP E 76 -10.87 27.37 46.94
C TRP E 76 -10.12 27.10 45.64
N SER E 77 -10.50 25.99 45.01
CA SER E 77 -10.10 25.63 43.66
C SER E 77 -11.29 25.61 42.72
N TYR E 78 -12.43 25.14 43.22
CA TYR E 78 -13.68 25.10 42.49
C TYR E 78 -14.81 24.98 43.51
N ILE E 79 -16.02 25.32 43.09
CA ILE E 79 -17.17 25.39 43.97
C ILE E 79 -18.08 24.20 43.65
N ILE E 80 -18.54 23.53 44.69
CA ILE E 80 -19.40 22.37 44.53
C ILE E 80 -20.81 22.72 45.03
N GLU E 81 -21.79 22.61 44.15
CA GLU E 81 -23.18 22.57 44.55
C GLU E 81 -23.65 21.11 44.55
N THR E 82 -24.78 20.88 45.21
CA THR E 82 -25.38 19.56 45.24
C THR E 82 -26.77 19.64 44.61
N SER E 83 -27.52 18.54 44.75
CA SER E 83 -28.89 18.51 44.31
C SER E 83 -29.85 18.95 45.43
N ASN E 84 -29.30 19.33 46.58
CA ASN E 84 -30.12 19.79 47.71
C ASN E 84 -29.77 21.23 48.08
N SER E 85 -29.14 21.96 47.17
CA SER E 85 -28.77 23.35 47.41
C SER E 85 -29.98 24.23 47.07
N GLU E 86 -30.76 24.57 48.09
CA GLU E 86 -32.01 25.32 47.86
C GLU E 86 -32.06 26.63 48.64
N ASN E 87 -31.27 26.74 49.71
CA ASN E 87 -31.28 27.91 50.55
C ASN E 87 -30.59 29.08 49.86
N GLY E 88 -31.35 29.80 49.04
CA GLY E 88 -30.80 30.92 48.27
C GLY E 88 -31.25 32.27 48.80
N THR E 89 -32.47 32.66 48.44
CA THR E 89 -33.01 33.95 48.85
C THR E 89 -34.21 33.70 49.76
N CYS E 90 -34.08 34.06 51.02
CA CYS E 90 -35.14 33.77 51.97
C CYS E 90 -36.31 34.74 51.78
N TYR E 91 -36.05 36.03 51.71
CA TYR E 91 -37.12 36.95 51.35
C TYR E 91 -37.31 36.91 49.83
N PRO E 92 -38.55 36.80 49.35
CA PRO E 92 -38.75 36.52 47.93
C PRO E 92 -38.44 37.74 47.04
N GLY E 93 -38.02 37.47 45.81
CA GLY E 93 -37.68 38.54 44.89
C GLY E 93 -36.91 38.05 43.68
N GLU E 94 -35.96 38.85 43.22
CA GLU E 94 -35.25 38.54 41.99
C GLU E 94 -33.83 39.11 42.04
N PHE E 95 -32.86 38.22 42.10
CA PHE E 95 -31.46 38.60 42.00
C PHE E 95 -31.21 38.97 40.53
N ILE E 96 -30.87 40.22 40.28
CA ILE E 96 -30.74 40.69 38.91
C ILE E 96 -29.31 40.44 38.41
N ASP E 97 -29.20 39.88 37.21
CA ASP E 97 -27.94 39.47 36.58
C ASP E 97 -27.22 38.44 37.46
N TYR E 98 -27.91 37.37 37.78
CA TYR E 98 -27.34 36.33 38.61
C TYR E 98 -26.35 35.48 37.83
N GLU E 99 -26.61 35.30 36.53
CA GLU E 99 -25.77 34.42 35.72
C GLU E 99 -24.45 35.10 35.35
N GLU E 100 -24.48 36.40 35.09
CA GLU E 100 -23.27 37.16 34.83
C GLU E 100 -22.38 37.16 36.07
N LEU E 101 -22.99 37.17 37.26
CA LEU E 101 -22.23 37.11 38.50
C LEU E 101 -21.62 35.73 38.66
N ARG E 102 -22.32 34.68 38.26
CA ARG E 102 -21.75 33.34 38.29
C ARG E 102 -20.63 33.18 37.26
N GLU E 103 -20.63 33.97 36.19
CA GLU E 103 -19.54 33.88 35.21
C GLU E 103 -18.33 34.70 35.65
N GLN E 104 -18.57 35.84 36.29
CA GLN E 104 -17.47 36.61 36.88
C GLN E 104 -16.81 35.81 38.01
N LEU E 105 -17.61 35.02 38.71
CA LEU E 105 -17.16 34.30 39.90
C LEU E 105 -16.25 33.12 39.51
N SER E 106 -16.26 32.69 38.25
CA SER E 106 -15.46 31.53 37.82
C SER E 106 -14.05 31.96 37.38
N SER E 107 -13.57 33.10 37.84
CA SER E 107 -12.21 33.53 37.50
C SER E 107 -11.51 34.08 38.74
N VAL E 108 -12.09 33.84 39.91
CA VAL E 108 -11.58 34.39 41.16
C VAL E 108 -11.19 33.20 42.04
N SER E 109 -9.94 33.19 42.49
CA SER E 109 -9.46 32.10 43.34
C SER E 109 -9.86 32.34 44.80
N SER E 110 -9.56 33.52 45.32
CA SER E 110 -9.75 33.79 46.73
C SER E 110 -10.21 35.24 46.92
N PHE E 111 -10.87 35.51 48.05
CA PHE E 111 -11.22 36.87 48.37
C PHE E 111 -10.88 37.19 49.82
N GLU E 112 -11.20 38.42 50.23
CA GLU E 112 -11.08 38.88 51.60
C GLU E 112 -12.36 39.63 51.94
N LYS E 113 -13.10 39.13 52.93
CA LYS E 113 -14.35 39.75 53.32
C LYS E 113 -14.07 40.83 54.37
N PHE E 114 -14.54 42.03 54.12
CA PHE E 114 -14.39 43.11 55.08
C PHE E 114 -15.71 43.86 55.19
N GLU E 115 -15.69 44.93 55.98
CA GLU E 115 -16.89 45.63 56.38
C GLU E 115 -16.80 47.07 55.87
N ILE E 116 -17.69 47.43 54.95
CA ILE E 116 -17.67 48.79 54.39
C ILE E 116 -18.26 49.76 55.42
N PHE E 117 -19.55 49.58 55.73
CA PHE E 117 -20.23 50.50 56.61
C PHE E 117 -20.59 49.77 57.91
N PRO E 118 -19.89 50.06 59.00
CA PRO E 118 -20.19 49.37 60.26
C PRO E 118 -21.56 49.78 60.80
N LYS E 119 -22.24 48.83 61.46
CA LYS E 119 -23.62 49.03 61.87
C LYS E 119 -23.70 50.05 63.02
N ALA E 120 -22.63 50.19 63.79
CA ALA E 120 -22.65 51.03 64.98
C ALA E 120 -22.59 52.53 64.63
N SER E 121 -21.72 52.90 63.68
CA SER E 121 -21.35 54.31 63.52
C SER E 121 -21.92 54.94 62.25
N SER E 122 -22.10 54.15 61.19
CA SER E 122 -22.36 54.71 59.86
C SER E 122 -23.81 55.21 59.70
N TRP E 123 -24.71 54.79 60.57
CA TRP E 123 -26.12 55.16 60.44
C TRP E 123 -26.63 55.75 61.74
N PRO E 124 -26.30 57.02 62.02
CA PRO E 124 -26.63 57.59 63.31
C PRO E 124 -28.06 58.14 63.43
N ASN E 125 -28.71 58.43 62.31
CA ASN E 125 -30.02 59.07 62.35
C ASN E 125 -31.15 58.05 62.27
N HIS E 126 -30.93 56.94 61.55
CA HIS E 126 -31.99 56.00 61.25
C HIS E 126 -32.01 54.88 62.31
N GLU E 127 -32.80 53.85 62.05
CA GLU E 127 -32.91 52.72 62.98
C GLU E 127 -32.27 51.49 62.33
N THR E 128 -31.21 51.00 62.96
CA THR E 128 -30.45 49.88 62.40
C THR E 128 -31.16 48.55 62.68
N THR E 129 -31.58 48.37 63.93
CA THR E 129 -32.28 47.15 64.30
C THR E 129 -33.76 47.28 63.91
N LYS E 130 -34.57 46.30 64.34
CA LYS E 130 -36.00 46.17 64.02
C LYS E 130 -36.20 46.02 62.50
N GLY E 131 -35.21 45.46 61.82
CA GLY E 131 -35.29 45.23 60.38
C GLY E 131 -35.34 43.75 60.06
N VAL E 132 -36.28 43.06 60.69
CA VAL E 132 -36.24 41.62 60.76
C VAL E 132 -37.60 41.06 60.33
N THR E 133 -37.59 40.00 59.51
CA THR E 133 -38.83 39.38 59.06
C THR E 133 -38.84 37.90 59.45
N ALA E 134 -40.02 37.30 59.29
CA ALA E 134 -40.27 35.90 59.64
C ALA E 134 -40.05 34.97 58.45
N ALA E 135 -39.85 35.52 57.25
CA ALA E 135 -39.55 34.70 56.08
C ALA E 135 -38.07 34.27 56.07
N CYS E 136 -37.26 34.90 56.90
CA CYS E 136 -35.88 34.48 57.09
C CYS E 136 -35.72 34.12 58.57
N SER E 137 -36.14 32.90 58.90
CA SER E 137 -36.30 32.48 60.27
C SER E 137 -35.15 31.55 60.66
N TYR E 138 -34.47 31.88 61.75
CA TYR E 138 -33.33 31.11 62.18
C TYR E 138 -33.52 30.63 63.62
N SER E 139 -33.45 29.32 63.80
CA SER E 139 -33.55 28.64 65.11
C SER E 139 -34.87 29.01 65.82
N GLY E 140 -35.97 28.99 65.07
CA GLY E 140 -37.29 29.28 65.64
C GLY E 140 -37.63 30.76 65.60
N ALA E 141 -36.65 31.63 65.86
CA ALA E 141 -36.87 33.07 65.91
C ALA E 141 -36.90 33.65 64.49
N SER E 142 -36.87 34.98 64.40
CA SER E 142 -36.81 35.67 63.12
C SER E 142 -35.44 36.33 62.97
N SER E 143 -34.91 36.36 61.75
CA SER E 143 -33.61 36.95 61.50
C SER E 143 -33.59 37.56 60.09
N PHE E 144 -32.41 37.87 59.60
CA PHE E 144 -32.21 38.51 58.31
C PHE E 144 -30.79 38.17 57.83
N TYR E 145 -30.44 38.61 56.62
CA TYR E 145 -29.15 38.32 55.99
C TYR E 145 -27.99 38.84 56.84
N ARG E 146 -26.83 38.23 56.65
CA ARG E 146 -25.67 38.54 57.46
C ARG E 146 -24.72 39.50 56.74
N ASN E 147 -25.05 39.89 55.52
CA ASN E 147 -24.20 40.83 54.79
C ASN E 147 -24.94 42.12 54.44
N LEU E 148 -26.26 42.13 54.54
CA LEU E 148 -27.03 43.32 54.22
C LEU E 148 -27.60 43.90 55.51
N LEU E 149 -28.33 45.01 55.38
CA LEU E 149 -28.87 45.70 56.52
C LEU E 149 -30.12 46.47 56.11
N TRP E 150 -31.26 45.98 56.58
CA TRP E 150 -32.51 46.71 56.50
C TRP E 150 -32.38 48.01 57.29
N ILE E 151 -33.01 49.07 56.82
CA ILE E 151 -32.96 50.36 57.51
C ILE E 151 -34.38 50.87 57.68
N THR E 152 -34.74 51.20 58.91
CA THR E 152 -36.01 51.85 59.20
C THR E 152 -35.73 53.13 59.99
N LYS E 153 -36.78 53.72 60.55
CA LYS E 153 -36.75 55.09 61.02
C LYS E 153 -36.61 55.16 62.54
N LYS E 154 -35.95 56.22 63.01
CA LYS E 154 -35.78 56.42 64.44
C LYS E 154 -36.71 57.54 64.90
N GLY E 155 -37.95 57.16 65.21
CA GLY E 155 -38.93 58.08 65.80
C GLY E 155 -39.78 58.80 64.76
N THR E 156 -40.26 58.06 63.76
CA THR E 156 -41.23 58.53 62.74
C THR E 156 -40.67 59.72 61.94
N SER E 157 -39.35 59.74 61.77
CA SER E 157 -38.68 60.79 61.02
C SER E 157 -37.58 60.15 60.17
N TYR E 158 -37.70 60.28 58.86
CA TYR E 158 -36.78 59.67 57.92
C TYR E 158 -36.07 60.76 57.13
N PRO E 159 -34.92 61.21 57.62
CA PRO E 159 -34.15 62.20 56.88
C PRO E 159 -33.52 61.57 55.62
N LYS E 160 -33.19 62.42 54.68
CA LYS E 160 -32.55 61.99 53.45
C LYS E 160 -31.10 61.57 53.75
N LEU E 161 -30.68 60.43 53.21
CA LEU E 161 -29.35 59.93 53.51
C LEU E 161 -28.48 59.91 52.26
N SER E 162 -27.19 60.16 52.47
CA SER E 162 -26.18 60.03 51.43
C SER E 162 -24.88 59.59 52.10
N LYS E 163 -24.31 58.49 51.62
CA LYS E 163 -23.08 57.97 52.18
C LYS E 163 -22.19 57.49 51.04
N SER E 164 -20.89 57.75 51.15
CA SER E 164 -19.97 57.40 50.08
C SER E 164 -18.93 56.40 50.58
N TYR E 165 -18.04 55.99 49.67
CA TYR E 165 -16.94 55.10 49.99
C TYR E 165 -15.91 55.14 48.86
N THR E 166 -14.63 55.17 49.22
CA THR E 166 -13.54 54.97 48.27
C THR E 166 -12.81 53.69 48.63
N ASN E 167 -12.19 53.05 47.66
CA ASN E 167 -11.37 51.91 48.00
C ASN E 167 -9.88 52.26 47.91
N ASN E 168 -9.07 51.43 48.55
CA ASN E 168 -7.63 51.59 48.55
C ASN E 168 -6.94 50.22 48.59
N LYS E 169 -7.71 49.15 48.41
CA LYS E 169 -7.20 47.78 48.54
C LYS E 169 -6.33 47.39 47.35
N GLY E 170 -6.39 48.14 46.26
CA GLY E 170 -5.65 47.79 45.04
C GLY E 170 -6.30 46.66 44.25
N LYS E 171 -7.39 46.10 44.76
CA LYS E 171 -8.11 45.02 44.09
C LYS E 171 -9.54 45.49 43.82
N GLU E 172 -10.26 44.76 42.99
CA GLU E 172 -11.64 45.11 42.71
C GLU E 172 -12.52 44.69 43.89
N VAL E 173 -13.52 45.51 44.18
CA VAL E 173 -14.41 45.27 45.31
C VAL E 173 -15.80 44.97 44.75
N LEU E 174 -16.45 43.95 45.30
CA LEU E 174 -17.74 43.45 44.81
C LEU E 174 -18.82 43.84 45.83
N VAL E 175 -19.64 44.82 45.47
CA VAL E 175 -20.57 45.43 46.40
C VAL E 175 -21.99 44.96 46.03
N LEU E 176 -22.75 44.55 47.05
CA LEU E 176 -24.14 44.14 46.86
C LEU E 176 -25.07 45.08 47.62
N TRP E 177 -26.28 45.27 47.11
CA TRP E 177 -27.32 45.94 47.87
C TRP E 177 -28.69 45.44 47.40
N GLY E 178 -29.72 46.05 47.95
CA GLY E 178 -31.08 45.65 47.62
C GLY E 178 -32.05 46.81 47.70
N VAL E 179 -33.20 46.63 47.04
CA VAL E 179 -34.27 47.61 47.06
C VAL E 179 -35.57 46.88 47.39
N HIS E 180 -36.19 47.28 48.49
CA HIS E 180 -37.45 46.70 48.94
C HIS E 180 -38.59 47.48 48.31
N HIS E 181 -39.70 46.80 48.01
CA HIS E 181 -40.93 47.55 47.77
C HIS E 181 -42.16 46.82 48.28
N PRO E 182 -42.91 47.48 49.18
CA PRO E 182 -44.02 46.83 49.87
C PRO E 182 -45.23 46.68 48.93
N PRO E 183 -46.23 45.90 49.34
CA PRO E 183 -47.35 45.71 48.42
C PRO E 183 -48.47 46.76 48.55
N SER E 184 -48.53 47.45 49.68
CA SER E 184 -49.65 48.36 49.95
C SER E 184 -49.12 49.74 50.36
N VAL E 185 -49.87 50.77 50.03
CA VAL E 185 -49.47 52.16 50.23
C VAL E 185 -49.41 52.46 51.73
N SER E 186 -50.28 51.82 52.51
CA SER E 186 -50.24 51.94 53.96
C SER E 186 -48.94 51.36 54.52
N GLU E 187 -48.44 50.29 53.90
CA GLU E 187 -47.20 49.66 54.34
C GLU E 187 -46.01 50.57 54.02
N GLN E 188 -46.05 51.20 52.86
CA GLN E 188 -45.04 52.20 52.46
C GLN E 188 -45.04 53.37 53.43
N GLN E 189 -46.22 53.82 53.82
CA GLN E 189 -46.37 54.93 54.77
C GLN E 189 -45.85 54.52 56.15
N SER E 190 -46.12 53.27 56.54
CA SER E 190 -45.77 52.80 57.88
C SER E 190 -44.26 52.59 58.00
N LEU E 191 -43.63 52.09 56.96
CA LEU E 191 -42.23 51.72 57.07
C LEU E 191 -41.31 52.92 56.83
N TYR E 192 -41.74 53.93 56.07
CA TYR E 192 -40.78 54.95 55.65
C TYR E 192 -41.29 56.40 55.69
N GLN E 193 -42.53 56.62 56.10
CA GLN E 193 -43.14 57.97 56.28
C GLN E 193 -43.23 58.80 54.99
N ASN E 194 -42.86 58.25 53.84
CA ASN E 194 -42.77 59.06 52.64
C ASN E 194 -43.39 58.27 51.49
N ALA E 195 -44.53 58.75 51.01
CA ALA E 195 -45.29 58.09 49.94
C ALA E 195 -44.51 58.11 48.62
N ASP E 196 -43.67 59.12 48.45
CA ASP E 196 -42.72 59.15 47.35
C ASP E 196 -41.35 58.72 47.87
N ALA E 197 -40.60 58.02 47.03
CA ALA E 197 -39.29 57.52 47.41
C ALA E 197 -38.46 57.24 46.16
N TYR E 198 -37.16 57.12 46.36
CA TYR E 198 -36.21 56.72 45.35
C TYR E 198 -34.90 56.37 46.05
N VAL E 199 -34.10 55.52 45.42
CA VAL E 199 -32.69 55.41 45.79
C VAL E 199 -31.88 55.72 44.54
N SER E 200 -30.59 55.97 44.72
CA SER E 200 -29.75 56.33 43.60
C SER E 200 -28.30 55.93 43.93
N VAL E 201 -27.68 55.25 42.98
CA VAL E 201 -26.34 54.75 43.15
C VAL E 201 -25.48 55.35 42.03
N GLY E 202 -24.33 55.91 42.42
CA GLY E 202 -23.42 56.53 41.46
C GLY E 202 -21.99 56.10 41.67
N SER E 203 -21.27 55.97 40.56
CA SER E 203 -19.83 55.79 40.54
C SER E 203 -19.30 56.42 39.24
N SER E 204 -18.11 56.04 38.81
CA SER E 204 -17.56 56.54 37.56
C SER E 204 -18.26 55.93 36.35
N LYS E 205 -18.58 54.64 36.42
CA LYS E 205 -19.08 53.93 35.26
C LYS E 205 -20.44 53.27 35.55
N TYR E 206 -20.96 53.44 36.76
CA TYR E 206 -22.27 52.92 37.10
C TYR E 206 -23.14 54.08 37.59
N ASN E 207 -24.38 54.12 37.11
CA ASN E 207 -25.28 55.20 37.45
C ASN E 207 -26.71 54.70 37.29
N ARG E 208 -27.46 54.59 38.38
CA ARG E 208 -28.88 54.27 38.22
C ARG E 208 -29.69 54.88 39.35
N ARG E 209 -30.88 55.35 39.00
CA ARG E 209 -31.89 55.78 39.95
C ARG E 209 -33.01 54.74 39.96
N PHE E 210 -33.41 54.32 41.16
CA PHE E 210 -34.48 53.35 41.33
C PHE E 210 -35.68 54.01 42.02
N ALA E 211 -36.86 53.61 41.59
CA ALA E 211 -38.09 53.98 42.25
C ALA E 211 -38.81 52.72 42.71
N PRO E 212 -39.43 52.75 43.89
CA PRO E 212 -40.25 51.63 44.30
C PRO E 212 -41.56 51.57 43.51
N GLU E 213 -42.19 50.41 43.53
CA GLU E 213 -43.51 50.27 42.95
C GLU E 213 -44.40 49.53 43.96
N ILE E 214 -45.62 49.99 44.08
CA ILE E 214 -46.57 49.41 45.03
C ILE E 214 -47.71 48.80 44.22
N ALA E 215 -47.90 47.50 44.39
CA ALA E 215 -48.96 46.77 43.67
C ALA E 215 -49.33 45.53 44.49
N ALA E 216 -50.48 44.94 44.14
CA ALA E 216 -50.94 43.72 44.78
C ALA E 216 -50.48 42.51 43.97
N ARG E 217 -50.09 41.46 44.67
CA ARG E 217 -49.50 40.28 44.07
C ARG E 217 -49.61 39.13 45.08
N PRO E 218 -49.65 37.87 44.60
CA PRO E 218 -49.86 36.74 45.48
C PRO E 218 -48.70 36.48 46.45
N LYS E 219 -49.00 35.82 47.55
CA LYS E 219 -48.03 35.59 48.60
C LYS E 219 -47.05 34.47 48.21
N VAL E 220 -45.79 34.66 48.59
CA VAL E 220 -44.77 33.62 48.52
C VAL E 220 -44.02 33.66 49.84
N ARG E 221 -43.94 32.51 50.50
CA ARG E 221 -43.34 32.33 51.85
C ARG E 221 -44.01 33.26 52.86
N GLY E 222 -45.31 33.47 52.69
CA GLY E 222 -46.12 34.30 53.58
C GLY E 222 -45.76 35.77 53.50
N GLN E 223 -45.25 36.22 52.37
CA GLN E 223 -44.93 37.63 52.16
C GLN E 223 -45.53 38.08 50.83
N ALA E 224 -46.06 39.30 50.82
CA ALA E 224 -46.65 39.89 49.61
C ALA E 224 -45.73 40.97 49.01
N GLY E 225 -44.74 41.42 49.74
CA GLY E 225 -43.75 42.35 49.20
C GLY E 225 -42.72 41.64 48.35
N ARG E 226 -41.85 42.40 47.73
CA ARG E 226 -40.74 41.85 46.97
C ARG E 226 -39.49 42.69 47.24
N MET E 227 -38.36 42.13 46.85
CA MET E 227 -37.09 42.78 47.05
C MET E 227 -36.18 42.43 45.87
N ASN E 228 -35.44 43.43 45.40
CA ASN E 228 -34.54 43.22 44.30
C ASN E 228 -33.10 43.37 44.76
N TYR E 229 -32.20 42.60 44.15
CA TYR E 229 -30.82 42.56 44.59
C TYR E 229 -29.89 42.97 43.45
N TYR E 230 -28.83 43.69 43.79
CA TYR E 230 -27.94 44.23 42.78
C TYR E 230 -26.49 44.11 43.24
N TRP E 231 -25.58 44.17 42.27
CA TRP E 231 -24.16 44.02 42.54
C TRP E 231 -23.35 44.83 41.53
N THR E 232 -22.16 45.25 41.95
CA THR E 232 -21.28 46.06 41.12
C THR E 232 -19.82 45.82 41.51
N LEU E 233 -18.96 45.67 40.51
CA LEU E 233 -17.52 45.64 40.71
C LEU E 233 -16.96 47.07 40.65
N LEU E 234 -16.39 47.53 41.76
CA LEU E 234 -15.60 48.76 41.76
C LEU E 234 -14.23 48.49 41.12
N ASP E 235 -13.48 49.56 40.89
CA ASP E 235 -12.09 49.44 40.53
C ASP E 235 -11.24 49.95 41.70
N GLN E 236 -9.94 49.79 41.60
CA GLN E 236 -9.04 50.48 42.52
C GLN E 236 -9.10 51.97 42.25
N GLY E 237 -9.00 52.76 43.31
CA GLY E 237 -9.18 54.19 43.19
C GLY E 237 -10.64 54.59 43.40
N ASP E 238 -11.42 54.49 42.33
CA ASP E 238 -12.75 55.06 42.16
C ASP E 238 -13.70 54.80 43.34
N THR E 239 -14.60 55.75 43.57
CA THR E 239 -15.48 55.80 44.73
C THR E 239 -16.86 55.23 44.35
N ILE E 240 -17.80 55.33 45.29
CA ILE E 240 -19.21 54.97 45.06
C ILE E 240 -20.04 55.76 46.07
N THR E 241 -21.21 56.20 45.66
CA THR E 241 -22.09 56.98 46.54
C THR E 241 -23.51 56.43 46.47
N PHE E 242 -24.03 56.08 47.65
CA PHE E 242 -25.44 55.76 47.82
C PHE E 242 -26.18 57.00 48.30
N GLU E 243 -27.39 57.19 47.81
CA GLU E 243 -28.18 58.34 48.17
C GLU E 243 -29.66 57.94 48.11
N ALA E 244 -30.34 57.97 49.24
CA ALA E 244 -31.66 57.35 49.31
C ALA E 244 -32.60 58.17 50.19
N THR E 245 -33.89 58.05 49.85
CA THR E 245 -34.95 58.68 50.62
C THR E 245 -36.05 57.69 50.98
N GLY E 246 -36.03 56.45 50.50
CA GLY E 246 -37.07 55.56 51.03
C GLY E 246 -36.84 54.05 51.14
N ASN E 247 -35.86 53.39 50.53
CA ASN E 247 -35.99 51.93 50.51
C ASN E 247 -34.67 51.18 50.58
N LEU E 248 -33.61 51.79 51.08
CA LEU E 248 -32.28 51.23 50.85
C LEU E 248 -32.03 50.02 51.75
N ILE E 249 -31.53 48.95 51.14
CA ILE E 249 -30.98 47.83 51.87
C ILE E 249 -29.46 47.94 51.77
N ALA E 250 -28.87 48.60 52.75
CA ALA E 250 -27.48 49.03 52.61
C ALA E 250 -26.53 47.83 52.73
N PRO E 251 -25.38 47.89 52.04
CA PRO E 251 -24.39 46.86 52.24
C PRO E 251 -23.75 46.97 53.62
N TRP E 252 -23.34 45.83 54.16
CA TRP E 252 -22.75 45.79 55.48
C TRP E 252 -21.43 44.98 55.47
N TYR E 253 -21.27 44.07 54.54
CA TYR E 253 -19.96 43.51 54.24
C TYR E 253 -19.75 43.49 52.73
N ALA E 254 -18.50 43.48 52.31
CA ALA E 254 -18.16 43.32 50.91
C ALA E 254 -16.89 42.49 50.78
N PHE E 255 -16.44 42.33 49.55
CA PHE E 255 -15.45 41.34 49.19
C PHE E 255 -14.37 41.99 48.33
N ALA E 256 -13.11 41.66 48.61
CA ALA E 256 -11.99 42.09 47.78
C ALA E 256 -11.44 40.86 47.05
N LEU E 257 -11.35 40.95 45.73
CA LEU E 257 -11.18 39.76 44.89
C LEU E 257 -9.74 39.65 44.39
N ASN E 258 -9.25 38.41 44.36
CA ASN E 258 -7.97 38.08 43.76
C ASN E 258 -8.21 37.58 42.33
N LYS E 259 -7.18 36.99 41.74
CA LYS E 259 -7.29 36.41 40.41
C LYS E 259 -6.78 34.97 40.41
N GLY E 260 -6.61 34.39 39.22
CA GLY E 260 -6.23 33.00 39.06
C GLY E 260 -7.36 32.22 38.44
N SER E 261 -7.26 32.00 37.13
CA SER E 261 -8.41 31.65 36.31
C SER E 261 -8.72 30.15 36.41
N ASP E 262 -9.67 29.74 35.55
CA ASP E 262 -10.02 28.33 35.30
C ASP E 262 -10.57 27.67 36.55
N SER E 263 -11.71 28.18 37.00
CA SER E 263 -12.50 27.55 38.04
C SER E 263 -13.92 27.39 37.53
N GLY E 264 -14.86 27.04 38.39
CA GLY E 264 -16.23 26.95 37.97
C GLY E 264 -17.12 26.40 39.05
N ILE E 265 -18.31 25.97 38.64
CA ILE E 265 -19.29 25.39 39.53
C ILE E 265 -19.58 23.97 39.06
N ILE E 266 -19.70 23.06 40.02
CA ILE E 266 -20.02 21.67 39.74
C ILE E 266 -21.26 21.28 40.56
N THR E 267 -22.21 20.65 39.91
CA THR E 267 -23.31 20.02 40.61
C THR E 267 -23.05 18.52 40.64
N SER E 268 -22.69 18.00 41.80
CA SER E 268 -22.43 16.58 41.96
C SER E 268 -22.76 16.15 43.39
N ASP E 269 -22.87 14.85 43.60
CA ASP E 269 -23.19 14.29 44.90
C ASP E 269 -22.12 13.32 45.38
N ALA E 270 -20.92 13.40 44.79
CA ALA E 270 -19.82 12.59 45.26
C ALA E 270 -19.29 13.16 46.58
N PRO E 271 -18.77 12.30 47.46
CA PRO E 271 -18.18 12.80 48.69
C PRO E 271 -16.82 13.48 48.43
N VAL E 272 -16.33 14.19 49.44
CA VAL E 272 -15.08 14.91 49.31
C VAL E 272 -14.02 14.20 50.16
N HIS E 273 -12.91 13.88 49.52
CA HIS E 273 -11.75 13.37 50.21
C HIS E 273 -10.56 14.27 49.92
N ASN E 274 -9.36 13.84 50.29
CA ASN E 274 -8.23 14.77 50.26
C ASN E 274 -7.01 14.13 49.59
N CYS E 275 -7.21 13.49 48.44
CA CYS E 275 -6.07 13.14 47.61
C CYS E 275 -5.71 14.36 46.74
N ASP E 276 -4.88 14.18 45.72
CA ASP E 276 -4.42 15.31 44.94
C ASP E 276 -4.34 14.88 43.47
N THR E 277 -5.11 15.53 42.61
CA THR E 277 -5.17 15.15 41.21
C THR E 277 -4.90 16.35 40.31
N ARG E 278 -4.98 16.09 39.01
CA ARG E 278 -4.77 17.10 37.99
C ARG E 278 -5.98 17.18 37.06
N CYS E 279 -7.01 16.38 37.32
CA CYS E 279 -8.21 16.38 36.49
C CYS E 279 -9.40 16.01 37.38
N GLN E 280 -10.53 16.66 37.16
CA GLN E 280 -11.68 16.45 38.02
C GLN E 280 -12.97 16.54 37.19
N THR E 281 -13.83 15.56 37.37
CA THR E 281 -15.15 15.52 36.74
C THR E 281 -16.19 15.42 37.86
N PRO E 282 -17.46 15.68 37.58
CA PRO E 282 -18.48 15.47 38.61
C PRO E 282 -18.74 14.00 39.00
N HIS E 283 -18.20 13.05 38.25
CA HIS E 283 -18.30 11.65 38.65
C HIS E 283 -17.07 11.19 39.44
N GLY E 284 -16.02 12.00 39.46
CA GLY E 284 -14.81 11.60 40.15
C GLY E 284 -13.59 12.08 39.40
N ALA E 285 -12.42 11.69 39.90
CA ALA E 285 -11.16 12.17 39.37
C ALA E 285 -10.58 11.15 38.39
N LEU E 286 -9.52 11.56 37.69
CA LEU E 286 -8.89 10.70 36.69
C LEU E 286 -7.37 10.81 36.78
N ASN E 287 -6.70 9.65 36.69
CA ASN E 287 -5.25 9.60 36.73
C ASN E 287 -4.75 8.77 35.55
N SER E 288 -4.68 9.41 34.38
CA SER E 288 -4.23 8.73 33.17
C SER E 288 -3.50 9.71 32.24
N SER E 289 -2.89 9.15 31.19
CA SER E 289 -2.14 9.94 30.22
C SER E 289 -2.58 9.60 28.80
N LEU E 290 -3.66 8.84 28.65
CA LEU E 290 -4.18 8.50 27.35
C LEU E 290 -4.82 9.74 26.71
N PRO E 291 -4.83 9.81 25.38
CA PRO E 291 -5.35 11.02 24.74
C PRO E 291 -6.87 11.18 24.78
N PHE E 292 -7.62 10.09 24.90
CA PHE E 292 -9.07 10.22 24.89
C PHE E 292 -9.65 9.82 26.24
N GLN E 293 -10.95 10.01 26.38
CA GLN E 293 -11.60 10.00 27.68
C GLN E 293 -13.10 9.76 27.44
N ASN E 294 -13.77 9.18 28.42
CA ASN E 294 -15.10 8.66 28.18
C ASN E 294 -16.06 8.93 29.35
N VAL E 295 -15.58 9.57 30.41
CA VAL E 295 -16.33 9.62 31.65
C VAL E 295 -17.42 10.69 31.56
N HIS E 296 -17.02 11.94 31.43
CA HIS E 296 -17.95 13.06 31.52
C HIS E 296 -17.38 14.23 30.71
N PRO E 297 -18.24 15.06 30.13
CA PRO E 297 -17.72 16.16 29.32
C PRO E 297 -17.40 17.47 30.07
N ILE E 298 -17.65 17.53 31.37
CA ILE E 298 -17.41 18.75 32.14
C ILE E 298 -16.18 18.50 33.03
N THR E 299 -15.07 19.12 32.64
CA THR E 299 -13.80 18.81 33.30
C THR E 299 -13.21 20.08 33.92
N ILE E 300 -12.42 19.88 34.98
CA ILE E 300 -11.63 20.94 35.59
C ILE E 300 -10.19 20.45 35.72
N GLY E 301 -9.27 21.26 35.21
CA GLY E 301 -7.84 20.98 35.28
C GLY E 301 -7.24 20.85 33.90
N GLU E 302 -6.49 19.78 33.69
CA GLU E 302 -5.93 19.45 32.39
C GLU E 302 -6.24 17.98 32.11
N CYS E 303 -7.21 17.76 31.22
CA CYS E 303 -7.84 16.46 31.09
C CYS E 303 -7.78 15.98 29.64
N PRO E 304 -7.81 14.67 29.42
CA PRO E 304 -7.94 14.15 28.07
C PRO E 304 -9.30 14.49 27.45
N LYS E 305 -9.36 14.41 26.13
CA LYS E 305 -10.48 14.92 25.37
C LYS E 305 -11.66 13.93 25.43
N TYR E 306 -12.86 14.46 25.64
CA TYR E 306 -14.05 13.64 25.75
C TYR E 306 -14.55 13.26 24.36
N VAL E 307 -14.83 11.98 24.16
CA VAL E 307 -15.44 11.48 22.92
C VAL E 307 -16.63 10.61 23.29
N LYS E 308 -17.38 10.18 22.28
CA LYS E 308 -18.65 9.51 22.50
C LYS E 308 -18.57 8.07 21.98
N SER E 309 -17.44 7.41 22.25
CA SER E 309 -17.20 6.06 21.74
C SER E 309 -17.00 5.09 22.91
N THR E 310 -16.78 3.82 22.59
CA THR E 310 -16.70 2.79 23.64
C THR E 310 -15.39 1.99 23.56
N LYS E 311 -14.70 2.01 22.42
CA LYS E 311 -13.53 1.18 22.25
C LYS E 311 -12.62 1.81 21.19
N LEU E 312 -11.38 2.08 21.60
CA LEU E 312 -10.37 2.61 20.69
C LEU E 312 -9.05 1.84 20.87
N ARG E 313 -9.15 0.52 20.78
CA ARG E 313 -7.97 -0.31 20.82
C ARG E 313 -7.20 -0.14 19.51
N MET E 314 -5.87 -0.06 19.59
CA MET E 314 -5.07 0.17 18.40
C MET E 314 -3.96 -0.88 18.32
N ALA E 315 -3.82 -1.47 17.14
CA ALA E 315 -2.96 -2.63 16.95
C ALA E 315 -1.51 -2.21 16.75
N THR E 316 -0.62 -2.82 17.53
CA THR E 316 0.81 -2.72 17.29
C THR E 316 1.38 -4.15 17.28
N GLY E 317 1.23 -4.85 16.18
CA GLY E 317 1.64 -6.24 16.13
C GLY E 317 0.99 -6.97 14.97
N LEU E 318 1.16 -8.28 14.96
CA LEU E 318 0.82 -9.10 13.82
C LEU E 318 -0.57 -9.71 14.01
N ARG E 319 -1.12 -10.27 12.93
CA ARG E 319 -2.29 -11.12 13.04
C ARG E 319 -1.90 -12.40 13.80
N ASN E 320 -2.65 -12.72 14.85
CA ASN E 320 -2.38 -13.89 15.63
C ASN E 320 -2.91 -15.10 14.89
N VAL E 321 -2.05 -15.70 14.07
CA VAL E 321 -2.46 -16.89 13.34
C VAL E 321 -1.77 -18.10 13.95
N PRO E 322 -2.51 -18.89 14.74
CA PRO E 322 -1.90 -20.07 15.34
C PRO E 322 -1.75 -21.19 14.30
N SER E 323 -0.83 -22.10 14.56
CA SER E 323 -0.54 -23.16 13.60
C SER E 323 -1.44 -24.37 13.85
N ILE E 324 -1.66 -25.14 12.78
CA ILE E 324 -2.48 -26.34 12.84
C ILE E 324 -1.63 -27.53 12.41
N GLY F 1 -2.30 -2.68 0.12
CA GLY F 1 -3.02 -3.97 -0.04
C GLY F 1 -2.28 -5.09 0.66
N LEU F 2 -2.78 -6.29 0.48
CA LEU F 2 -2.23 -7.47 1.15
C LEU F 2 -1.02 -7.95 0.35
N PHE F 3 0.13 -8.06 1.00
CA PHE F 3 1.37 -8.41 0.31
C PHE F 3 1.54 -9.91 0.10
N GLY F 4 0.73 -10.73 0.76
CA GLY F 4 0.61 -12.13 0.39
C GLY F 4 1.37 -13.09 1.30
N ALA F 5 2.06 -12.62 2.34
CA ALA F 5 2.90 -13.51 3.16
C ALA F 5 2.12 -14.04 4.37
N ILE F 6 1.67 -13.15 5.26
CA ILE F 6 1.01 -13.57 6.49
C ILE F 6 -0.36 -14.17 6.14
N ALA F 7 -0.54 -15.42 6.55
CA ALA F 7 -1.69 -16.27 6.19
C ALA F 7 -1.83 -16.36 4.65
N GLY F 8 -0.70 -16.30 3.96
CA GLY F 8 -0.69 -16.36 2.50
C GLY F 8 0.08 -17.56 2.02
N PHE F 9 1.22 -17.35 1.37
CA PHE F 9 2.02 -18.51 0.96
C PHE F 9 2.76 -19.09 2.17
N ILE F 10 3.00 -18.29 3.20
CA ILE F 10 3.45 -18.84 4.47
C ILE F 10 2.22 -19.12 5.32
N GLU F 11 2.20 -20.28 5.96
CA GLU F 11 1.12 -20.72 6.85
C GLU F 11 1.23 -19.97 8.18
N GLY F 12 0.54 -20.47 9.22
CA GLY F 12 0.47 -19.83 10.55
C GLY F 12 1.81 -19.62 11.23
N GLY F 13 1.77 -18.85 12.32
CA GLY F 13 2.98 -18.41 13.00
C GLY F 13 3.61 -19.49 13.87
N TRP F 14 4.68 -19.09 14.53
CA TRP F 14 5.47 -19.97 15.38
C TRP F 14 5.30 -19.56 16.83
N THR F 15 4.74 -20.46 17.63
CA THR F 15 4.57 -20.19 19.04
C THR F 15 5.92 -20.28 19.76
N GLY F 16 6.77 -21.19 19.30
CA GLY F 16 8.05 -21.50 19.94
C GLY F 16 9.09 -20.40 19.83
N MET F 17 8.86 -19.42 18.97
CA MET F 17 9.77 -18.31 18.82
C MET F 17 9.33 -17.17 19.76
N ILE F 18 10.26 -16.60 20.51
CA ILE F 18 9.90 -15.74 21.64
C ILE F 18 10.47 -14.33 21.47
N ASP F 19 11.76 -14.21 21.18
CA ASP F 19 12.46 -12.96 21.40
C ASP F 19 12.36 -12.02 20.19
N GLY F 20 11.37 -12.16 19.33
CA GLY F 20 11.27 -11.22 18.21
C GLY F 20 9.96 -11.34 17.44
N TRP F 21 9.92 -10.73 16.27
CA TRP F 21 8.75 -10.81 15.40
C TRP F 21 9.05 -11.60 14.13
N TYR F 22 10.29 -11.55 13.64
CA TYR F 22 10.65 -12.20 12.40
C TYR F 22 11.92 -13.01 12.62
N GLY F 23 11.91 -14.26 12.21
CA GLY F 23 13.04 -15.11 12.52
C GLY F 23 13.16 -16.30 11.59
N TYR F 24 14.07 -17.19 11.95
CA TYR F 24 14.46 -18.30 11.10
C TYR F 24 14.23 -19.62 11.85
N HIS F 25 14.36 -20.73 11.12
CA HIS F 25 14.25 -22.03 11.71
C HIS F 25 15.15 -22.98 10.92
N HIS F 26 16.24 -23.41 11.52
CA HIS F 26 17.29 -24.11 10.79
C HIS F 26 17.48 -25.52 11.35
N GLN F 27 17.90 -26.45 10.48
CA GLN F 27 18.11 -27.84 10.86
C GLN F 27 19.43 -28.36 10.30
N ASN F 28 20.55 -27.79 10.70
CA ASN F 28 21.84 -28.34 10.26
C ASN F 28 22.16 -29.65 11.01
N GLU F 29 23.39 -30.09 10.84
CA GLU F 29 23.90 -31.40 11.28
C GLU F 29 23.72 -31.63 12.79
N GLN F 30 23.64 -30.58 13.60
CA GLN F 30 23.63 -30.82 15.05
C GLN F 30 22.53 -30.06 15.82
N GLY F 31 21.48 -29.55 15.17
CA GLY F 31 20.42 -28.92 15.97
C GLY F 31 19.19 -28.54 15.17
N SER F 32 18.17 -28.10 15.92
CA SER F 32 17.03 -27.37 15.38
C SER F 32 17.19 -25.87 15.69
N GLY F 33 16.17 -25.08 15.40
CA GLY F 33 16.40 -23.64 15.22
C GLY F 33 15.66 -22.72 16.17
N TYR F 34 14.79 -21.89 15.59
CA TYR F 34 14.10 -20.75 16.22
C TYR F 34 15.10 -19.72 16.76
N ALA F 35 15.75 -19.02 15.84
CA ALA F 35 16.50 -17.81 16.16
C ALA F 35 15.83 -16.62 15.48
N ALA F 36 15.77 -15.49 16.18
CA ALA F 36 15.11 -14.29 15.66
C ALA F 36 16.08 -13.49 14.78
N ASP F 37 15.53 -12.52 14.07
CA ASP F 37 16.29 -11.65 13.20
C ASP F 37 16.27 -10.23 13.77
N GLN F 38 17.29 -9.91 14.55
CA GLN F 38 17.27 -8.72 15.39
C GLN F 38 17.44 -7.43 14.58
N LYS F 39 17.78 -7.53 13.30
CA LYS F 39 18.01 -6.33 12.50
C LYS F 39 16.65 -5.73 12.09
N SER F 40 15.79 -6.55 11.49
CA SER F 40 14.56 -6.05 10.88
C SER F 40 13.51 -5.73 11.96
N THR F 41 13.45 -6.55 13.00
CA THR F 41 12.48 -6.36 14.07
C THR F 41 12.75 -5.05 14.83
N GLN F 42 14.00 -4.61 14.86
CA GLN F 42 14.31 -3.35 15.52
C GLN F 42 13.75 -2.18 14.70
N ASN F 43 13.84 -2.27 13.38
CA ASN F 43 13.27 -1.25 12.51
C ASN F 43 11.75 -1.21 12.65
N ALA F 44 11.12 -2.38 12.81
CA ALA F 44 9.69 -2.45 13.01
C ALA F 44 9.29 -1.80 14.35
N ILE F 45 10.06 -2.06 15.40
CA ILE F 45 9.78 -1.50 16.71
C ILE F 45 9.94 0.03 16.68
N ASP F 46 10.96 0.52 15.98
CA ASP F 46 11.18 1.96 15.87
C ASP F 46 10.03 2.64 15.14
N GLY F 47 9.59 2.05 14.03
CA GLY F 47 8.49 2.60 13.23
C GLY F 47 7.19 2.67 14.02
N ILE F 48 6.87 1.58 14.71
CA ILE F 48 5.60 1.51 15.43
C ILE F 48 5.63 2.45 16.63
N THR F 49 6.76 2.56 17.32
CA THR F 49 6.89 3.44 18.46
C THR F 49 6.70 4.90 18.03
N SER F 50 7.34 5.29 16.92
CA SER F 50 7.20 6.65 16.42
C SER F 50 5.75 6.92 15.99
N LYS F 51 5.07 5.92 15.45
CA LYS F 51 3.69 6.05 15.00
C LYS F 51 2.76 6.32 16.18
N VAL F 52 2.91 5.56 17.25
CA VAL F 52 2.03 5.71 18.41
C VAL F 52 2.29 7.06 19.09
N ASN F 53 3.55 7.45 19.19
CA ASN F 53 3.88 8.73 19.83
C ASN F 53 3.37 9.91 19.00
N SER F 54 3.39 9.78 17.68
CA SER F 54 2.85 10.82 16.81
C SER F 54 1.35 10.97 17.00
N VAL F 55 0.63 9.85 17.05
CA VAL F 55 -0.82 9.86 17.23
C VAL F 55 -1.19 10.44 18.61
N ILE F 56 -0.38 10.16 19.62
CA ILE F 56 -0.61 10.75 20.94
C ILE F 56 -0.38 12.27 20.88
N GLU F 57 0.72 12.71 20.29
CA GLU F 57 1.08 14.13 20.41
C GLU F 57 0.31 15.01 19.42
N LYS F 58 -0.48 14.47 18.52
CA LYS F 58 -1.33 15.33 17.70
C LYS F 58 -2.57 15.79 18.47
N MET F 59 -2.98 15.04 19.48
CA MET F 59 -4.20 15.37 20.22
C MET F 59 -3.86 16.23 21.43
N ASN F 60 -4.34 17.46 21.42
CA ASN F 60 -4.12 18.39 22.51
C ASN F 60 -5.07 18.04 23.67
N THR F 61 -4.60 18.27 24.88
CA THR F 61 -5.44 18.13 26.06
C THR F 61 -6.40 19.30 26.12
N GLN F 62 -7.52 19.11 26.80
CA GLN F 62 -8.47 20.19 27.00
C GLN F 62 -8.33 20.75 28.41
N PHE F 63 -8.60 22.04 28.54
CA PHE F 63 -8.62 22.71 29.82
C PHE F 63 -10.04 22.74 30.36
N THR F 64 -10.30 23.63 31.31
CA THR F 64 -11.56 23.62 32.05
C THR F 64 -12.72 24.01 31.15
N ALA F 65 -13.78 23.19 31.20
CA ALA F 65 -14.98 23.42 30.43
C ALA F 65 -16.19 23.18 31.34
N VAL F 66 -16.79 24.27 31.80
CA VAL F 66 -17.87 24.22 32.77
C VAL F 66 -19.12 24.77 32.09
N GLY F 67 -20.27 24.17 32.39
CA GLY F 67 -21.56 24.59 31.83
C GLY F 67 -21.94 26.00 32.26
N LYS F 68 -22.85 26.59 31.51
CA LYS F 68 -23.31 27.95 31.78
C LYS F 68 -24.78 27.94 32.18
N GLU F 69 -25.30 29.10 32.54
CA GLU F 69 -26.65 29.21 33.06
C GLU F 69 -27.40 30.31 32.30
N PHE F 70 -28.69 30.10 32.09
CA PHE F 70 -29.52 31.05 31.37
C PHE F 70 -30.90 31.09 32.02
N ASN F 71 -31.54 32.25 31.99
CA ASN F 71 -32.90 32.38 32.49
C ASN F 71 -33.90 32.03 31.36
N ASN F 72 -35.17 32.34 31.58
CA ASN F 72 -36.23 31.88 30.70
C ASN F 72 -36.44 32.81 29.49
N LEU F 73 -35.70 33.90 29.39
CA LEU F 73 -35.81 34.79 28.25
C LEU F 73 -34.53 34.77 27.40
N GLU F 74 -33.68 33.78 27.63
CA GLU F 74 -32.47 33.62 26.84
C GLU F 74 -32.41 32.20 26.29
N ARG F 75 -33.55 31.73 25.81
CA ARG F 75 -33.66 30.37 25.27
C ARG F 75 -32.83 30.26 23.97
N ARG F 76 -32.78 31.36 23.24
CA ARG F 76 -32.20 31.41 21.91
C ARG F 76 -30.68 31.19 22.00
N ILE F 77 -30.04 31.91 22.90
CA ILE F 77 -28.61 31.78 23.14
C ILE F 77 -28.30 30.39 23.73
N GLU F 78 -29.20 29.86 24.55
CA GLU F 78 -28.98 28.57 25.19
C GLU F 78 -28.97 27.46 24.13
N ASN F 79 -29.90 27.51 23.19
CA ASN F 79 -29.91 26.57 22.08
C ASN F 79 -28.66 26.70 21.23
N LEU F 80 -28.16 27.93 21.04
CA LEU F 80 -26.93 28.15 20.26
C LEU F 80 -25.74 27.49 20.98
N ASN F 81 -25.68 27.61 22.30
CA ASN F 81 -24.61 27.04 23.09
C ASN F 81 -24.61 25.51 22.98
N LYS F 82 -25.79 24.92 23.10
CA LYS F 82 -25.93 23.48 23.02
C LYS F 82 -25.52 22.99 21.61
N LYS F 83 -25.87 23.76 20.59
CA LYS F 83 -25.51 23.41 19.22
C LYS F 83 -23.99 23.39 19.05
N VAL F 84 -23.30 24.37 19.62
CA VAL F 84 -21.84 24.45 19.50
C VAL F 84 -21.19 23.25 20.17
N ASP F 85 -21.64 22.90 21.38
CA ASP F 85 -21.03 21.79 22.11
C ASP F 85 -21.26 20.46 21.40
N ASP F 86 -22.46 20.23 20.91
CA ASP F 86 -22.76 18.97 20.26
C ASP F 86 -22.03 18.84 18.92
N GLY F 87 -21.89 19.95 18.19
CA GLY F 87 -21.17 19.95 16.93
C GLY F 87 -19.71 19.57 17.11
N PHE F 88 -19.03 20.21 18.06
CA PHE F 88 -17.62 19.92 18.27
C PHE F 88 -17.41 18.49 18.77
N LEU F 89 -18.33 18.00 19.59
CA LEU F 89 -18.23 16.64 20.10
C LEU F 89 -18.35 15.63 18.96
N ASP F 90 -19.28 15.87 18.04
CA ASP F 90 -19.46 14.96 16.90
C ASP F 90 -18.22 14.95 15.99
N VAL F 91 -17.63 16.12 15.78
CA VAL F 91 -16.45 16.23 14.93
C VAL F 91 -15.29 15.45 15.56
N TRP F 92 -15.06 15.60 16.86
CA TRP F 92 -13.92 14.91 17.47
C TRP F 92 -14.13 13.41 17.55
N THR F 93 -15.35 12.94 17.80
CA THR F 93 -15.56 11.50 17.89
C THR F 93 -15.40 10.87 16.50
N TYR F 94 -15.80 11.58 15.45
CA TYR F 94 -15.60 11.12 14.09
C TYR F 94 -14.11 10.99 13.79
N ASN F 95 -13.33 12.01 14.12
CA ASN F 95 -11.91 12.03 13.80
C ASN F 95 -11.19 10.88 14.52
N ALA F 96 -11.54 10.65 15.78
CA ALA F 96 -10.88 9.60 16.57
C ALA F 96 -11.13 8.22 15.97
N GLU F 97 -12.39 7.89 15.71
CA GLU F 97 -12.73 6.55 15.23
C GLU F 97 -12.14 6.31 13.83
N LEU F 98 -12.19 7.31 12.98
CA LEU F 98 -11.73 7.17 11.60
C LEU F 98 -10.20 7.01 11.56
N LEU F 99 -9.51 7.72 12.45
CA LEU F 99 -8.03 7.66 12.52
C LEU F 99 -7.60 6.25 12.94
N VAL F 100 -8.27 5.67 13.93
CA VAL F 100 -7.91 4.34 14.39
C VAL F 100 -8.19 3.30 13.31
N LEU F 101 -9.33 3.40 12.63
CA LEU F 101 -9.70 2.42 11.59
C LEU F 101 -8.71 2.46 10.41
N LEU F 102 -8.20 3.62 10.03
CA LEU F 102 -7.28 3.59 8.90
C LEU F 102 -5.88 3.14 9.33
N GLU F 103 -5.49 3.53 10.54
CA GLU F 103 -4.17 3.21 11.06
C GLU F 103 -4.00 1.70 11.22
N ASN F 104 -5.08 0.97 11.48
CA ASN F 104 -4.97 -0.47 11.67
C ASN F 104 -4.63 -1.21 10.38
N GLU F 105 -5.23 -0.83 9.24
CA GLU F 105 -4.83 -1.50 7.98
C GLU F 105 -3.40 -1.11 7.64
N ARG F 106 -3.01 0.12 7.94
CA ARG F 106 -1.67 0.55 7.65
C ARG F 106 -0.65 -0.31 8.41
N THR F 107 -0.88 -0.56 9.69
CA THR F 107 0.10 -1.31 10.47
C THR F 107 0.10 -2.81 10.11
N LEU F 108 -1.03 -3.40 9.79
CA LEU F 108 -1.04 -4.81 9.41
C LEU F 108 -0.33 -5.02 8.06
N ASP F 109 -0.53 -4.12 7.12
CA ASP F 109 0.17 -4.23 5.85
C ASP F 109 1.66 -3.96 6.03
N PHE F 110 2.03 -3.15 7.01
CA PHE F 110 3.43 -2.91 7.30
C PHE F 110 4.13 -4.19 7.74
N HIS F 111 3.50 -4.95 8.64
CA HIS F 111 4.09 -6.23 9.06
C HIS F 111 4.16 -7.21 7.89
N ASP F 112 3.14 -7.24 7.05
CA ASP F 112 3.10 -8.15 5.93
C ASP F 112 4.24 -7.86 4.95
N SER F 113 4.49 -6.57 4.71
CA SER F 113 5.58 -6.14 3.84
C SER F 113 6.94 -6.56 4.41
N ASN F 114 7.10 -6.47 5.73
CA ASN F 114 8.36 -6.83 6.35
C ASN F 114 8.65 -8.32 6.15
N VAL F 115 7.63 -9.17 6.29
CA VAL F 115 7.84 -10.60 6.13
C VAL F 115 8.21 -10.91 4.68
N ARG F 116 7.54 -10.27 3.73
CA ARG F 116 7.83 -10.55 2.31
C ARG F 116 9.26 -10.11 1.96
N ASN F 117 9.69 -8.96 2.45
CA ASN F 117 11.04 -8.50 2.13
C ASN F 117 12.10 -9.40 2.77
N LEU F 118 11.82 -9.88 3.98
CA LEU F 118 12.76 -10.77 4.68
C LEU F 118 12.87 -12.11 3.95
N TYR F 119 11.81 -12.51 3.24
CA TYR F 119 11.89 -13.72 2.45
C TYR F 119 12.69 -13.47 1.16
N GLU F 120 12.44 -12.35 0.50
CA GLU F 120 13.08 -12.04 -0.78
C GLU F 120 14.60 -11.89 -0.62
N LYS F 121 15.04 -11.37 0.52
CA LYS F 121 16.47 -11.18 0.77
C LYS F 121 17.19 -12.53 0.81
N VAL F 122 16.63 -13.47 1.55
CA VAL F 122 17.22 -14.79 1.71
C VAL F 122 17.21 -15.53 0.36
N LYS F 123 16.14 -15.37 -0.41
CA LYS F 123 16.10 -15.96 -1.74
C LYS F 123 17.19 -15.36 -2.64
N SER F 124 17.40 -14.05 -2.53
CA SER F 124 18.30 -13.37 -3.46
C SER F 124 19.77 -13.71 -3.15
N GLN F 125 20.10 -14.04 -1.91
CA GLN F 125 21.49 -14.36 -1.62
C GLN F 125 21.76 -15.87 -1.60
N LEU F 126 20.81 -16.63 -2.10
CA LEU F 126 20.92 -18.08 -2.35
C LEU F 126 20.35 -18.35 -3.74
N ARG F 127 21.02 -17.85 -4.77
CA ARG F 127 20.49 -17.79 -6.15
C ARG F 127 20.34 -19.20 -6.75
N ASN F 128 21.41 -19.99 -6.72
CA ASN F 128 21.39 -21.30 -7.39
C ASN F 128 21.32 -22.46 -6.38
N ASN F 129 22.10 -22.43 -5.32
CA ASN F 129 22.22 -23.56 -4.38
C ASN F 129 21.16 -23.49 -3.26
N ALA F 130 19.87 -23.66 -3.58
CA ALA F 130 18.86 -23.66 -2.51
C ALA F 130 17.77 -24.70 -2.73
N LYS F 131 17.08 -24.64 -3.88
CA LYS F 131 15.91 -25.46 -4.20
C LYS F 131 14.83 -25.26 -3.13
N GLU F 132 14.14 -24.12 -3.23
CA GLU F 132 13.00 -23.80 -2.39
C GLU F 132 11.88 -24.83 -2.61
N ILE F 133 11.21 -25.19 -1.51
CA ILE F 133 10.35 -26.38 -1.50
C ILE F 133 8.91 -26.04 -1.12
N GLY F 134 8.66 -24.86 -0.54
CA GLY F 134 7.29 -24.51 -0.18
C GLY F 134 7.24 -23.85 1.19
N ASN F 135 6.21 -23.01 1.34
CA ASN F 135 5.91 -22.12 2.49
C ASN F 135 7.16 -21.51 3.12
N GLY F 136 8.07 -21.04 2.27
CA GLY F 136 9.26 -20.34 2.70
C GLY F 136 10.26 -21.24 3.39
N CYS F 137 10.76 -22.23 2.69
CA CYS F 137 11.85 -23.08 3.18
C CYS F 137 12.82 -23.33 2.03
N PHE F 138 14.08 -23.57 2.36
CA PHE F 138 15.10 -23.79 1.36
C PHE F 138 15.83 -25.07 1.73
N GLU F 139 16.70 -25.55 0.85
CA GLU F 139 17.22 -26.80 1.19
C GLU F 139 18.65 -27.06 0.72
N PHE F 140 19.54 -26.10 0.50
CA PHE F 140 20.99 -26.33 0.56
C PHE F 140 21.52 -27.57 -0.15
N TYR F 141 21.79 -27.56 -1.45
CA TYR F 141 22.38 -28.72 -2.04
C TYR F 141 23.71 -29.00 -1.40
N HIS F 142 24.46 -27.97 -1.08
CA HIS F 142 25.67 -28.30 -0.43
C HIS F 142 25.41 -28.61 1.06
N LYS F 143 26.49 -28.75 1.82
CA LYS F 143 26.37 -29.04 3.23
C LYS F 143 26.67 -27.78 4.05
N CYS F 144 25.84 -27.56 5.08
CA CYS F 144 25.93 -26.34 5.87
C CYS F 144 26.06 -26.71 7.36
N ASP F 145 26.80 -25.87 8.07
CA ASP F 145 26.92 -25.96 9.51
C ASP F 145 26.50 -24.62 10.11
N ASP F 146 26.79 -24.42 11.40
CA ASP F 146 26.35 -23.24 12.14
C ASP F 146 26.94 -21.95 11.55
N GLU F 147 28.17 -22.03 11.02
CA GLU F 147 28.84 -20.84 10.52
C GLU F 147 28.15 -20.33 9.25
N CYS F 148 27.83 -21.22 8.32
CA CYS F 148 27.08 -20.77 7.15
C CYS F 148 25.64 -20.40 7.52
N MET F 149 25.11 -20.88 8.64
CA MET F 149 23.80 -20.43 9.09
C MET F 149 23.85 -18.95 9.48
N GLU F 150 24.84 -18.58 10.29
CA GLU F 150 25.02 -17.20 10.70
C GLU F 150 25.40 -16.36 9.47
N SER F 151 26.12 -16.97 8.54
CA SER F 151 26.53 -16.31 7.30
C SER F 151 25.29 -15.94 6.47
N VAL F 152 24.27 -16.79 6.48
CA VAL F 152 23.01 -16.45 5.85
C VAL F 152 22.31 -15.34 6.65
N LYS F 153 22.23 -15.52 7.96
CA LYS F 153 21.50 -14.58 8.83
C LYS F 153 22.01 -13.14 8.69
N ASN F 154 23.30 -12.91 8.84
CA ASN F 154 23.86 -11.56 8.79
C ASN F 154 23.65 -10.90 7.43
N GLY F 155 23.85 -11.66 6.36
CA GLY F 155 23.67 -11.15 5.02
C GLY F 155 24.99 -11.19 4.28
N THR F 156 25.86 -12.08 4.73
CA THR F 156 27.18 -12.25 4.16
C THR F 156 27.37 -13.74 3.84
N TYR F 157 26.97 -14.14 2.64
CA TYR F 157 26.87 -15.57 2.34
C TYR F 157 28.09 -16.11 1.57
N ASP F 158 28.73 -15.26 0.76
CA ASP F 158 29.85 -15.58 -0.15
C ASP F 158 29.65 -16.89 -0.93
N TYR F 159 28.57 -16.90 -1.69
CA TYR F 159 28.15 -17.92 -2.68
C TYR F 159 29.28 -18.60 -3.48
N PRO F 160 30.27 -17.86 -4.03
CA PRO F 160 31.31 -18.55 -4.81
C PRO F 160 32.22 -19.50 -4.00
N LYS F 161 32.09 -19.54 -2.69
CA LYS F 161 32.80 -20.55 -1.91
C LYS F 161 32.20 -21.93 -2.17
N TYR F 162 30.89 -22.00 -2.41
CA TYR F 162 30.22 -23.29 -2.47
C TYR F 162 29.73 -23.65 -3.89
N SER F 163 29.89 -22.72 -4.83
CA SER F 163 29.12 -22.70 -6.09
C SER F 163 29.40 -23.94 -6.95
N GLU F 164 30.60 -24.49 -6.83
CA GLU F 164 30.96 -25.64 -7.64
C GLU F 164 30.36 -26.91 -7.03
N GLU F 165 30.43 -27.02 -5.70
CA GLU F 165 30.20 -28.29 -5.03
C GLU F 165 28.71 -28.63 -5.09
N SER F 166 27.89 -27.64 -4.76
CA SER F 166 26.46 -27.65 -4.96
C SER F 166 26.10 -28.15 -6.36
N LYS F 167 26.81 -27.63 -7.37
CA LYS F 167 26.53 -27.91 -8.77
C LYS F 167 26.60 -29.43 -8.99
N LEU F 168 27.63 -30.06 -8.41
CA LEU F 168 27.82 -31.50 -8.49
C LEU F 168 26.55 -32.22 -7.98
N ASN F 169 26.12 -31.87 -6.77
CA ASN F 169 24.97 -32.52 -6.16
C ASN F 169 23.70 -32.26 -6.96
N ARG F 170 23.60 -31.08 -7.57
CA ARG F 170 22.43 -30.76 -8.36
C ARG F 170 22.37 -31.70 -9.56
N GLU F 171 23.51 -31.94 -10.18
CA GLU F 171 23.55 -32.81 -11.34
C GLU F 171 23.41 -34.28 -10.91
N GLU F 172 23.57 -34.54 -9.62
CA GLU F 172 23.29 -35.89 -9.13
C GLU F 172 21.78 -36.13 -9.09
N ILE F 173 21.01 -35.10 -8.74
CA ILE F 173 19.58 -35.31 -8.53
C ILE F 173 18.85 -35.23 -9.87
N ASP F 174 19.31 -34.35 -10.75
CA ASP F 174 18.82 -34.29 -12.10
C ASP F 174 19.29 -35.54 -12.86
N GLU G 1 8.23 -9.25 -46.99
CA GLU G 1 6.87 -9.71 -47.38
C GLU G 1 6.73 -11.18 -47.01
N VAL G 2 5.51 -11.56 -46.63
CA VAL G 2 5.26 -12.88 -46.06
C VAL G 2 4.71 -13.79 -47.15
N GLN G 3 5.35 -14.94 -47.33
CA GLN G 3 4.80 -15.97 -48.21
C GLN G 3 5.05 -17.35 -47.62
N LEU G 4 4.16 -18.27 -47.98
CA LEU G 4 4.18 -19.65 -47.52
C LEU G 4 4.17 -20.55 -48.75
N LEU G 5 5.27 -21.26 -48.97
CA LEU G 5 5.33 -22.21 -50.06
C LEU G 5 5.11 -23.62 -49.49
N GLU G 6 4.63 -24.54 -50.31
CA GLU G 6 4.23 -25.84 -49.80
C GLU G 6 4.33 -26.88 -50.90
N SER G 7 4.64 -28.11 -50.49
CA SER G 7 4.89 -29.20 -51.42
C SER G 7 4.74 -30.55 -50.72
N GLY G 8 4.68 -31.60 -51.53
CA GLY G 8 4.62 -32.98 -51.04
C GLY G 8 3.40 -33.72 -51.53
N GLY G 9 2.70 -33.16 -52.52
CA GLY G 9 1.47 -33.76 -53.03
C GLY G 9 1.73 -34.93 -53.97
N GLY G 10 0.65 -35.44 -54.54
CA GLY G 10 0.74 -36.47 -55.56
C GLY G 10 -0.17 -37.65 -55.28
N LEU G 11 -0.40 -38.44 -56.32
CA LEU G 11 -1.23 -39.63 -56.23
C LEU G 11 -0.54 -40.70 -55.37
N VAL G 12 -1.28 -41.21 -54.40
CA VAL G 12 -0.76 -42.23 -53.48
C VAL G 12 -1.82 -43.32 -53.27
N GLN G 13 -1.34 -44.56 -53.31
CA GLN G 13 -2.13 -45.78 -53.06
C GLN G 13 -2.82 -45.70 -51.69
N PRO G 14 -4.03 -46.26 -51.57
CA PRO G 14 -4.71 -46.32 -50.26
C PRO G 14 -3.91 -47.12 -49.23
N GLY G 15 -3.92 -46.64 -47.99
CA GLY G 15 -3.13 -47.23 -46.93
C GLY G 15 -1.70 -46.71 -46.88
N GLY G 16 -1.36 -45.74 -47.74
CA GLY G 16 0.02 -45.24 -47.85
C GLY G 16 0.38 -44.24 -46.77
N SER G 17 1.31 -43.36 -47.10
CA SER G 17 1.83 -42.38 -46.16
C SER G 17 2.43 -41.20 -46.93
N LEU G 18 2.30 -39.99 -46.38
CA LEU G 18 2.92 -38.80 -46.97
C LEU G 18 3.60 -37.97 -45.89
N ARG G 19 4.31 -36.96 -46.35
CA ARG G 19 4.89 -35.97 -45.49
C ARG G 19 4.89 -34.63 -46.23
N LEU G 20 3.85 -33.83 -45.99
CA LEU G 20 3.75 -32.52 -46.62
C LEU G 20 4.64 -31.53 -45.87
N SER G 21 5.15 -30.55 -46.59
CA SER G 21 6.01 -29.54 -45.99
C SER G 21 5.59 -28.15 -46.45
N CYS G 22 5.62 -27.21 -45.51
CA CYS G 22 5.31 -25.80 -45.77
C CYS G 22 6.50 -24.98 -45.27
N ALA G 23 7.17 -24.30 -46.20
CA ALA G 23 8.32 -23.45 -45.89
C ALA G 23 7.86 -22.00 -45.85
N ALA G 24 8.20 -21.31 -44.76
CA ALA G 24 7.74 -19.95 -44.52
C ALA G 24 8.90 -18.98 -44.76
N SER G 25 8.58 -17.81 -45.30
CA SER G 25 9.59 -16.77 -45.47
C SER G 25 8.94 -15.40 -45.35
N GLY G 26 9.52 -14.56 -44.50
CA GLY G 26 9.10 -13.16 -44.38
C GLY G 26 8.79 -12.74 -42.96
N PHE G 27 8.89 -13.63 -41.99
CA PHE G 27 8.60 -13.27 -40.59
C PHE G 27 9.44 -14.15 -39.66
N THR G 28 9.37 -13.82 -38.38
CA THR G 28 9.96 -14.65 -37.35
C THR G 28 9.07 -15.87 -37.16
N PHE G 29 9.57 -17.03 -37.57
CA PHE G 29 8.75 -18.23 -37.64
C PHE G 29 8.44 -18.79 -36.24
N SER G 30 9.30 -18.53 -35.28
CA SER G 30 9.19 -19.16 -33.96
C SER G 30 8.35 -18.30 -33.01
N SER G 31 7.45 -17.47 -33.54
CA SER G 31 6.58 -16.69 -32.67
C SER G 31 5.16 -16.60 -33.23
N TYR G 32 4.72 -17.62 -33.98
CA TYR G 32 3.33 -17.70 -34.43
C TYR G 32 2.90 -19.17 -34.49
N GLY G 33 1.66 -19.42 -34.11
CA GLY G 33 1.08 -20.73 -34.29
C GLY G 33 0.76 -20.97 -35.76
N MET G 34 0.66 -22.25 -36.13
CA MET G 34 0.39 -22.61 -37.51
C MET G 34 -0.73 -23.65 -37.56
N ALA G 35 -1.44 -23.68 -38.67
CA ALA G 35 -2.56 -24.60 -38.82
C ALA G 35 -2.62 -25.17 -40.24
N TRP G 36 -3.20 -26.37 -40.33
CA TRP G 36 -3.45 -27.04 -41.60
C TRP G 36 -4.95 -27.15 -41.81
N VAL G 37 -5.41 -26.71 -42.97
CA VAL G 37 -6.83 -26.69 -43.33
C VAL G 37 -6.97 -27.30 -44.73
N ARG G 38 -7.85 -28.29 -44.87
CA ARG G 38 -8.04 -28.92 -46.16
C ARG G 38 -9.40 -28.53 -46.75
N GLN G 39 -9.56 -28.82 -48.03
CA GLN G 39 -10.82 -28.59 -48.72
C GLN G 39 -11.04 -29.72 -49.73
N ALA G 40 -12.13 -30.46 -49.52
CA ALA G 40 -12.57 -31.47 -50.47
C ALA G 40 -12.99 -30.78 -51.78
N PRO G 41 -12.89 -31.47 -52.91
CA PRO G 41 -13.28 -30.83 -54.18
C PRO G 41 -14.80 -30.63 -54.28
N GLY G 42 -15.19 -29.36 -54.43
CA GLY G 42 -16.59 -28.97 -54.55
C GLY G 42 -17.34 -29.01 -53.22
N LYS G 43 -16.64 -28.73 -52.12
CA LYS G 43 -17.25 -28.65 -50.80
C LYS G 43 -16.62 -27.49 -50.02
N GLY G 44 -17.07 -27.31 -48.79
CA GLY G 44 -16.59 -26.21 -47.94
C GLY G 44 -15.27 -26.53 -47.27
N LEU G 45 -14.77 -25.55 -46.52
CA LEU G 45 -13.51 -25.69 -45.80
C LEU G 45 -13.68 -26.65 -44.61
N GLU G 46 -12.57 -27.20 -44.16
CA GLU G 46 -12.56 -28.08 -43.00
C GLU G 46 -11.19 -28.00 -42.33
N TRP G 47 -11.21 -27.81 -41.01
CA TRP G 47 -9.99 -27.69 -40.24
C TRP G 47 -9.37 -29.08 -40.03
N VAL G 48 -8.04 -29.15 -40.06
CA VAL G 48 -7.35 -30.41 -39.86
C VAL G 48 -6.52 -30.38 -38.57
N SER G 49 -5.55 -29.47 -38.49
CA SER G 49 -4.61 -29.56 -37.38
C SER G 49 -4.04 -28.21 -36.99
N PHE G 50 -3.39 -28.19 -35.82
CA PHE G 50 -2.84 -26.98 -35.25
C PHE G 50 -1.61 -27.30 -34.39
N ILE G 51 -0.58 -26.47 -34.52
CA ILE G 51 0.59 -26.51 -33.64
C ILE G 51 0.85 -25.10 -33.13
N SER G 52 1.20 -24.99 -31.85
CA SER G 52 1.36 -23.70 -31.19
C SER G 52 2.71 -23.07 -31.56
N ALA G 53 3.03 -21.94 -30.95
CA ALA G 53 4.26 -21.22 -31.28
C ALA G 53 5.48 -21.92 -30.68
N THR G 54 5.37 -22.31 -29.42
CA THR G 54 6.50 -22.92 -28.73
C THR G 54 6.62 -24.40 -29.08
N GLY G 55 5.58 -24.98 -29.69
CA GLY G 55 5.60 -26.40 -30.04
C GLY G 55 5.22 -27.31 -28.88
N LEU G 56 4.61 -26.74 -27.84
CA LEU G 56 4.18 -27.55 -26.70
C LEU G 56 2.70 -27.93 -26.78
N SER G 57 1.99 -27.49 -27.82
CA SER G 57 0.56 -27.74 -27.91
C SER G 57 0.21 -28.17 -29.32
N THR G 58 -0.35 -29.36 -29.46
CA THR G 58 -0.79 -29.86 -30.76
C THR G 58 -2.25 -30.29 -30.65
N TYR G 59 -3.05 -29.97 -31.66
CA TYR G 59 -4.43 -30.40 -31.68
C TYR G 59 -4.79 -30.89 -33.08
N PHE G 60 -5.68 -31.86 -33.13
CA PHE G 60 -6.10 -32.44 -34.40
C PHE G 60 -7.62 -32.44 -34.49
N ALA G 61 -8.12 -32.60 -35.71
CA ALA G 61 -9.55 -32.79 -35.90
C ALA G 61 -9.92 -34.19 -35.42
N ASP G 62 -11.19 -34.37 -35.12
CA ASP G 62 -11.67 -35.57 -34.48
C ASP G 62 -11.65 -36.77 -35.42
N SER G 63 -11.85 -36.52 -36.71
CA SER G 63 -11.92 -37.59 -37.70
C SER G 63 -10.53 -38.12 -38.06
N VAL G 64 -9.47 -37.39 -37.71
CA VAL G 64 -8.14 -37.74 -38.19
C VAL G 64 -7.22 -38.01 -36.99
N LYS G 65 -7.81 -38.39 -35.87
CA LYS G 65 -7.05 -38.69 -34.66
C LYS G 65 -6.20 -39.96 -34.85
N GLY G 66 -4.95 -39.88 -34.44
CA GLY G 66 -4.07 -41.04 -34.38
C GLY G 66 -3.41 -41.38 -35.71
N ARG G 67 -3.87 -40.79 -36.82
CA ARG G 67 -3.32 -41.13 -38.12
C ARG G 67 -2.39 -40.03 -38.64
N PHE G 68 -2.32 -38.91 -37.93
CA PHE G 68 -1.63 -37.73 -38.42
C PHE G 68 -0.73 -37.17 -37.31
N THR G 69 0.47 -36.76 -37.67
CA THR G 69 1.32 -36.05 -36.73
C THR G 69 1.80 -34.75 -37.38
N ILE G 70 2.32 -33.85 -36.56
CA ILE G 70 2.70 -32.53 -37.02
C ILE G 70 3.94 -32.10 -36.21
N SER G 71 4.88 -31.44 -36.87
CA SER G 71 6.10 -30.98 -36.22
C SER G 71 6.63 -29.75 -36.94
N ARG G 72 7.59 -29.08 -36.31
CA ARG G 72 8.18 -27.88 -36.87
C ARG G 72 9.68 -27.87 -36.62
N ASP G 73 10.41 -27.22 -37.53
CA ASP G 73 11.84 -27.07 -37.43
C ASP G 73 12.17 -25.58 -37.55
N THR G 74 12.82 -25.06 -36.53
CA THR G 74 13.13 -23.63 -36.45
C THR G 74 14.28 -23.28 -37.39
N THR G 75 15.26 -24.16 -37.50
CA THR G 75 16.49 -23.88 -38.24
C THR G 75 16.21 -23.81 -39.74
N LYS G 76 15.30 -24.66 -40.21
CA LYS G 76 14.93 -24.65 -41.61
C LYS G 76 13.73 -23.73 -41.86
N ASN G 77 13.09 -23.25 -40.78
CA ASN G 77 11.80 -22.53 -40.83
C ASN G 77 10.77 -23.35 -41.62
N THR G 78 10.53 -24.58 -41.20
CA THR G 78 9.72 -25.47 -42.00
C THR G 78 8.74 -26.24 -41.11
N LEU G 79 7.49 -26.32 -41.59
CA LEU G 79 6.41 -27.02 -40.91
C LEU G 79 6.14 -28.34 -41.65
N TYR G 80 6.14 -29.43 -40.91
CA TYR G 80 5.93 -30.74 -41.53
C TYR G 80 4.67 -31.39 -40.99
N LEU G 81 3.92 -32.03 -41.88
CA LEU G 81 2.74 -32.80 -41.48
C LEU G 81 2.85 -34.20 -42.08
N GLN G 82 2.86 -35.19 -41.19
CA GLN G 82 3.04 -36.59 -41.57
C GLN G 82 1.67 -37.30 -41.56
N MET G 83 1.33 -37.90 -42.69
CA MET G 83 0.05 -38.58 -42.85
C MET G 83 0.31 -40.09 -42.95
N ASN G 84 -0.47 -40.87 -42.22
CA ASN G 84 -0.31 -42.31 -42.19
C ASN G 84 -1.66 -42.99 -42.39
N SER G 85 -1.65 -44.04 -43.22
CA SER G 85 -2.77 -44.98 -43.40
C SER G 85 -4.03 -44.24 -43.88
N LEU G 86 -3.95 -43.68 -45.06
CA LEU G 86 -5.00 -42.82 -45.59
C LEU G 86 -6.24 -43.62 -46.00
N ARG G 87 -7.27 -42.89 -46.39
CA ARG G 87 -8.51 -43.45 -46.89
C ARG G 87 -8.86 -42.78 -48.21
N ALA G 88 -9.98 -43.20 -48.79
CA ALA G 88 -10.46 -42.64 -50.05
C ALA G 88 -10.98 -41.20 -49.85
N ASP G 89 -11.52 -40.91 -48.67
CA ASP G 89 -12.19 -39.63 -48.43
C ASP G 89 -11.22 -38.60 -47.82
N ASP G 90 -9.92 -38.75 -48.09
CA ASP G 90 -8.96 -37.72 -47.71
C ASP G 90 -8.50 -36.93 -48.93
N THR G 91 -9.13 -37.15 -50.08
CA THR G 91 -8.78 -36.44 -51.29
C THR G 91 -9.18 -34.97 -51.16
N ALA G 92 -8.18 -34.10 -51.06
CA ALA G 92 -8.46 -32.69 -50.79
C ALA G 92 -7.29 -31.82 -51.27
N VAL G 93 -7.49 -30.53 -51.15
CA VAL G 93 -6.43 -29.55 -51.33
C VAL G 93 -6.06 -29.01 -49.96
N TYR G 94 -4.77 -29.06 -49.64
CA TYR G 94 -4.29 -28.77 -48.29
C TYR G 94 -3.60 -27.40 -48.25
N PHE G 95 -3.90 -26.63 -47.20
CA PHE G 95 -3.35 -25.30 -47.02
C PHE G 95 -2.65 -25.21 -45.67
N CYS G 96 -1.52 -24.53 -45.65
CA CYS G 96 -0.88 -24.12 -44.41
C CYS G 96 -1.18 -22.65 -44.18
N ALA G 97 -1.64 -22.32 -42.97
CA ALA G 97 -2.10 -20.98 -42.65
C ALA G 97 -1.54 -20.55 -41.30
N ARG G 98 -1.55 -19.24 -41.07
CA ARG G 98 -0.87 -18.65 -39.94
C ARG G 98 -1.90 -17.97 -39.02
N MET G 99 -1.74 -18.20 -37.74
CA MET G 99 -2.60 -17.57 -36.73
C MET G 99 -2.22 -16.09 -36.62
N ARG G 100 -3.22 -15.24 -36.46
CA ARG G 100 -2.97 -13.81 -36.55
C ARG G 100 -2.38 -13.29 -35.24
N ARG G 101 -2.82 -13.83 -34.11
CA ARG G 101 -2.28 -13.48 -32.81
C ARG G 101 -1.62 -14.71 -32.19
N THR G 102 -1.28 -14.62 -30.91
CA THR G 102 -0.65 -15.73 -30.22
C THR G 102 -1.43 -16.10 -28.96
N MET G 103 -2.63 -15.56 -28.81
CA MET G 103 -3.46 -15.89 -27.67
C MET G 103 -4.31 -17.13 -27.99
N ILE G 104 -5.32 -17.40 -27.19
CA ILE G 104 -6.26 -18.46 -27.55
C ILE G 104 -7.25 -17.91 -28.59
N ALA G 105 -7.86 -16.76 -28.31
CA ALA G 105 -8.71 -16.12 -29.30
C ALA G 105 -7.80 -15.47 -30.36
N PHE G 106 -7.43 -16.26 -31.37
CA PHE G 106 -6.31 -15.87 -32.23
C PHE G 106 -6.72 -14.80 -33.26
N GLY G 107 -7.99 -14.78 -33.65
CA GLY G 107 -8.48 -13.73 -34.56
C GLY G 107 -8.14 -13.99 -36.01
N GLY G 108 -8.58 -15.15 -36.50
CA GLY G 108 -8.56 -15.44 -37.93
C GLY G 108 -7.17 -15.77 -38.45
N ASN G 109 -7.16 -16.25 -39.69
CA ASN G 109 -5.94 -16.69 -40.36
C ASN G 109 -5.63 -15.70 -41.48
N ASP G 110 -4.64 -14.85 -41.27
CA ASP G 110 -4.41 -13.73 -42.18
C ASP G 110 -3.68 -14.19 -43.46
N PHE G 111 -2.65 -15.02 -43.31
CA PHE G 111 -1.87 -15.47 -44.45
C PHE G 111 -2.10 -16.94 -44.73
N TRP G 112 -2.18 -17.26 -46.02
CA TRP G 112 -2.51 -18.60 -46.47
C TRP G 112 -1.46 -19.04 -47.49
N GLY G 113 -1.41 -20.34 -47.74
CA GLY G 113 -0.51 -20.89 -48.74
C GLY G 113 -1.07 -20.70 -50.14
N GLN G 114 -0.98 -21.75 -50.94
CA GLN G 114 -1.52 -21.72 -52.29
C GLN G 114 -2.13 -23.07 -52.67
N GLY G 115 -2.01 -24.08 -51.82
CA GLY G 115 -2.71 -25.34 -52.01
C GLY G 115 -1.91 -26.37 -52.78
N THR G 116 -1.72 -27.52 -52.15
CA THR G 116 -1.20 -28.69 -52.83
C THR G 116 -2.30 -29.74 -52.88
N LEU G 117 -2.32 -30.52 -53.95
CA LEU G 117 -3.40 -31.47 -54.21
C LEU G 117 -2.92 -32.86 -53.78
N VAL G 118 -3.82 -33.62 -53.15
CA VAL G 118 -3.53 -34.98 -52.72
C VAL G 118 -4.72 -35.87 -53.15
N THR G 119 -4.40 -36.87 -53.96
CA THR G 119 -5.41 -37.82 -54.42
C THR G 119 -5.05 -39.22 -53.90
N VAL G 120 -5.97 -39.82 -53.16
CA VAL G 120 -5.79 -41.17 -52.68
C VAL G 120 -6.80 -42.06 -53.40
N SER G 121 -6.29 -42.89 -54.30
CA SER G 121 -7.12 -43.82 -55.05
C SER G 121 -6.25 -44.98 -55.54
N SER G 122 -6.93 -46.02 -56.04
CA SER G 122 -6.27 -47.20 -56.56
C SER G 122 -6.65 -47.37 -58.04
N ALA G 123 -5.84 -46.80 -58.91
CA ALA G 123 -6.03 -46.91 -60.35
C ALA G 123 -4.69 -46.68 -61.05
N SER G 124 -4.65 -47.02 -62.34
CA SER G 124 -3.46 -46.91 -63.16
C SER G 124 -3.59 -45.70 -64.09
N THR G 125 -2.45 -45.14 -64.49
CA THR G 125 -2.43 -44.05 -65.45
C THR G 125 -2.88 -44.58 -66.81
N LYS G 126 -4.08 -44.20 -67.21
CA LYS G 126 -4.70 -44.72 -68.42
C LYS G 126 -5.05 -43.56 -69.36
N GLY G 127 -4.74 -43.75 -70.63
CA GLY G 127 -5.12 -42.83 -71.69
C GLY G 127 -6.62 -42.80 -71.90
N PRO G 128 -7.13 -41.69 -72.44
CA PRO G 128 -8.58 -41.58 -72.65
C PRO G 128 -9.04 -42.17 -73.98
N SER G 129 -10.35 -42.26 -74.14
CA SER G 129 -10.99 -42.67 -75.38
C SER G 129 -11.94 -41.57 -75.85
N VAL G 130 -11.97 -41.33 -77.17
CA VAL G 130 -12.71 -40.21 -77.74
C VAL G 130 -13.78 -40.76 -78.68
N PHE G 131 -15.02 -40.30 -78.50
CA PHE G 131 -16.13 -40.70 -79.34
C PHE G 131 -16.83 -39.46 -79.89
N PRO G 132 -17.12 -39.44 -81.20
CA PRO G 132 -17.83 -38.30 -81.78
C PRO G 132 -19.31 -38.25 -81.36
N LEU G 133 -19.83 -37.03 -81.24
CA LEU G 133 -21.21 -36.79 -80.82
C LEU G 133 -21.90 -36.05 -81.96
N ALA G 134 -22.75 -36.78 -82.68
CA ALA G 134 -23.17 -36.54 -84.08
C ALA G 134 -24.56 -35.89 -84.16
N PRO G 135 -24.72 -34.91 -85.05
CA PRO G 135 -26.02 -34.28 -85.26
C PRO G 135 -26.96 -35.15 -86.12
N SER G 136 -28.17 -35.39 -85.60
CA SER G 136 -29.22 -36.03 -86.39
C SER G 136 -29.94 -34.99 -87.24
N GLY G 137 -30.54 -33.99 -86.58
CA GLY G 137 -31.18 -32.87 -87.27
C GLY G 137 -30.94 -31.56 -86.54
N THR G 138 -29.90 -31.51 -85.73
CA THR G 138 -29.64 -30.36 -84.87
C THR G 138 -28.38 -29.61 -85.32
N ALA G 139 -28.08 -28.53 -84.61
CA ALA G 139 -27.06 -27.57 -85.00
C ALA G 139 -25.80 -27.66 -84.11
N ALA G 140 -25.73 -28.66 -83.23
CA ALA G 140 -24.60 -28.79 -82.32
C ALA G 140 -23.91 -30.15 -82.54
N LEU G 141 -22.63 -30.21 -82.19
CA LEU G 141 -21.84 -31.44 -82.30
C LEU G 141 -20.66 -31.37 -81.34
N GLY G 142 -20.12 -32.52 -80.98
CA GLY G 142 -19.05 -32.51 -80.00
C GLY G 142 -18.23 -33.78 -79.96
N CYS G 143 -17.40 -33.87 -78.93
CA CYS G 143 -16.58 -35.05 -78.66
C CYS G 143 -16.73 -35.44 -77.19
N LEU G 144 -16.79 -36.75 -76.94
CA LEU G 144 -16.93 -37.32 -75.60
C LEU G 144 -15.63 -38.03 -75.21
N VAL G 145 -15.08 -37.63 -74.07
CA VAL G 145 -13.83 -38.17 -73.56
C VAL G 145 -14.15 -39.04 -72.34
N LYS G 146 -13.66 -40.28 -72.36
CA LYS G 146 -14.05 -41.26 -71.35
C LYS G 146 -12.82 -42.05 -70.89
N ASP G 147 -12.84 -42.43 -69.61
CA ASP G 147 -11.97 -43.47 -69.02
C ASP G 147 -10.50 -43.05 -69.05
N TYR G 148 -10.19 -42.00 -68.30
CA TYR G 148 -8.83 -41.63 -67.97
C TYR G 148 -8.77 -41.38 -66.47
N PHE G 149 -7.71 -41.86 -65.81
CA PHE G 149 -7.64 -41.63 -64.38
C PHE G 149 -7.09 -40.25 -64.00
N PRO G 150 -5.85 -39.88 -64.39
CA PRO G 150 -5.27 -38.70 -63.76
C PRO G 150 -5.77 -37.40 -64.40
N GLU G 151 -5.80 -36.34 -63.60
CA GLU G 151 -6.13 -35.01 -64.09
C GLU G 151 -4.89 -34.33 -64.67
N PRO G 152 -5.07 -33.41 -65.63
CA PRO G 152 -6.25 -33.10 -66.43
C PRO G 152 -6.07 -33.45 -67.91
N VAL G 153 -7.17 -33.37 -68.66
CA VAL G 153 -7.10 -33.44 -70.11
C VAL G 153 -7.30 -32.03 -70.66
N THR G 154 -6.99 -31.86 -71.94
CA THR G 154 -7.26 -30.60 -72.62
C THR G 154 -7.83 -30.90 -74.01
N VAL G 155 -8.98 -30.29 -74.30
CA VAL G 155 -9.65 -30.49 -75.58
C VAL G 155 -9.70 -29.15 -76.31
N SER G 156 -9.01 -29.09 -77.45
CA SER G 156 -9.06 -27.95 -78.35
C SER G 156 -9.82 -28.33 -79.62
N TRP G 157 -10.15 -27.32 -80.43
CA TRP G 157 -10.95 -27.51 -81.61
C TRP G 157 -10.32 -26.79 -82.81
N ASN G 158 -10.09 -27.55 -83.88
CA ASN G 158 -9.50 -27.08 -85.14
C ASN G 158 -8.11 -26.46 -84.91
N SER G 159 -7.40 -26.97 -83.91
CA SER G 159 -6.09 -26.47 -83.44
C SER G 159 -6.16 -24.96 -83.11
N GLY G 160 -7.21 -24.58 -82.39
CA GLY G 160 -7.39 -23.21 -81.93
C GLY G 160 -8.16 -22.33 -82.92
N ALA G 161 -8.65 -22.90 -84.03
CA ALA G 161 -9.39 -22.14 -85.03
C ALA G 161 -10.91 -22.15 -84.75
N LEU G 162 -11.32 -22.53 -83.55
CA LEU G 162 -12.74 -22.59 -83.20
C LEU G 162 -12.90 -22.15 -81.75
N THR G 163 -13.29 -20.88 -81.58
CA THR G 163 -13.44 -20.29 -80.25
C THR G 163 -14.87 -19.72 -80.07
N SER G 164 -15.86 -20.32 -80.73
CA SER G 164 -17.25 -19.89 -80.58
C SER G 164 -18.12 -21.09 -80.19
N GLY G 165 -18.89 -20.90 -79.13
CA GLY G 165 -19.83 -21.91 -78.63
C GLY G 165 -19.14 -23.14 -78.06
N VAL G 166 -17.87 -23.05 -77.73
CA VAL G 166 -17.10 -24.18 -77.22
C VAL G 166 -17.38 -24.30 -75.71
N HIS G 167 -18.15 -25.32 -75.35
CA HIS G 167 -18.39 -25.62 -73.95
C HIS G 167 -17.68 -26.92 -73.59
N THR G 168 -16.81 -26.84 -72.59
CA THR G 168 -16.13 -28.00 -72.04
C THR G 168 -16.54 -28.14 -70.57
N PHE G 169 -17.27 -29.20 -70.29
CA PHE G 169 -17.84 -29.43 -68.97
C PHE G 169 -16.74 -29.87 -68.00
N PRO G 170 -16.91 -29.59 -66.71
CA PRO G 170 -15.96 -30.12 -65.73
C PRO G 170 -16.10 -31.64 -65.61
N ALA G 171 -14.97 -32.32 -65.38
CA ALA G 171 -14.92 -33.78 -65.31
C ALA G 171 -15.70 -34.28 -64.10
N VAL G 172 -16.19 -35.51 -64.21
CA VAL G 172 -16.97 -36.14 -63.15
C VAL G 172 -16.38 -37.53 -62.88
N LEU G 173 -16.19 -37.85 -61.61
CA LEU G 173 -15.76 -39.19 -61.24
C LEU G 173 -16.93 -40.15 -61.43
N GLN G 174 -16.75 -41.11 -62.33
CA GLN G 174 -17.71 -42.19 -62.47
C GLN G 174 -17.36 -43.29 -61.46
N SER G 175 -18.34 -44.14 -61.18
CA SER G 175 -18.32 -45.09 -60.07
C SER G 175 -17.25 -46.18 -60.27
N SER G 176 -16.76 -46.37 -61.49
CA SER G 176 -15.68 -47.31 -61.75
C SER G 176 -14.37 -46.80 -61.16
N GLY G 177 -14.17 -45.48 -61.19
CA GLY G 177 -12.94 -44.87 -60.68
C GLY G 177 -12.17 -44.17 -61.77
N LEU G 178 -12.90 -43.64 -62.76
CA LEU G 178 -12.30 -42.93 -63.88
C LEU G 178 -13.05 -41.62 -64.12
N TYR G 179 -12.56 -40.86 -65.10
CA TYR G 179 -13.11 -39.55 -65.40
C TYR G 179 -13.69 -39.54 -66.81
N SER G 180 -14.72 -38.70 -66.99
CA SER G 180 -15.37 -38.56 -68.28
C SER G 180 -15.92 -37.14 -68.39
N LEU G 181 -15.67 -36.50 -69.53
CA LEU G 181 -16.29 -35.20 -69.82
C LEU G 181 -16.69 -35.13 -71.29
N SER G 182 -17.23 -33.98 -71.67
CA SER G 182 -17.71 -33.75 -73.02
C SER G 182 -17.29 -32.36 -73.48
N SER G 183 -17.35 -32.13 -74.78
CA SER G 183 -17.14 -30.80 -75.33
C SER G 183 -18.07 -30.61 -76.54
N VAL G 184 -18.86 -29.54 -76.50
CA VAL G 184 -19.89 -29.29 -77.52
C VAL G 184 -19.66 -27.92 -78.16
N VAL G 185 -20.06 -27.82 -79.43
CA VAL G 185 -20.03 -26.59 -80.21
C VAL G 185 -21.34 -26.50 -80.99
N THR G 186 -21.98 -25.34 -80.91
CA THR G 186 -23.14 -25.01 -81.76
C THR G 186 -22.66 -24.20 -82.96
N VAL G 187 -23.20 -24.53 -84.13
CA VAL G 187 -22.87 -23.91 -85.40
C VAL G 187 -24.21 -23.71 -86.12
N PRO G 188 -24.23 -23.15 -87.34
CA PRO G 188 -25.49 -23.24 -88.12
C PRO G 188 -25.88 -24.70 -88.41
N SER G 189 -27.19 -24.94 -88.51
CA SER G 189 -27.77 -26.27 -88.74
C SER G 189 -27.32 -26.84 -90.10
N SER G 190 -27.11 -25.95 -91.07
CA SER G 190 -26.82 -26.32 -92.46
C SER G 190 -25.30 -26.34 -92.70
N SER G 191 -24.49 -26.33 -91.65
CA SER G 191 -23.02 -26.25 -91.78
C SER G 191 -22.39 -27.65 -91.88
N LEU G 192 -23.15 -28.63 -92.35
CA LEU G 192 -22.66 -30.02 -92.48
C LEU G 192 -22.18 -30.32 -93.90
N GLY G 193 -22.20 -29.31 -94.78
CA GLY G 193 -21.81 -29.49 -96.18
C GLY G 193 -20.32 -29.68 -96.36
N THR G 194 -19.55 -28.63 -96.13
CA THR G 194 -18.11 -28.63 -96.44
C THR G 194 -17.25 -28.39 -95.19
N GLN G 195 -17.88 -28.02 -94.07
CA GLN G 195 -17.15 -27.61 -92.87
C GLN G 195 -16.55 -28.85 -92.19
N THR G 196 -15.32 -28.70 -91.71
CA THR G 196 -14.57 -29.81 -91.15
C THR G 196 -14.15 -29.47 -89.71
N TYR G 197 -14.54 -30.34 -88.79
CA TYR G 197 -14.23 -30.18 -87.37
C TYR G 197 -13.22 -31.25 -86.97
N ILE G 198 -12.20 -30.86 -86.19
CA ILE G 198 -11.29 -31.81 -85.58
C ILE G 198 -11.11 -31.41 -84.12
N CYS G 199 -11.52 -32.32 -83.22
CA CYS G 199 -11.27 -32.15 -81.79
C CYS G 199 -9.93 -32.80 -81.45
N ASN G 200 -9.10 -32.05 -80.74
CA ASN G 200 -7.74 -32.42 -80.41
C ASN G 200 -7.65 -32.61 -78.90
N VAL G 201 -7.42 -33.84 -78.46
CA VAL G 201 -7.43 -34.17 -77.05
C VAL G 201 -6.01 -34.51 -76.62
N ASN G 202 -5.54 -33.85 -75.56
CA ASN G 202 -4.20 -34.07 -75.05
C ASN G 202 -4.30 -34.53 -73.59
N HIS G 203 -3.65 -35.65 -73.30
CA HIS G 203 -3.57 -36.24 -71.97
C HIS G 203 -2.10 -36.24 -71.55
N LYS G 204 -1.73 -35.22 -70.78
CA LYS G 204 -0.34 -34.96 -70.33
C LYS G 204 0.24 -36.02 -69.37
N PRO G 205 -0.56 -36.63 -68.44
CA PRO G 205 0.06 -37.71 -67.62
C PRO G 205 0.47 -38.94 -68.43
N SER G 206 -0.49 -39.52 -69.17
CA SER G 206 -0.20 -40.66 -70.04
C SER G 206 0.40 -40.20 -71.38
N ASN G 207 0.32 -38.90 -71.66
CA ASN G 207 0.91 -38.28 -72.88
C ASN G 207 0.32 -38.89 -74.15
N THR G 208 -0.99 -38.71 -74.33
CA THR G 208 -1.66 -39.25 -75.50
C THR G 208 -2.44 -38.12 -76.19
N LYS G 209 -2.19 -37.99 -77.49
CA LYS G 209 -2.90 -37.00 -78.32
C LYS G 209 -3.80 -37.75 -79.28
N VAL G 210 -5.10 -37.43 -79.22
CA VAL G 210 -6.10 -38.05 -80.08
C VAL G 210 -6.70 -36.96 -80.96
N ASP G 211 -6.78 -37.24 -82.25
CA ASP G 211 -7.41 -36.35 -83.21
C ASP G 211 -8.67 -37.03 -83.73
N LYS G 212 -9.81 -36.37 -83.59
CA LYS G 212 -11.07 -37.00 -83.99
C LYS G 212 -11.94 -36.02 -84.77
N ARG G 213 -12.43 -36.47 -85.92
CA ARG G 213 -13.41 -35.73 -86.72
C ARG G 213 -14.81 -36.24 -86.37
N VAL G 214 -15.75 -35.32 -86.22
CA VAL G 214 -17.13 -35.64 -85.90
C VAL G 214 -18.02 -35.34 -87.12
N GLU G 215 -18.86 -36.31 -87.47
CA GLU G 215 -19.78 -36.23 -88.60
C GLU G 215 -20.83 -37.35 -88.44
N PRO G 216 -22.01 -37.20 -89.06
CA PRO G 216 -22.98 -38.30 -89.02
C PRO G 216 -22.54 -39.51 -89.88
N GLU H 1 -18.99 -29.17 -29.41
CA GLU H 1 -18.74 -28.66 -30.78
C GLU H 1 -19.82 -27.63 -31.14
N VAL H 2 -19.37 -26.40 -31.35
CA VAL H 2 -20.26 -25.36 -31.82
C VAL H 2 -20.48 -25.55 -33.32
N VAL H 3 -21.73 -25.60 -33.73
CA VAL H 3 -22.08 -25.89 -35.11
C VAL H 3 -22.60 -24.61 -35.76
N MET H 4 -21.98 -24.22 -36.86
CA MET H 4 -22.37 -23.01 -37.56
C MET H 4 -23.31 -23.37 -38.72
N THR H 5 -24.12 -22.41 -39.12
CA THR H 5 -25.06 -22.60 -40.22
C THR H 5 -25.22 -21.27 -40.96
N GLN H 6 -25.06 -21.30 -42.27
CA GLN H 6 -25.26 -20.10 -43.08
C GLN H 6 -26.64 -20.13 -43.73
N SER H 7 -27.14 -18.94 -44.03
CA SER H 7 -28.43 -18.76 -44.67
C SER H 7 -28.43 -17.46 -45.47
N PRO H 8 -28.98 -17.48 -46.69
CA PRO H 8 -29.51 -18.65 -47.41
C PRO H 8 -28.39 -19.47 -48.07
N ALA H 9 -28.76 -20.47 -48.86
CA ALA H 9 -27.78 -21.34 -49.51
C ALA H 9 -27.18 -20.64 -50.74
N THR H 10 -28.00 -19.91 -51.48
CA THR H 10 -27.55 -19.27 -52.70
C THR H 10 -28.31 -17.95 -52.87
N LEU H 11 -27.56 -16.85 -52.99
CA LEU H 11 -28.16 -15.53 -53.12
C LEU H 11 -27.87 -14.99 -54.52
N SER H 12 -28.95 -14.75 -55.27
CA SER H 12 -28.86 -14.16 -56.61
C SER H 12 -29.14 -12.66 -56.48
N VAL H 13 -28.36 -11.85 -57.18
CA VAL H 13 -28.40 -10.41 -57.01
C VAL H 13 -28.01 -9.75 -58.33
N SER H 14 -28.56 -8.57 -58.59
CA SER H 14 -28.18 -7.78 -59.75
C SER H 14 -27.04 -6.82 -59.36
N PRO H 15 -26.17 -6.46 -60.31
CA PRO H 15 -25.12 -5.49 -60.04
C PRO H 15 -25.67 -4.11 -59.68
N GLY H 16 -24.89 -3.37 -58.87
CA GLY H 16 -25.30 -2.07 -58.35
C GLY H 16 -26.25 -2.19 -57.17
N GLU H 17 -26.18 -3.31 -56.45
CA GLU H 17 -27.05 -3.56 -55.29
C GLU H 17 -26.18 -4.02 -54.12
N GLY H 18 -26.80 -4.13 -52.95
CA GLY H 18 -26.19 -4.73 -51.78
C GLY H 18 -26.65 -6.16 -51.56
N ALA H 19 -26.07 -6.81 -50.55
CA ALA H 19 -26.48 -8.16 -50.17
C ALA H 19 -26.26 -8.37 -48.66
N THR H 20 -27.01 -9.31 -48.11
CA THR H 20 -26.92 -9.67 -46.70
C THR H 20 -26.78 -11.18 -46.55
N LEU H 21 -25.98 -11.60 -45.59
CA LEU H 21 -25.67 -13.02 -45.37
C LEU H 21 -25.73 -13.29 -43.86
N SER H 22 -26.31 -14.41 -43.47
CA SER H 22 -26.52 -14.72 -42.06
C SER H 22 -25.75 -15.98 -41.67
N CYS H 23 -25.03 -15.90 -40.56
CA CYS H 23 -24.35 -17.06 -39.96
C CYS H 23 -24.89 -17.20 -38.52
N ARG H 24 -25.31 -18.41 -38.18
CA ARG H 24 -25.99 -18.67 -36.92
C ARG H 24 -25.31 -19.84 -36.19
N ALA H 25 -25.06 -19.64 -34.90
CA ALA H 25 -24.34 -20.61 -34.07
C ALA H 25 -25.33 -21.33 -33.13
N SER H 26 -25.00 -22.57 -32.78
CA SER H 26 -25.85 -23.36 -31.90
C SER H 26 -25.72 -22.89 -30.44
N GLN H 27 -24.56 -22.35 -30.09
CA GLN H 27 -24.35 -21.80 -28.76
C GLN H 27 -24.01 -20.32 -28.88
N SER H 28 -23.67 -19.70 -27.76
CA SER H 28 -23.36 -18.29 -27.72
C SER H 28 -21.84 -18.09 -27.78
N VAL H 29 -21.35 -17.77 -28.95
CA VAL H 29 -20.03 -17.21 -29.08
C VAL H 29 -20.16 -15.72 -28.79
N ASN H 30 -19.11 -15.09 -28.30
CA ASN H 30 -19.26 -13.71 -27.86
C ASN H 30 -19.18 -12.76 -29.05
N THR H 31 -17.97 -12.59 -29.57
CA THR H 31 -17.74 -11.75 -30.75
C THR H 31 -16.67 -12.40 -31.63
N ASN H 32 -16.41 -13.69 -31.44
CA ASN H 32 -15.22 -14.32 -31.99
C ASN H 32 -15.55 -14.99 -33.33
N VAL H 33 -15.98 -14.17 -34.28
CA VAL H 33 -16.40 -14.67 -35.58
C VAL H 33 -15.59 -13.93 -36.66
N ALA H 34 -15.15 -14.66 -37.68
CA ALA H 34 -14.48 -14.06 -38.83
C ALA H 34 -15.14 -14.56 -40.12
N TRP H 35 -14.94 -13.81 -41.20
CA TRP H 35 -15.47 -14.18 -42.52
C TRP H 35 -14.34 -14.27 -43.54
N TYR H 36 -14.58 -15.05 -44.58
CA TYR H 36 -13.63 -15.22 -45.67
C TYR H 36 -14.36 -15.28 -47.01
N GLN H 37 -13.69 -14.85 -48.06
CA GLN H 37 -14.17 -15.08 -49.42
C GLN H 37 -13.18 -15.98 -50.16
N GLN H 38 -13.70 -16.66 -51.17
CA GLN H 38 -12.91 -17.55 -51.97
C GLN H 38 -13.41 -17.47 -53.42
N LYS H 39 -12.50 -17.10 -54.30
CA LYS H 39 -12.70 -17.23 -55.73
C LYS H 39 -12.60 -18.72 -56.10
N PRO H 40 -13.10 -19.11 -57.27
CA PRO H 40 -12.85 -20.48 -57.72
C PRO H 40 -11.37 -20.72 -58.03
N GLY H 41 -10.81 -21.73 -57.38
CA GLY H 41 -9.40 -22.11 -57.56
C GLY H 41 -8.44 -21.08 -56.99
N GLN H 42 -8.72 -20.60 -55.78
CA GLN H 42 -7.86 -19.64 -55.11
C GLN H 42 -7.79 -19.98 -53.62
N ALA H 43 -6.85 -19.34 -52.93
CA ALA H 43 -6.82 -19.42 -51.48
C ALA H 43 -7.86 -18.45 -50.91
N PRO H 44 -8.40 -18.75 -49.73
CA PRO H 44 -9.29 -17.80 -49.08
C PRO H 44 -8.53 -16.57 -48.56
N ARG H 45 -9.26 -15.51 -48.28
CA ARG H 45 -8.66 -14.30 -47.75
C ARG H 45 -9.55 -13.72 -46.63
N LEU H 46 -8.90 -13.07 -45.69
CA LEU H 46 -9.57 -12.60 -44.48
C LEU H 46 -10.25 -11.27 -44.76
N LEU H 47 -11.54 -11.20 -44.46
CA LEU H 47 -12.33 -9.98 -44.68
C LEU H 47 -12.51 -9.21 -43.37
N ILE H 48 -13.10 -9.87 -42.38
CA ILE H 48 -13.65 -9.18 -41.24
C ILE H 48 -13.56 -10.11 -40.02
N TYR H 49 -12.87 -9.64 -38.98
CA TYR H 49 -12.59 -10.44 -37.80
C TYR H 49 -13.14 -9.72 -36.56
N GLY H 50 -13.59 -10.49 -35.60
CA GLY H 50 -14.21 -9.95 -34.39
C GLY H 50 -15.58 -9.38 -34.65
N ALA H 51 -16.16 -9.69 -35.83
CA ALA H 51 -17.52 -9.31 -36.27
C ALA H 51 -17.69 -7.79 -36.48
N SER H 52 -16.66 -7.00 -36.23
CA SER H 52 -16.80 -5.56 -36.43
C SER H 52 -15.61 -4.98 -37.22
N THR H 53 -14.40 -5.46 -36.94
CA THR H 53 -13.20 -4.80 -37.43
C THR H 53 -12.81 -5.37 -38.79
N ARG H 54 -12.73 -4.52 -39.79
CA ARG H 54 -12.32 -4.96 -41.13
C ARG H 54 -10.81 -5.19 -41.16
N ALA H 55 -10.38 -6.13 -41.99
CA ALA H 55 -8.97 -6.46 -42.12
C ALA H 55 -8.22 -5.33 -42.84
N THR H 56 -6.90 -5.36 -42.71
CA THR H 56 -6.04 -4.41 -43.36
C THR H 56 -6.02 -4.68 -44.87
N GLY H 57 -6.30 -3.63 -45.63
CA GLY H 57 -6.32 -3.71 -47.08
C GLY H 57 -7.64 -4.28 -47.58
N ILE H 58 -8.73 -3.78 -46.99
CA ILE H 58 -10.07 -4.16 -47.40
C ILE H 58 -10.84 -2.88 -47.75
N PRO H 59 -11.52 -2.87 -48.90
CA PRO H 59 -12.36 -1.73 -49.25
C PRO H 59 -13.55 -1.60 -48.30
N ALA H 60 -14.01 -0.37 -48.11
CA ALA H 60 -14.88 -0.02 -46.98
C ALA H 60 -16.35 -0.35 -47.25
N ARG H 61 -16.66 -1.01 -48.36
CA ARG H 61 -18.05 -1.32 -48.66
C ARG H 61 -18.50 -2.58 -47.90
N PHE H 62 -17.56 -3.34 -47.36
CA PHE H 62 -17.90 -4.50 -46.56
C PHE H 62 -18.27 -4.08 -45.13
N SER H 63 -19.26 -4.75 -44.56
CA SER H 63 -19.68 -4.47 -43.19
C SER H 63 -20.06 -5.77 -42.50
N GLY H 64 -19.71 -5.87 -41.22
CA GLY H 64 -20.07 -7.01 -40.41
C GLY H 64 -20.76 -6.57 -39.14
N SER H 65 -21.72 -7.36 -38.68
CA SER H 65 -22.53 -6.97 -37.54
C SER H 65 -23.00 -8.22 -36.79
N GLY H 66 -23.37 -8.00 -35.54
CA GLY H 66 -24.03 -9.03 -34.74
C GLY H 66 -23.26 -9.40 -33.50
N SER H 67 -23.96 -10.06 -32.59
CA SER H 67 -23.39 -10.67 -31.39
C SER H 67 -24.33 -11.79 -30.93
N GLY H 68 -23.93 -12.51 -29.90
CA GLY H 68 -24.79 -13.57 -29.37
C GLY H 68 -24.74 -14.82 -30.24
N THR H 69 -25.79 -15.06 -31.02
CA THR H 69 -25.86 -16.29 -31.81
C THR H 69 -26.09 -16.00 -33.30
N GLU H 70 -26.33 -14.75 -33.68
CA GLU H 70 -26.62 -14.45 -35.09
C GLU H 70 -25.71 -13.32 -35.58
N PHE H 71 -25.19 -13.48 -36.80
CA PHE H 71 -24.21 -12.57 -37.35
C PHE H 71 -24.55 -12.31 -38.83
N THR H 72 -24.17 -11.12 -39.30
CA THR H 72 -24.62 -10.64 -40.58
C THR H 72 -23.45 -9.97 -41.33
N LEU H 73 -23.24 -10.41 -42.56
CA LEU H 73 -22.35 -9.72 -43.49
C LEU H 73 -23.20 -8.91 -44.47
N THR H 74 -22.77 -7.68 -44.74
CA THR H 74 -23.52 -6.78 -45.59
C THR H 74 -22.57 -6.12 -46.60
N ILE H 75 -22.92 -6.23 -47.87
CA ILE H 75 -22.15 -5.63 -48.96
C ILE H 75 -23.00 -4.51 -49.57
N SER H 76 -22.39 -3.33 -49.70
CA SER H 76 -23.08 -2.14 -50.18
C SER H 76 -23.23 -2.15 -51.71
N THR H 77 -22.10 -2.20 -52.42
CA THR H 77 -22.11 -2.16 -53.88
C THR H 77 -21.28 -3.32 -54.41
N LEU H 78 -21.45 -3.61 -55.70
CA LEU H 78 -20.72 -4.70 -56.35
C LEU H 78 -20.04 -4.15 -57.61
N GLN H 79 -18.88 -4.71 -57.94
CA GLN H 79 -18.28 -4.46 -59.25
C GLN H 79 -17.80 -5.77 -59.90
N SER H 80 -18.68 -6.79 -59.84
CA SER H 80 -18.62 -8.01 -60.67
C SER H 80 -17.40 -8.90 -60.37
N GLU H 81 -16.59 -8.51 -59.40
CA GLU H 81 -15.48 -9.36 -58.96
C GLU H 81 -15.79 -9.97 -57.59
N ASP H 82 -16.83 -9.47 -56.94
CA ASP H 82 -17.17 -9.90 -55.58
C ASP H 82 -18.07 -11.13 -55.59
N PHE H 83 -18.44 -11.62 -56.77
CA PHE H 83 -19.21 -12.86 -56.88
C PHE H 83 -18.29 -14.04 -56.59
N ALA H 84 -18.34 -14.51 -55.35
CA ALA H 84 -17.45 -15.56 -54.87
C ALA H 84 -18.22 -16.40 -53.85
N VAL H 85 -17.49 -17.16 -53.04
CA VAL H 85 -18.09 -17.98 -52.00
C VAL H 85 -17.64 -17.40 -50.65
N TYR H 86 -18.54 -17.39 -49.67
CA TYR H 86 -18.29 -16.73 -48.39
C TYR H 86 -18.45 -17.71 -47.23
N TYR H 87 -17.48 -17.69 -46.32
CA TYR H 87 -17.43 -18.62 -45.19
C TYR H 87 -17.35 -17.84 -43.87
N CYS H 88 -17.95 -18.40 -42.83
CA CYS H 88 -17.90 -17.85 -41.48
C CYS H 88 -17.24 -18.87 -40.53
N GLN H 89 -16.44 -18.37 -39.61
CA GLN H 89 -15.65 -19.19 -38.70
C GLN H 89 -15.83 -18.65 -37.28
N GLN H 90 -16.03 -19.56 -36.33
CA GLN H 90 -15.98 -19.20 -34.92
C GLN H 90 -14.65 -19.62 -34.33
N TYR H 91 -14.17 -18.88 -33.34
CA TYR H 91 -12.98 -19.28 -32.62
C TYR H 91 -13.15 -19.03 -31.12
N SER H 92 -14.37 -19.23 -30.63
CA SER H 92 -14.66 -18.98 -29.22
C SER H 92 -14.34 -20.21 -28.37
N ASN H 93 -14.63 -21.39 -28.91
CA ASN H 93 -14.53 -22.63 -28.14
C ASN H 93 -13.93 -23.77 -28.95
N TRP H 94 -12.65 -23.63 -29.30
CA TRP H 94 -11.94 -24.63 -30.08
C TRP H 94 -10.88 -25.28 -29.20
N PRO H 95 -10.47 -26.51 -29.54
CA PRO H 95 -10.83 -27.30 -30.73
C PRO H 95 -12.17 -27.98 -30.56
N PRO H 96 -12.83 -28.35 -31.67
CA PRO H 96 -12.27 -28.17 -33.02
C PRO H 96 -12.82 -26.94 -33.71
N ILE H 97 -11.96 -26.18 -34.38
CA ILE H 97 -12.40 -25.00 -35.10
C ILE H 97 -13.43 -25.43 -36.13
N THR H 98 -14.55 -24.71 -36.19
CA THR H 98 -15.63 -25.07 -37.10
C THR H 98 -15.89 -23.92 -38.07
N PHE H 99 -15.98 -24.27 -39.35
CA PHE H 99 -16.38 -23.34 -40.39
C PHE H 99 -17.86 -23.50 -40.70
N GLY H 100 -18.36 -22.60 -41.54
CA GLY H 100 -19.71 -22.67 -42.04
C GLY H 100 -19.83 -23.67 -43.18
N GLN H 101 -20.73 -23.37 -44.11
CA GLN H 101 -20.98 -24.24 -45.25
C GLN H 101 -20.94 -23.49 -46.57
N GLY H 102 -20.72 -22.18 -46.54
CA GLY H 102 -20.53 -21.44 -47.78
C GLY H 102 -21.84 -21.00 -48.41
N THR H 103 -21.82 -19.79 -48.95
CA THR H 103 -22.94 -19.25 -49.69
C THR H 103 -22.40 -18.59 -50.96
N ARG H 104 -22.67 -19.20 -52.10
CA ARG H 104 -22.22 -18.64 -53.36
C ARG H 104 -23.09 -17.42 -53.70
N LEU H 105 -22.59 -16.60 -54.61
CA LEU H 105 -23.16 -15.29 -54.88
C LEU H 105 -23.23 -15.11 -56.39
N GLU H 106 -24.44 -15.00 -56.92
CA GLU H 106 -24.67 -15.11 -58.36
C GLU H 106 -25.17 -13.78 -58.95
N ILE H 107 -25.01 -13.67 -60.27
CA ILE H 107 -25.50 -12.52 -61.02
C ILE H 107 -26.93 -12.81 -61.44
N LYS H 108 -27.82 -11.83 -61.27
CA LYS H 108 -29.22 -11.99 -61.63
C LYS H 108 -29.51 -11.25 -62.95
N ARG H 109 -30.10 -11.99 -63.88
CA ARG H 109 -30.50 -11.42 -65.17
C ARG H 109 -31.86 -11.99 -65.57
N THR H 110 -32.24 -11.81 -66.84
CA THR H 110 -33.59 -12.15 -67.31
C THR H 110 -33.71 -13.67 -67.45
N VAL H 111 -34.85 -14.21 -67.02
CA VAL H 111 -35.12 -15.64 -67.08
C VAL H 111 -35.26 -16.07 -68.55
N ALA H 112 -34.45 -17.05 -68.93
CA ALA H 112 -34.40 -17.53 -70.31
C ALA H 112 -34.74 -19.02 -70.34
N ALA H 113 -35.32 -19.46 -71.46
CA ALA H 113 -35.72 -20.86 -71.62
C ALA H 113 -34.52 -21.72 -72.01
N PRO H 114 -34.51 -23.00 -71.59
CA PRO H 114 -33.43 -23.90 -72.00
C PRO H 114 -33.58 -24.45 -73.42
N SER H 115 -32.47 -24.51 -74.15
CA SER H 115 -32.41 -25.23 -75.42
C SER H 115 -32.04 -26.68 -75.14
N VAL H 116 -32.92 -27.60 -75.52
CA VAL H 116 -32.80 -29.00 -75.12
C VAL H 116 -32.45 -29.85 -76.35
N PHE H 117 -31.39 -30.64 -76.22
CA PHE H 117 -30.94 -31.52 -77.30
C PHE H 117 -30.66 -32.91 -76.75
N ILE H 118 -30.58 -33.88 -77.67
CA ILE H 118 -30.33 -35.26 -77.28
C ILE H 118 -29.26 -35.83 -78.22
N PHE H 119 -28.54 -36.83 -77.75
CA PHE H 119 -27.52 -37.50 -78.53
C PHE H 119 -27.52 -39.00 -78.26
N PRO H 120 -27.97 -39.79 -79.23
CA PRO H 120 -27.82 -41.24 -79.18
C PRO H 120 -26.33 -41.61 -79.35
N PRO H 121 -25.92 -42.79 -78.88
CA PRO H 121 -24.50 -43.12 -78.93
C PRO H 121 -24.01 -43.50 -80.34
N SER H 122 -22.72 -43.78 -80.42
CA SER H 122 -22.09 -44.33 -81.61
C SER H 122 -21.98 -45.85 -81.48
N ASP H 123 -21.87 -46.53 -82.62
CA ASP H 123 -21.97 -47.97 -82.70
C ASP H 123 -20.70 -48.66 -82.18
N GLU H 124 -19.58 -47.96 -82.19
CA GLU H 124 -18.32 -48.54 -81.70
C GLU H 124 -18.35 -48.69 -80.18
N GLN H 125 -19.22 -47.95 -79.51
CA GLN H 125 -19.44 -48.16 -78.07
C GLN H 125 -20.10 -49.51 -77.82
N LEU H 126 -21.09 -49.86 -78.64
CA LEU H 126 -21.71 -51.19 -78.56
C LEU H 126 -20.74 -52.27 -79.02
N LYS H 127 -19.82 -51.93 -79.92
CA LYS H 127 -18.73 -52.84 -80.28
C LYS H 127 -17.82 -53.08 -79.07
N SER H 128 -17.65 -52.05 -78.24
CA SER H 128 -16.98 -52.20 -76.94
C SER H 128 -17.95 -52.64 -75.86
N GLY H 129 -19.26 -52.59 -76.13
CA GLY H 129 -20.29 -52.98 -75.16
C GLY H 129 -20.81 -51.84 -74.31
N THR H 130 -20.41 -50.60 -74.62
CA THR H 130 -20.77 -49.44 -73.82
C THR H 130 -22.02 -48.78 -74.42
N ALA H 131 -22.84 -48.20 -73.55
CA ALA H 131 -23.98 -47.39 -73.96
C ALA H 131 -23.87 -46.03 -73.25
N SER H 132 -23.57 -44.99 -74.01
CA SER H 132 -23.43 -43.63 -73.49
C SER H 132 -24.37 -42.70 -74.24
N VAL H 133 -25.49 -42.37 -73.61
CA VAL H 133 -26.49 -41.49 -74.22
C VAL H 133 -26.44 -40.15 -73.50
N VAL H 134 -26.44 -39.05 -74.27
CA VAL H 134 -26.18 -37.73 -73.71
C VAL H 134 -27.40 -36.84 -73.91
N CYS H 135 -28.04 -36.48 -72.81
CA CYS H 135 -29.11 -35.47 -72.82
C CYS H 135 -28.50 -34.12 -72.44
N LEU H 136 -28.82 -33.08 -73.21
CA LEU H 136 -28.10 -31.80 -73.13
C LEU H 136 -29.08 -30.64 -72.96
N LEU H 137 -28.70 -29.69 -72.10
CA LEU H 137 -29.35 -28.39 -72.01
C LEU H 137 -28.27 -27.32 -72.19
N ASN H 138 -28.49 -26.39 -73.10
CA ASN H 138 -27.56 -25.30 -73.31
C ASN H 138 -28.27 -23.97 -73.02
N ASN H 139 -27.53 -23.04 -72.42
CA ASN H 139 -27.84 -21.61 -72.42
C ASN H 139 -29.16 -21.33 -71.68
N PHE H 140 -29.20 -21.63 -70.39
CA PHE H 140 -30.42 -21.43 -69.61
C PHE H 140 -30.13 -20.72 -68.30
N TYR H 141 -31.14 -19.99 -67.83
CA TYR H 141 -31.19 -19.31 -66.54
C TYR H 141 -32.58 -19.52 -65.95
N PRO H 142 -32.70 -19.75 -64.64
CA PRO H 142 -31.74 -19.84 -63.55
C PRO H 142 -31.10 -21.23 -63.44
N ARG H 143 -30.55 -21.52 -62.27
CA ARG H 143 -29.74 -22.71 -62.03
C ARG H 143 -30.59 -23.98 -62.07
N GLU H 144 -31.76 -23.93 -61.46
CA GLU H 144 -32.53 -25.14 -61.20
C GLU H 144 -33.19 -25.64 -62.48
N ALA H 145 -32.86 -26.89 -62.84
CA ALA H 145 -33.47 -27.58 -63.96
C ALA H 145 -33.76 -29.02 -63.54
N LYS H 146 -34.71 -29.64 -64.22
CA LYS H 146 -35.16 -30.99 -63.88
C LYS H 146 -35.07 -31.87 -65.13
N VAL H 147 -34.40 -33.02 -64.99
CA VAL H 147 -34.23 -33.97 -66.06
C VAL H 147 -34.89 -35.30 -65.63
N GLN H 148 -35.73 -35.82 -66.51
CA GLN H 148 -36.44 -37.08 -66.27
C GLN H 148 -36.05 -38.07 -67.37
N TRP H 149 -35.48 -39.19 -66.97
CA TRP H 149 -34.97 -40.18 -67.92
C TRP H 149 -35.97 -41.34 -68.03
N LYS H 150 -36.51 -41.54 -69.23
CA LYS H 150 -37.61 -42.50 -69.44
C LYS H 150 -37.19 -43.56 -70.46
N VAL H 151 -37.55 -44.80 -70.16
CA VAL H 151 -37.35 -45.94 -71.07
C VAL H 151 -38.70 -46.61 -71.29
N ASP H 152 -39.18 -46.55 -72.54
CA ASP H 152 -40.51 -47.01 -72.96
C ASP H 152 -41.60 -46.49 -72.03
N ASN H 153 -41.51 -45.20 -71.70
CA ASN H 153 -42.42 -44.51 -70.76
C ASN H 153 -42.38 -45.16 -69.37
N ALA H 154 -41.16 -45.26 -68.82
CA ALA H 154 -40.94 -45.73 -67.45
C ALA H 154 -39.66 -45.09 -66.93
N LEU H 155 -39.73 -44.55 -65.71
CA LEU H 155 -38.64 -43.74 -65.15
C LEU H 155 -37.47 -44.64 -64.73
N GLN H 156 -36.26 -44.16 -65.02
CA GLN H 156 -35.02 -44.83 -64.61
C GLN H 156 -34.44 -44.10 -63.39
N SER H 157 -33.55 -44.79 -62.68
CA SER H 157 -32.85 -44.23 -61.54
C SER H 157 -31.51 -44.98 -61.35
N GLY H 158 -30.56 -44.30 -60.72
CA GLY H 158 -29.29 -44.90 -60.30
C GLY H 158 -28.30 -45.08 -61.44
N ASN H 159 -28.68 -44.78 -62.68
CA ASN H 159 -27.85 -45.06 -63.85
C ASN H 159 -27.59 -43.79 -64.67
N SER H 160 -27.67 -42.63 -64.03
CA SER H 160 -27.52 -41.35 -64.72
C SER H 160 -26.54 -40.46 -63.95
N GLN H 161 -25.69 -39.74 -64.68
CA GLN H 161 -24.73 -38.81 -64.09
C GLN H 161 -24.95 -37.43 -64.72
N GLU H 162 -24.74 -36.37 -63.96
CA GLU H 162 -24.98 -35.02 -64.47
C GLU H 162 -23.81 -34.09 -64.14
N SER H 163 -23.73 -32.99 -64.89
CA SER H 163 -22.67 -31.99 -64.74
C SER H 163 -23.18 -30.62 -65.21
N VAL H 164 -22.69 -29.57 -64.56
CA VAL H 164 -23.14 -28.20 -64.78
C VAL H 164 -21.90 -27.32 -64.98
N THR H 165 -21.99 -26.39 -65.94
CA THR H 165 -20.90 -25.45 -66.19
C THR H 165 -20.95 -24.29 -65.18
N GLU H 166 -20.20 -23.24 -65.51
CA GLU H 166 -20.10 -22.05 -64.67
C GLU H 166 -21.04 -20.96 -65.19
N GLN H 167 -20.91 -19.76 -64.63
CA GLN H 167 -21.68 -18.62 -65.08
C GLN H 167 -20.81 -17.80 -66.03
N ASP H 168 -21.17 -17.82 -67.30
CA ASP H 168 -20.40 -17.18 -68.35
C ASP H 168 -20.45 -15.65 -68.20
N SER H 169 -19.36 -14.98 -68.57
CA SER H 169 -19.23 -13.54 -68.37
C SER H 169 -20.12 -12.74 -69.34
N LYS H 170 -20.59 -13.37 -70.43
CA LYS H 170 -21.34 -12.65 -71.46
C LYS H 170 -22.85 -12.73 -71.19
N ASP H 171 -23.41 -13.94 -71.21
CA ASP H 171 -24.86 -14.12 -71.17
C ASP H 171 -25.34 -14.49 -69.76
N SER H 172 -24.43 -14.97 -68.91
CA SER H 172 -24.70 -15.33 -67.50
C SER H 172 -25.75 -16.45 -67.39
N THR H 173 -25.76 -17.34 -68.36
CA THR H 173 -26.65 -18.50 -68.35
C THR H 173 -25.81 -19.78 -68.27
N TYR H 174 -26.46 -20.88 -67.94
CA TYR H 174 -25.75 -22.10 -67.57
C TYR H 174 -25.81 -23.12 -68.71
N SER H 175 -25.25 -24.30 -68.45
CA SER H 175 -25.24 -25.39 -69.39
C SER H 175 -25.11 -26.71 -68.62
N LEU H 176 -26.00 -27.64 -68.90
CA LEU H 176 -26.08 -28.90 -68.15
C LEU H 176 -25.99 -30.08 -69.12
N SER H 177 -25.34 -31.14 -68.65
CA SER H 177 -25.32 -32.40 -69.37
C SER H 177 -25.69 -33.53 -68.41
N SER H 178 -26.38 -34.53 -68.94
CA SER H 178 -26.62 -35.77 -68.23
C SER H 178 -26.32 -36.94 -69.16
N THR H 179 -25.90 -38.05 -68.56
CA THR H 179 -25.37 -39.17 -69.29
C THR H 179 -25.97 -40.46 -68.72
N LEU H 180 -26.56 -41.26 -69.60
CA LEU H 180 -26.91 -42.64 -69.31
C LEU H 180 -25.74 -43.52 -69.75
N THR H 181 -25.16 -44.22 -68.78
CA THR H 181 -24.08 -45.16 -69.04
C THR H 181 -24.53 -46.56 -68.62
N LEU H 182 -24.69 -47.44 -69.60
CA LEU H 182 -25.05 -48.83 -69.36
C LEU H 182 -24.23 -49.75 -70.26
N SER H 183 -24.59 -51.03 -70.26
CA SER H 183 -23.92 -52.03 -71.07
C SER H 183 -24.62 -52.14 -72.44
N LYS H 184 -24.25 -53.17 -73.19
CA LYS H 184 -24.86 -53.47 -74.49
C LYS H 184 -26.33 -53.89 -74.31
N ALA H 185 -26.63 -54.57 -73.20
CA ALA H 185 -27.85 -55.37 -73.04
C ALA H 185 -29.11 -54.49 -73.02
N ASP H 186 -29.09 -53.39 -72.29
CA ASP H 186 -30.28 -52.54 -72.20
C ASP H 186 -30.49 -51.75 -73.49
N TYR H 187 -29.40 -51.27 -74.09
CA TYR H 187 -29.53 -50.47 -75.31
C TYR H 187 -29.90 -51.36 -76.50
N GLU H 188 -29.68 -52.67 -76.38
CA GLU H 188 -30.23 -53.64 -77.33
C GLU H 188 -31.61 -54.13 -76.90
N LYS H 189 -31.99 -53.93 -75.63
CA LYS H 189 -33.19 -54.56 -75.07
C LYS H 189 -34.45 -53.81 -75.52
N HIS H 190 -34.62 -52.59 -75.04
CA HIS H 190 -35.79 -51.80 -75.38
C HIS H 190 -35.56 -51.06 -76.70
N LYS H 191 -36.55 -50.27 -77.12
CA LYS H 191 -36.43 -49.50 -78.34
C LYS H 191 -36.53 -47.99 -78.05
N VAL H 192 -37.64 -47.55 -77.45
CA VAL H 192 -37.94 -46.13 -77.37
C VAL H 192 -37.44 -45.59 -76.03
N TYR H 193 -36.54 -44.60 -76.09
CA TYR H 193 -36.07 -43.89 -74.90
C TYR H 193 -36.39 -42.40 -75.08
N ALA H 194 -36.41 -41.67 -73.95
CA ALA H 194 -36.62 -40.23 -73.96
C ALA H 194 -35.98 -39.59 -72.71
N CYS H 195 -35.66 -38.30 -72.84
CA CYS H 195 -35.40 -37.44 -71.68
C CYS H 195 -36.32 -36.22 -71.75
N GLU H 196 -36.96 -35.93 -70.62
CA GLU H 196 -37.92 -34.83 -70.54
C GLU H 196 -37.40 -33.78 -69.54
N VAL H 197 -37.56 -32.53 -69.91
CA VAL H 197 -36.96 -31.42 -69.19
C VAL H 197 -38.08 -30.54 -68.61
N THR H 198 -37.97 -30.25 -67.32
CA THR H 198 -38.84 -29.30 -66.65
C THR H 198 -37.99 -28.15 -66.09
N HIS H 199 -38.28 -26.94 -66.52
CA HIS H 199 -37.53 -25.76 -66.13
C HIS H 199 -38.50 -24.60 -65.89
N GLN H 200 -38.06 -23.62 -65.09
CA GLN H 200 -38.87 -22.47 -64.72
C GLN H 200 -39.22 -21.63 -65.94
N GLY H 201 -38.26 -21.44 -66.84
CA GLY H 201 -38.47 -20.70 -68.09
C GLY H 201 -39.40 -21.43 -69.04
N LEU H 202 -39.51 -22.75 -68.91
CA LEU H 202 -40.32 -23.56 -69.84
C LEU H 202 -41.81 -23.36 -69.52
N SER H 203 -42.59 -23.17 -70.56
CA SER H 203 -44.06 -23.20 -70.44
C SER H 203 -44.52 -24.65 -70.24
N SER H 204 -43.93 -25.56 -71.01
CA SER H 204 -44.24 -26.99 -70.95
C SER H 204 -42.94 -27.79 -70.83
N PRO H 205 -43.00 -28.94 -70.17
CA PRO H 205 -41.83 -29.84 -70.15
C PRO H 205 -41.55 -30.39 -71.56
N VAL H 206 -40.30 -30.35 -71.96
CA VAL H 206 -39.93 -30.67 -73.34
C VAL H 206 -39.30 -32.06 -73.38
N THR H 207 -39.78 -32.90 -74.28
CA THR H 207 -39.32 -34.27 -74.41
C THR H 207 -38.47 -34.41 -75.68
N LYS H 208 -37.28 -34.97 -75.52
CA LYS H 208 -36.48 -35.43 -76.65
C LYS H 208 -36.39 -36.95 -76.62
N SER H 209 -36.62 -37.57 -77.78
CA SER H 209 -36.88 -38.99 -77.86
C SER H 209 -36.07 -39.62 -78.99
N PHE H 210 -35.81 -40.91 -78.86
CA PHE H 210 -35.13 -41.67 -79.90
C PHE H 210 -35.48 -43.15 -79.81
N ASN H 211 -35.07 -43.88 -80.85
CA ASN H 211 -35.36 -45.29 -81.06
C ASN H 211 -34.08 -46.11 -80.87
N ARG H 212 -34.19 -47.42 -81.03
CA ARG H 212 -33.01 -48.28 -80.95
C ARG H 212 -32.30 -48.30 -82.31
N GLY H 213 -31.04 -47.87 -82.29
CA GLY H 213 -30.22 -47.76 -83.50
C GLY H 213 -30.49 -46.48 -84.28
N GLU H 214 -30.94 -45.43 -83.59
CA GLU H 214 -31.37 -44.21 -84.26
C GLU H 214 -31.14 -43.02 -83.31
N GLU I 1 47.01 -12.47 2.11
CA GLU I 1 47.60 -11.31 1.39
C GLU I 1 47.49 -11.58 -0.12
N VAL I 2 47.28 -10.50 -0.88
CA VAL I 2 46.97 -10.60 -2.30
C VAL I 2 48.24 -10.38 -3.11
N GLN I 3 48.56 -11.32 -3.98
CA GLN I 3 49.64 -11.11 -4.94
C GLN I 3 49.27 -11.73 -6.29
N LEU I 4 49.85 -11.13 -7.33
CA LEU I 4 49.62 -11.52 -8.71
C LEU I 4 50.98 -11.80 -9.35
N LEU I 5 51.23 -13.06 -9.68
CA LEU I 5 52.46 -13.43 -10.36
C LEU I 5 52.15 -13.59 -11.85
N GLU I 6 53.15 -13.42 -12.70
CA GLU I 6 52.90 -13.38 -14.13
C GLU I 6 54.15 -13.81 -14.90
N SER I 7 53.93 -14.43 -16.05
CA SER I 7 55.00 -15.02 -16.84
C SER I 7 54.55 -15.21 -18.29
N GLY I 8 55.53 -15.48 -19.15
CA GLY I 8 55.28 -15.79 -20.55
C GLY I 8 56.00 -14.85 -21.50
N GLY I 9 56.95 -14.06 -20.98
CA GLY I 9 57.65 -13.07 -21.78
C GLY I 9 58.73 -13.67 -22.66
N GLY I 10 59.48 -12.79 -23.32
CA GLY I 10 60.64 -13.20 -24.09
C GLY I 10 60.65 -12.63 -25.49
N LEU I 11 61.83 -12.68 -26.11
CA LEU I 11 62.01 -12.18 -27.47
C LEU I 11 61.30 -13.11 -28.46
N VAL I 12 60.49 -12.51 -29.33
CA VAL I 12 59.70 -13.26 -30.31
C VAL I 12 59.77 -12.53 -31.66
N GLN I 13 59.97 -13.33 -32.71
CA GLN I 13 60.00 -12.90 -34.11
C GLN I 13 58.69 -12.17 -34.46
N PRO I 14 58.76 -11.16 -35.34
CA PRO I 14 57.55 -10.47 -35.81
C PRO I 14 56.60 -11.43 -36.55
N GLY I 15 55.30 -11.25 -36.32
CA GLY I 15 54.29 -12.13 -36.88
C GLY I 15 54.04 -13.36 -36.00
N GLY I 16 54.69 -13.45 -34.84
CA GLY I 16 54.61 -14.63 -33.97
C GLY I 16 53.34 -14.66 -33.13
N SER I 17 53.43 -15.34 -32.00
CA SER I 17 52.30 -15.53 -31.09
C SER I 17 52.81 -15.81 -29.68
N LEU I 18 52.08 -15.33 -28.68
CA LEU I 18 52.42 -15.61 -27.28
C LEU I 18 51.15 -16.00 -26.51
N ARG I 19 51.38 -16.41 -25.27
CA ARG I 19 50.32 -16.67 -24.34
C ARG I 19 50.82 -16.32 -22.93
N LEU I 20 50.53 -15.10 -22.50
CA LEU I 20 50.94 -14.67 -21.17
C LEU I 20 49.95 -15.21 -20.14
N SER I 21 50.45 -15.45 -18.93
CA SER I 21 49.62 -15.98 -17.86
C SER I 21 49.88 -15.20 -16.57
N CYS I 22 48.80 -14.94 -15.84
CA CYS I 22 48.84 -14.26 -14.55
C CYS I 22 48.11 -15.16 -13.54
N ALA I 23 48.86 -15.66 -12.56
CA ALA I 23 48.31 -16.50 -11.50
C ALA I 23 48.07 -15.65 -10.25
N ALA I 24 46.86 -15.74 -9.72
CA ALA I 24 46.42 -14.92 -8.59
C ALA I 24 46.40 -15.76 -7.32
N SER I 25 46.76 -15.15 -6.20
CA SER I 25 46.66 -15.85 -4.93
C SER I 25 46.37 -14.83 -3.83
N GLY I 26 45.35 -15.11 -3.02
CA GLY I 26 45.05 -14.32 -1.83
C GLY I 26 43.61 -13.85 -1.78
N PHE I 27 42.78 -14.16 -2.77
CA PHE I 27 41.39 -13.73 -2.75
C PHE I 27 40.54 -14.74 -3.54
N THR I 28 39.23 -14.54 -3.47
CA THR I 28 38.31 -15.30 -4.28
C THR I 28 38.39 -14.80 -5.73
N PHE I 29 38.94 -15.62 -6.61
CA PHE I 29 39.28 -15.17 -7.95
C PHE I 29 38.02 -14.99 -8.81
N SER I 30 36.96 -15.70 -8.50
CA SER I 30 35.78 -15.73 -9.36
C SER I 30 34.78 -14.64 -8.95
N SER I 31 35.23 -13.56 -8.32
CA SER I 31 34.33 -12.48 -7.96
C SER I 31 35.00 -11.10 -8.17
N TYR I 32 35.93 -10.99 -9.11
CA TYR I 32 36.51 -9.70 -9.48
C TYR I 32 36.85 -9.71 -10.97
N GLY I 33 36.63 -8.58 -11.62
CA GLY I 33 37.08 -8.39 -12.98
C GLY I 33 38.58 -8.21 -13.02
N MET I 34 39.17 -8.48 -14.18
CA MET I 34 40.61 -8.38 -14.33
C MET I 34 40.93 -7.60 -15.61
N ALA I 35 42.10 -6.96 -15.63
CA ALA I 35 42.49 -6.15 -16.77
C ALA I 35 43.98 -6.30 -17.06
N TRP I 36 44.33 -6.07 -18.33
CA TRP I 36 45.70 -6.06 -18.79
C TRP I 36 46.06 -4.65 -19.26
N VAL I 37 47.18 -4.13 -18.75
CA VAL I 37 47.65 -2.79 -19.06
C VAL I 37 49.14 -2.88 -19.42
N ARG I 38 49.51 -2.32 -20.56
CA ARG I 38 50.91 -2.36 -20.98
C ARG I 38 51.53 -0.95 -20.87
N GLN I 39 52.86 -0.93 -20.95
CA GLN I 39 53.60 0.31 -20.94
C GLN I 39 54.80 0.18 -21.88
N ALA I 40 54.81 1.02 -22.90
CA ALA I 40 55.95 1.13 -23.81
C ALA I 40 57.15 1.69 -23.02
N PRO I 41 58.38 1.36 -23.45
CA PRO I 41 59.54 1.87 -22.72
C PRO I 41 59.73 3.38 -22.92
N GLY I 42 59.70 4.11 -21.80
CA GLY I 42 59.88 5.56 -21.80
C GLY I 42 58.64 6.30 -22.27
N LYS I 43 57.46 5.75 -22.01
CA LYS I 43 56.19 6.40 -22.33
C LYS I 43 55.19 6.14 -21.21
N GLY I 44 53.98 6.67 -21.36
CA GLY I 44 52.95 6.53 -20.35
C GLY I 44 52.22 5.20 -20.42
N LEU I 45 51.28 5.02 -19.50
CA LEU I 45 50.47 3.80 -19.43
C LEU I 45 49.49 3.75 -20.61
N GLU I 46 49.04 2.54 -20.93
CA GLU I 46 48.04 2.33 -21.96
C GLU I 46 47.26 1.07 -21.63
N TRP I 47 45.94 1.18 -21.69
CA TRP I 47 45.05 0.07 -21.40
C TRP I 47 45.02 -0.90 -22.59
N VAL I 48 44.95 -2.20 -22.30
CA VAL I 48 44.90 -3.20 -23.35
C VAL I 48 43.56 -3.94 -23.33
N SER I 49 43.24 -4.61 -22.23
CA SER I 49 42.09 -5.50 -22.28
C SER I 49 41.43 -5.66 -20.91
N PHE I 50 40.22 -6.24 -20.93
CA PHE I 50 39.41 -6.41 -19.74
C PHE I 50 38.51 -7.64 -19.88
N ILE I 51 38.40 -8.41 -18.81
CA ILE I 51 37.45 -9.51 -18.70
C ILE I 51 36.69 -9.35 -17.38
N SER I 52 35.38 -9.61 -17.41
CA SER I 52 34.50 -9.38 -16.27
C SER I 52 34.65 -10.51 -15.26
N ALA I 53 33.83 -10.47 -14.21
CA ALA I 53 33.92 -11.46 -13.14
C ALA I 53 33.34 -12.81 -13.59
N THR I 54 32.17 -12.77 -14.21
CA THR I 54 31.49 -13.99 -14.62
C THR I 54 32.08 -14.54 -15.91
N GLY I 55 32.86 -13.72 -16.63
CA GLY I 55 33.45 -14.16 -17.90
C GLY I 55 32.49 -14.00 -19.07
N LEU I 56 31.43 -13.21 -18.91
CA LEU I 56 30.48 -12.98 -19.99
C LEU I 56 30.76 -11.67 -20.74
N SER I 57 31.77 -10.91 -20.32
CA SER I 57 32.02 -9.61 -20.93
C SER I 57 33.52 -9.44 -21.15
N THR I 58 33.90 -9.23 -22.41
CA THR I 58 35.30 -9.01 -22.75
C THR I 58 35.39 -7.72 -23.57
N TYR I 59 36.40 -6.91 -23.29
CA TYR I 59 36.61 -5.69 -24.06
C TYR I 59 38.10 -5.53 -24.36
N PHE I 60 38.39 -4.95 -25.51
CA PHE I 60 39.76 -4.76 -25.94
C PHE I 60 39.99 -3.30 -26.33
N ALA I 61 41.26 -2.90 -26.38
CA ALA I 61 41.60 -1.60 -26.91
C ALA I 61 41.38 -1.61 -28.43
N ASP I 62 41.23 -0.43 -28.99
CA ASP I 62 40.82 -0.27 -30.37
C ASP I 62 41.96 -0.65 -31.33
N SER I 63 43.19 -0.43 -30.91
CA SER I 63 44.34 -0.70 -31.76
C SER I 63 44.66 -2.20 -31.83
N VAL I 64 44.12 -3.00 -30.92
CA VAL I 64 44.53 -4.39 -30.80
C VAL I 64 43.33 -5.31 -31.04
N LYS I 65 42.33 -4.82 -31.75
CA LYS I 65 41.13 -5.59 -32.05
C LYS I 65 41.46 -6.75 -33.00
N GLY I 66 40.94 -7.92 -32.65
CA GLY I 66 41.00 -9.08 -33.53
C GLY I 66 42.31 -9.86 -33.45
N ARG I 67 43.33 -9.28 -32.82
CA ARG I 67 44.64 -9.96 -32.75
C ARG I 67 44.89 -10.56 -31.37
N PHE I 68 43.99 -10.30 -30.41
CA PHE I 68 44.22 -10.64 -29.02
C PHE I 68 42.96 -11.30 -28.46
N THR I 69 43.15 -12.36 -27.69
CA THR I 69 42.03 -12.94 -26.96
C THR I 69 42.41 -13.07 -25.49
N ILE I 70 41.40 -13.28 -24.66
CA ILE I 70 41.58 -13.32 -23.22
C ILE I 70 40.62 -14.34 -22.64
N SER I 71 41.08 -15.09 -21.64
CA SER I 71 40.26 -16.10 -21.01
C SER I 71 40.71 -16.29 -19.55
N ARG I 72 39.90 -17.00 -18.79
CA ARG I 72 40.20 -17.25 -17.38
C ARG I 72 39.83 -18.69 -17.03
N ASP I 73 40.54 -19.23 -16.06
CA ASP I 73 40.31 -20.56 -15.55
C ASP I 73 40.15 -20.48 -14.03
N THR I 74 38.99 -20.92 -13.54
CA THR I 74 38.66 -20.82 -12.14
C THR I 74 39.42 -21.85 -11.31
N THR I 75 39.59 -23.05 -11.87
CA THR I 75 40.16 -24.17 -11.13
C THR I 75 41.66 -23.94 -10.88
N LYS I 76 42.34 -23.32 -11.83
CA LYS I 76 43.74 -23.01 -11.66
C LYS I 76 43.93 -21.61 -11.07
N ASN I 77 42.85 -20.83 -10.98
CA ASN I 77 42.89 -19.38 -10.64
C ASN I 77 43.89 -18.65 -11.53
N THR I 78 43.70 -18.75 -12.85
CA THR I 78 44.71 -18.25 -13.76
C THR I 78 44.05 -17.49 -14.91
N LEU I 79 44.64 -16.34 -15.23
CA LEU I 79 44.18 -15.47 -16.30
C LEU I 79 45.15 -15.60 -17.49
N TYR I 80 44.61 -15.87 -18.66
CA TYR I 80 45.45 -16.07 -19.85
C TYR I 80 45.14 -15.01 -20.89
N LEU I 81 46.18 -14.52 -21.54
CA LEU I 81 46.03 -13.58 -22.64
C LEU I 81 46.84 -14.10 -23.84
N GLN I 82 46.14 -14.36 -24.94
CA GLN I 82 46.73 -14.92 -26.14
C GLN I 82 46.96 -13.81 -27.16
N MET I 83 48.19 -13.69 -27.62
CA MET I 83 48.57 -12.65 -28.58
C MET I 83 48.90 -13.31 -29.91
N ASN I 84 48.37 -12.76 -31.00
CA ASN I 84 48.57 -13.31 -32.33
C ASN I 84 49.00 -12.20 -33.29
N SER I 85 49.98 -12.54 -34.12
CA SER I 85 50.41 -11.74 -35.29
C SER I 85 50.86 -10.33 -34.83
N LEU I 86 51.93 -10.30 -34.06
CA LEU I 86 52.39 -9.07 -33.44
C LEU I 86 53.03 -8.12 -34.45
N ARG I 87 53.39 -6.94 -33.96
CA ARG I 87 54.07 -5.92 -34.74
C ARG I 87 55.28 -5.44 -33.94
N ALA I 88 56.02 -4.50 -34.52
CA ALA I 88 57.20 -3.93 -33.88
C ALA I 88 56.80 -3.04 -32.70
N ASP I 89 55.64 -2.40 -32.78
CA ASP I 89 55.25 -1.39 -31.79
C ASP I 89 54.40 -2.02 -30.68
N ASP I 90 54.58 -3.31 -30.42
CA ASP I 90 53.95 -3.95 -29.26
C ASP I 90 54.98 -4.23 -28.18
N THR I 91 56.20 -3.72 -28.34
CA THR I 91 57.24 -3.91 -27.36
C THR I 91 56.90 -3.13 -26.09
N ALA I 92 56.58 -3.82 -25.02
CA ALA I 92 56.10 -3.16 -23.81
C ALA I 92 56.33 -4.06 -22.60
N VAL I 93 56.02 -3.51 -21.43
CA VAL I 93 55.95 -4.26 -20.20
C VAL I 93 54.47 -4.41 -19.84
N TYR I 94 54.06 -5.65 -19.60
CA TYR I 94 52.64 -5.98 -19.44
C TYR I 94 52.32 -6.27 -17.97
N PHE I 95 51.20 -5.73 -17.52
CA PHE I 95 50.76 -5.87 -16.14
C PHE I 95 49.35 -6.46 -16.12
N CYS I 96 49.10 -7.36 -15.17
CA CYS I 96 47.77 -7.81 -14.85
C CYS I 96 47.31 -7.10 -13.57
N ALA I 97 46.11 -6.54 -13.60
CA ALA I 97 45.61 -5.72 -12.51
C ALA I 97 44.16 -6.10 -12.21
N ARG I 98 43.71 -5.70 -11.02
CA ARG I 98 42.45 -6.14 -10.49
C ARG I 98 41.51 -4.94 -10.30
N MET I 99 40.27 -5.11 -10.72
CA MET I 99 39.26 -4.08 -10.52
C MET I 99 38.86 -4.03 -9.05
N ARG I 100 38.64 -2.84 -8.53
CA ARG I 100 38.47 -2.70 -7.10
C ARG I 100 37.04 -3.07 -6.69
N ARG I 101 36.06 -2.76 -7.53
CA ARG I 101 34.68 -3.13 -7.29
C ARG I 101 34.22 -4.08 -8.39
N THR I 102 32.92 -4.32 -8.46
CA THR I 102 32.37 -5.22 -9.45
C THR I 102 31.26 -4.52 -10.24
N MET I 103 31.13 -3.22 -10.07
CA MET I 103 30.12 -2.45 -10.81
C MET I 103 30.72 -2.00 -12.15
N ILE I 104 30.06 -1.06 -12.82
CA ILE I 104 30.66 -0.47 -14.00
C ILE I 104 31.67 0.59 -13.56
N ALA I 105 31.26 1.50 -12.69
CA ALA I 105 32.21 2.46 -12.11
C ALA I 105 33.06 1.71 -11.08
N PHE I 106 34.15 1.11 -11.54
CA PHE I 106 34.84 0.10 -10.71
C PHE I 106 35.70 0.75 -9.63
N GLY I 107 36.20 1.95 -9.86
CA GLY I 107 36.94 2.66 -8.81
C GLY I 107 38.40 2.25 -8.73
N GLY I 108 39.10 2.33 -9.85
CA GLY I 108 40.55 2.19 -9.86
C GLY I 108 41.01 0.75 -9.72
N ASN I 109 42.31 0.56 -9.96
CA ASN I 109 42.93 -0.75 -9.92
C ASN I 109 43.86 -0.81 -8.70
N ASP I 110 43.43 -1.51 -7.67
CA ASP I 110 44.12 -1.44 -6.39
C ASP I 110 45.39 -2.31 -6.39
N PHE I 111 45.30 -3.53 -6.91
CA PHE I 111 46.43 -4.44 -6.91
C PHE I 111 46.97 -4.64 -8.33
N TRP I 112 48.29 -4.70 -8.42
CA TRP I 112 48.99 -4.77 -9.68
C TRP I 112 49.98 -5.93 -9.63
N GLY I 113 50.43 -6.36 -10.80
CA GLY I 113 51.44 -7.40 -10.90
C GLY I 113 52.83 -6.87 -10.62
N GLN I 114 53.77 -7.28 -11.44
CA GLN I 114 55.15 -6.81 -11.30
C GLN I 114 55.81 -6.63 -12.66
N GLY I 115 55.13 -6.99 -13.75
CA GLY I 115 55.60 -6.67 -15.09
C GLY I 115 56.45 -7.76 -15.71
N THR I 116 56.02 -8.23 -16.87
CA THR I 116 56.84 -9.09 -17.71
C THR I 116 57.16 -8.32 -18.99
N LEU I 117 58.34 -8.56 -19.55
CA LEU I 117 58.84 -7.80 -20.68
C LEU I 117 58.60 -8.63 -21.96
N VAL I 118 58.19 -7.95 -23.03
CA VAL I 118 57.98 -8.59 -24.32
C VAL I 118 58.65 -7.72 -25.39
N THR I 119 59.59 -8.31 -26.11
CA THR I 119 60.27 -7.62 -27.19
C THR I 119 59.95 -8.33 -28.51
N VAL I 120 59.42 -7.58 -29.46
CA VAL I 120 59.16 -8.11 -30.78
C VAL I 120 60.09 -7.40 -31.76
N SER I 121 61.07 -8.15 -32.25
CA SER I 121 62.03 -7.63 -33.22
C SER I 121 62.63 -8.79 -34.01
N SER I 122 63.34 -8.45 -35.07
CA SER I 122 64.01 -9.43 -35.92
C SER I 122 65.51 -9.15 -35.92
N ALA I 123 66.22 -9.79 -34.99
CA ALA I 123 67.67 -9.68 -34.88
C ALA I 123 68.21 -10.93 -34.18
N SER I 124 69.53 -11.10 -34.27
CA SER I 124 70.23 -12.24 -33.68
C SER I 124 70.94 -11.80 -32.41
N THR I 125 71.15 -12.75 -31.50
CA THR I 125 71.91 -12.49 -30.29
C THR I 125 73.38 -12.26 -30.66
N LYS I 126 73.80 -11.00 -30.55
CA LYS I 126 75.13 -10.60 -30.98
C LYS I 126 75.88 -9.97 -29.81
N GLY I 127 77.14 -10.37 -29.67
CA GLY I 127 78.06 -9.78 -28.71
C GLY I 127 78.38 -8.33 -29.04
N PRO I 128 78.76 -7.54 -28.03
CA PRO I 128 79.06 -6.14 -28.27
C PRO I 128 80.51 -5.90 -28.71
N SER I 129 80.80 -4.66 -29.12
CA SER I 129 82.14 -4.21 -29.44
C SER I 129 82.49 -3.00 -28.58
N VAL I 130 83.74 -2.96 -28.11
CA VAL I 130 84.18 -1.95 -27.15
C VAL I 130 85.29 -1.11 -27.77
N PHE I 131 85.13 0.22 -27.71
CA PHE I 131 86.11 1.14 -28.22
C PHE I 131 86.51 2.14 -27.13
N PRO I 132 87.82 2.38 -26.96
CA PRO I 132 88.25 3.37 -25.96
C PRO I 132 87.94 4.81 -26.39
N LEU I 133 87.66 5.65 -25.41
CA LEU I 133 87.32 7.06 -25.61
C LEU I 133 88.37 7.89 -24.88
N ALA I 134 89.27 8.49 -25.68
CA ALA I 134 90.64 8.91 -25.30
C ALA I 134 90.73 10.42 -25.04
N PRO I 135 91.46 10.82 -24.00
CA PRO I 135 91.66 12.23 -23.71
C PRO I 135 92.73 12.86 -24.63
N SER I 136 92.37 13.97 -25.27
CA SER I 136 93.33 14.77 -26.02
C SER I 136 94.06 15.73 -25.07
N GLY I 137 93.30 16.60 -24.41
CA GLY I 137 93.83 17.49 -23.40
C GLY I 137 92.89 17.67 -22.23
N THR I 138 91.99 16.70 -22.05
CA THR I 138 90.93 16.80 -21.05
C THR I 138 91.15 15.79 -19.92
N ALA I 139 90.23 15.82 -18.95
CA ALA I 139 90.36 15.10 -17.68
C ALA I 139 89.40 13.92 -17.60
N ALA I 140 88.70 13.59 -18.68
CA ALA I 140 87.74 12.49 -18.68
C ALA I 140 88.13 11.44 -19.73
N LEU I 141 87.68 10.21 -19.52
CA LEU I 141 87.94 9.10 -20.44
C LEU I 141 86.89 8.02 -20.23
N GLY I 142 86.68 7.20 -21.26
CA GLY I 142 85.62 6.21 -21.14
C GLY I 142 85.73 5.07 -22.13
N CYS I 143 84.66 4.28 -22.18
CA CYS I 143 84.53 3.18 -23.12
C CYS I 143 83.16 3.26 -23.81
N LEU I 144 83.14 2.95 -25.11
CA LEU I 144 81.94 2.98 -25.94
C LEU I 144 81.56 1.54 -26.33
N VAL I 145 80.33 1.17 -26.01
CA VAL I 145 79.82 -0.17 -26.29
C VAL I 145 78.80 -0.07 -27.42
N LYS I 146 78.98 -0.88 -28.45
CA LYS I 146 78.19 -0.75 -29.68
C LYS I 146 77.77 -2.14 -30.19
N ASP I 147 76.57 -2.18 -30.78
CA ASP I 147 76.10 -3.28 -31.64
C ASP I 147 75.94 -4.58 -30.85
N TYR I 148 75.01 -4.56 -29.91
CA TYR I 148 74.50 -5.77 -29.25
C TYR I 148 72.98 -5.70 -29.28
N PHE I 149 72.33 -6.82 -29.57
CA PHE I 149 70.87 -6.78 -29.59
C PHE I 149 70.22 -6.92 -28.20
N PRO I 150 70.45 -8.02 -27.46
CA PRO I 150 69.59 -8.23 -26.30
C PRO I 150 70.03 -7.40 -25.08
N GLU I 151 69.07 -7.06 -24.24
CA GLU I 151 69.36 -6.38 -22.99
C GLU I 151 69.71 -7.40 -21.90
N PRO I 152 70.51 -7.01 -20.91
CA PRO I 152 71.34 -5.82 -20.77
C PRO I 152 72.84 -6.13 -20.79
N VAL I 153 73.65 -5.09 -20.86
CA VAL I 153 75.09 -5.21 -20.64
C VAL I 153 75.41 -4.64 -19.27
N THR I 154 76.60 -4.94 -18.78
CA THR I 154 77.08 -4.35 -17.55
C THR I 154 78.54 -3.92 -17.72
N VAL I 155 78.82 -2.66 -17.41
CA VAL I 155 80.16 -2.12 -17.53
C VAL I 155 80.66 -1.72 -16.14
N SER I 156 81.72 -2.40 -15.70
CA SER I 156 82.42 -2.07 -14.45
C SER I 156 83.79 -1.47 -14.78
N TRP I 157 84.44 -0.91 -13.77
CA TRP I 157 85.71 -0.23 -13.95
C TRP I 157 86.69 -0.68 -12.88
N ASN I 158 87.86 -1.14 -13.34
CA ASN I 158 88.97 -1.62 -12.49
C ASN I 158 88.53 -2.78 -11.58
N SER I 159 87.56 -3.57 -12.07
CA SER I 159 86.91 -4.66 -11.32
C SER I 159 86.35 -4.16 -9.99
N GLY I 160 85.66 -3.02 -10.03
CA GLY I 160 85.00 -2.45 -8.86
C GLY I 160 85.88 -1.51 -8.06
N ALA I 161 87.10 -1.22 -8.53
CA ALA I 161 88.02 -0.33 -7.81
C ALA I 161 87.89 1.12 -8.29
N LEU I 162 86.80 1.45 -8.98
CA LEU I 162 86.58 2.81 -9.48
C LEU I 162 85.10 3.14 -9.36
N THR I 163 84.75 3.86 -8.31
CA THR I 163 83.35 4.23 -8.03
C THR I 163 83.19 5.75 -7.92
N SER I 164 84.03 6.51 -8.62
CA SER I 164 83.93 7.97 -8.62
C SER I 164 83.81 8.48 -10.06
N GLY I 165 82.80 9.32 -10.28
CA GLY I 165 82.56 9.96 -11.58
C GLY I 165 82.15 8.97 -12.67
N VAL I 166 81.70 7.78 -12.29
CA VAL I 166 81.33 6.74 -13.25
C VAL I 166 79.90 7.02 -13.71
N HIS I 167 79.77 7.50 -14.95
CA HIS I 167 78.46 7.69 -15.56
C HIS I 167 78.28 6.65 -16.66
N THR I 168 77.21 5.86 -16.54
CA THR I 168 76.82 4.90 -17.55
C THR I 168 75.43 5.28 -18.05
N PHE I 169 75.37 5.69 -19.31
CA PHE I 169 74.16 6.23 -19.90
C PHE I 169 73.20 5.08 -20.21
N PRO I 170 71.89 5.35 -20.21
CA PRO I 170 70.95 4.32 -20.66
C PRO I 170 71.09 4.05 -22.16
N ALA I 171 70.90 2.79 -22.55
CA ALA I 171 71.07 2.34 -23.93
C ALA I 171 70.02 3.00 -24.84
N VAL I 172 70.38 3.14 -26.11
CA VAL I 172 69.51 3.74 -27.11
C VAL I 172 69.43 2.80 -28.31
N LEU I 173 68.21 2.56 -28.81
CA LEU I 173 68.05 1.79 -30.02
C LEU I 173 68.49 2.64 -31.22
N GLN I 174 69.52 2.17 -31.89
CA GLN I 174 69.91 2.79 -33.16
C GLN I 174 69.08 2.18 -34.28
N SER I 175 69.02 2.90 -35.41
CA SER I 175 68.09 2.64 -36.51
C SER I 175 68.38 1.32 -37.22
N SER I 176 69.57 0.75 -37.03
CA SER I 176 69.90 -0.56 -37.59
C SER I 176 69.12 -1.66 -36.86
N GLY I 177 68.92 -1.48 -35.56
CA GLY I 177 68.21 -2.47 -34.75
C GLY I 177 69.10 -3.05 -33.67
N LEU I 178 70.05 -2.24 -33.20
CA LEU I 178 70.98 -2.66 -32.15
C LEU I 178 71.06 -1.58 -31.07
N TYR I 179 71.85 -1.87 -30.05
CA TYR I 179 71.97 -0.99 -28.90
C TYR I 179 73.41 -0.47 -28.78
N SER I 180 73.53 0.74 -28.23
CA SER I 180 74.82 1.37 -28.03
C SER I 180 74.73 2.29 -26.82
N LEU I 181 75.73 2.18 -25.93
CA LEU I 181 75.84 3.12 -24.81
C LEU I 181 77.31 3.50 -24.59
N SER I 182 77.54 4.31 -23.57
CA SER I 182 78.86 4.80 -23.23
C SER I 182 79.04 4.76 -21.71
N SER I 183 80.30 4.86 -21.28
CA SER I 183 80.60 5.00 -19.88
C SER I 183 81.82 5.92 -19.72
N VAL I 184 81.68 6.96 -18.92
CA VAL I 184 82.72 7.98 -18.78
C VAL I 184 83.09 8.13 -17.31
N VAL I 185 84.36 8.50 -17.08
CA VAL I 185 84.91 8.79 -15.77
C VAL I 185 85.77 10.05 -15.89
N THR I 186 85.55 10.99 -14.98
CA THR I 186 86.43 12.16 -14.83
C THR I 186 87.43 11.89 -13.69
N VAL I 187 88.67 12.27 -13.94
CA VAL I 187 89.80 12.09 -13.03
C VAL I 187 90.58 13.41 -13.07
N PRO I 188 91.69 13.54 -12.32
CA PRO I 188 92.56 14.70 -12.60
C PRO I 188 93.14 14.67 -14.03
N SER I 189 93.38 15.84 -14.59
CA SER I 189 93.88 16.03 -15.96
C SER I 189 95.28 15.39 -16.12
N SER I 190 96.06 15.41 -15.04
CA SER I 190 97.46 14.97 -15.05
C SER I 190 97.57 13.50 -14.62
N SER I 191 96.46 12.76 -14.59
CA SER I 191 96.47 11.38 -14.10
C SER I 191 96.75 10.37 -15.23
N LEU I 192 97.44 10.81 -16.29
CA LEU I 192 97.75 9.96 -17.44
C LEU I 192 99.17 9.36 -17.33
N GLY I 193 99.86 9.63 -16.22
CA GLY I 193 101.24 9.17 -16.02
C GLY I 193 101.33 7.67 -15.78
N THR I 194 100.86 7.22 -14.61
CA THR I 194 101.04 5.83 -14.18
C THR I 194 99.70 5.13 -13.95
N GLN I 195 98.59 5.87 -13.98
CA GLN I 195 97.28 5.32 -13.62
C GLN I 195 96.77 4.42 -14.74
N THR I 196 96.18 3.29 -14.37
CA THR I 196 95.75 2.28 -15.32
C THR I 196 94.26 2.03 -15.16
N TYR I 197 93.52 2.19 -16.25
CA TYR I 197 92.07 1.98 -16.28
C TYR I 197 91.78 0.73 -17.10
N ILE I 198 90.87 -0.10 -16.61
CA ILE I 198 90.36 -1.23 -17.37
C ILE I 198 88.84 -1.24 -17.22
N CYS I 199 88.14 -1.07 -18.34
CA CYS I 199 86.68 -1.22 -18.38
C CYS I 199 86.35 -2.67 -18.71
N ASN I 200 85.45 -3.24 -17.91
CA ASN I 200 85.08 -4.65 -17.96
C ASN I 200 83.62 -4.73 -18.39
N VAL I 201 83.38 -5.27 -19.57
CA VAL I 201 82.04 -5.31 -20.16
C VAL I 201 81.57 -6.76 -20.17
N ASN I 202 80.38 -7.00 -19.61
CA ASN I 202 79.81 -8.32 -19.55
C ASN I 202 78.46 -8.32 -20.28
N HIS I 203 78.31 -9.24 -21.22
CA HIS I 203 77.09 -9.43 -22.00
C HIS I 203 76.55 -10.83 -21.69
N LYS I 204 75.60 -10.88 -20.77
CA LYS I 204 75.00 -12.12 -20.24
C LYS I 204 74.19 -12.94 -21.26
N PRO I 205 73.44 -12.33 -22.21
CA PRO I 205 72.76 -13.18 -23.22
C PRO I 205 73.75 -13.95 -24.13
N SER I 206 74.64 -13.22 -24.80
CA SER I 206 75.67 -13.84 -25.64
C SER I 206 76.86 -14.32 -24.80
N ASN I 207 76.92 -13.90 -23.53
CA ASN I 207 77.96 -14.33 -22.57
C ASN I 207 79.36 -13.98 -23.07
N THR I 208 79.62 -12.67 -23.21
CA THR I 208 80.91 -12.21 -23.69
C THR I 208 81.47 -11.19 -22.70
N LYS I 209 82.70 -11.42 -22.27
CA LYS I 209 83.39 -10.50 -21.38
C LYS I 209 84.56 -9.85 -22.15
N VAL I 210 84.54 -8.53 -22.20
CA VAL I 210 85.58 -7.78 -22.90
C VAL I 210 86.29 -6.92 -21.87
N ASP I 211 87.63 -6.97 -21.91
CA ASP I 211 88.47 -6.13 -21.07
C ASP I 211 89.19 -5.13 -21.95
N LYS I 212 89.04 -3.85 -21.66
CA LYS I 212 89.64 -2.83 -22.51
C LYS I 212 90.32 -1.74 -21.67
N ARG I 213 91.56 -1.44 -22.02
CA ARG I 213 92.30 -0.33 -21.44
C ARG I 213 92.16 0.89 -22.36
N VAL I 214 91.93 2.05 -21.77
CA VAL I 214 91.78 3.30 -22.50
C VAL I 214 93.00 4.20 -22.22
N GLU I 215 93.59 4.72 -23.30
CA GLU I 215 94.75 5.60 -23.27
C GLU I 215 94.87 6.30 -24.63
N PRO I 216 95.56 7.45 -24.68
CA PRO I 216 95.80 8.08 -25.99
C PRO I 216 96.81 7.28 -26.85
N GLU J 1 -4.39 -48.56 0.47
CA GLU J 1 -3.94 -48.83 1.85
C GLU J 1 -2.41 -48.87 1.86
N VAL J 2 -1.83 -48.41 2.96
CA VAL J 2 -0.40 -48.20 3.06
C VAL J 2 0.24 -49.38 3.76
N GLN J 3 1.25 -49.99 3.12
CA GLN J 3 2.04 -51.00 3.79
C GLN J 3 3.51 -50.88 3.36
N LEU J 4 4.36 -51.32 4.28
CA LEU J 4 5.81 -51.27 4.12
C LEU J 4 6.36 -52.67 4.34
N LEU J 5 6.87 -53.27 3.27
CA LEU J 5 7.49 -54.59 3.38
C LEU J 5 9.01 -54.40 3.43
N GLU J 6 9.71 -55.35 4.02
CA GLU J 6 11.14 -55.16 4.27
C GLU J 6 11.85 -56.50 4.34
N SER J 7 13.11 -56.51 3.91
CA SER J 7 13.87 -57.74 3.80
C SER J 7 15.38 -57.43 3.77
N GLY J 8 16.17 -58.47 3.93
CA GLY J 8 17.62 -58.38 3.84
C GLY J 8 18.33 -58.84 5.12
N GLY J 9 17.59 -59.52 6.01
CA GLY J 9 18.14 -59.95 7.29
C GLY J 9 19.00 -61.19 7.17
N GLY J 10 19.43 -61.69 8.32
CA GLY J 10 20.15 -62.94 8.39
C GLY J 10 21.44 -62.84 9.19
N LEU J 11 21.94 -64.01 9.58
CA LEU J 11 23.18 -64.12 10.35
C LEU J 11 24.37 -63.72 9.47
N VAL J 12 25.19 -62.81 9.99
CA VAL J 12 26.36 -62.31 9.27
C VAL J 12 27.56 -62.24 10.22
N GLN J 13 28.70 -62.69 9.72
CA GLN J 13 30.00 -62.65 10.40
C GLN J 13 30.34 -61.21 10.81
N PRO J 14 31.02 -61.04 11.96
CA PRO J 14 31.48 -59.70 12.37
C PRO J 14 32.46 -59.09 11.36
N GLY J 15 32.32 -57.79 11.15
CA GLY J 15 33.10 -57.08 10.14
C GLY J 15 32.49 -57.15 8.75
N GLY J 16 31.30 -57.75 8.62
CA GLY J 16 30.67 -57.96 7.31
C GLY J 16 29.96 -56.73 6.79
N SER J 17 28.94 -56.96 5.96
CA SER J 17 28.19 -55.88 5.30
C SER J 17 26.81 -56.40 4.92
N LEU J 18 25.81 -55.52 4.98
CA LEU J 18 24.45 -55.86 4.53
C LEU J 18 23.89 -54.72 3.69
N ARG J 19 22.72 -55.00 3.12
CA ARG J 19 21.95 -54.01 2.42
C ARG J 19 20.47 -54.34 2.61
N LEU J 20 19.86 -53.72 3.61
CA LEU J 20 18.43 -53.92 3.89
C LEU J 20 17.61 -53.09 2.90
N SER J 21 16.42 -53.58 2.57
CA SER J 21 15.55 -52.90 1.65
C SER J 21 14.11 -52.87 2.21
N CYS J 22 13.46 -51.73 2.03
CA CYS J 22 12.08 -51.53 2.43
C CYS J 22 11.31 -51.03 1.20
N ALA J 23 10.36 -51.85 0.75
CA ALA J 23 9.52 -51.50 -0.40
C ALA J 23 8.17 -50.99 0.10
N ALA J 24 7.77 -49.83 -0.41
CA ALA J 24 6.57 -49.13 0.04
C ALA J 24 5.47 -49.30 -1.01
N SER J 25 4.24 -49.42 -0.55
CA SER J 25 3.11 -49.47 -1.47
C SER J 25 1.88 -48.86 -0.80
N GLY J 26 1.25 -47.92 -1.49
CA GLY J 26 -0.02 -47.37 -1.05
C GLY J 26 -0.04 -45.85 -0.99
N PHE J 27 1.07 -45.19 -1.32
CA PHE J 27 1.11 -43.73 -1.28
C PHE J 27 2.12 -43.23 -2.32
N THR J 28 2.15 -41.92 -2.49
CA THR J 28 3.16 -41.27 -3.30
C THR J 28 4.48 -41.28 -2.51
N PHE J 29 5.43 -42.07 -2.98
CA PHE J 29 6.64 -42.32 -2.21
C PHE J 29 7.57 -41.11 -2.20
N SER J 30 7.49 -40.26 -3.23
CA SER J 30 8.44 -39.17 -3.40
C SER J 30 7.95 -37.89 -2.71
N SER J 31 7.10 -38.01 -1.70
CA SER J 31 6.65 -36.83 -0.97
C SER J 31 6.56 -37.09 0.54
N TYR J 32 7.37 -38.00 1.07
CA TYR J 32 7.46 -38.21 2.51
C TYR J 32 8.88 -38.60 2.89
N GLY J 33 9.34 -38.10 4.02
CA GLY J 33 10.61 -38.54 4.58
C GLY J 33 10.47 -39.93 5.16
N MET J 34 11.60 -40.62 5.28
CA MET J 34 11.60 -41.98 5.79
C MET J 34 12.68 -42.12 6.86
N ALA J 35 12.49 -43.06 7.78
CA ALA J 35 13.43 -43.26 8.86
C ALA J 35 13.61 -44.75 9.17
N TRP J 36 14.78 -45.07 9.71
CA TRP J 36 15.11 -46.41 10.18
C TRP J 36 15.29 -46.38 11.69
N VAL J 37 14.60 -47.28 12.38
CA VAL J 37 14.62 -47.38 13.83
C VAL J 37 14.86 -48.84 14.22
N ARG J 38 15.85 -49.09 15.06
CA ARG J 38 16.14 -50.46 15.48
C ARG J 38 15.73 -50.66 16.94
N GLN J 39 15.68 -51.93 17.33
CA GLN J 39 15.39 -52.30 18.71
C GLN J 39 16.22 -53.53 19.08
N ALA J 40 17.09 -53.35 20.07
CA ALA J 40 17.84 -54.46 20.64
C ALA J 40 16.87 -55.42 21.34
N PRO J 41 17.23 -56.70 21.42
CA PRO J 41 16.32 -57.65 22.08
C PRO J 41 16.24 -57.42 23.60
N GLY J 42 15.02 -57.14 24.06
CA GLY J 42 14.76 -56.91 25.47
C GLY J 42 15.21 -55.54 25.95
N LYS J 43 15.16 -54.54 25.07
CA LYS J 43 15.47 -53.16 25.41
C LYS J 43 14.50 -52.22 24.68
N GLY J 44 14.68 -50.92 24.88
CA GLY J 44 13.80 -49.92 24.30
C GLY J 44 14.17 -49.61 22.86
N LEU J 45 13.39 -48.70 22.26
CA LEU J 45 13.60 -48.26 20.89
C LEU J 45 14.85 -47.38 20.80
N GLU J 46 15.42 -47.30 19.60
CA GLU J 46 16.56 -46.44 19.34
C GLU J 46 16.53 -46.03 17.86
N TRP J 47 16.69 -44.74 17.63
CA TRP J 47 16.68 -44.18 16.29
C TRP J 47 18.01 -44.47 15.60
N VAL J 48 17.95 -44.75 14.30
CA VAL J 48 19.16 -45.03 13.54
C VAL J 48 19.39 -43.95 12.48
N SER J 49 18.46 -43.79 11.55
CA SER J 49 18.76 -42.93 10.41
C SER J 49 17.51 -42.28 9.82
N PHE J 50 17.74 -41.29 8.97
CA PHE J 50 16.68 -40.51 8.35
C PHE J 50 17.11 -40.00 6.97
N ILE J 51 16.19 -40.06 6.02
CA ILE J 51 16.37 -39.45 4.71
C ILE J 51 15.12 -38.61 4.39
N SER J 52 15.32 -37.44 3.82
CA SER J 52 14.25 -36.47 3.59
C SER J 52 13.43 -36.89 2.36
N ALA J 53 12.48 -36.05 1.98
CA ALA J 53 11.58 -36.37 0.87
C ALA J 53 12.31 -36.21 -0.47
N THR J 54 13.02 -35.10 -0.64
CA THR J 54 13.69 -34.82 -1.89
C THR J 54 15.01 -35.58 -2.00
N GLY J 55 15.50 -36.13 -0.90
CA GLY J 55 16.76 -36.87 -0.90
C GLY J 55 17.97 -35.96 -0.78
N LEU J 56 17.77 -34.72 -0.35
CA LEU J 56 18.89 -33.79 -0.18
C LEU J 56 19.36 -33.72 1.27
N SER J 57 18.73 -34.46 2.17
CA SER J 57 19.08 -34.36 3.59
C SER J 57 19.13 -35.76 4.19
N THR J 58 20.29 -36.12 4.73
CA THR J 58 20.47 -37.41 5.38
C THR J 58 21.03 -37.18 6.77
N TYR J 59 20.53 -37.91 7.76
CA TYR J 59 21.05 -37.81 9.11
C TYR J 59 21.18 -39.19 9.72
N PHE J 60 22.18 -39.36 10.57
CA PHE J 60 22.44 -40.65 11.18
C PHE J 60 22.55 -40.47 12.70
N ALA J 61 22.42 -41.58 13.42
CA ALA J 61 22.69 -41.56 14.84
C ALA J 61 24.19 -41.43 15.07
N ASP J 62 24.55 -40.97 16.25
CA ASP J 62 25.93 -40.60 16.55
C ASP J 62 26.82 -41.83 16.67
N SER J 63 26.27 -42.95 17.13
CA SER J 63 27.03 -44.16 17.35
C SER J 63 27.33 -44.88 16.03
N VAL J 64 26.62 -44.54 14.95
CA VAL J 64 26.71 -45.32 13.72
C VAL J 64 27.22 -44.44 12.58
N LYS J 65 27.92 -43.36 12.92
CA LYS J 65 28.45 -42.44 11.93
C LYS J 65 29.55 -43.12 11.09
N GLY J 66 29.47 -42.93 9.79
CA GLY J 66 30.53 -43.35 8.87
C GLY J 66 30.45 -44.81 8.47
N ARG J 67 29.64 -45.61 9.15
CA ARG J 67 29.58 -47.05 8.86
C ARG J 67 28.29 -47.39 8.10
N PHE J 68 27.39 -46.42 7.93
CA PHE J 68 26.07 -46.68 7.39
C PHE J 68 25.76 -45.63 6.32
N THR J 69 25.15 -46.07 5.24
CA THR J 69 24.64 -45.14 4.25
C THR J 69 23.19 -45.48 3.95
N ILE J 70 22.50 -44.53 3.32
CA ILE J 70 21.08 -44.67 3.07
C ILE J 70 20.78 -43.99 1.72
N SER J 71 19.89 -44.60 0.95
CA SER J 71 19.51 -44.07 -0.35
C SER J 71 18.08 -44.49 -0.68
N ARG J 72 17.53 -43.87 -1.72
CA ARG J 72 16.17 -44.17 -2.13
C ARG J 72 16.10 -44.20 -3.66
N ASP J 73 15.18 -45.01 -4.17
CA ASP J 73 14.93 -45.12 -5.59
C ASP J 73 13.44 -44.88 -5.84
N THR J 74 13.15 -43.87 -6.66
CA THR J 74 11.77 -43.46 -6.92
C THR J 74 11.09 -44.46 -7.86
N THR J 75 11.82 -44.97 -8.84
CA THR J 75 11.25 -45.81 -9.88
C THR J 75 10.81 -47.15 -9.32
N LYS J 76 11.58 -47.68 -8.38
CA LYS J 76 11.23 -48.95 -7.74
C LYS J 76 10.38 -48.71 -6.49
N ASN J 77 10.27 -47.45 -6.04
CA ASN J 77 9.68 -47.07 -4.74
C ASN J 77 10.34 -47.87 -3.61
N THR J 78 11.65 -47.77 -3.50
CA THR J 78 12.37 -48.64 -2.59
C THR J 78 13.42 -47.84 -1.82
N LEU J 79 13.48 -48.09 -0.51
CA LEU J 79 14.43 -47.47 0.40
C LEU J 79 15.53 -48.47 0.75
N TYR J 80 16.78 -48.08 0.57
CA TYR J 80 17.89 -48.99 0.84
C TYR J 80 18.77 -48.44 1.96
N LEU J 81 19.21 -49.33 2.82
CA LEU J 81 20.15 -48.97 3.88
C LEU J 81 21.33 -49.94 3.84
N GLN J 82 22.52 -49.39 3.62
CA GLN J 82 23.74 -50.16 3.46
C GLN J 82 24.55 -50.12 4.77
N MET J 83 24.85 -51.28 5.31
CA MET J 83 25.58 -51.39 6.57
C MET J 83 26.98 -51.96 6.27
N ASN J 84 27.99 -51.34 6.86
CA ASN J 84 29.37 -51.74 6.65
C ASN J 84 30.09 -51.88 7.98
N SER J 85 30.88 -52.95 8.10
CA SER J 85 31.84 -53.19 9.20
C SER J 85 31.12 -53.21 10.54
N LEU J 86 30.25 -54.20 10.72
CA LEU J 86 29.38 -54.27 11.89
C LEU J 86 30.14 -54.67 13.15
N ARG J 87 29.42 -54.66 14.26
CA ARG J 87 29.95 -55.06 15.55
C ARG J 87 28.99 -56.06 16.18
N ALA J 88 29.33 -56.53 17.37
CA ALA J 88 28.50 -57.48 18.10
C ALA J 88 27.22 -56.80 18.61
N ASP J 89 27.29 -55.51 18.94
CA ASP J 89 26.19 -54.82 19.58
C ASP J 89 25.28 -54.13 18.55
N ASP J 90 25.23 -54.65 17.34
CA ASP J 90 24.27 -54.17 16.35
C ASP J 90 23.14 -55.19 16.15
N THR J 91 23.10 -56.23 16.98
CA THR J 91 22.08 -57.24 16.90
C THR J 91 20.74 -56.64 17.31
N ALA J 92 19.83 -56.48 16.35
CA ALA J 92 18.59 -55.79 16.62
C ALA J 92 17.52 -56.20 15.61
N VAL J 93 16.31 -55.70 15.82
CA VAL J 93 15.24 -55.79 14.86
C VAL J 93 15.05 -54.40 14.26
N TYR J 94 15.06 -54.34 12.93
CA TYR J 94 15.09 -53.07 12.21
C TYR J 94 13.73 -52.78 11.58
N PHE J 95 13.29 -51.53 11.70
CA PHE J 95 12.01 -51.09 11.18
C PHE J 95 12.22 -49.90 10.25
N CYS J 96 11.46 -49.88 9.17
CA CYS J 96 11.34 -48.71 8.32
C CYS J 96 10.01 -48.03 8.62
N ALA J 97 10.06 -46.72 8.85
CA ALA J 97 8.89 -45.96 9.28
C ALA J 97 8.79 -44.66 8.49
N ARG J 98 7.61 -44.07 8.51
CA ARG J 98 7.28 -42.95 7.65
C ARG J 98 6.97 -41.72 8.51
N MET J 99 7.52 -40.59 8.10
CA MET J 99 7.25 -39.32 8.76
C MET J 99 5.83 -38.87 8.43
N ARG J 100 5.15 -38.30 9.41
CA ARG J 100 3.73 -38.04 9.22
C ARG J 100 3.52 -36.75 8.40
N ARG J 101 4.38 -35.77 8.60
CA ARG J 101 4.34 -34.53 7.84
C ARG J 101 5.62 -34.40 7.02
N THR J 102 5.85 -33.23 6.46
CA THR J 102 7.04 -32.99 5.65
C THR J 102 7.78 -31.76 6.17
N MET J 103 7.42 -31.26 7.33
CA MET J 103 8.10 -30.12 7.92
C MET J 103 9.28 -30.61 8.77
N ILE J 104 9.85 -29.75 9.60
CA ILE J 104 10.84 -30.21 10.55
C ILE J 104 10.13 -30.87 11.73
N ALA J 105 9.16 -30.18 12.32
CA ALA J 105 8.35 -30.80 13.36
C ALA J 105 7.37 -31.78 12.69
N PHE J 106 7.83 -33.02 12.50
CA PHE J 106 7.14 -33.93 11.59
C PHE J 106 5.88 -34.52 12.22
N GLY J 107 5.86 -34.68 13.54
CA GLY J 107 4.65 -35.15 14.23
C GLY J 107 4.49 -36.66 14.19
N GLY J 108 5.52 -37.37 14.67
CA GLY J 108 5.41 -38.80 14.91
C GLY J 108 5.48 -39.64 13.64
N ASN J 109 5.62 -40.94 13.84
CA ASN J 109 5.74 -41.90 12.77
C ASN J 109 4.48 -42.75 12.72
N ASP J 110 3.63 -42.49 11.75
CA ASP J 110 2.30 -43.09 11.76
C ASP J 110 2.33 -44.54 11.26
N PHE J 111 3.07 -44.81 10.19
CA PHE J 111 3.12 -46.17 9.63
C PHE J 111 4.48 -46.79 9.86
N TRP J 112 4.46 -48.09 10.17
CA TRP J 112 5.64 -48.83 10.52
C TRP J 112 5.70 -50.10 9.69
N GLY J 113 6.89 -50.70 9.62
CA GLY J 113 7.08 -51.95 8.91
C GLY J 113 6.58 -53.13 9.73
N GLN J 114 7.37 -54.20 9.75
CA GLN J 114 7.02 -55.37 10.53
C GLN J 114 8.28 -56.02 11.15
N GLY J 115 9.45 -55.50 10.83
CA GLY J 115 10.68 -55.91 11.52
C GLY J 115 11.40 -57.06 10.83
N THR J 116 12.65 -56.83 10.48
CA THR J 116 13.55 -57.89 10.06
C THR J 116 14.64 -58.03 11.11
N LEU J 117 15.11 -59.24 11.31
CA LEU J 117 16.07 -59.56 12.37
C LEU J 117 17.46 -59.63 11.77
N VAL J 118 18.43 -59.09 12.50
CA VAL J 118 19.84 -59.11 12.09
C VAL J 118 20.67 -59.56 13.29
N THR J 119 21.40 -60.65 13.11
CA THR J 119 22.28 -61.16 14.15
C THR J 119 23.73 -61.12 13.64
N VAL J 120 24.58 -60.43 14.40
CA VAL J 120 25.99 -60.37 14.08
C VAL J 120 26.75 -61.13 15.17
N SER J 121 27.26 -62.30 14.83
CA SER J 121 28.03 -63.11 15.74
C SER J 121 28.95 -64.04 14.96
N SER J 122 29.88 -64.69 15.67
CA SER J 122 30.81 -65.62 15.09
C SER J 122 30.63 -66.99 15.74
N ALA J 123 29.77 -67.80 15.14
CA ALA J 123 29.52 -69.17 15.61
C ALA J 123 28.99 -70.00 14.43
N SER J 124 28.99 -71.32 14.63
CA SER J 124 28.54 -72.27 13.61
C SER J 124 27.16 -72.80 13.98
N THR J 125 26.41 -73.21 12.96
CA THR J 125 25.11 -73.82 13.17
C THR J 125 25.29 -75.19 13.85
N LYS J 126 24.93 -75.24 15.12
CA LYS J 126 25.17 -76.42 15.93
C LYS J 126 23.84 -76.92 16.50
N GLY J 127 23.65 -78.24 16.43
CA GLY J 127 22.52 -78.92 17.04
C GLY J 127 22.57 -78.84 18.56
N PRO J 128 21.40 -78.96 19.21
CA PRO J 128 21.37 -78.86 20.67
C PRO J 128 21.62 -80.21 21.36
N SER J 129 21.78 -80.15 22.67
CA SER J 129 21.90 -81.34 23.51
C SER J 129 20.81 -81.30 24.59
N VAL J 130 20.23 -82.47 24.87
CA VAL J 130 19.06 -82.57 25.74
C VAL J 130 19.43 -83.43 26.95
N PHE J 131 19.15 -82.92 28.14
CA PHE J 131 19.41 -83.65 29.38
C PHE J 131 18.14 -83.70 30.22
N PRO J 132 17.80 -84.87 30.77
CA PRO J 132 16.62 -84.97 31.61
C PRO J 132 16.82 -84.31 32.99
N LEU J 133 15.73 -83.76 33.53
CA LEU J 133 15.72 -83.06 34.80
C LEU J 133 14.77 -83.81 35.73
N ALA J 134 15.37 -84.54 36.68
CA ALA J 134 14.79 -85.72 37.36
C ALA J 134 14.27 -85.37 38.77
N PRO J 135 13.12 -85.93 39.14
CA PRO J 135 12.57 -85.73 40.48
C PRO J 135 13.26 -86.61 41.52
N SER J 136 13.73 -85.99 42.59
CA SER J 136 14.25 -86.72 43.75
C SER J 136 13.09 -87.13 44.67
N GLY J 137 12.35 -86.14 45.16
CA GLY J 137 11.15 -86.39 45.96
C GLY J 137 10.05 -85.38 45.63
N THR J 138 10.12 -84.78 44.46
CA THR J 138 9.23 -83.68 44.09
C THR J 138 8.28 -84.11 42.97
N ALA J 139 7.41 -83.18 42.58
CA ALA J 139 6.28 -83.45 41.68
C ALA J 139 6.49 -82.84 40.30
N ALA J 140 7.68 -82.31 40.02
CA ALA J 140 7.95 -81.67 38.73
C ALA J 140 9.13 -82.39 38.04
N LEU J 141 9.18 -82.28 36.72
CA LEU J 141 10.24 -82.87 35.91
C LEU J 141 10.33 -82.14 34.57
N GLY J 142 11.48 -82.21 33.93
CA GLY J 142 11.65 -81.47 32.71
C GLY J 142 12.80 -81.94 31.84
N CYS J 143 13.09 -81.12 30.83
CA CYS J 143 14.21 -81.34 29.91
C CYS J 143 15.00 -80.02 29.77
N LEU J 144 16.31 -80.15 29.72
CA LEU J 144 17.24 -79.02 29.59
C LEU J 144 17.90 -79.07 28.21
N VAL J 145 17.78 -77.98 27.47
CA VAL J 145 18.32 -77.87 26.13
C VAL J 145 19.51 -76.90 26.17
N LYS J 146 20.65 -77.35 25.65
CA LYS J 146 21.89 -76.60 25.80
C LYS J 146 22.67 -76.59 24.47
N ASP J 147 23.38 -75.49 24.23
CA ASP J 147 24.44 -75.37 23.23
C ASP J 147 23.91 -75.54 21.81
N TYR J 148 23.07 -74.60 21.40
CA TYR J 148 22.68 -74.42 20.01
C TYR J 148 22.84 -72.94 19.67
N PHE J 149 23.38 -72.64 18.50
CA PHE J 149 23.53 -71.23 18.15
C PHE J 149 22.25 -70.58 17.58
N PRO J 150 21.70 -71.08 16.47
CA PRO J 150 20.67 -70.25 15.83
C PRO J 150 19.30 -70.41 16.49
N GLU J 151 18.49 -69.35 16.40
CA GLU J 151 17.12 -69.39 16.87
C GLU J 151 16.20 -69.97 15.79
N PRO J 152 15.08 -70.58 16.19
CA PRO J 152 14.67 -71.04 17.51
C PRO J 152 14.60 -72.58 17.61
N VAL J 153 14.42 -73.06 18.83
CA VAL J 153 14.10 -74.47 19.04
C VAL J 153 12.62 -74.57 19.40
N THR J 154 12.08 -75.78 19.34
CA THR J 154 10.72 -76.02 19.79
C THR J 154 10.69 -77.32 20.60
N VAL J 155 10.13 -77.22 21.80
CA VAL J 155 10.04 -78.37 22.70
C VAL J 155 8.56 -78.68 22.94
N SER J 156 8.14 -79.86 22.49
CA SER J 156 6.81 -80.39 22.75
C SER J 156 6.90 -81.56 23.74
N TRP J 157 5.76 -81.97 24.25
CA TRP J 157 5.70 -83.03 25.25
C TRP J 157 4.63 -84.06 24.88
N ASN J 158 5.05 -85.32 24.85
CA ASN J 158 4.21 -86.48 24.52
C ASN J 158 3.55 -86.33 23.14
N SER J 159 4.25 -85.65 22.23
CA SER J 159 3.77 -85.29 20.88
C SER J 159 2.42 -84.56 20.95
N GLY J 160 2.33 -83.59 21.85
CA GLY J 160 1.16 -82.75 21.99
C GLY J 160 0.12 -83.30 22.95
N ALA J 161 0.43 -84.41 23.64
CA ALA J 161 -0.52 -85.03 24.59
C ALA J 161 -0.29 -84.51 26.02
N LEU J 162 0.43 -83.39 26.18
CA LEU J 162 0.70 -82.84 27.50
C LEU J 162 0.67 -81.32 27.40
N THR J 163 -0.45 -80.74 27.79
CA THR J 163 -0.66 -79.28 27.72
C THR J 163 -1.02 -78.71 29.09
N SER J 164 -0.54 -79.33 30.17
CA SER J 164 -0.78 -78.83 31.52
C SER J 164 0.55 -78.64 32.25
N GLY J 165 0.72 -77.45 32.81
CA GLY J 165 1.90 -77.09 33.60
C GLY J 165 3.18 -77.02 32.77
N VAL J 166 3.05 -76.90 31.45
CA VAL J 166 4.21 -76.87 30.56
C VAL J 166 4.74 -75.44 30.54
N HIS J 167 5.89 -75.24 31.19
CA HIS J 167 6.57 -73.95 31.14
C HIS J 167 7.85 -74.11 30.32
N THR J 168 7.96 -73.30 29.27
CA THR J 168 9.16 -73.22 28.46
C THR J 168 9.72 -71.80 28.56
N PHE J 169 10.88 -71.69 29.18
CA PHE J 169 11.48 -70.41 29.47
C PHE J 169 12.07 -69.80 28.19
N PRO J 170 12.15 -68.47 28.11
CA PRO J 170 12.85 -67.87 26.96
C PRO J 170 14.36 -68.15 27.04
N ALA J 171 14.97 -68.32 25.87
CA ALA J 171 16.38 -68.67 25.76
C ALA J 171 17.26 -67.52 26.28
N VAL J 172 18.46 -67.88 26.74
CA VAL J 172 19.41 -66.92 27.27
C VAL J 172 20.75 -67.16 26.59
N LEU J 173 21.39 -66.07 26.16
CA LEU J 173 22.73 -66.17 25.62
C LEU J 173 23.71 -66.42 26.75
N GLN J 174 24.37 -67.57 26.71
CA GLN J 174 25.46 -67.83 27.64
C GLN J 174 26.76 -67.23 27.07
N SER J 175 27.73 -67.04 27.94
CA SER J 175 28.94 -66.26 27.67
C SER J 175 29.84 -66.93 26.62
N SER J 176 29.65 -68.22 26.37
CA SER J 176 30.40 -68.92 25.32
C SER J 176 29.93 -68.45 23.93
N GLY J 177 28.65 -68.14 23.80
CA GLY J 177 28.09 -67.70 22.52
C GLY J 177 27.05 -68.68 22.01
N LEU J 178 26.36 -69.34 22.93
CA LEU J 178 25.32 -70.31 22.58
C LEU J 178 24.07 -70.04 23.41
N TYR J 179 23.04 -70.83 23.15
CA TYR J 179 21.75 -70.66 23.80
C TYR J 179 21.41 -71.89 24.64
N SER J 180 20.65 -71.65 25.70
CA SER J 180 20.24 -72.71 26.60
C SER J 180 18.89 -72.33 27.22
N LEU J 181 17.94 -73.27 27.20
CA LEU J 181 16.68 -73.08 27.92
C LEU J 181 16.25 -74.38 28.61
N SER J 182 15.10 -74.32 29.25
CA SER J 182 14.56 -75.44 29.99
C SER J 182 13.06 -75.57 29.72
N SER J 183 12.50 -76.73 30.04
CA SER J 183 11.07 -76.92 29.99
C SER J 183 10.65 -77.84 31.14
N VAL J 184 9.70 -77.38 31.95
CA VAL J 184 9.29 -78.09 33.16
C VAL J 184 7.78 -78.35 33.12
N VAL J 185 7.39 -79.46 33.76
CA VAL J 185 5.99 -79.84 33.92
C VAL J 185 5.81 -80.34 35.36
N THR J 186 4.77 -79.83 36.03
CA THR J 186 4.35 -80.34 37.33
C THR J 186 3.19 -81.33 37.12
N VAL J 187 3.25 -82.42 37.86
CA VAL J 187 2.29 -83.52 37.81
C VAL J 187 2.02 -83.91 39.26
N PRO J 188 1.16 -84.91 39.54
CA PRO J 188 1.15 -85.45 40.91
C PRO J 188 2.51 -86.06 41.30
N SER J 189 2.83 -86.00 42.60
CA SER J 189 4.09 -86.50 43.17
C SER J 189 4.24 -88.01 42.96
N SER J 190 3.10 -88.71 42.97
CA SER J 190 3.06 -90.17 42.92
C SER J 190 2.88 -90.68 41.48
N SER J 191 3.08 -89.81 40.49
CA SER J 191 2.85 -90.17 39.08
C SER J 191 4.10 -90.76 38.43
N LEU J 192 4.99 -91.35 39.23
CA LEU J 192 6.24 -91.93 38.73
C LEU J 192 6.11 -93.44 38.51
N GLY J 193 4.92 -94.00 38.74
CA GLY J 193 4.68 -95.44 38.62
C GLY J 193 4.70 -95.93 37.18
N THR J 194 3.67 -95.55 36.42
CA THR J 194 3.46 -96.10 35.07
C THR J 194 3.48 -94.99 34.00
N GLN J 195 3.47 -93.72 34.42
CA GLN J 195 3.34 -92.60 33.49
C GLN J 195 4.66 -92.41 32.72
N THR J 196 4.53 -92.13 31.42
CA THR J 196 5.68 -92.04 30.53
C THR J 196 5.70 -90.67 29.87
N TYR J 197 6.81 -89.96 30.04
CA TYR J 197 7.01 -88.63 29.46
C TYR J 197 8.07 -88.73 28.37
N ILE J 198 7.80 -88.05 27.24
CA ILE J 198 8.79 -87.91 26.18
C ILE J 198 8.79 -86.44 25.74
N CYS J 199 9.92 -85.78 25.94
CA CYS J 199 10.12 -84.43 25.42
C CYS J 199 10.72 -84.52 24.02
N ASN J 200 10.11 -83.77 23.09
CA ASN J 200 10.45 -83.81 21.69
C ASN J 200 11.01 -82.44 21.31
N VAL J 201 12.29 -82.41 20.96
CA VAL J 201 12.99 -81.16 20.67
C VAL J 201 13.29 -81.11 19.17
N ASN J 202 12.90 -80.01 18.54
CA ASN J 202 13.13 -79.81 17.12
C ASN J 202 13.96 -78.55 16.92
N HIS J 203 15.07 -78.71 16.18
CA HIS J 203 15.98 -77.62 15.83
C HIS J 203 15.97 -77.47 14.30
N LYS J 204 15.15 -76.53 13.84
CA LYS J 204 14.90 -76.27 12.40
C LYS J 204 16.12 -75.76 11.61
N PRO J 205 17.02 -74.91 12.18
CA PRO J 205 18.22 -74.55 11.38
C PRO J 205 19.16 -75.74 11.09
N SER J 206 19.60 -76.42 12.14
CA SER J 206 20.43 -77.61 11.99
C SER J 206 19.59 -78.85 11.68
N ASN J 207 18.27 -78.75 11.85
CA ASN J 207 17.29 -79.82 11.54
C ASN J 207 17.60 -81.09 12.34
N THR J 208 17.49 -80.99 13.66
CA THR J 208 17.76 -82.12 14.53
C THR J 208 16.56 -82.32 15.46
N LYS J 209 16.06 -83.56 15.48
CA LYS J 209 14.96 -83.94 16.35
C LYS J 209 15.50 -84.91 17.41
N VAL J 210 15.33 -84.54 18.67
CA VAL J 210 15.79 -85.35 19.79
C VAL J 210 14.56 -85.76 20.60
N ASP J 211 14.49 -87.05 20.92
CA ASP J 211 13.44 -87.61 21.75
C ASP J 211 14.07 -88.05 23.07
N LYS J 212 13.57 -87.54 24.18
CA LYS J 212 14.18 -87.87 25.47
C LYS J 212 13.10 -88.19 26.51
N ARG J 213 13.28 -89.31 27.19
CA ARG J 213 12.45 -89.69 28.33
C ARG J 213 13.15 -89.27 29.62
N VAL J 214 12.38 -88.70 30.55
CA VAL J 214 12.90 -88.24 31.83
C VAL J 214 12.37 -89.16 32.95
N GLU J 215 13.28 -89.62 33.80
CA GLU J 215 12.99 -90.50 34.93
C GLU J 215 14.19 -90.47 35.88
N PRO J 216 13.99 -90.82 37.16
CA PRO J 216 15.15 -90.93 38.06
C PRO J 216 16.04 -92.15 37.74
N GLU K 1 35.52 8.73 -26.93
CA GLU K 1 36.76 8.58 -26.12
C GLU K 1 37.01 9.87 -25.34
N VAL K 2 36.96 9.75 -24.02
CA VAL K 2 37.30 10.85 -23.16
C VAL K 2 38.83 10.96 -23.10
N VAL K 3 39.34 12.16 -23.38
CA VAL K 3 40.77 12.38 -23.49
C VAL K 3 41.22 13.19 -22.27
N MET K 4 42.19 12.65 -21.53
CA MET K 4 42.70 13.31 -20.34
C MET K 4 43.96 14.09 -20.70
N THR K 5 44.26 15.11 -19.90
CA THR K 5 45.43 15.93 -20.11
C THR K 5 45.95 16.41 -18.74
N GLN K 6 47.23 16.20 -18.48
CA GLN K 6 47.82 16.67 -17.25
C GLN K 6 48.57 17.98 -17.48
N SER K 7 48.69 18.75 -16.41
CA SER K 7 49.40 20.02 -16.44
C SER K 7 49.95 20.33 -15.04
N PRO K 8 51.20 20.82 -14.97
CA PRO K 8 52.14 21.02 -16.08
C PRO K 8 52.86 19.71 -16.46
N ALA K 9 53.83 19.80 -17.35
CA ALA K 9 54.55 18.62 -17.81
C ALA K 9 55.58 18.16 -16.77
N THR K 10 56.25 19.12 -16.13
CA THR K 10 57.29 18.80 -15.18
C THR K 10 57.28 19.86 -14.08
N LEU K 11 57.16 19.42 -12.84
CA LEU K 11 57.09 20.33 -11.70
C LEU K 11 58.36 20.14 -10.85
N SER K 12 59.14 21.22 -10.74
CA SER K 12 60.33 21.24 -9.91
C SER K 12 59.97 21.91 -8.57
N VAL K 13 60.45 21.33 -7.47
CA VAL K 13 60.03 21.74 -6.14
C VAL K 13 61.20 21.49 -5.18
N SER K 14 61.28 22.32 -4.14
CA SER K 14 62.25 22.11 -3.07
C SER K 14 61.61 21.26 -1.97
N PRO K 15 62.41 20.49 -1.23
CA PRO K 15 61.89 19.72 -0.10
C PRO K 15 61.34 20.61 1.02
N GLY K 16 60.36 20.08 1.76
CA GLY K 16 59.65 20.82 2.79
C GLY K 16 58.58 21.74 2.22
N GLU K 17 58.07 21.40 1.04
CA GLU K 17 57.04 22.21 0.37
C GLU K 17 55.91 21.30 -0.08
N GLY K 18 54.83 21.91 -0.56
CA GLY K 18 53.74 21.20 -1.20
C GLY K 18 53.81 21.29 -2.71
N ALA K 19 52.89 20.61 -3.38
CA ALA K 19 52.77 20.67 -4.84
C ALA K 19 51.32 20.44 -5.26
N THR K 20 51.00 20.95 -6.45
CA THR K 20 49.67 20.81 -7.03
C THR K 20 49.79 20.31 -8.47
N LEU K 21 48.85 19.45 -8.85
CA LEU K 21 48.86 18.81 -10.16
C LEU K 21 47.43 18.84 -10.72
N SER K 22 47.29 19.12 -12.01
CA SER K 22 45.98 19.29 -12.62
C SER K 22 45.75 18.24 -13.71
N CYS K 23 44.58 17.59 -13.66
CA CYS K 23 44.15 16.67 -14.71
C CYS K 23 42.82 17.19 -15.25
N ARG K 24 42.72 17.30 -16.57
CA ARG K 24 41.57 17.93 -17.23
C ARG K 24 41.02 17.01 -18.30
N ALA K 25 39.71 16.85 -18.30
CA ALA K 25 39.00 15.94 -19.20
C ALA K 25 38.28 16.73 -20.30
N SER K 26 38.13 16.11 -21.47
CA SER K 26 37.47 16.75 -22.60
C SER K 26 35.94 16.80 -22.39
N GLN K 27 35.41 15.83 -21.66
CA GLN K 27 34.00 15.81 -21.35
C GLN K 27 33.83 15.84 -19.82
N SER K 28 32.59 15.71 -19.37
CA SER K 28 32.28 15.77 -17.96
C SER K 28 32.18 14.34 -17.39
N VAL K 29 33.26 13.92 -16.75
CA VAL K 29 33.18 12.78 -15.86
C VAL K 29 32.64 13.30 -14.53
N ASN K 30 31.97 12.44 -13.77
CA ASN K 30 31.30 12.95 -12.58
C ASN K 30 32.30 13.09 -11.43
N THR K 31 32.68 11.94 -10.87
CA THR K 31 33.68 11.90 -9.80
C THR K 31 34.58 10.67 -9.98
N ASN K 32 34.59 10.10 -11.18
CA ASN K 32 35.15 8.78 -11.39
C ASN K 32 36.61 8.88 -11.86
N VAL K 33 37.43 9.47 -11.01
CA VAL K 33 38.83 9.71 -11.33
C VAL K 33 39.68 9.09 -10.23
N ALA K 34 40.78 8.43 -10.62
CA ALA K 34 41.76 7.92 -9.67
C ALA K 34 43.17 8.39 -10.07
N TRP K 35 44.08 8.35 -9.10
CA TRP K 35 45.48 8.73 -9.32
C TRP K 35 46.40 7.58 -8.94
N TYR K 36 47.59 7.58 -9.56
CA TYR K 36 48.61 6.59 -9.27
C TYR K 36 49.99 7.24 -9.26
N GLN K 37 50.90 6.66 -8.48
CA GLN K 37 52.31 7.02 -8.57
C GLN K 37 53.12 5.82 -9.05
N GLN K 38 54.27 6.13 -9.62
CA GLN K 38 55.15 5.11 -10.13
C GLN K 38 56.59 5.57 -9.90
N LYS K 39 57.32 4.76 -9.16
CA LYS K 39 58.77 4.87 -9.06
C LYS K 39 59.38 4.38 -10.38
N PRO K 40 60.65 4.74 -10.65
CA PRO K 40 61.30 4.13 -11.81
C PRO K 40 61.54 2.62 -11.61
N GLY K 41 61.03 1.84 -12.57
CA GLY K 41 61.16 0.39 -12.55
C GLY K 41 60.35 -0.27 -11.45
N GLN K 42 59.10 0.18 -11.28
CA GLN K 42 58.20 -0.40 -10.29
C GLN K 42 56.80 -0.51 -10.88
N ALA K 43 55.94 -1.23 -10.17
CA ALA K 43 54.53 -1.23 -10.51
C ALA K 43 53.88 0.03 -9.95
N PRO K 44 52.81 0.51 -10.59
CA PRO K 44 52.07 1.63 -10.03
C PRO K 44 51.29 1.22 -8.77
N ARG K 45 50.88 2.21 -7.99
CA ARG K 45 50.11 1.96 -6.79
C ARG K 45 48.99 3.00 -6.67
N LEU K 46 47.88 2.56 -6.07
CA LEU K 46 46.67 3.36 -6.02
C LEU K 46 46.77 4.35 -4.86
N LEU K 47 46.56 5.63 -5.17
CA LEU K 47 46.61 6.69 -4.16
C LEU K 47 45.21 7.10 -3.72
N ILE K 48 44.40 7.54 -4.68
CA ILE K 48 43.20 8.28 -4.37
C ILE K 48 42.17 7.99 -5.46
N TYR K 49 41.01 7.47 -5.04
CA TYR K 49 39.97 7.04 -5.96
C TYR K 49 38.67 7.79 -5.64
N GLY K 50 37.89 8.05 -6.67
CA GLY K 50 36.66 8.82 -6.53
C GLY K 50 36.93 10.30 -6.28
N ALA K 51 38.18 10.73 -6.48
CA ALA K 51 38.65 12.14 -6.38
C ALA K 51 38.61 12.68 -4.94
N SER K 52 38.14 11.89 -3.98
CA SER K 52 38.10 12.38 -2.60
C SER K 52 38.67 11.35 -1.61
N THR K 53 38.39 10.08 -1.82
CA THR K 53 38.66 9.07 -0.81
C THR K 53 40.06 8.50 -1.01
N ARG K 54 40.90 8.60 0.01
CA ARG K 54 42.26 8.07 -0.05
C ARG K 54 42.20 6.54 0.10
N ALA K 55 43.16 5.87 -0.53
CA ALA K 55 43.22 4.41 -0.48
C ALA K 55 43.68 3.95 0.91
N THR K 56 43.45 2.68 1.18
CA THR K 56 43.87 2.05 2.42
C THR K 56 45.39 1.92 2.45
N GLY K 57 45.98 2.45 3.52
CA GLY K 57 47.42 2.39 3.71
C GLY K 57 48.11 3.52 2.95
N ILE K 58 47.53 4.70 3.05
CA ILE K 58 48.09 5.90 2.44
C ILE K 58 48.28 6.96 3.53
N PRO K 59 49.45 7.58 3.60
CA PRO K 59 49.67 8.67 4.54
C PRO K 59 48.80 9.89 4.21
N ALA K 60 48.43 10.64 5.23
CA ALA K 60 47.33 11.60 5.13
C ALA K 60 47.77 12.93 4.51
N ARG K 61 49.00 13.03 4.01
CA ARG K 61 49.45 14.29 3.43
C ARG K 61 48.97 14.43 1.99
N PHE K 62 48.48 13.34 1.40
CA PHE K 62 47.93 13.40 0.05
C PHE K 62 46.49 13.91 0.09
N SER K 63 46.12 14.72 -0.90
CA SER K 63 44.76 15.23 -0.99
C SER K 63 44.33 15.30 -2.46
N GLY K 64 43.07 14.97 -2.70
CA GLY K 64 42.50 15.06 -4.03
C GLY K 64 41.23 15.88 -4.02
N SER K 65 41.00 16.62 -5.08
CA SER K 65 39.88 17.53 -5.13
C SER K 65 39.39 17.69 -6.57
N GLY K 66 38.15 18.15 -6.70
CA GLY K 66 37.61 18.55 -7.99
C GLY K 66 36.39 17.74 -8.38
N SER K 67 35.65 18.29 -9.36
CA SER K 67 34.55 17.62 -10.02
C SER K 67 34.36 18.26 -11.39
N GLY K 68 33.45 17.72 -12.19
CA GLY K 68 33.19 18.30 -13.50
C GLY K 68 34.25 17.91 -14.52
N THR K 69 35.14 18.83 -14.84
CA THR K 69 36.14 18.58 -15.89
C THR K 69 37.57 18.82 -15.39
N GLU K 70 37.74 19.35 -14.19
CA GLU K 70 39.10 19.67 -13.70
C GLU K 70 39.31 19.06 -12.32
N PHE K 71 40.49 18.48 -12.11
CA PHE K 71 40.80 17.76 -10.90
C PHE K 71 42.22 18.10 -10.46
N THR K 72 42.44 18.01 -9.14
CA THR K 72 43.66 18.52 -8.55
C THR K 72 44.19 17.55 -7.49
N LEU K 73 45.46 17.20 -7.62
CA LEU K 73 46.17 16.48 -6.58
C LEU K 73 47.06 17.48 -5.83
N THR K 74 47.08 17.36 -4.51
CA THR K 74 47.82 18.28 -3.67
C THR K 74 48.61 17.50 -2.62
N ILE K 75 49.92 17.79 -2.56
CA ILE K 75 50.81 17.16 -1.60
C ILE K 75 51.29 18.24 -0.62
N SER K 76 51.16 17.94 0.67
CA SER K 76 51.47 18.90 1.74
C SER K 76 52.98 18.99 1.96
N THR K 77 53.60 17.87 2.33
CA THR K 77 55.03 17.85 2.64
C THR K 77 55.70 16.73 1.84
N LEU K 78 57.02 16.78 1.75
CA LEU K 78 57.79 15.78 1.03
C LEU K 78 58.89 15.23 1.95
N GLN K 79 59.23 13.96 1.77
CA GLN K 79 60.41 13.39 2.40
C GLN K 79 61.24 12.59 1.38
N SER K 80 61.43 13.17 0.20
CA SER K 80 62.45 12.79 -0.80
C SER K 80 62.23 11.39 -1.40
N GLU K 81 61.14 10.72 -1.01
CA GLU K 81 60.76 9.46 -1.63
C GLU K 81 59.55 9.64 -2.56
N ASP K 82 58.90 10.79 -2.45
CA ASP K 82 57.68 11.06 -3.19
C ASP K 82 57.98 11.61 -4.59
N PHE K 83 59.25 11.81 -4.92
CA PHE K 83 59.63 12.24 -6.26
C PHE K 83 59.49 11.06 -7.22
N ALA K 84 58.36 11.02 -7.91
CA ALA K 84 58.00 9.92 -8.79
C ALA K 84 57.20 10.47 -9.97
N VAL K 85 56.49 9.60 -10.67
CA VAL K 85 55.64 10.00 -11.79
C VAL K 85 54.20 9.75 -11.38
N TYR K 86 53.30 10.66 -11.77
CA TYR K 86 51.91 10.63 -11.33
C TYR K 86 50.95 10.57 -12.52
N TYR K 87 49.98 9.66 -12.44
CA TYR K 87 49.03 9.41 -13.52
C TYR K 87 47.60 9.57 -13.02
N CYS K 88 46.71 10.04 -13.89
CA CYS K 88 45.29 10.17 -13.62
C CYS K 88 44.49 9.31 -14.60
N GLN K 89 43.43 8.70 -14.09
CA GLN K 89 42.63 7.75 -14.85
C GLN K 89 41.14 8.10 -14.66
N GLN K 90 40.39 8.10 -15.75
CA GLN K 90 38.94 8.19 -15.67
C GLN K 90 38.33 6.80 -15.86
N TYR K 91 37.20 6.57 -15.21
CA TYR K 91 36.47 5.34 -15.45
C TYR K 91 34.97 5.61 -15.53
N SER K 92 34.60 6.75 -16.11
CA SER K 92 33.20 7.13 -16.21
C SER K 92 32.56 6.54 -17.47
N ASN K 93 33.31 6.50 -18.56
CA ASN K 93 32.78 6.12 -19.86
C ASN K 93 33.73 5.22 -20.64
N TRP K 94 33.94 4.01 -20.13
CA TRP K 94 34.83 3.04 -20.77
C TRP K 94 34.00 1.88 -21.29
N PRO K 95 34.52 1.16 -22.30
CA PRO K 95 35.84 1.28 -22.91
C PRO K 95 35.91 2.41 -23.92
N PRO K 96 37.12 2.90 -24.21
CA PRO K 96 38.36 2.37 -23.66
C PRO K 96 38.87 3.21 -22.49
N ILE K 97 39.32 2.54 -21.43
CA ILE K 97 39.86 3.24 -20.28
C ILE K 97 41.02 4.10 -20.75
N THR K 98 41.04 5.36 -20.32
CA THR K 98 42.09 6.28 -20.75
C THR K 98 42.86 6.79 -19.53
N PHE K 99 44.18 6.76 -19.65
CA PHE K 99 45.07 7.34 -18.66
C PHE K 99 45.52 8.73 -19.12
N GLY K 100 46.22 9.42 -18.23
CA GLY K 100 46.82 10.70 -18.53
C GLY K 100 48.13 10.52 -19.29
N GLN K 101 49.06 11.44 -19.05
CA GLN K 101 50.34 11.42 -19.73
C GLN K 101 51.51 11.53 -18.75
N GLY K 102 51.23 11.65 -17.46
CA GLY K 102 52.30 11.61 -16.47
C GLY K 102 52.94 12.97 -16.25
N THR K 103 53.26 13.25 -14.99
CA THR K 103 53.98 14.44 -14.62
C THR K 103 55.07 14.04 -13.61
N ARG K 104 56.32 14.12 -14.04
CA ARG K 104 57.42 13.80 -13.15
C ARG K 104 57.61 14.93 -12.15
N LEU K 105 58.33 14.63 -11.07
CA LEU K 105 58.40 15.50 -9.92
C LEU K 105 59.86 15.57 -9.48
N GLU K 106 60.45 16.76 -9.57
CA GLU K 106 61.90 16.90 -9.46
C GLU K 106 62.28 17.70 -8.21
N ILE K 107 63.54 17.54 -7.81
CA ILE K 107 64.12 18.28 -6.69
C ILE K 107 64.69 19.58 -7.24
N LYS K 108 64.43 20.69 -6.55
CA LYS K 108 64.91 21.99 -6.97
C LYS K 108 66.09 22.41 -6.10
N ARG K 109 67.19 22.78 -6.76
CA ARG K 109 68.38 23.27 -6.07
C ARG K 109 68.99 24.42 -6.88
N THR K 110 70.22 24.80 -6.55
CA THR K 110 70.85 25.99 -7.12
C THR K 110 71.27 25.73 -8.58
N VAL K 111 71.02 26.70 -9.44
CA VAL K 111 71.36 26.61 -10.85
C VAL K 111 72.88 26.59 -11.02
N ALA K 112 73.36 25.55 -11.69
CA ALA K 112 74.80 25.33 -11.87
C ALA K 112 75.12 25.28 -13.37
N ALA K 113 76.33 25.69 -13.71
CA ALA K 113 76.78 25.73 -15.10
C ALA K 113 77.22 24.33 -15.56
N PRO K 114 77.04 24.02 -16.86
CA PRO K 114 77.51 22.73 -17.37
C PRO K 114 79.01 22.69 -17.67
N SER K 115 79.65 21.58 -17.31
CA SER K 115 81.01 21.30 -17.74
C SER K 115 80.96 20.57 -19.09
N VAL K 116 81.57 21.18 -20.10
CA VAL K 116 81.42 20.73 -21.48
C VAL K 116 82.73 20.14 -21.97
N PHE K 117 82.67 18.91 -22.49
CA PHE K 117 83.85 18.22 -23.00
C PHE K 117 83.53 17.61 -24.37
N ILE K 118 84.59 17.27 -25.10
CA ILE K 118 84.45 16.68 -26.42
C ILE K 118 85.39 15.48 -26.53
N PHE K 119 85.03 14.55 -27.40
CA PHE K 119 85.85 13.36 -27.64
C PHE K 119 85.83 13.00 -29.11
N PRO K 120 86.97 13.21 -29.80
CA PRO K 120 87.16 12.69 -31.14
C PRO K 120 87.28 11.16 -31.10
N PRO K 121 86.99 10.47 -32.21
CA PRO K 121 86.99 9.01 -32.17
C PRO K 121 88.40 8.40 -32.14
N SER K 122 88.43 7.07 -32.07
CA SER K 122 89.65 6.29 -32.22
C SER K 122 89.78 5.80 -33.67
N ASP K 123 91.01 5.50 -34.07
CA ASP K 123 91.35 5.22 -35.46
C ASP K 123 90.85 3.83 -35.91
N GLU K 124 90.66 2.93 -34.96
CA GLU K 124 90.18 1.57 -35.29
C GLU K 124 88.71 1.61 -35.74
N GLN K 125 87.98 2.66 -35.37
CA GLN K 125 86.63 2.86 -35.89
C GLN K 125 86.68 3.17 -37.39
N LEU K 126 87.62 4.01 -37.81
CA LEU K 126 87.83 4.28 -39.23
C LEU K 126 88.40 3.05 -39.95
N LYS K 127 89.15 2.22 -39.22
CA LYS K 127 89.57 0.93 -39.76
C LYS K 127 88.36 0.03 -39.99
N SER K 128 87.34 0.15 -39.13
CA SER K 128 86.05 -0.51 -39.34
C SER K 128 85.14 0.37 -40.21
N GLY K 129 85.51 1.63 -40.43
CA GLY K 129 84.70 2.55 -41.24
C GLY K 129 83.70 3.36 -40.44
N THR K 130 83.76 3.29 -39.11
CA THR K 130 82.80 3.95 -38.23
C THR K 130 83.35 5.31 -37.80
N ALA K 131 82.47 6.28 -37.61
CA ALA K 131 82.82 7.57 -37.04
C ALA K 131 81.87 7.84 -35.87
N SER K 132 82.42 7.79 -34.65
CA SER K 132 81.65 8.00 -33.43
C SER K 132 82.30 9.13 -32.63
N VAL K 133 81.71 10.32 -32.70
CA VAL K 133 82.24 11.49 -32.00
C VAL K 133 81.29 11.81 -30.84
N VAL K 134 81.85 12.06 -29.66
CA VAL K 134 81.05 12.15 -28.44
C VAL K 134 81.18 13.55 -27.86
N CYS K 135 80.08 14.31 -27.87
CA CYS K 135 80.00 15.59 -27.17
C CYS K 135 79.36 15.35 -25.81
N LEU K 136 79.94 15.90 -24.76
CA LEU K 136 79.59 15.54 -23.38
C LEU K 136 79.29 16.78 -22.54
N LEU K 137 78.25 16.68 -21.72
CA LEU K 137 77.98 17.65 -20.65
C LEU K 137 77.88 16.87 -19.34
N ASN K 138 78.64 17.29 -18.33
CA ASN K 138 78.59 16.65 -17.02
C ASN K 138 78.13 17.69 -15.99
N ASN K 139 77.31 17.23 -15.04
CA ASN K 139 77.08 17.90 -13.75
C ASN K 139 76.42 19.26 -13.95
N PHE K 140 75.19 19.26 -14.48
CA PHE K 140 74.50 20.51 -14.74
C PHE K 140 73.05 20.44 -14.24
N TYR K 141 72.54 21.63 -13.88
CA TYR K 141 71.17 21.88 -13.49
C TYR K 141 70.74 23.20 -14.14
N PRO K 142 69.50 23.30 -14.64
CA PRO K 142 68.37 22.38 -14.68
C PRO K 142 68.46 21.42 -15.89
N ARG K 143 67.31 20.85 -16.24
CA ARG K 143 67.22 19.76 -17.22
C ARG K 143 67.55 20.26 -18.64
N GLU K 144 67.05 21.43 -18.98
CA GLU K 144 67.05 21.87 -20.38
C GLU K 144 68.45 22.34 -20.77
N ALA K 145 68.98 21.70 -21.81
CA ALA K 145 70.27 22.06 -22.40
C ALA K 145 70.12 22.01 -23.92
N LYS K 146 70.97 22.75 -24.62
CA LYS K 146 70.92 22.84 -26.07
C LYS K 146 72.28 22.51 -26.66
N VAL K 147 72.29 21.57 -27.60
CA VAL K 147 73.51 21.13 -28.27
C VAL K 147 73.37 21.44 -29.76
N GLN K 148 74.39 22.09 -30.31
CA GLN K 148 74.43 22.47 -31.72
C GLN K 148 75.66 21.82 -32.36
N TRP K 149 75.41 20.99 -33.37
CA TRP K 149 76.47 20.22 -34.01
C TRP K 149 76.86 20.88 -35.33
N LYS K 150 78.12 21.32 -35.43
CA LYS K 150 78.57 22.12 -36.56
C LYS K 150 79.73 21.42 -37.27
N VAL K 151 79.69 21.47 -38.60
CA VAL K 151 80.76 20.96 -39.47
C VAL K 151 81.20 22.08 -40.39
N ASP K 152 82.45 22.52 -40.21
CA ASP K 152 83.05 23.68 -40.90
C ASP K 152 82.12 24.90 -40.84
N ASN K 153 81.57 25.16 -39.66
CA ASN K 153 80.59 26.24 -39.40
C ASN K 153 79.34 26.07 -40.27
N ALA K 154 78.74 24.88 -40.18
CA ALA K 154 77.45 24.60 -40.82
C ALA K 154 76.72 23.53 -40.00
N LEU K 155 75.44 23.77 -39.74
CA LEU K 155 74.66 22.95 -38.81
C LEU K 155 74.31 21.60 -39.46
N GLN K 156 74.43 20.54 -38.66
CA GLN K 156 74.04 19.18 -39.06
C GLN K 156 72.68 18.84 -38.46
N SER K 157 72.03 17.83 -39.03
CA SER K 157 70.76 17.32 -38.55
C SER K 157 70.60 15.86 -38.96
N GLY K 158 69.78 15.12 -38.21
CA GLY K 158 69.39 13.76 -38.55
C GLY K 158 70.45 12.71 -38.27
N ASN K 159 71.65 13.13 -37.85
CA ASN K 159 72.79 12.21 -37.68
C ASN K 159 73.35 12.26 -36.26
N SER K 160 72.52 12.64 -35.29
CA SER K 160 72.97 12.80 -33.91
C SER K 160 71.98 12.12 -32.96
N GLN K 161 72.51 11.45 -31.95
CA GLN K 161 71.68 10.78 -30.93
C GLN K 161 72.09 11.32 -29.56
N GLU K 162 71.13 11.41 -28.63
CA GLU K 162 71.41 11.97 -27.31
C GLU K 162 70.84 11.08 -26.20
N SER K 163 71.37 11.26 -24.99
CA SER K 163 70.97 10.49 -23.82
C SER K 163 71.23 11.32 -22.56
N VAL K 164 70.37 11.13 -21.57
CA VAL K 164 70.37 11.91 -20.32
C VAL K 164 70.33 10.93 -19.14
N THR K 165 71.11 11.22 -18.10
CA THR K 165 71.11 10.39 -16.89
C THR K 165 69.92 10.76 -16.00
N GLU K 166 69.99 10.29 -14.75
CA GLU K 166 68.96 10.53 -13.76
C GLU K 166 69.34 11.70 -12.86
N GLN K 167 68.58 11.90 -11.78
CA GLN K 167 68.88 12.92 -10.80
C GLN K 167 69.60 12.26 -9.62
N ASP K 168 70.88 12.56 -9.48
CA ASP K 168 71.75 11.94 -8.49
C ASP K 168 71.34 12.39 -7.09
N SER K 169 71.48 11.49 -6.12
CA SER K 169 71.04 11.73 -4.75
C SER K 169 71.91 12.76 -4.02
N LYS K 170 73.12 13.03 -4.53
CA LYS K 170 74.07 13.91 -3.82
C LYS K 170 73.94 15.35 -4.32
N ASP K 171 74.21 15.58 -5.61
CA ASP K 171 74.31 16.95 -6.14
C ASP K 171 73.03 17.36 -6.88
N SER K 172 72.21 16.38 -7.27
CA SER K 172 70.91 16.59 -7.95
C SER K 172 71.07 17.33 -9.28
N THR K 173 72.19 17.08 -9.96
CA THR K 173 72.45 17.64 -11.28
C THR K 173 72.53 16.51 -12.30
N TYR K 174 72.45 16.88 -13.57
CA TYR K 174 72.25 15.90 -14.62
C TYR K 174 73.54 15.66 -15.39
N SER K 175 73.45 14.82 -16.43
CA SER K 175 74.58 14.50 -17.29
C SER K 175 74.04 14.07 -18.66
N LEU K 176 74.54 14.70 -19.71
CA LEU K 176 74.03 14.47 -21.07
C LEU K 176 75.19 14.05 -21.98
N SER K 177 74.87 13.17 -22.92
CA SER K 177 75.79 12.81 -23.98
C SER K 177 75.07 12.91 -25.33
N SER K 178 75.83 13.31 -26.34
CA SER K 178 75.36 13.25 -27.71
C SER K 178 76.45 12.64 -28.59
N THR K 179 76.02 11.97 -29.64
CA THR K 179 76.90 11.15 -30.46
C THR K 179 76.61 11.41 -31.93
N LEU K 180 77.67 11.77 -32.66
CA LEU K 180 77.66 11.76 -34.12
C LEU K 180 78.15 10.39 -34.59
N THR K 181 77.27 9.68 -35.29
CA THR K 181 77.61 8.39 -35.87
C THR K 181 77.48 8.49 -37.40
N LEU K 182 78.62 8.39 -38.09
CA LEU K 182 78.63 8.39 -39.55
C LEU K 182 79.63 7.32 -40.04
N SER K 183 79.87 7.36 -41.35
CA SER K 183 80.80 6.44 -41.99
C SER K 183 82.21 7.03 -42.01
N LYS K 184 83.10 6.39 -42.76
CA LYS K 184 84.47 6.87 -42.95
C LYS K 184 84.49 8.19 -43.72
N ALA K 185 83.54 8.34 -44.67
CA ALA K 185 83.62 9.32 -45.75
C ALA K 185 83.54 10.77 -45.24
N ASP K 186 82.63 11.05 -44.31
CA ASP K 186 82.48 12.42 -43.81
C ASP K 186 83.64 12.78 -42.87
N TYR K 187 84.05 11.84 -42.02
CA TYR K 187 85.12 12.11 -41.07
C TYR K 187 86.47 12.22 -41.78
N GLU K 188 86.57 11.67 -42.99
CA GLU K 188 87.71 11.93 -43.87
C GLU K 188 87.46 13.15 -44.76
N LYS K 189 86.22 13.62 -44.89
CA LYS K 189 85.89 14.63 -45.89
C LYS K 189 86.29 16.02 -45.41
N HIS K 190 85.61 16.52 -44.38
CA HIS K 190 85.90 17.84 -43.84
C HIS K 190 87.05 17.75 -42.83
N LYS K 191 87.40 18.89 -42.25
CA LYS K 191 88.45 18.94 -41.25
C LYS K 191 87.91 19.44 -39.90
N VAL K 192 87.33 20.63 -39.86
CA VAL K 192 87.02 21.29 -38.60
C VAL K 192 85.57 20.98 -38.22
N TYR K 193 85.40 20.36 -37.05
CA TYR K 193 84.07 20.12 -36.48
C TYR K 193 83.99 20.79 -35.11
N ALA K 194 82.77 21.04 -34.63
CA ALA K 194 82.53 21.60 -33.31
C ALA K 194 81.16 21.20 -32.78
N CYS K 195 81.03 21.21 -31.46
CA CYS K 195 79.73 21.20 -30.78
C CYS K 195 79.64 22.41 -29.84
N GLU K 196 78.53 23.14 -29.93
CA GLU K 196 78.33 24.34 -29.13
C GLU K 196 77.13 24.14 -28.21
N VAL K 197 77.28 24.59 -26.97
CA VAL K 197 76.33 24.32 -25.91
C VAL K 197 75.70 25.64 -25.46
N THR K 198 74.37 25.64 -25.40
CA THR K 198 73.62 26.75 -24.83
C THR K 198 72.81 26.24 -23.64
N HIS K 199 73.04 26.82 -22.48
CA HIS K 199 72.38 26.40 -21.24
C HIS K 199 72.02 27.63 -20.43
N GLN K 200 71.03 27.48 -19.54
CA GLN K 200 70.53 28.58 -18.71
C GLN K 200 71.61 29.09 -17.76
N GLY K 201 72.38 28.18 -17.18
CA GLY K 201 73.50 28.54 -16.30
C GLY K 201 74.64 29.21 -17.04
N LEU K 202 74.74 28.98 -18.35
CA LEU K 202 75.84 29.55 -19.13
C LEU K 202 75.61 31.04 -19.37
N SER K 203 76.67 31.82 -19.18
CA SER K 203 76.67 33.22 -19.59
C SER K 203 76.77 33.32 -21.12
N SER K 204 77.63 32.49 -21.70
CA SER K 204 77.85 32.43 -23.14
C SER K 204 77.78 30.97 -23.60
N PRO K 205 77.32 30.75 -24.84
CA PRO K 205 77.38 29.41 -25.41
C PRO K 205 78.84 28.95 -25.59
N VAL K 206 79.14 27.73 -25.18
CA VAL K 206 80.50 27.25 -25.13
C VAL K 206 80.74 26.29 -26.31
N THR K 207 81.82 26.52 -27.05
CA THR K 207 82.15 25.72 -28.21
C THR K 207 83.35 24.82 -27.90
N LYS K 208 83.20 23.53 -28.17
CA LYS K 208 84.33 22.60 -28.20
C LYS K 208 84.56 22.14 -29.64
N SER K 209 85.81 22.17 -30.05
CA SER K 209 86.16 22.06 -31.46
C SER K 209 87.32 21.07 -31.65
N PHE K 210 87.40 20.50 -32.84
CA PHE K 210 88.51 19.61 -33.19
C PHE K 210 88.71 19.59 -34.70
N ASN K 211 89.82 18.98 -35.10
CA ASN K 211 90.30 18.90 -36.47
C ASN K 211 90.15 17.46 -36.99
N ARG K 212 90.55 17.22 -38.23
CA ARG K 212 90.53 15.86 -38.77
C ARG K 212 91.81 15.14 -38.35
N GLY K 213 91.63 14.03 -37.65
CA GLY K 213 92.72 13.22 -37.10
C GLY K 213 93.29 13.79 -35.82
N GLU K 214 92.47 14.51 -35.06
CA GLU K 214 92.93 15.20 -33.87
C GLU K 214 91.78 15.32 -32.86
N GLU L 1 21.62 -32.77 23.05
CA GLU L 1 20.74 -33.97 23.07
C GLU L 1 19.74 -33.84 24.22
N VAL L 2 18.46 -33.77 23.85
CA VAL L 2 17.40 -33.78 24.83
C VAL L 2 17.20 -35.23 25.31
N VAL L 3 17.24 -35.41 26.62
CA VAL L 3 17.18 -36.74 27.20
C VAL L 3 15.82 -36.92 27.86
N MET L 4 15.10 -37.95 27.46
CA MET L 4 13.77 -38.22 28.00
C MET L 4 13.89 -39.26 29.12
N THR L 5 12.92 -39.24 30.02
CA THR L 5 12.87 -40.18 31.13
C THR L 5 11.41 -40.49 31.46
N GLN L 6 11.08 -41.77 31.54
CA GLN L 6 9.73 -42.17 31.91
C GLN L 6 9.69 -42.57 33.38
N SER L 7 8.49 -42.43 33.96
CA SER L 7 8.25 -42.79 35.35
C SER L 7 6.78 -43.19 35.52
N PRO L 8 6.52 -44.25 36.29
CA PRO L 8 7.49 -45.16 36.91
C PRO L 8 8.02 -46.20 35.92
N ALA L 9 8.80 -47.16 36.39
CA ALA L 9 9.39 -48.18 35.53
C ALA L 9 8.35 -49.26 35.17
N THR L 10 7.50 -49.61 36.13
CA THR L 10 6.53 -50.66 35.92
C THR L 10 5.28 -50.34 36.72
N LEU L 11 4.14 -50.29 36.04
CA LEU L 11 2.87 -49.93 36.69
C LEU L 11 1.97 -51.17 36.67
N SER L 12 1.61 -51.64 37.87
CA SER L 12 0.68 -52.75 38.04
C SER L 12 -0.70 -52.17 38.34
N VAL L 13 -1.72 -52.74 37.71
CA VAL L 13 -3.07 -52.17 37.75
C VAL L 13 -4.08 -53.32 37.64
N SER L 14 -5.23 -53.14 38.25
CA SER L 14 -6.35 -54.09 38.11
C SER L 14 -7.24 -53.64 36.93
N PRO L 15 -7.90 -54.59 36.27
CA PRO L 15 -8.84 -54.24 35.20
C PRO L 15 -10.03 -53.43 35.71
N GLY L 16 -10.59 -52.60 34.83
CA GLY L 16 -11.66 -51.67 35.18
C GLY L 16 -11.15 -50.43 35.88
N GLU L 17 -9.90 -50.07 35.66
CA GLU L 17 -9.30 -48.89 36.29
C GLU L 17 -8.59 -48.05 35.21
N GLY L 18 -8.13 -46.88 35.62
CA GLY L 18 -7.30 -46.04 34.79
C GLY L 18 -5.82 -46.14 35.16
N ALA L 19 -4.97 -45.45 34.40
CA ALA L 19 -3.54 -45.40 34.69
C ALA L 19 -2.97 -44.08 34.20
N THR L 20 -1.85 -43.68 34.82
CA THR L 20 -1.15 -42.45 34.46
C THR L 20 0.34 -42.75 34.27
N LEU L 21 0.94 -42.09 33.29
CA LEU L 21 2.34 -42.32 32.92
C LEU L 21 3.00 -40.96 32.69
N SER L 22 4.24 -40.81 33.16
CA SER L 22 4.92 -39.52 33.10
C SER L 22 6.18 -39.62 32.24
N CYS L 23 6.34 -38.66 31.34
CA CYS L 23 7.56 -38.52 30.53
C CYS L 23 8.12 -37.12 30.80
N ARG L 24 9.41 -37.06 31.12
CA ARG L 24 10.05 -35.81 31.56
C ARG L 24 11.31 -35.56 30.73
N ALA L 25 11.44 -34.34 30.25
CA ALA L 25 12.54 -33.93 29.37
C ALA L 25 13.55 -33.08 30.16
N SER L 26 14.81 -33.14 29.74
CA SER L 26 15.87 -32.38 30.39
C SER L 26 15.80 -30.90 30.02
N GLN L 27 15.29 -30.60 28.82
CA GLN L 27 15.10 -29.23 28.39
C GLN L 27 13.62 -29.00 28.11
N SER L 28 13.30 -27.81 27.60
CA SER L 28 11.93 -27.45 27.32
C SER L 28 11.61 -27.70 25.84
N VAL L 29 10.95 -28.81 25.58
CA VAL L 29 10.28 -28.99 24.32
C VAL L 29 8.94 -28.28 24.43
N ASN L 30 8.38 -27.82 23.33
CA ASN L 30 7.19 -27.00 23.43
C ASN L 30 5.95 -27.88 23.60
N THR L 31 5.55 -28.53 22.50
CA THR L 31 4.42 -29.45 22.50
C THR L 31 4.73 -30.64 21.60
N ASN L 32 6.00 -30.85 21.28
CA ASN L 32 6.38 -31.75 20.19
C ASN L 32 6.69 -33.15 20.73
N VAL L 33 5.69 -33.76 21.36
CA VAL L 33 5.84 -35.05 21.99
C VAL L 33 4.80 -36.00 21.40
N ALA L 34 5.18 -37.24 21.13
CA ALA L 34 4.26 -38.28 20.71
C ALA L 34 4.44 -39.53 21.57
N TRP L 35 3.42 -40.39 21.59
CA TRP L 35 3.46 -41.64 22.34
C TRP L 35 3.19 -42.82 21.41
N TYR L 36 3.68 -43.99 21.81
CA TYR L 36 3.49 -45.22 21.07
C TYR L 36 3.24 -46.38 22.03
N GLN L 37 2.50 -47.37 21.56
CA GLN L 37 2.40 -48.64 22.28
C GLN L 37 3.00 -49.75 21.42
N GLN L 38 3.42 -50.81 22.10
CA GLN L 38 4.01 -51.95 21.44
C GLN L 38 3.58 -53.20 22.19
N LYS L 39 2.91 -54.10 21.47
CA LYS L 39 2.68 -55.46 21.91
C LYS L 39 4.00 -56.22 21.84
N PRO L 40 4.10 -57.36 22.55
CA PRO L 40 5.29 -58.21 22.34
C PRO L 40 5.32 -58.81 20.94
N GLY L 41 6.42 -58.58 20.23
CA GLY L 41 6.64 -59.08 18.88
C GLY L 41 5.73 -58.41 17.85
N GLN L 42 5.61 -57.08 17.94
CA GLN L 42 4.80 -56.33 16.98
C GLN L 42 5.52 -55.03 16.64
N ALA L 43 5.02 -54.35 15.61
CA ALA L 43 5.48 -53.02 15.32
C ALA L 43 4.78 -52.03 16.25
N PRO L 44 5.42 -50.90 16.56
CA PRO L 44 4.74 -49.88 17.35
C PRO L 44 3.64 -49.18 16.53
N ARG L 45 2.75 -48.49 17.24
CA ARG L 45 1.69 -47.76 16.58
C ARG L 45 1.49 -46.41 17.26
N LEU L 46 1.08 -45.43 16.47
CA LEU L 46 0.98 -44.05 16.92
C LEU L 46 -0.32 -43.84 17.69
N LEU L 47 -0.21 -43.31 18.91
CA LEU L 47 -1.39 -43.05 19.75
C LEU L 47 -1.76 -41.57 19.70
N ILE L 48 -0.82 -40.72 20.09
CA ILE L 48 -1.14 -39.36 20.45
C ILE L 48 0.07 -38.48 20.11
N TYR L 49 -0.16 -37.49 19.25
CA TYR L 49 0.91 -36.62 18.75
C TYR L 49 0.58 -35.16 19.08
N GLY L 50 1.62 -34.39 19.33
CA GLY L 50 1.46 -33.00 19.73
C GLY L 50 0.95 -32.86 21.16
N ALA L 51 0.97 -33.96 21.92
CA ALA L 51 0.59 -34.04 23.35
C ALA L 51 -0.90 -33.80 23.59
N SER L 52 -1.68 -33.52 22.55
CA SER L 52 -3.10 -33.29 22.76
C SER L 52 -3.96 -34.08 21.75
N THR L 53 -3.53 -34.14 20.50
CA THR L 53 -4.37 -34.62 19.42
C THR L 53 -4.21 -36.13 19.27
N ARG L 54 -5.30 -36.86 19.39
CA ARG L 54 -5.27 -38.32 19.23
C ARG L 54 -5.16 -38.66 17.74
N ALA L 55 -4.51 -39.78 17.45
CA ALA L 55 -4.33 -40.22 16.07
C ALA L 55 -5.65 -40.72 15.49
N THR L 56 -5.69 -40.83 14.17
CA THR L 56 -6.85 -41.33 13.46
C THR L 56 -6.99 -42.84 13.70
N GLY L 57 -8.17 -43.22 14.15
CA GLY L 57 -8.48 -44.62 14.44
C GLY L 57 -7.97 -45.03 15.81
N ILE L 58 -8.21 -44.15 16.78
CA ILE L 58 -7.86 -44.41 18.16
C ILE L 58 -9.13 -44.27 19.01
N PRO L 59 -9.39 -45.25 19.90
CA PRO L 59 -10.53 -45.12 20.81
C PRO L 59 -10.31 -43.98 21.81
N ALA L 60 -11.41 -43.39 22.26
CA ALA L 60 -11.38 -42.08 22.92
C ALA L 60 -11.02 -42.18 24.40
N ARG L 61 -10.66 -43.36 24.89
CA ARG L 61 -10.34 -43.50 26.31
C ARG L 61 -8.89 -43.06 26.58
N PHE L 62 -8.10 -42.89 25.53
CA PHE L 62 -6.73 -42.40 25.70
C PHE L 62 -6.73 -40.87 25.82
N SER L 63 -5.86 -40.35 26.67
CA SER L 63 -5.74 -38.91 26.84
C SER L 63 -4.27 -38.54 27.06
N GLY L 64 -3.87 -37.43 26.49
CA GLY L 64 -2.53 -36.91 26.66
C GLY L 64 -2.56 -35.47 27.13
N SER L 65 -1.62 -35.09 27.97
CA SER L 65 -1.63 -33.78 28.57
C SER L 65 -0.19 -33.32 28.86
N GLY L 66 -0.04 -32.02 29.01
CA GLY L 66 1.21 -31.44 29.48
C GLY L 66 1.84 -30.49 28.49
N SER L 67 2.77 -29.69 29.00
CA SER L 67 3.63 -28.82 28.21
C SER L 67 4.89 -28.54 29.02
N GLY L 68 5.84 -27.83 28.43
CA GLY L 68 7.05 -27.48 29.15
C GLY L 68 8.02 -28.64 29.22
N THR L 69 8.12 -29.28 30.39
CA THR L 69 9.10 -30.35 30.57
C THR L 69 8.45 -31.65 31.07
N GLU L 70 7.16 -31.62 31.41
CA GLU L 70 6.51 -32.83 31.95
C GLU L 70 5.23 -33.13 31.18
N PHE L 71 5.03 -34.41 30.88
CA PHE L 71 3.93 -34.86 30.04
C PHE L 71 3.31 -36.11 30.65
N THR L 72 2.03 -36.30 30.38
CA THR L 72 1.25 -37.31 31.06
C THR L 72 0.32 -38.02 30.08
N LEU L 73 0.40 -39.35 30.08
CA LEU L 73 -0.58 -40.19 29.39
C LEU L 73 -1.55 -40.75 30.42
N THR L 74 -2.83 -40.74 30.08
CA THR L 74 -3.88 -41.18 30.99
C THR L 74 -4.85 -42.11 30.25
N ILE L 75 -5.05 -43.29 30.83
CA ILE L 75 -5.98 -44.27 30.28
C ILE L 75 -7.15 -44.41 31.25
N SER L 76 -8.36 -44.31 30.71
CA SER L 76 -9.60 -44.32 31.50
C SER L 76 -9.97 -45.75 31.92
N THR L 77 -10.20 -46.61 30.94
CA THR L 77 -10.62 -47.99 31.21
C THR L 77 -9.71 -48.96 30.46
N LEU L 78 -9.75 -50.22 30.86
CA LEU L 78 -8.95 -51.27 30.23
C LEU L 78 -9.85 -52.41 29.81
N GLN L 79 -9.49 -53.08 28.71
CA GLN L 79 -10.13 -54.35 28.36
C GLN L 79 -9.07 -55.40 27.98
N SER L 80 -8.01 -55.48 28.80
CA SER L 80 -7.06 -56.61 28.87
C SER L 80 -6.23 -56.78 27.59
N GLU L 81 -6.39 -55.89 26.63
CA GLU L 81 -5.54 -55.88 25.44
C GLU L 81 -4.56 -54.71 25.48
N ASP L 82 -4.80 -53.77 26.39
CA ASP L 82 -4.00 -52.55 26.48
C ASP L 82 -2.75 -52.75 27.33
N PHE L 83 -2.57 -53.94 27.89
CA PHE L 83 -1.36 -54.25 28.63
C PHE L 83 -0.21 -54.46 27.65
N ALA L 84 0.58 -53.42 27.47
CA ALA L 84 1.65 -53.38 26.48
C ALA L 84 2.79 -52.53 27.02
N VAL L 85 3.69 -52.09 26.15
CA VAL L 85 4.79 -51.22 26.53
C VAL L 85 4.56 -49.87 25.85
N TYR L 86 4.87 -48.78 26.56
CA TYR L 86 4.56 -47.44 26.11
C TYR L 86 5.82 -46.58 26.03
N TYR L 87 5.97 -45.88 24.91
CA TYR L 87 7.16 -45.06 24.63
C TYR L 87 6.76 -43.62 24.33
N CYS L 88 7.63 -42.69 24.72
CA CYS L 88 7.45 -41.26 24.45
C CYS L 88 8.63 -40.76 23.60
N GLN L 89 8.32 -39.87 22.65
CA GLN L 89 9.30 -39.37 21.70
C GLN L 89 9.18 -37.85 21.63
N GLN L 90 10.33 -37.17 21.63
CA GLN L 90 10.34 -35.73 21.35
C GLN L 90 10.82 -35.51 19.91
N TYR L 91 10.31 -34.46 19.29
CA TYR L 91 10.81 -34.09 17.98
C TYR L 91 10.99 -32.57 17.88
N SER L 92 11.39 -31.95 18.99
CA SER L 92 11.56 -30.50 19.02
C SER L 92 12.94 -30.09 18.51
N ASN L 93 13.95 -30.87 18.87
CA ASN L 93 15.34 -30.51 18.61
C ASN L 93 16.17 -31.69 18.13
N TRP L 94 15.85 -32.19 16.94
CA TRP L 94 16.56 -33.32 16.35
C TRP L 94 17.34 -32.85 15.14
N PRO L 95 18.40 -33.56 14.76
CA PRO L 95 18.87 -34.85 15.31
C PRO L 95 19.67 -34.66 16.58
N PRO L 96 19.77 -35.71 17.41
CA PRO L 96 19.21 -37.02 17.13
C PRO L 96 17.88 -37.25 17.82
N ILE L 97 16.91 -37.82 17.11
CA ILE L 97 15.61 -38.10 17.70
C ILE L 97 15.83 -39.02 18.89
N THR L 98 15.20 -38.69 20.01
CA THR L 98 15.37 -39.48 21.23
C THR L 98 14.04 -40.04 21.69
N PHE L 99 14.04 -41.33 22.01
CA PHE L 99 12.90 -42.00 22.61
C PHE L 99 13.09 -42.08 24.12
N GLY L 100 12.03 -42.54 24.79
CA GLY L 100 12.07 -42.82 26.21
C GLY L 100 12.72 -44.15 26.51
N GLN L 101 12.26 -44.80 27.56
CA GLN L 101 12.82 -46.07 27.99
C GLN L 101 11.74 -47.13 28.21
N GLY L 102 10.47 -46.76 28.02
CA GLY L 102 9.40 -47.77 28.06
C GLY L 102 8.92 -48.03 29.48
N THR L 103 7.61 -48.21 29.60
CA THR L 103 6.98 -48.59 30.84
C THR L 103 5.97 -49.69 30.55
N ARG L 104 6.27 -50.90 31.01
CA ARG L 104 5.36 -52.01 30.82
C ARG L 104 4.16 -51.85 31.76
N LEU L 105 3.09 -52.58 31.46
CA LEU L 105 1.82 -52.37 32.10
C LEU L 105 1.24 -53.74 32.45
N GLU L 106 1.07 -54.01 33.74
CA GLU L 106 0.83 -55.37 34.21
C GLU L 106 -0.57 -55.48 34.84
N ILE L 107 -1.05 -56.72 34.93
CA ILE L 107 -2.31 -57.04 35.57
C ILE L 107 -2.04 -57.28 37.07
N LYS L 108 -2.87 -56.70 37.92
CA LYS L 108 -2.71 -56.84 39.36
C LYS L 108 -3.74 -57.84 39.89
N ARG L 109 -3.25 -58.84 40.63
CA ARG L 109 -4.11 -59.83 41.27
C ARG L 109 -3.56 -60.15 42.67
N THR L 110 -4.05 -61.23 43.28
CA THR L 110 -3.75 -61.55 44.67
C THR L 110 -2.31 -62.08 44.78
N VAL L 111 -1.59 -61.62 45.81
CA VAL L 111 -0.22 -62.03 46.06
C VAL L 111 -0.19 -63.51 46.44
N ALA L 112 0.60 -64.29 45.69
CA ALA L 112 0.69 -65.72 45.87
C ALA L 112 2.13 -66.11 46.18
N ALA L 113 2.31 -67.19 46.94
CA ALA L 113 3.64 -67.66 47.33
C ALA L 113 4.28 -68.47 46.19
N PRO L 114 5.61 -68.43 46.08
CA PRO L 114 6.29 -69.24 45.06
C PRO L 114 6.46 -70.72 45.47
N SER L 115 6.23 -71.60 44.49
CA SER L 115 6.59 -73.01 44.64
C SER L 115 8.03 -73.21 44.18
N VAL L 116 8.88 -73.68 45.10
CA VAL L 116 10.32 -73.70 44.88
C VAL L 116 10.78 -75.15 44.73
N PHE L 117 11.49 -75.43 43.65
CA PHE L 117 12.01 -76.76 43.37
C PHE L 117 13.49 -76.68 42.97
N ILE L 118 14.17 -77.82 43.03
CA ILE L 118 15.58 -77.88 42.68
C ILE L 118 15.80 -79.11 41.78
N PHE L 119 16.83 -79.04 40.96
CA PHE L 119 17.20 -80.14 40.08
C PHE L 119 18.72 -80.29 40.00
N PRO L 120 19.24 -81.37 40.60
CA PRO L 120 20.63 -81.74 40.40
C PRO L 120 20.83 -82.25 38.96
N PRO L 121 22.06 -82.19 38.44
CA PRO L 121 22.26 -82.57 37.04
C PRO L 121 22.22 -84.09 36.81
N SER L 122 22.36 -84.46 35.54
CA SER L 122 22.54 -85.84 35.12
C SER L 122 24.02 -86.16 34.95
N ASP L 123 24.36 -87.44 35.04
CA ASP L 123 25.75 -87.90 35.11
C ASP L 123 26.45 -87.80 33.76
N GLU L 124 25.69 -87.81 32.67
CA GLU L 124 26.27 -87.71 31.33
C GLU L 124 26.83 -86.30 31.08
N GLN L 125 26.37 -85.32 31.83
CA GLN L 125 26.95 -83.98 31.78
C GLN L 125 28.38 -84.01 32.35
N LEU L 126 28.57 -84.72 33.46
CA LEU L 126 29.90 -84.91 34.03
C LEU L 126 30.76 -85.80 33.13
N LYS L 127 30.12 -86.71 32.39
CA LYS L 127 30.82 -87.48 31.37
C LYS L 127 31.30 -86.55 30.24
N SER L 128 30.53 -85.51 29.96
CA SER L 128 30.97 -84.44 29.06
C SER L 128 31.75 -83.36 29.82
N GLY L 129 31.73 -83.40 31.15
CA GLY L 129 32.44 -82.42 31.97
C GLY L 129 31.60 -81.21 32.36
N THR L 130 30.30 -81.23 32.06
CA THR L 130 29.41 -80.10 32.29
C THR L 130 28.73 -80.27 33.64
N ALA L 131 28.46 -79.14 34.31
CA ALA L 131 27.65 -79.13 35.52
C ALA L 131 26.53 -78.09 35.33
N SER L 132 25.30 -78.58 35.20
CA SER L 132 24.13 -77.74 34.99
C SER L 132 23.10 -78.03 36.08
N VAL L 133 23.03 -77.16 37.07
CA VAL L 133 22.10 -77.33 38.19
C VAL L 133 20.99 -76.29 38.05
N VAL L 134 19.74 -76.71 38.22
CA VAL L 134 18.60 -75.87 37.88
C VAL L 134 17.78 -75.61 39.14
N CYS L 135 17.76 -74.35 39.59
CA CYS L 135 16.88 -73.92 40.68
C CYS L 135 15.64 -73.29 40.03
N LEU L 136 14.45 -73.66 40.52
CA LEU L 136 13.19 -73.37 39.82
C LEU L 136 12.19 -72.72 40.79
N LEU L 137 11.48 -71.72 40.28
CA LEU L 137 10.30 -71.16 40.94
C LEU L 137 9.15 -71.21 39.93
N ASN L 138 8.03 -71.79 40.35
CA ASN L 138 6.85 -71.85 39.49
C ASN L 138 5.71 -71.10 40.18
N ASN L 139 4.92 -70.39 39.36
CA ASN L 139 3.56 -69.94 39.71
C ASN L 139 3.59 -68.95 40.88
N PHE L 140 4.22 -67.79 40.67
CA PHE L 140 4.33 -66.81 41.74
C PHE L 140 3.98 -65.41 41.23
N TYR L 141 3.46 -64.59 42.16
CA TYR L 141 3.17 -63.18 41.98
C TYR L 141 3.62 -62.46 43.25
N PRO L 142 4.20 -61.26 43.13
CA PRO L 142 4.51 -60.40 41.98
C PRO L 142 5.83 -60.79 41.30
N ARG L 143 6.38 -59.85 40.54
CA ARG L 143 7.52 -60.08 39.66
C ARG L 143 8.79 -60.33 40.47
N GLU L 144 9.00 -59.55 41.53
CA GLU L 144 10.29 -59.50 42.20
C GLU L 144 10.48 -60.75 43.06
N ALA L 145 11.55 -61.48 42.77
CA ALA L 145 11.97 -62.64 43.55
C ALA L 145 13.49 -62.58 43.73
N LYS L 146 13.97 -63.23 44.77
CA LYS L 146 15.39 -63.22 45.12
C LYS L 146 15.91 -64.65 45.24
N VAL L 147 16.98 -64.94 44.52
CA VAL L 147 17.61 -66.26 44.53
C VAL L 147 19.04 -66.10 45.05
N GLN L 148 19.38 -66.93 46.03
CA GLN L 148 20.70 -66.93 46.65
C GLN L 148 21.33 -68.31 46.45
N TRP L 149 22.48 -68.34 45.79
CA TRP L 149 23.14 -69.59 45.43
C TRP L 149 24.30 -69.85 46.40
N LYS L 150 24.21 -70.95 47.14
CA LYS L 150 25.15 -71.23 48.23
C LYS L 150 25.87 -72.55 47.98
N VAL L 151 27.17 -72.55 48.25
CA VAL L 151 28.01 -73.76 48.19
C VAL L 151 28.70 -73.93 49.54
N ASP L 152 28.34 -75.01 50.23
CA ASP L 152 28.78 -75.32 51.61
C ASP L 152 28.59 -74.11 52.53
N ASN L 153 27.43 -73.46 52.42
CA ASN L 153 27.09 -72.24 53.16
C ASN L 153 28.08 -71.10 52.84
N ALA L 154 28.25 -70.82 51.55
CA ALA L 154 29.04 -69.68 51.08
C ALA L 154 28.46 -69.23 49.73
N LEU L 155 28.27 -67.91 49.60
CA LEU L 155 27.57 -67.34 48.44
C LEU L 155 28.46 -67.38 47.19
N GLN L 156 27.83 -67.73 46.07
CA GLN L 156 28.49 -67.72 44.77
C GLN L 156 28.07 -66.47 43.99
N SER L 157 28.85 -66.14 42.97
CA SER L 157 28.57 -65.01 42.08
C SER L 157 29.23 -65.27 40.72
N GLY L 158 28.68 -64.64 39.68
CA GLY L 158 29.28 -64.63 38.35
C GLY L 158 29.08 -65.91 37.57
N ASN L 159 28.48 -66.94 38.19
CA ASN L 159 28.39 -68.27 37.57
C ASN L 159 26.93 -68.74 37.49
N SER L 160 25.99 -67.80 37.47
CA SER L 160 24.57 -68.13 37.50
C SER L 160 23.84 -67.32 36.42
N GLN L 161 22.89 -67.96 35.73
CA GLN L 161 22.08 -67.30 34.71
C GLN L 161 20.61 -67.49 35.06
N GLU L 162 19.77 -66.50 34.75
CA GLU L 162 18.35 -66.57 35.12
C GLU L 162 17.45 -66.20 33.92
N SER L 163 16.20 -66.62 34.01
CA SER L 163 15.20 -66.38 32.96
C SER L 163 13.81 -66.36 33.58
N VAL L 164 12.93 -65.54 33.02
CA VAL L 164 11.59 -65.28 33.53
C VAL L 164 10.59 -65.46 32.38
N THR L 165 9.46 -66.09 32.66
CA THR L 165 8.40 -66.25 31.65
C THR L 165 7.56 -64.98 31.55
N GLU L 166 6.41 -65.11 30.90
CA GLU L 166 5.48 -64.02 30.68
C GLU L 166 4.37 -64.04 31.73
N GLN L 167 3.35 -63.21 31.53
CA GLN L 167 2.20 -63.19 32.40
C GLN L 167 1.08 -64.01 31.74
N ASP L 168 0.79 -65.17 32.33
CA ASP L 168 -0.16 -66.11 31.77
C ASP L 168 -1.59 -65.54 31.83
N SER L 169 -2.40 -65.88 30.85
CA SER L 169 -3.75 -65.32 30.71
C SER L 169 -4.70 -65.88 31.78
N LYS L 170 -4.36 -67.00 32.43
CA LYS L 170 -5.27 -67.65 33.37
C LYS L 170 -5.01 -67.17 34.80
N ASP L 171 -3.81 -67.43 35.32
CA ASP L 171 -3.52 -67.19 36.74
C ASP L 171 -2.75 -65.88 36.95
N SER L 172 -2.13 -65.36 35.89
CA SER L 172 -1.40 -64.08 35.89
C SER L 172 -0.22 -64.10 36.88
N THR L 173 0.39 -65.28 37.02
CA THR L 173 1.57 -65.44 37.87
C THR L 173 2.75 -65.85 37.00
N TYR L 174 3.95 -65.73 37.56
CA TYR L 174 5.17 -65.83 36.76
C TYR L 174 5.85 -67.18 37.00
N SER L 175 7.01 -67.35 36.37
CA SER L 175 7.81 -68.56 36.50
C SER L 175 9.27 -68.19 36.21
N LEU L 176 10.17 -68.57 37.11
CA LEU L 176 11.58 -68.19 37.01
C LEU L 176 12.45 -69.45 37.06
N SER L 177 13.55 -69.40 36.32
CA SER L 177 14.56 -70.44 36.39
C SER L 177 15.92 -69.77 36.56
N SER L 178 16.79 -70.44 37.31
CA SER L 178 18.20 -70.06 37.39
C SER L 178 19.06 -71.32 37.23
N THR L 179 20.25 -71.11 36.68
CA THR L 179 21.10 -72.21 36.27
C THR L 179 22.54 -71.92 36.71
N LEU L 180 23.11 -72.88 37.44
CA LEU L 180 24.54 -72.93 37.69
C LEU L 180 25.18 -73.77 36.60
N THR L 181 26.07 -73.15 35.83
CA THR L 181 26.83 -73.84 34.80
C THR L 181 28.32 -73.75 35.13
N LEU L 182 28.91 -74.89 35.44
CA LEU L 182 30.34 -74.99 35.71
C LEU L 182 30.92 -76.23 35.04
N SER L 183 32.18 -76.52 35.37
CA SER L 183 32.88 -77.67 34.83
C SER L 183 32.67 -78.88 35.76
N LYS L 184 33.43 -79.94 35.51
CA LYS L 184 33.42 -81.15 36.33
C LYS L 184 33.97 -80.85 37.74
N ALA L 185 34.95 -79.94 37.80
CA ALA L 185 35.85 -79.79 38.96
C ALA L 185 35.11 -79.33 40.23
N ASP L 186 34.23 -78.34 40.10
CA ASP L 186 33.53 -77.83 41.28
C ASP L 186 32.44 -78.80 41.73
N TYR L 187 31.74 -79.41 40.79
CA TYR L 187 30.67 -80.33 41.15
C TYR L 187 31.22 -81.63 41.70
N GLU L 188 32.50 -81.92 41.44
CA GLU L 188 33.22 -82.99 42.12
C GLU L 188 33.91 -82.48 43.39
N LYS L 189 34.08 -81.16 43.53
CA LYS L 189 34.92 -80.62 44.60
C LYS L 189 34.18 -80.62 45.94
N HIS L 190 33.14 -79.80 46.05
CA HIS L 190 32.38 -79.70 47.29
C HIS L 190 31.30 -80.81 47.31
N LYS L 191 30.51 -80.82 48.38
CA LYS L 191 29.43 -81.78 48.50
C LYS L 191 28.07 -81.07 48.60
N VAL L 192 27.89 -80.20 49.58
CA VAL L 192 26.57 -79.67 49.90
C VAL L 192 26.36 -78.34 49.18
N TYR L 193 25.33 -78.29 48.33
CA TYR L 193 24.92 -77.05 47.68
C TYR L 193 23.47 -76.74 48.05
N ALA L 194 23.08 -75.48 47.89
CA ALA L 194 21.70 -75.05 48.12
C ALA L 194 21.37 -73.80 47.31
N CYS L 195 20.08 -73.62 47.04
CA CYS L 195 19.53 -72.34 46.59
C CYS L 195 18.41 -71.90 47.55
N GLU L 196 18.47 -70.65 47.97
CA GLU L 196 17.52 -70.10 48.94
C GLU L 196 16.74 -68.96 48.28
N VAL L 197 15.44 -68.94 48.53
CA VAL L 197 14.52 -68.04 47.83
C VAL L 197 13.92 -67.08 48.85
N THR L 198 13.97 -65.79 48.52
CA THR L 198 13.30 -64.76 49.28
C THR L 198 12.29 -64.05 48.37
N HIS L 199 11.02 -64.08 48.78
CA HIS L 199 9.94 -63.51 47.99
C HIS L 199 8.96 -62.80 48.93
N GLN L 200 8.21 -61.86 48.38
CA GLN L 200 7.25 -61.04 49.14
C GLN L 200 6.15 -61.92 49.73
N GLY L 201 5.65 -62.88 48.94
CA GLY L 201 4.63 -63.81 49.40
C GLY L 201 5.15 -64.78 50.46
N LEU L 202 6.46 -64.99 50.51
CA LEU L 202 7.05 -65.95 51.46
C LEU L 202 7.06 -65.35 52.87
N SER L 203 6.64 -66.15 53.84
CA SER L 203 6.81 -65.81 55.25
C SER L 203 8.29 -65.93 55.63
N SER L 204 8.92 -67.01 55.17
CA SER L 204 10.33 -67.30 55.43
C SER L 204 11.03 -67.62 54.11
N PRO L 205 12.32 -67.29 54.00
CA PRO L 205 13.11 -67.72 52.84
C PRO L 205 13.24 -69.26 52.81
N VAL L 206 13.00 -69.84 51.64
CA VAL L 206 12.91 -71.28 51.51
C VAL L 206 14.20 -71.81 50.87
N THR L 207 14.79 -72.82 51.50
CA THR L 207 16.05 -73.39 51.03
C THR L 207 15.79 -74.78 50.42
N LYS L 208 16.28 -74.98 49.20
CA LYS L 208 16.36 -76.30 48.61
C LYS L 208 17.83 -76.70 48.48
N SER L 209 18.12 -77.93 48.90
CA SER L 209 19.50 -78.35 49.14
C SER L 209 19.74 -79.74 48.51
N PHE L 210 21.00 -80.02 48.20
CA PHE L 210 21.40 -81.32 47.70
C PHE L 210 22.87 -81.59 48.00
N ASN L 211 23.26 -82.84 47.77
CA ASN L 211 24.59 -83.38 48.05
C ASN L 211 25.34 -83.63 46.75
N ARG L 212 26.56 -84.13 46.84
CA ARG L 212 27.31 -84.48 45.64
C ARG L 212 26.91 -85.89 45.19
N GLY L 213 26.42 -85.97 43.96
CA GLY L 213 25.93 -87.22 43.36
C GLY L 213 24.52 -87.56 43.82
N GLU L 214 23.73 -86.54 44.15
CA GLU L 214 22.40 -86.76 44.72
C GLU L 214 21.49 -85.58 44.36
#